data_8S9V
#
_entry.id   8S9V
#
_cell.length_a   1.00
_cell.length_b   1.00
_cell.length_c   1.00
_cell.angle_alpha   90.00
_cell.angle_beta   90.00
_cell.angle_gamma   90.00
#
_symmetry.space_group_name_H-M   'P 1'
#
loop_
_entity.id
_entity.type
_entity.pdbx_description
1 polymer Cas7-Cas5-Cas11
2 polymer 'TIGR03984 family CRISPR-associated protein'
3 polymer Cas10
4 polymer Cas7-2x
5 polymer 'TIGR03986 family CRISPR-associated RAMP protein'
6 polymer 'CRISPR RNA'
7 polymer 'Self-target RNA'
8 non-polymer 'MAGNESIUM ION'
9 water water
#
loop_
_entity_poly.entity_id
_entity_poly.type
_entity_poly.pdbx_seq_one_letter_code
_entity_poly.pdbx_strand_id
1 'polypeptide(L)'
;MRGIEITITMQSDWHVGTGMGRGELDSVVQRDGDNLPYIPGKTLTGILRDSCEQVALGLDNGQTRGLWHGWINFIFGDQP
ALAQGAIEPEPRPALIAIGSAHLDPKLKAAFQGKKQLQEAIAFMKPGVAIDAITGTAKKDFLRFEEVVRLGAKLTAEVEL
NLPDNLSETNKKVIAGILASGAKLTERLGGKRRRGNGRCELKFSGYSDQQIQWLKDNYQSVDQPPKYQQNKLQSAGDNPE
QQPPWHIIPLTIKTLSPVVLPARTVGNVVECLDYIPGRYLLGYIHKTLGEYFDVSQAIAAGDLIITNATIKIDGKAGRAT
PFCLFGEKLDGGLGKGKGVYNRFQESEPDGIQLKGERGGYVGQFEQEQRNLPNTGKINSELFTHNTIQDDVQRPTSDVGG
VYSYEAIIAGQTFVAELRLPDSLVKQITSKNKNWQAQLKATIRIGQSKKDQYGKIEVTSGNSADLPKPTGNNKTLSIWFL
SDILLRGDRLNFNATPDDLKKYLENALDIKLKERSDNDLICIALRSQRTESWQVRWGLPRPSLVGWQAGSCLIYDIESGT
VNAEKLQELMITGIGDRCTEGYGQIGFNDPLLSASLGKLTAKPKASNNQSQNSQSNPLPTNHPTQDYARLIEKAAWREAI
QNKALALASSRAKREEILGIKIMGKDSQPTMTQLGGFRSVLKRLHSRNNRDIVTGYLTALEQVSNRKEKWSNTSQGLTKI
RNLVTQENLIWNHLDIDFSPLTITQNGVNQLKSELWAEAVRTLVDAIIRGHKRDLEKAQENESNQQSQGAA
;
A
2 'polypeptide(L)'
;MPAGGRLMKNLYHYHQYEITLESAVDSCKNHLQAAIGLLYSPQKCELVKLDNSGKLVDSYNRLKFNNLGVFEARFFNLNC
ELRWVNESNGNGTAVLLSESDITLTGFEKGLQEFITAIDQQYLLWGEPAKHPPNADGWQRLAEARIGKLDIPLDNPLKPK
DRVFLTSEEYIAEVDDFGNCAVIDERLIKLEVK
;
B
3 'polypeptide(L)'
;MAHHHHHHVGTENLYFQGFLVLIETSGNQHFIFSTNKLRENIGASELTYLATTEILFQGVDRVFQTNYYDQWSDTNSLNF
LADSKLNPAIDDPKNNADIEILLATSGKAIALVKEEGKAKQLIKEVTKQALINAPGLEIGGIYVNCNWQDKLGVAKAVKE
AHKQFEVNRAKRAGANGRFLRLPIAAGCSVSELPASDFDYNADGDKIPVSTVSKVKRETAKSAKKRLRSVDGRLVNDLAQ
LEKSFDELDWLAVVHADGNGLGQILLSLEKYIGEQTNRNYIDKYRRLSLALDNCTINAFKMAIAVFKEDSKKIDLPIVPL
ILGGDDLTVICRGDYALEFTREFLEAFEGQTETHDDIKVIAQKAFGVDRLSACAGISIIKPHFPFSVAYTLAERLIKSAK
EVKQKVTVTNSSPITPFPCSAIDFHILYDSSGIDFDRIREKLRPEDNTELYNRPYVVTAAENLSQAQGYEWSQAHSLQTL
ADRVSYLRSEDGEGKSALPSSQSHALRTALYLEKNEADAQYSLISQRYKILKNFAEDGENKSLFHLENGKYVTRFLDALD
AKDFFANANHKNQGE
;
C
4 'polypeptide(L)'
;MARKVTTRWKITGTLIAETPLHIGGVGGDADTDLALAVNGAGEYYVPGTSLAGALRGWMTQLLNNDESQIKDLWGDHLDA
KRGASFVIVDDAVIHIPNNADVEIREGVGIDRHFGTAANGFKYSRAVIPKGSKFKLPLTFDSQDDGLPNALIQLLCALEA
GDIRLGAAKTRGLGRIKLDDLKLKSFALDKPEGIFSALLDQGKKLDWNQLKANVTYQSPPYLGISITWNPKDPVMVKAEG
DGLAIDILPLVSQVGSDVRFVIPGSSIKGILRTQAERIIRTICQSNGSEKNFLEQLRINLVNELFGSASLSQKQNGKDID
LGKIGALAVNDCFSSLSMTPDQWKAVENATEMTGNLQPALKQATGYPNNISQAYKVLQPAMHVAVDRWTGGAAEGMLYSV
LEPIGVTWEPIQVHLDIARLKNYYHGKEEKLKPAIALLLLVLRDLANKKIPVGYGTNRGMGTITVSQITLNGKALPTELE
PLNKTMTCPNLTDLDEAFRQDLSTAWKEWIADPIDLCQQEAA
;
D
5 'polypeptide(L)'
;MTVGTLGVVGSAKNLKLQLSFINTRQQYVQITLFERNSFKVAEEEFSTELVEIIKTALPTLKNKKVEFEEDGDQIKQIRE
KGQAWVGAAEQIAPYVLPSGNITETPRNVNASNFHNPYNFVPALPRDGITGDLGDCAPAGHSYYHGDKYSGRIAVKLTTV
TPLLIPDASKEEINNNHKTYPVRIGKDGKPYLPPTSIKGMLRSAYEAVTNSRLAVFEDHDSRLAYRMPATMGLQMVPARI
EGDNIVLYPGTSRIGNNGRPANNDPMYAAWLPYYQNRIAYDGSRDYQMAEHGDHVRFWAERYTRGNFCYWRVRQIARHNQ
NLGNRPERGRNYGQHHSTGVIEQFEGFVYKTNKNIGNKHDERVFIIDRESIEIPLSRDLRRKWRELITSYQEIHKKEVDR
GDTGPSAVNGAVWSRQIIADESERNLSDGTLCYAHVKKEDGQYKILNLYPVMITRGLYEIAPVDLLDETLKPATDKKQLS
PADRVFGWVNQRGNGCYKGQLRIHSVTCQHDDAIDDFGNQNFSVPLAILGQPKPEQARFYCADDRKGIPLEDGYDRDDGY
SDSEQGLRGRKVYPHHKGLPNGYWSNPTEDRSQQAIQGHYQEYRRPKKDGLEQRDDQNRSVKGWVKPLTEFTFEIDVTNL
SEVELGALLWLLTLPDLHFHRLGGGKPLGFGSVRLDIDPDKTDLRNGAGWRDYYGSLLETSQPDFTTLISQWINAFQTAV
KEEYGSSSFDQVTFIKASGQSLQGFHDNASIHYPRSTPEPKPDGEAFKWFVANEKGRRLALPALEKSQSFPIKPS
;
E
6 'polyribonucleotide' ACUGAAACUGUAGUAGAACCAAUCGGGGUCGUCAAUA F
7 'polyribonucleotide' CAUGACGGAUCGCGGGAGUUAUUGACGACCCCGAUUGGUUCUACUACAGUUUCAGUCCCC G
#
loop_
_chem_comp.id
_chem_comp.type
_chem_comp.name
_chem_comp.formula
A RNA linking ADENOSINE-5'-MONOPHOSPHATE 'C10 H14 N5 O7 P'
C RNA linking CYTIDINE-5'-MONOPHOSPHATE 'C9 H14 N3 O8 P'
G RNA linking GUANOSINE-5'-MONOPHOSPHATE 'C10 H14 N5 O8 P'
MG non-polymer 'MAGNESIUM ION' 'Mg 2'
U RNA linking URIDINE-5'-MONOPHOSPHATE 'C9 H13 N2 O9 P'
#
# COMPACT_ATOMS: atom_id res chain seq x y z
N GLY A 3 23.07 30.47 -24.90
CA GLY A 3 23.26 31.40 -23.80
C GLY A 3 21.97 31.63 -23.06
N ILE A 4 20.85 31.46 -23.75
CA ILE A 4 19.54 31.57 -23.13
C ILE A 4 19.27 30.34 -22.27
N GLU A 5 18.54 30.55 -21.19
CA GLU A 5 17.96 29.47 -20.41
C GLU A 5 16.48 29.74 -20.22
N ILE A 6 15.72 28.69 -20.02
CA ILE A 6 14.43 28.76 -19.36
C ILE A 6 14.59 28.26 -17.94
N THR A 7 14.13 29.02 -16.96
CA THR A 7 14.06 28.55 -15.60
C THR A 7 12.60 28.32 -15.22
N ILE A 8 12.30 27.15 -14.68
CA ILE A 8 10.95 26.75 -14.31
C ILE A 8 10.92 26.63 -12.80
N THR A 9 10.04 27.35 -12.14
CA THR A 9 9.79 27.15 -10.72
C THR A 9 8.45 26.47 -10.57
N MET A 10 8.46 25.26 -10.03
CA MET A 10 7.26 24.48 -9.87
C MET A 10 6.58 24.86 -8.57
N GLN A 11 5.32 25.31 -8.66
CA GLN A 11 4.62 25.90 -7.55
C GLN A 11 3.55 24.98 -6.96
N SER A 12 3.28 23.85 -7.58
CA SER A 12 2.50 22.78 -6.99
C SER A 12 3.09 21.47 -7.45
N ASP A 13 2.71 20.41 -6.77
CA ASP A 13 3.25 19.10 -7.07
C ASP A 13 2.94 18.72 -8.49
N TRP A 14 3.86 18.02 -9.14
CA TRP A 14 3.87 17.94 -10.58
C TRP A 14 4.15 16.51 -11.02
N HIS A 15 3.54 16.15 -12.15
CA HIS A 15 3.56 14.79 -12.67
C HIS A 15 3.81 14.82 -14.16
N VAL A 16 4.72 13.98 -14.64
CA VAL A 16 5.02 13.95 -16.06
C VAL A 16 5.44 12.56 -16.53
N GLY A 17 5.10 12.27 -17.77
CA GLY A 17 5.91 11.45 -18.66
C GLY A 17 5.74 9.96 -18.81
N THR A 18 5.13 9.21 -17.90
CA THR A 18 5.29 7.78 -18.16
C THR A 18 3.99 7.05 -18.01
N GLY A 19 3.77 6.06 -18.89
CA GLY A 19 2.66 5.15 -18.71
C GLY A 19 2.92 4.05 -17.73
N MET A 20 4.17 3.67 -17.54
CA MET A 20 4.58 2.64 -16.60
C MET A 20 4.41 3.09 -15.15
N GLY A 21 4.48 2.13 -14.21
CA GLY A 21 4.12 2.41 -12.83
C GLY A 21 4.90 1.83 -11.66
N ARG A 22 5.85 0.93 -11.90
CA ARG A 22 6.66 0.30 -10.86
C ARG A 22 5.91 -0.36 -9.72
N GLY A 23 5.96 0.22 -8.53
CA GLY A 23 5.52 -0.51 -7.37
C GLY A 23 4.05 -0.48 -7.07
N GLU A 24 3.70 -0.06 -5.88
CA GLU A 24 2.30 0.11 -5.50
C GLU A 24 1.69 1.37 -6.09
N LEU A 25 2.46 2.18 -6.82
CA LEU A 25 1.94 3.34 -7.54
C LEU A 25 1.46 2.89 -8.91
N ASP A 26 0.42 3.55 -9.40
CA ASP A 26 -0.11 3.19 -10.71
C ASP A 26 0.55 3.94 -11.84
N SER A 27 0.92 5.19 -11.62
CA SER A 27 1.58 6.00 -12.61
C SER A 27 2.78 6.66 -11.98
N VAL A 28 3.88 6.65 -12.71
CA VAL A 28 5.18 7.08 -12.24
C VAL A 28 5.66 8.21 -13.13
N VAL A 29 6.43 9.13 -12.56
CA VAL A 29 6.90 10.29 -13.29
C VAL A 29 8.14 9.94 -14.12
N GLN A 30 8.35 10.75 -15.16
CA GLN A 30 9.56 10.69 -15.98
C GLN A 30 10.79 11.06 -15.16
N ARG A 31 11.86 10.27 -15.28
CA ARG A 31 13.11 10.52 -14.57
C ARG A 31 14.29 10.44 -15.51
N ASP A 32 15.25 11.34 -15.32
CA ASP A 32 16.41 11.47 -16.19
C ASP A 32 17.45 10.39 -15.92
N GLY A 33 18.63 10.53 -16.54
CA GLY A 33 19.72 9.60 -16.35
C GLY A 33 20.33 9.55 -14.96
N ASP A 34 20.11 10.57 -14.15
CA ASP A 34 20.53 10.53 -12.75
C ASP A 34 19.46 9.92 -11.88
N ASN A 35 18.40 9.43 -12.49
CA ASN A 35 17.21 8.92 -11.83
C ASN A 35 16.47 9.99 -11.05
N LEU A 36 16.63 11.23 -11.42
CA LEU A 36 15.94 12.35 -10.81
C LEU A 36 14.88 12.90 -11.75
N PRO A 37 13.73 13.32 -11.24
CA PRO A 37 12.69 13.87 -12.10
C PRO A 37 13.09 15.16 -12.79
N TYR A 38 12.55 15.36 -13.99
CA TYR A 38 12.94 16.43 -14.91
C TYR A 38 11.78 16.62 -15.88
N ILE A 39 11.82 17.72 -16.62
CA ILE A 39 10.81 18.01 -17.62
C ILE A 39 11.41 17.76 -19.00
N PRO A 40 10.90 16.81 -19.76
CA PRO A 40 11.46 16.55 -21.08
C PRO A 40 11.34 17.75 -22.00
N GLY A 41 12.34 17.94 -22.83
CA GLY A 41 12.34 19.06 -23.75
C GLY A 41 11.18 19.10 -24.71
N LYS A 42 10.62 17.95 -25.04
CA LYS A 42 9.44 17.92 -25.89
C LYS A 42 8.17 18.33 -25.17
N THR A 43 8.07 18.04 -23.87
CA THR A 43 7.02 18.63 -23.06
C THR A 43 7.16 20.13 -23.00
N LEU A 44 8.37 20.59 -22.75
CA LEU A 44 8.62 22.01 -22.59
C LEU A 44 8.33 22.77 -23.89
N THR A 45 8.82 22.27 -25.03
CA THR A 45 8.47 22.88 -26.32
C THR A 45 6.97 22.85 -26.56
N GLY A 46 6.34 21.70 -26.37
CA GLY A 46 4.92 21.61 -26.65
C GLY A 46 4.06 22.50 -25.77
N ILE A 47 4.44 22.64 -24.50
CA ILE A 47 3.75 23.55 -23.60
C ILE A 47 4.02 25.00 -23.95
N LEU A 48 5.27 25.35 -24.18
CA LEU A 48 5.59 26.73 -24.54
C LEU A 48 4.98 27.12 -25.88
N ARG A 49 5.02 26.22 -26.86
CA ARG A 49 4.36 26.50 -28.13
C ARG A 49 2.90 26.83 -27.90
N ASP A 50 2.21 25.97 -27.17
CA ASP A 50 0.80 26.17 -26.87
C ASP A 50 0.48 27.51 -26.24
N SER A 51 1.33 28.00 -25.34
CA SER A 51 1.13 29.32 -24.76
C SER A 51 1.41 30.43 -25.75
N CYS A 52 2.41 30.26 -26.61
CA CYS A 52 2.62 31.21 -27.70
C CYS A 52 1.50 31.18 -28.72
N GLU A 53 0.92 30.01 -28.95
CA GLU A 53 -0.26 29.89 -29.80
C GLU A 53 -1.46 30.65 -29.26
N GLN A 54 -1.67 30.66 -27.94
CA GLN A 54 -2.72 31.48 -27.37
C GLN A 54 -2.48 32.96 -27.58
N VAL A 55 -1.26 33.42 -27.37
CA VAL A 55 -0.93 34.81 -27.61
C VAL A 55 -1.20 35.20 -29.05
N ALA A 56 -0.67 34.44 -30.00
CA ALA A 56 -0.86 34.75 -31.41
C ALA A 56 -2.33 34.68 -31.81
N LEU A 57 -3.06 33.73 -31.26
CA LEU A 57 -4.49 33.63 -31.52
C LEU A 57 -5.26 34.84 -31.02
N GLY A 58 -4.81 35.45 -29.94
CA GLY A 58 -5.39 36.72 -29.51
C GLY A 58 -5.05 37.89 -30.41
N LEU A 59 -3.81 38.01 -30.83
CA LEU A 59 -3.40 39.10 -31.70
C LEU A 59 -4.06 39.02 -33.07
N ASP A 60 -4.34 37.83 -33.57
CA ASP A 60 -5.11 37.67 -34.78
C ASP A 60 -6.60 37.90 -34.59
N ASN A 61 -7.03 38.41 -33.45
CA ASN A 61 -8.46 38.58 -33.19
C ASN A 61 -9.19 37.25 -33.38
N GLY A 62 -8.57 36.18 -32.91
CA GLY A 62 -9.13 34.85 -33.01
C GLY A 62 -9.05 34.15 -34.34
N GLN A 63 -8.51 34.78 -35.38
CA GLN A 63 -8.35 34.10 -36.66
C GLN A 63 -7.32 32.98 -36.53
N THR A 64 -7.75 31.75 -36.79
CA THR A 64 -6.86 30.62 -36.55
C THR A 64 -5.73 30.55 -37.55
N ARG A 65 -5.83 31.26 -38.67
CA ARG A 65 -4.71 31.49 -39.56
C ARG A 65 -4.62 32.97 -39.82
N GLY A 66 -3.40 33.46 -39.96
CA GLY A 66 -3.23 34.89 -40.05
C GLY A 66 -1.78 35.26 -39.86
N LEU A 67 -1.56 36.57 -39.78
CA LEU A 67 -0.20 37.08 -39.71
C LEU A 67 0.55 36.54 -38.51
N TRP A 68 -0.09 36.52 -37.35
CA TRP A 68 0.60 36.10 -36.14
C TRP A 68 0.75 34.59 -36.00
N HIS A 69 -0.18 33.79 -36.50
CA HIS A 69 0.12 32.37 -36.61
C HIS A 69 1.24 32.07 -37.58
N GLY A 70 1.47 32.93 -38.56
CA GLY A 70 2.70 32.84 -39.34
C GLY A 70 3.96 32.97 -38.52
N TRP A 71 3.97 33.92 -37.57
CA TRP A 71 5.11 34.07 -36.68
C TRP A 71 5.35 32.86 -35.80
N ILE A 72 4.30 32.22 -35.30
CA ILE A 72 4.49 30.99 -34.54
C ILE A 72 5.13 29.91 -35.40
N ASN A 73 4.63 29.74 -36.61
CA ASN A 73 5.21 28.77 -37.51
C ASN A 73 6.62 29.15 -37.91
N PHE A 74 6.95 30.43 -37.87
CA PHE A 74 8.32 30.85 -38.10
C PHE A 74 9.22 30.43 -36.95
N ILE A 75 8.84 30.78 -35.73
CA ILE A 75 9.65 30.48 -34.55
C ILE A 75 9.68 28.99 -34.27
N PHE A 76 8.52 28.34 -34.22
CA PHE A 76 8.43 26.97 -33.77
C PHE A 76 8.36 25.95 -34.89
N GLY A 77 8.46 26.35 -36.14
CA GLY A 77 8.36 25.47 -37.27
C GLY A 77 6.95 25.08 -37.61
N ASP A 78 6.70 24.77 -38.88
CA ASP A 78 5.39 24.33 -39.32
C ASP A 78 5.02 22.99 -38.75
N GLN A 79 3.73 22.78 -38.60
CA GLN A 79 3.23 21.46 -38.30
C GLN A 79 2.66 20.91 -39.59
N PRO A 80 3.44 20.23 -40.40
CA PRO A 80 2.89 19.25 -41.33
C PRO A 80 2.03 18.27 -40.58
N ALA A 81 1.18 17.52 -41.23
CA ALA A 81 0.20 16.70 -40.55
C ALA A 81 -0.84 17.50 -39.81
N LEU A 82 -0.88 18.81 -39.99
CA LEU A 82 -2.07 19.59 -39.74
C LEU A 82 -2.54 20.25 -41.03
N ALA A 83 -1.95 19.87 -42.15
CA ALA A 83 -2.25 20.50 -43.42
C ALA A 83 -3.62 20.10 -43.91
N GLN A 84 -4.38 21.11 -44.36
CA GLN A 84 -5.74 20.93 -44.81
C GLN A 84 -5.90 21.07 -46.31
N GLY A 85 -4.84 21.45 -47.02
CA GLY A 85 -4.91 21.60 -48.45
C GLY A 85 -3.53 21.52 -49.05
N ALA A 86 -3.44 21.82 -50.33
CA ALA A 86 -2.17 21.69 -51.02
C ALA A 86 -1.19 22.71 -50.45
N ILE A 87 -0.04 22.23 -49.98
CA ILE A 87 1.05 23.09 -49.53
C ILE A 87 2.24 22.80 -50.42
N GLU A 88 2.72 23.83 -51.09
CA GLU A 88 3.84 23.66 -52.01
C GLU A 88 5.22 23.88 -51.43
N PRO A 89 5.45 24.82 -50.51
CA PRO A 89 6.76 24.88 -49.86
C PRO A 89 6.98 23.73 -48.88
N GLU A 90 8.23 23.30 -48.80
CA GLU A 90 8.65 22.33 -47.79
C GLU A 90 8.45 22.90 -46.39
N PRO A 91 8.20 22.04 -45.42
CA PRO A 91 8.03 22.53 -44.06
C PRO A 91 9.28 23.20 -43.50
N ARG A 92 9.06 24.35 -42.84
CA ARG A 92 10.12 25.05 -42.13
C ARG A 92 10.49 24.30 -40.86
N PRO A 93 11.77 24.14 -40.56
CA PRO A 93 12.18 23.83 -39.20
C PRO A 93 12.05 25.01 -38.24
N ALA A 94 12.07 24.70 -36.95
CA ALA A 94 12.01 25.70 -35.91
C ALA A 94 13.28 26.52 -35.84
N LEU A 95 13.13 27.80 -35.46
CA LEU A 95 14.27 28.57 -35.00
C LEU A 95 14.68 28.26 -33.57
N ILE A 96 13.74 27.92 -32.70
CA ILE A 96 14.01 27.72 -31.29
C ILE A 96 14.19 26.25 -30.99
N ALA A 97 15.33 25.90 -30.42
CA ALA A 97 15.60 24.60 -29.82
C ALA A 97 15.54 24.73 -28.31
N ILE A 98 14.78 23.87 -27.65
CA ILE A 98 14.62 23.92 -26.20
C ILE A 98 14.98 22.55 -25.63
N GLY A 99 16.00 22.49 -24.79
CA GLY A 99 16.41 21.27 -24.15
C GLY A 99 15.49 20.85 -23.04
N SER A 100 15.81 19.70 -22.45
CA SER A 100 15.16 19.25 -21.22
C SER A 100 15.59 20.08 -20.02
N ALA A 101 14.65 20.30 -19.11
CA ALA A 101 14.90 21.01 -17.86
C ALA A 101 15.31 20.06 -16.76
N HIS A 102 16.47 20.28 -16.17
CA HIS A 102 17.01 19.42 -15.13
C HIS A 102 17.11 20.15 -13.80
N LEU A 103 17.07 19.43 -12.70
CA LEU A 103 17.37 20.01 -11.40
C LEU A 103 18.76 20.63 -11.36
N ASP A 104 18.96 21.52 -10.42
CA ASP A 104 20.24 22.19 -10.15
C ASP A 104 21.37 21.16 -10.07
N PRO A 105 22.42 21.31 -10.88
CA PRO A 105 23.49 20.29 -10.91
C PRO A 105 24.16 20.01 -9.59
N LYS A 106 24.27 21.00 -8.71
CA LYS A 106 24.88 20.76 -7.39
C LYS A 106 23.97 19.97 -6.47
N LEU A 107 22.66 20.13 -6.60
CA LEU A 107 21.72 19.25 -5.92
C LEU A 107 21.75 17.84 -6.51
N LYS A 108 21.77 17.72 -7.82
CA LYS A 108 21.82 16.40 -8.46
C LYS A 108 23.05 15.59 -8.07
N ALA A 109 24.18 16.24 -7.83
CA ALA A 109 25.36 15.53 -7.34
C ALA A 109 25.14 14.93 -5.96
N ALA A 110 24.41 15.63 -5.10
CA ALA A 110 24.17 15.17 -3.75
C ALA A 110 23.35 13.89 -3.70
N PHE A 111 22.48 13.68 -4.68
CA PHE A 111 21.67 12.47 -4.75
C PHE A 111 22.44 11.22 -5.13
N GLN A 112 23.64 11.33 -5.68
CA GLN A 112 24.25 10.19 -6.34
C GLN A 112 24.40 8.99 -5.41
N GLY A 113 23.87 7.85 -5.84
CA GLY A 113 23.89 6.62 -5.08
C GLY A 113 22.88 6.50 -3.97
N LYS A 114 22.19 7.57 -3.59
CA LYS A 114 21.33 7.55 -2.41
C LYS A 114 19.91 7.18 -2.83
N LYS A 115 19.79 5.91 -3.23
CA LYS A 115 18.57 5.38 -3.82
C LYS A 115 17.33 5.68 -3.00
N GLN A 116 17.43 5.63 -1.67
CA GLN A 116 16.30 5.97 -0.81
C GLN A 116 15.89 7.43 -0.91
N LEU A 117 16.84 8.34 -1.12
CA LEU A 117 16.53 9.75 -1.30
C LEU A 117 15.91 10.05 -2.66
N GLN A 118 16.34 9.36 -3.70
CA GLN A 118 15.76 9.59 -5.02
C GLN A 118 14.29 9.24 -5.05
N GLU A 119 13.87 8.25 -4.27
CA GLU A 119 12.46 7.95 -4.17
C GLU A 119 11.71 9.02 -3.41
N ALA A 120 12.31 9.61 -2.39
CA ALA A 120 11.64 10.58 -1.53
C ALA A 120 11.34 11.90 -2.20
N ILE A 121 11.88 12.18 -3.38
CA ILE A 121 11.51 13.39 -4.10
C ILE A 121 10.04 13.43 -4.46
N ALA A 122 9.39 12.29 -4.52
CA ALA A 122 7.98 12.20 -4.84
C ALA A 122 7.22 11.50 -3.73
N PHE A 123 5.90 11.55 -3.83
CA PHE A 123 5.03 10.84 -2.90
C PHE A 123 3.82 10.33 -3.65
N MET A 124 3.12 9.35 -3.06
CA MET A 124 1.86 8.89 -3.61
C MET A 124 0.76 9.90 -3.38
N LYS A 125 0.04 10.24 -4.45
CA LYS A 125 -1.21 10.93 -4.33
C LYS A 125 -2.36 9.98 -4.61
N PRO A 126 -3.30 9.76 -3.68
CA PRO A 126 -4.45 8.92 -3.97
C PRO A 126 -5.45 9.59 -4.90
N GLY A 127 -6.26 8.76 -5.54
CA GLY A 127 -7.37 9.25 -6.30
C GLY A 127 -8.47 8.24 -6.34
N VAL A 128 -9.72 8.68 -6.29
CA VAL A 128 -10.86 7.79 -6.26
C VAL A 128 -11.92 8.45 -7.13
N ALA A 129 -12.76 7.64 -7.76
CA ALA A 129 -13.91 8.16 -8.48
C ALA A 129 -15.18 7.69 -7.82
N ILE A 130 -16.14 8.58 -7.70
CA ILE A 130 -17.32 8.37 -6.87
C ILE A 130 -18.59 8.29 -7.72
N ASP A 131 -19.35 7.24 -7.50
CA ASP A 131 -20.65 7.04 -8.12
C ASP A 131 -21.62 8.15 -7.73
N ALA A 132 -22.17 8.82 -8.73
CA ALA A 132 -22.96 10.01 -8.48
C ALA A 132 -24.26 9.76 -7.73
N ILE A 133 -24.91 8.61 -7.92
CA ILE A 133 -26.17 8.41 -7.20
C ILE A 133 -25.97 7.88 -5.79
N THR A 134 -25.11 6.88 -5.60
CA THR A 134 -24.85 6.33 -4.28
C THR A 134 -23.88 7.16 -3.46
N GLY A 135 -23.02 7.95 -4.09
CA GLY A 135 -22.00 8.66 -3.37
C GLY A 135 -20.86 7.85 -2.82
N THR A 136 -20.61 6.66 -3.34
CA THR A 136 -19.54 5.79 -2.86
C THR A 136 -18.60 5.47 -4.03
N ALA A 137 -17.37 5.10 -3.71
CA ALA A 137 -16.36 4.83 -4.71
C ALA A 137 -16.80 3.75 -5.69
N LYS A 138 -16.59 4.02 -6.98
CA LYS A 138 -16.88 3.05 -8.02
C LYS A 138 -15.88 1.91 -8.03
N LYS A 139 -16.36 0.72 -8.33
CA LYS A 139 -15.48 -0.41 -8.56
C LYS A 139 -14.49 -0.14 -9.69
N ASP A 140 -13.25 -0.60 -9.51
CA ASP A 140 -12.11 -0.32 -10.37
C ASP A 140 -11.50 1.06 -10.24
N PHE A 141 -12.29 2.06 -9.90
CA PHE A 141 -11.84 3.45 -9.92
C PHE A 141 -11.07 3.82 -8.66
N LEU A 142 -9.90 3.19 -8.53
CA LEU A 142 -8.94 3.60 -7.51
C LEU A 142 -7.54 3.66 -8.13
N ARG A 143 -6.79 4.71 -7.83
CA ARG A 143 -5.44 4.86 -8.35
C ARG A 143 -4.57 5.53 -7.30
N PHE A 144 -3.28 5.24 -7.36
CA PHE A 144 -2.28 5.96 -6.59
C PHE A 144 -1.18 6.41 -7.54
N GLU A 145 -0.83 7.68 -7.45
CA GLU A 145 -0.06 8.39 -8.45
C GLU A 145 1.15 9.05 -7.82
N GLU A 146 2.29 8.96 -8.48
CA GLU A 146 3.49 9.67 -8.06
C GLU A 146 3.43 11.14 -8.46
N VAL A 147 3.55 12.04 -7.49
CA VAL A 147 3.73 13.46 -7.73
C VAL A 147 5.03 13.91 -7.09
N VAL A 148 5.82 14.70 -7.82
CA VAL A 148 7.06 15.27 -7.35
C VAL A 148 6.79 16.50 -6.48
N ARG A 149 7.59 16.68 -5.43
CA ARG A 149 7.34 17.76 -4.48
C ARG A 149 7.47 19.13 -5.13
N LEU A 150 6.52 20.00 -4.83
CA LEU A 150 6.56 21.39 -5.25
C LEU A 150 7.76 22.12 -4.70
N GLY A 151 8.14 23.18 -5.39
CA GLY A 151 9.33 23.94 -5.08
C GLY A 151 10.56 23.54 -5.84
N ALA A 152 10.47 22.50 -6.65
CA ALA A 152 11.54 22.16 -7.56
C ALA A 152 11.78 23.30 -8.51
N LYS A 153 13.03 23.72 -8.62
CA LYS A 153 13.39 24.73 -9.58
C LYS A 153 14.30 24.08 -10.62
N LEU A 154 13.87 24.11 -11.87
CA LEU A 154 14.53 23.40 -12.95
C LEU A 154 14.94 24.41 -14.01
N THR A 155 16.04 24.15 -14.69
CA THR A 155 16.49 25.03 -15.77
C THR A 155 16.78 24.26 -17.04
N ALA A 156 16.37 24.82 -18.17
CA ALA A 156 16.61 24.27 -19.50
C ALA A 156 17.48 25.20 -20.34
N GLU A 157 18.40 24.63 -21.08
CA GLU A 157 19.09 25.38 -22.13
C GLU A 157 18.15 25.67 -23.29
N VAL A 158 18.28 26.85 -23.87
CA VAL A 158 17.52 27.23 -25.05
C VAL A 158 18.50 27.80 -26.06
N GLU A 159 18.28 27.49 -27.33
CA GLU A 159 19.02 28.10 -28.42
C GLU A 159 18.07 28.74 -29.41
N LEU A 160 18.28 30.02 -29.71
CA LEU A 160 17.65 30.72 -30.82
C LEU A 160 18.68 30.96 -31.91
N ASN A 161 18.75 30.04 -32.87
CA ASN A 161 19.62 30.20 -34.03
C ASN A 161 18.91 31.02 -35.11
N LEU A 162 18.75 32.31 -34.82
CA LEU A 162 18.04 33.20 -35.72
C LEU A 162 18.73 33.29 -37.07
N PRO A 163 17.99 33.63 -38.12
CA PRO A 163 18.60 33.81 -39.44
C PRO A 163 19.67 34.90 -39.43
N ASP A 164 20.66 34.73 -40.29
CA ASP A 164 21.81 35.63 -40.41
C ASP A 164 21.45 37.00 -40.95
N ASN A 165 20.17 37.35 -41.11
CA ASN A 165 19.78 38.57 -41.80
C ASN A 165 18.57 39.23 -41.17
N LEU A 166 18.03 38.68 -40.08
CA LEU A 166 16.78 39.17 -39.55
C LEU A 166 16.95 40.59 -39.03
N SER A 167 16.07 41.47 -39.43
CA SER A 167 16.16 42.85 -39.01
C SER A 167 15.87 42.98 -37.53
N GLU A 168 16.43 44.02 -36.92
CA GLU A 168 16.26 44.23 -35.49
C GLU A 168 14.81 44.43 -35.09
N THR A 169 13.97 44.96 -35.97
CA THR A 169 12.56 44.99 -35.66
C THR A 169 12.01 43.58 -35.48
N ASN A 170 12.37 42.66 -36.37
CA ASN A 170 11.89 41.28 -36.28
C ASN A 170 12.46 40.53 -35.09
N LYS A 171 13.71 40.78 -34.74
CA LYS A 171 14.27 40.18 -33.53
C LYS A 171 13.49 40.59 -32.29
N LYS A 172 13.07 41.84 -32.20
CA LYS A 172 12.24 42.27 -31.09
C LYS A 172 10.85 41.64 -31.08
N VAL A 173 10.28 41.35 -32.25
CA VAL A 173 9.03 40.60 -32.31
C VAL A 173 9.21 39.19 -31.77
N ILE A 174 10.27 38.50 -32.19
CA ILE A 174 10.49 37.14 -31.70
C ILE A 174 10.65 37.12 -30.20
N ALA A 175 11.49 38.01 -29.67
CA ALA A 175 11.64 38.10 -28.23
C ALA A 175 10.34 38.48 -27.56
N GLY A 176 9.57 39.37 -28.17
CA GLY A 176 8.28 39.72 -27.62
C GLY A 176 7.33 38.55 -27.47
N ILE A 177 7.21 37.74 -28.51
CA ILE A 177 6.31 36.59 -28.46
C ILE A 177 6.75 35.59 -27.41
N LEU A 178 8.04 35.27 -27.38
CA LEU A 178 8.55 34.27 -26.44
C LEU A 178 8.42 34.73 -24.99
N ALA A 179 8.72 36.00 -24.72
CA ALA A 179 8.45 36.55 -23.40
C ALA A 179 6.96 36.51 -23.08
N SER A 180 6.12 36.81 -24.07
CA SER A 180 4.67 36.78 -23.88
C SER A 180 4.17 35.36 -23.62
N GLY A 181 4.58 34.41 -24.44
CA GLY A 181 4.15 33.04 -24.24
C GLY A 181 4.65 32.42 -22.95
N ALA A 182 5.87 32.75 -22.54
CA ALA A 182 6.36 32.30 -21.25
C ALA A 182 5.50 32.83 -20.11
N LYS A 183 5.21 34.12 -20.12
CA LYS A 183 4.41 34.69 -19.04
C LYS A 183 2.97 34.18 -19.02
N LEU A 184 2.40 33.87 -20.18
CA LEU A 184 1.07 33.26 -20.22
C LEU A 184 1.07 31.81 -19.76
N THR A 185 2.21 31.11 -19.82
CA THR A 185 2.30 29.73 -19.38
C THR A 185 2.17 29.63 -17.88
N GLU A 186 1.17 28.88 -17.43
CA GLU A 186 0.93 28.71 -16.01
C GLU A 186 0.96 27.28 -15.50
N ARG A 187 0.81 26.29 -16.36
CA ARG A 187 0.68 24.89 -15.96
C ARG A 187 1.31 23.97 -16.99
N LEU A 188 1.79 22.83 -16.51
CA LEU A 188 2.35 21.80 -17.38
C LEU A 188 2.17 20.43 -16.73
N GLY A 189 2.33 19.39 -17.55
CA GLY A 189 2.26 18.01 -17.10
C GLY A 189 0.85 17.48 -16.95
N GLY A 190 0.72 16.41 -16.18
CA GLY A 190 -0.52 15.70 -16.05
C GLY A 190 -1.43 16.28 -15.00
N LYS A 191 -2.73 16.21 -15.24
CA LYS A 191 -3.73 16.78 -14.34
C LYS A 191 -3.56 18.27 -14.11
N ARG A 192 -3.14 18.98 -15.15
CA ARG A 192 -3.07 20.43 -15.05
C ARG A 192 -4.39 21.04 -14.60
N ARG A 193 -5.48 20.63 -15.23
CA ARG A 193 -6.79 21.14 -14.93
C ARG A 193 -7.25 20.85 -13.52
N ARG A 194 -6.51 20.05 -12.76
CA ARG A 194 -6.87 19.71 -11.40
C ARG A 194 -5.78 20.08 -10.42
N GLY A 195 -4.87 20.93 -10.82
CA GLY A 195 -3.98 21.62 -9.93
C GLY A 195 -2.55 21.13 -9.91
N ASN A 196 -2.27 19.96 -10.44
CA ASN A 196 -0.89 19.55 -10.61
C ASN A 196 -0.15 20.52 -11.52
N GLY A 197 1.16 20.62 -11.31
CA GLY A 197 2.02 21.14 -12.34
C GLY A 197 1.90 22.60 -12.63
N ARG A 198 1.52 23.39 -11.64
CA ARG A 198 1.57 24.84 -11.75
C ARG A 198 3.03 25.29 -11.79
N CYS A 199 3.35 26.28 -12.61
CA CYS A 199 4.74 26.68 -12.76
C CYS A 199 4.87 28.17 -13.07
N GLU A 200 6.05 28.70 -12.79
CA GLU A 200 6.57 29.92 -13.37
C GLU A 200 7.62 29.57 -14.41
N LEU A 201 7.45 30.03 -15.63
CA LEU A 201 8.42 29.76 -16.67
C LEU A 201 9.01 31.10 -17.11
N LYS A 202 10.32 31.26 -17.01
CA LYS A 202 10.97 32.53 -17.34
C LYS A 202 12.16 32.31 -18.25
N PHE A 203 12.29 33.16 -19.26
CA PHE A 203 13.51 33.20 -20.04
C PHE A 203 14.56 34.06 -19.34
N SER A 204 15.82 33.69 -19.50
CA SER A 204 16.90 34.60 -19.15
C SER A 204 16.95 35.75 -20.14
N GLY A 205 16.87 36.97 -19.63
CA GLY A 205 17.01 38.13 -20.49
C GLY A 205 15.78 38.56 -21.24
N TYR A 206 14.65 37.89 -21.06
CA TYR A 206 13.36 38.42 -21.49
C TYR A 206 12.55 38.79 -20.26
N SER A 207 12.00 39.99 -20.24
CA SER A 207 11.18 40.47 -19.15
C SER A 207 9.95 41.15 -19.72
N ASP A 208 9.19 41.82 -18.85
CA ASP A 208 8.04 42.61 -19.26
C ASP A 208 8.42 43.70 -20.26
N GLN A 209 9.68 44.10 -20.33
CA GLN A 209 10.09 45.03 -21.37
C GLN A 209 9.90 44.46 -22.75
N GLN A 210 10.04 43.14 -22.89
CA GLN A 210 9.87 42.50 -24.18
C GLN A 210 8.40 42.43 -24.56
N ILE A 211 7.54 42.12 -23.59
CA ILE A 211 6.10 42.16 -23.79
C ILE A 211 5.61 43.58 -24.04
N GLN A 212 6.10 44.54 -23.25
CA GLN A 212 5.68 45.92 -23.39
C GLN A 212 6.02 46.48 -24.75
N TRP A 213 7.19 46.17 -25.28
CA TRP A 213 7.48 46.58 -26.65
C TRP A 213 6.46 46.02 -27.62
N LEU A 214 6.10 44.75 -27.48
CA LEU A 214 5.11 44.17 -28.37
C LEU A 214 3.75 44.82 -28.23
N LYS A 215 3.31 45.07 -26.99
CA LYS A 215 2.07 45.80 -26.80
C LYS A 215 2.09 47.14 -27.51
N ASP A 216 3.21 47.84 -27.43
CA ASP A 216 3.33 49.15 -28.05
C ASP A 216 3.41 49.08 -29.57
N ASN A 217 3.74 47.93 -30.14
CA ASN A 217 4.09 47.89 -31.55
C ASN A 217 3.43 46.81 -32.40
N TYR A 218 2.64 45.91 -31.82
CA TYR A 218 2.12 44.79 -32.60
C TYR A 218 1.37 45.23 -33.84
N GLN A 219 0.69 46.37 -33.80
CA GLN A 219 -0.06 46.84 -34.96
C GLN A 219 0.83 47.13 -36.16
N SER A 220 2.13 47.31 -35.95
CA SER A 220 3.07 47.64 -37.00
C SER A 220 3.71 46.44 -37.69
N VAL A 221 3.47 45.22 -37.20
CA VAL A 221 4.28 44.07 -37.55
C VAL A 221 3.89 43.50 -38.90
N ASP A 222 4.90 43.07 -39.66
CA ASP A 222 4.76 42.48 -40.98
C ASP A 222 4.70 40.94 -40.94
N GLN A 223 4.56 40.36 -42.13
CA GLN A 223 4.79 38.94 -42.31
C GLN A 223 6.23 38.58 -41.98
N PRO A 224 6.47 37.35 -41.50
CA PRO A 224 7.84 36.89 -41.28
C PRO A 224 8.63 36.82 -42.57
N PRO A 225 9.95 36.87 -42.50
CA PRO A 225 10.76 36.66 -43.70
C PRO A 225 10.53 35.29 -44.30
N LYS A 226 10.78 35.17 -45.59
CA LYS A 226 10.70 33.86 -46.23
C LYS A 226 11.87 32.98 -45.80
N TYR A 227 11.60 31.69 -45.71
CA TYR A 227 12.64 30.71 -45.42
C TYR A 227 13.53 30.51 -46.64
N GLN A 228 14.82 30.27 -46.39
CA GLN A 228 15.73 29.89 -47.45
C GLN A 228 16.67 28.81 -46.95
N GLN A 229 16.88 27.80 -47.79
CA GLN A 229 17.88 26.78 -47.52
C GLN A 229 19.28 27.38 -47.54
N ASN A 230 20.13 26.87 -46.65
CA ASN A 230 21.59 27.00 -46.73
C ASN A 230 22.20 26.07 -47.76
N LYS A 231 22.24 26.52 -49.01
CA LYS A 231 22.84 25.72 -50.07
C LYS A 231 24.34 25.53 -49.84
N LEU A 232 24.84 24.38 -50.24
CA LEU A 232 26.27 24.14 -50.42
C LEU A 232 26.87 25.10 -51.44
N GLN A 233 28.19 25.22 -51.38
CA GLN A 233 28.94 26.07 -52.31
C GLN A 233 30.30 25.44 -52.53
N SER A 234 30.61 25.06 -53.76
CA SER A 234 31.92 24.50 -54.02
C SER A 234 32.86 25.56 -54.61
N ALA A 235 34.15 25.26 -54.52
CA ALA A 235 35.21 26.07 -55.10
C ALA A 235 36.03 25.30 -56.12
N GLY A 236 36.08 23.98 -56.04
CA GLY A 236 36.81 23.19 -57.01
C GLY A 236 38.30 23.32 -56.89
N ASP A 237 38.79 23.94 -55.82
CA ASP A 237 40.17 24.38 -55.74
C ASP A 237 41.06 23.41 -54.99
N ASN A 238 40.57 22.26 -54.54
CA ASN A 238 41.38 21.38 -53.72
C ASN A 238 42.59 20.86 -54.48
N PRO A 239 43.69 20.61 -53.78
CA PRO A 239 44.79 19.83 -54.35
C PRO A 239 44.37 18.42 -54.71
N GLU A 240 45.17 17.80 -55.58
CA GLU A 240 45.02 16.36 -55.82
C GLU A 240 45.33 15.58 -54.54
N GLN A 241 44.65 14.46 -54.36
CA GLN A 241 44.98 13.60 -53.23
C GLN A 241 46.33 12.93 -53.43
N GLN A 242 47.18 13.01 -52.41
CA GLN A 242 48.50 12.45 -52.39
C GLN A 242 48.70 11.68 -51.09
N PRO A 243 49.32 10.51 -51.14
CA PRO A 243 49.69 9.80 -49.91
C PRO A 243 50.69 10.60 -49.09
N PRO A 244 50.80 10.33 -47.78
CA PRO A 244 50.04 9.40 -46.95
C PRO A 244 48.60 9.83 -46.67
N TRP A 245 47.85 8.99 -45.96
CA TRP A 245 46.56 9.36 -45.38
C TRP A 245 46.75 9.62 -43.89
N HIS A 246 46.37 10.80 -43.44
CA HIS A 246 46.28 11.08 -42.02
C HIS A 246 44.97 10.58 -41.47
N ILE A 247 45.03 9.96 -40.30
CA ILE A 247 43.85 9.46 -39.60
C ILE A 247 43.72 10.21 -38.29
N ILE A 248 42.63 10.94 -38.12
CA ILE A 248 42.38 11.75 -36.94
C ILE A 248 41.22 11.11 -36.18
N PRO A 249 41.46 10.52 -35.01
CA PRO A 249 40.35 9.93 -34.26
C PRO A 249 39.47 11.00 -33.66
N LEU A 250 38.16 10.85 -33.84
CA LEU A 250 37.17 11.71 -33.23
C LEU A 250 36.44 10.89 -32.19
N THR A 251 36.43 11.35 -30.95
CA THR A 251 35.69 10.71 -29.88
C THR A 251 34.37 11.43 -29.67
N ILE A 252 33.27 10.70 -29.80
CA ILE A 252 31.94 11.24 -29.58
C ILE A 252 31.46 10.79 -28.21
N LYS A 253 30.91 11.69 -27.42
CA LYS A 253 30.25 11.29 -26.19
C LYS A 253 28.86 11.86 -26.15
N THR A 254 27.88 11.01 -25.84
CA THR A 254 26.50 11.45 -25.82
C THR A 254 26.21 12.23 -24.55
N LEU A 255 25.75 13.46 -24.69
CA LEU A 255 25.39 14.28 -23.55
C LEU A 255 23.89 14.27 -23.30
N SER A 256 23.10 13.92 -24.29
CA SER A 256 21.70 13.55 -24.13
C SER A 256 21.37 12.35 -25.02
N PRO A 257 20.21 11.74 -24.85
CA PRO A 257 19.87 10.57 -25.68
C PRO A 257 19.87 10.90 -27.16
N VAL A 258 20.33 9.95 -27.96
CA VAL A 258 20.46 10.12 -29.40
C VAL A 258 19.55 9.12 -30.10
N VAL A 259 18.76 9.59 -31.06
CA VAL A 259 17.87 8.75 -31.85
C VAL A 259 18.46 8.63 -33.24
N LEU A 260 18.76 7.41 -33.67
CA LEU A 260 19.45 7.15 -34.95
C LEU A 260 18.63 6.11 -35.68
N PRO A 261 17.69 6.52 -36.51
CA PRO A 261 16.60 5.61 -36.90
C PRO A 261 17.06 4.40 -37.67
N ALA A 262 16.87 3.22 -37.09
CA ALA A 262 17.04 1.98 -37.84
C ALA A 262 15.81 1.67 -38.66
N ARG A 263 14.65 1.57 -38.01
CA ARG A 263 13.39 1.37 -38.70
C ARG A 263 12.26 1.71 -37.76
N THR A 264 11.08 1.91 -38.32
CA THR A 264 9.86 2.04 -37.55
C THR A 264 9.06 0.76 -37.64
N VAL A 265 8.69 0.21 -36.50
CA VAL A 265 7.77 -0.90 -36.44
C VAL A 265 6.58 -0.44 -35.62
N GLY A 266 5.41 -0.48 -36.21
CA GLY A 266 4.27 0.14 -35.58
C GLY A 266 4.47 1.60 -35.30
N ASN A 267 4.28 2.00 -34.05
CA ASN A 267 4.53 3.37 -33.62
C ASN A 267 5.83 3.58 -32.88
N VAL A 268 6.76 2.62 -32.89
CA VAL A 268 8.04 2.78 -32.21
C VAL A 268 9.14 2.89 -33.24
N VAL A 269 9.90 3.99 -33.19
CA VAL A 269 11.15 4.13 -33.93
C VAL A 269 12.27 3.40 -33.21
N GLU A 270 12.88 2.45 -33.88
CA GLU A 270 14.04 1.72 -33.40
C GLU A 270 15.35 2.44 -33.73
N CYS A 271 16.36 2.22 -32.89
CA CYS A 271 17.62 2.94 -32.96
C CYS A 271 18.78 2.01 -33.29
N LEU A 272 19.71 2.53 -34.09
CA LEU A 272 21.03 1.93 -34.27
C LEU A 272 21.81 1.99 -32.97
N ASP A 273 22.82 1.15 -32.86
CA ASP A 273 23.73 1.19 -31.72
C ASP A 273 25.13 1.69 -32.13
N TYR A 274 25.18 2.51 -33.18
CA TYR A 274 26.38 3.19 -33.61
C TYR A 274 25.93 4.46 -34.32
N ILE A 275 26.83 5.42 -34.46
CA ILE A 275 26.55 6.65 -35.19
C ILE A 275 27.07 6.49 -36.61
N PRO A 276 26.22 6.47 -37.62
CA PRO A 276 26.70 6.45 -38.99
C PRO A 276 27.48 7.70 -39.36
N GLY A 277 28.47 7.53 -40.22
CA GLY A 277 29.32 8.65 -40.58
C GLY A 277 28.60 9.81 -41.23
N ARG A 278 27.48 9.54 -41.90
CA ARG A 278 26.71 10.61 -42.53
C ARG A 278 26.25 11.67 -41.54
N TYR A 279 26.01 11.28 -40.29
CA TYR A 279 25.60 12.23 -39.27
C TYR A 279 26.69 13.22 -38.93
N LEU A 280 27.94 12.90 -39.20
CA LEU A 280 29.05 13.77 -38.87
C LEU A 280 29.46 14.69 -40.02
N LEU A 281 29.03 14.43 -41.24
CA LEU A 281 29.36 15.31 -42.36
C LEU A 281 28.89 16.73 -42.13
N GLY A 282 27.79 16.92 -41.42
CA GLY A 282 27.37 18.27 -41.13
C GLY A 282 28.32 19.01 -40.21
N TYR A 283 28.91 18.29 -39.26
CA TYR A 283 29.94 18.88 -38.41
C TYR A 283 31.25 19.08 -39.14
N ILE A 284 31.63 18.16 -40.04
CA ILE A 284 32.80 18.36 -40.88
C ILE A 284 32.63 19.57 -41.79
N HIS A 285 31.43 19.74 -42.33
CA HIS A 285 31.14 20.93 -43.12
C HIS A 285 31.28 22.20 -42.29
N LYS A 286 30.75 22.18 -41.08
CA LYS A 286 30.83 23.33 -40.19
C LYS A 286 32.25 23.75 -39.87
N THR A 287 33.13 22.78 -39.61
CA THR A 287 34.45 23.09 -39.07
C THR A 287 35.56 23.18 -40.10
N LEU A 288 35.57 22.35 -41.13
CA LEU A 288 36.66 22.36 -42.07
C LEU A 288 36.33 23.00 -43.41
N GLY A 289 35.06 23.24 -43.70
CA GLY A 289 34.68 23.83 -44.97
C GLY A 289 35.20 25.23 -45.18
N GLU A 290 35.72 25.85 -44.14
CA GLU A 290 36.41 27.12 -44.26
C GLU A 290 37.84 26.97 -44.75
N TYR A 291 38.45 25.81 -44.61
CA TYR A 291 39.84 25.60 -45.02
C TYR A 291 39.97 25.01 -46.41
N PHE A 292 39.11 24.08 -46.78
CA PHE A 292 39.14 23.48 -48.10
C PHE A 292 37.70 23.21 -48.54
N ASP A 293 37.52 22.94 -49.83
CA ASP A 293 36.19 22.60 -50.33
C ASP A 293 35.78 21.21 -49.89
N VAL A 294 35.10 21.11 -48.76
CA VAL A 294 34.63 19.81 -48.26
C VAL A 294 33.69 19.11 -49.22
N SER A 295 32.89 19.85 -49.97
CA SER A 295 31.95 19.20 -50.87
C SER A 295 32.66 18.55 -52.06
N GLN A 296 33.68 19.20 -52.60
CA GLN A 296 34.51 18.57 -53.62
C GLN A 296 35.26 17.37 -53.09
N ALA A 297 35.76 17.44 -51.85
CA ALA A 297 36.49 16.31 -51.30
C ALA A 297 35.62 15.06 -51.20
N ILE A 298 34.37 15.22 -50.81
CA ILE A 298 33.43 14.10 -50.83
C ILE A 298 33.25 13.58 -52.25
N ALA A 299 33.02 14.47 -53.20
CA ALA A 299 32.80 14.02 -54.57
C ALA A 299 34.02 13.32 -55.13
N ALA A 300 35.22 13.78 -54.78
CA ALA A 300 36.43 13.10 -55.21
C ALA A 300 36.79 11.91 -54.32
N GLY A 301 36.17 11.77 -53.17
CA GLY A 301 36.53 10.72 -52.25
C GLY A 301 37.80 10.95 -51.47
N ASP A 302 38.25 12.18 -51.36
CA ASP A 302 39.42 12.54 -50.57
C ASP A 302 39.13 12.61 -49.09
N LEU A 303 37.92 12.30 -48.66
CA LEU A 303 37.58 12.40 -47.24
C LEU A 303 36.75 11.19 -46.88
N ILE A 304 37.05 10.60 -45.73
CA ILE A 304 36.24 9.55 -45.15
C ILE A 304 35.99 9.90 -43.70
N ILE A 305 34.74 9.84 -43.27
CA ILE A 305 34.40 9.83 -41.86
C ILE A 305 33.72 8.50 -41.58
N THR A 306 34.35 7.65 -40.78
CA THR A 306 33.82 6.34 -40.49
C THR A 306 32.61 6.43 -39.57
N ASN A 307 31.91 5.31 -39.42
CA ASN A 307 30.95 5.14 -38.34
C ASN A 307 31.63 5.27 -36.99
N ALA A 308 30.90 5.79 -36.02
CA ALA A 308 31.33 5.77 -34.64
C ALA A 308 30.78 4.53 -33.94
N THR A 309 31.67 3.64 -33.51
CA THR A 309 31.28 2.45 -32.79
C THR A 309 31.82 2.50 -31.36
N ILE A 310 31.16 1.75 -30.48
CA ILE A 310 31.40 1.89 -29.05
C ILE A 310 32.88 1.72 -28.74
N LYS A 311 33.39 2.58 -27.86
CA LYS A 311 34.79 2.57 -27.49
C LYS A 311 35.11 1.39 -26.58
N ILE A 312 36.03 0.54 -27.01
CA ILE A 312 36.51 -0.61 -26.24
C ILE A 312 38.03 -0.64 -26.32
N ASP A 313 38.68 -0.90 -25.20
CA ASP A 313 40.14 -0.92 -25.13
C ASP A 313 40.74 0.41 -25.58
N GLY A 314 40.01 1.49 -25.40
CA GLY A 314 40.47 2.76 -25.88
C GLY A 314 40.32 2.98 -27.36
N LYS A 315 39.68 2.06 -28.07
CA LYS A 315 39.59 2.10 -29.52
C LYS A 315 38.14 1.84 -29.93
N ALA A 316 37.86 2.04 -31.20
CA ALA A 316 36.54 1.74 -31.72
C ALA A 316 36.26 0.26 -31.65
N GLY A 317 35.13 -0.10 -31.05
CA GLY A 317 34.72 -1.48 -31.03
C GLY A 317 34.37 -1.94 -32.44
N ARG A 318 34.69 -3.20 -32.73
CA ARG A 318 34.59 -3.79 -34.06
C ARG A 318 33.44 -4.76 -34.08
N ALA A 319 32.59 -4.68 -35.11
CA ALA A 319 31.38 -5.47 -35.15
C ALA A 319 31.66 -6.96 -35.14
N THR A 320 30.98 -7.68 -34.24
CA THR A 320 31.25 -9.08 -33.93
C THR A 320 31.21 -9.94 -35.17
N PRO A 321 32.26 -10.69 -35.48
CA PRO A 321 32.31 -11.46 -36.73
C PRO A 321 31.34 -12.64 -36.72
N PHE A 322 30.61 -12.79 -37.81
CA PHE A 322 29.61 -13.85 -37.92
C PHE A 322 30.20 -15.24 -37.99
N CYS A 323 31.51 -15.40 -38.11
CA CYS A 323 32.14 -16.70 -37.97
C CYS A 323 32.26 -17.18 -36.54
N LEU A 324 32.04 -16.35 -35.53
CA LEU A 324 32.03 -16.81 -34.15
C LEU A 324 30.70 -17.46 -33.83
N PHE A 325 30.74 -18.63 -33.20
CA PHE A 325 29.53 -19.33 -32.78
C PHE A 325 29.65 -19.65 -31.30
N GLY A 326 28.58 -19.41 -30.55
CA GLY A 326 28.53 -19.72 -29.14
C GLY A 326 27.77 -20.99 -28.83
N GLU A 327 28.14 -21.62 -27.71
CA GLU A 327 27.36 -22.74 -27.19
C GLU A 327 25.95 -22.33 -26.85
N LYS A 328 24.98 -23.02 -27.43
CA LYS A 328 23.59 -22.57 -27.33
C LYS A 328 23.07 -22.66 -25.91
N LEU A 329 23.57 -23.63 -25.15
CA LEU A 329 23.10 -23.79 -23.79
C LEU A 329 23.60 -22.66 -22.89
N ASP A 330 24.91 -22.46 -22.83
CA ASP A 330 25.46 -21.52 -21.86
C ASP A 330 26.81 -21.01 -22.31
N GLY A 331 26.90 -20.52 -23.54
CA GLY A 331 28.15 -20.00 -24.02
C GLY A 331 27.97 -18.85 -25.00
N GLY A 332 29.06 -18.38 -25.56
CA GLY A 332 29.05 -17.16 -26.34
C GLY A 332 29.74 -16.04 -25.61
N LEU A 333 29.92 -14.93 -26.34
CA LEU A 333 30.62 -13.80 -25.76
C LEU A 333 29.85 -13.19 -24.59
N GLY A 334 28.53 -13.33 -24.58
CA GLY A 334 27.77 -12.88 -23.41
C GLY A 334 28.02 -13.70 -22.17
N LYS A 335 28.33 -14.99 -22.34
CA LYS A 335 28.78 -15.83 -21.24
C LYS A 335 30.27 -15.74 -21.01
N GLY A 336 31.04 -15.35 -22.02
CA GLY A 336 32.48 -15.29 -21.91
C GLY A 336 33.18 -16.60 -22.05
N LYS A 337 32.51 -17.63 -22.57
CA LYS A 337 33.15 -18.92 -22.80
C LYS A 337 32.37 -19.67 -23.87
N GLY A 338 32.98 -20.71 -24.39
CA GLY A 338 32.33 -21.57 -25.37
C GLY A 338 32.07 -20.86 -26.69
N VAL A 339 33.10 -20.22 -27.22
CA VAL A 339 33.05 -19.50 -28.48
C VAL A 339 34.00 -20.18 -29.45
N TYR A 340 33.49 -20.55 -30.63
CA TYR A 340 34.29 -21.21 -31.65
C TYR A 340 34.40 -20.34 -32.88
N ASN A 341 35.61 -20.15 -33.37
CA ASN A 341 35.83 -19.52 -34.66
C ASN A 341 35.66 -20.54 -35.76
N ARG A 342 34.47 -20.60 -36.35
CA ARG A 342 34.18 -21.60 -37.35
C ARG A 342 34.92 -21.44 -38.66
N PHE A 343 35.71 -20.38 -38.85
CA PHE A 343 36.60 -20.38 -40.00
C PHE A 343 37.77 -21.32 -39.83
N GLN A 344 38.02 -21.80 -38.62
CA GLN A 344 39.20 -22.61 -38.30
C GLN A 344 38.89 -23.83 -37.46
N GLU A 345 37.76 -23.89 -36.76
CA GLU A 345 37.47 -25.00 -35.86
C GLU A 345 36.22 -25.73 -36.30
N SER A 346 36.26 -27.05 -36.23
CA SER A 346 35.06 -27.85 -36.42
C SER A 346 34.08 -27.62 -35.28
N GLU A 347 32.81 -27.89 -35.57
CA GLU A 347 31.84 -27.97 -34.50
C GLU A 347 32.19 -29.13 -33.57
N PRO A 348 32.13 -28.93 -32.26
CA PRO A 348 32.34 -30.05 -31.35
C PRO A 348 31.21 -31.05 -31.52
N ASP A 349 31.48 -32.28 -31.12
CA ASP A 349 30.45 -33.31 -31.16
C ASP A 349 29.34 -33.03 -30.18
N GLY A 350 28.11 -33.35 -30.58
CA GLY A 350 26.96 -33.19 -29.74
C GLY A 350 26.43 -31.77 -29.56
N ILE A 351 27.21 -30.92 -28.90
CA ILE A 351 26.71 -29.61 -28.51
C ILE A 351 26.46 -28.76 -29.74
N GLN A 352 25.22 -28.27 -29.90
CA GLN A 352 24.85 -27.38 -30.98
C GLN A 352 25.18 -25.93 -30.62
N LEU A 353 25.43 -25.13 -31.64
CA LEU A 353 25.90 -23.76 -31.52
C LEU A 353 24.92 -22.77 -32.13
N LYS A 354 24.93 -21.54 -31.60
CA LYS A 354 24.24 -20.41 -32.21
C LYS A 354 25.27 -19.42 -32.75
N GLY A 355 25.04 -18.92 -33.96
CA GLY A 355 25.92 -17.92 -34.53
C GLY A 355 25.79 -16.57 -33.84
N GLU A 356 26.91 -15.86 -33.73
CA GLU A 356 26.90 -14.50 -33.22
C GLU A 356 26.19 -13.56 -34.18
N ARG A 357 25.51 -12.56 -33.61
CA ARG A 357 24.59 -11.76 -34.41
C ARG A 357 24.70 -10.25 -34.20
N GLY A 358 25.53 -9.78 -33.29
CA GLY A 358 25.55 -8.35 -33.05
C GLY A 358 26.57 -7.99 -32.00
N GLY A 359 26.47 -6.79 -31.49
CA GLY A 359 27.43 -6.29 -30.54
C GLY A 359 28.79 -6.07 -31.18
N TYR A 360 29.73 -5.68 -30.33
CA TYR A 360 31.05 -5.26 -30.74
C TYR A 360 32.08 -5.94 -29.86
N VAL A 361 33.23 -6.23 -30.42
CA VAL A 361 34.33 -6.83 -29.69
C VAL A 361 35.47 -5.83 -29.62
N GLY A 362 36.19 -5.84 -28.52
CA GLY A 362 37.38 -5.03 -28.42
C GLY A 362 38.52 -5.59 -29.23
N GLN A 363 39.75 -5.28 -28.82
CA GLN A 363 40.93 -5.74 -29.54
C GLN A 363 41.19 -7.20 -29.30
N PHE A 364 41.92 -7.79 -30.24
CA PHE A 364 42.40 -9.16 -30.15
C PHE A 364 43.72 -9.24 -30.88
N GLU A 365 44.61 -10.06 -30.35
CA GLU A 365 45.96 -10.20 -30.87
C GLU A 365 46.27 -11.68 -31.05
N GLN A 366 47.20 -11.95 -31.91
CA GLN A 366 47.42 -13.32 -32.32
C GLN A 366 47.99 -14.22 -31.24
N GLU A 367 48.02 -13.82 -29.97
CA GLU A 367 48.20 -14.76 -28.88
C GLU A 367 47.45 -14.23 -27.65
N GLN A 368 46.17 -13.90 -27.85
CA GLN A 368 45.40 -13.20 -26.83
C GLN A 368 45.25 -13.98 -25.54
N ARG A 369 45.19 -15.30 -25.61
CA ARG A 369 44.92 -16.15 -24.46
C ARG A 369 43.59 -15.84 -23.78
N ASN A 370 42.77 -14.97 -24.35
CA ASN A 370 41.51 -14.56 -23.76
C ASN A 370 40.54 -14.24 -24.88
N LEU A 371 39.26 -14.32 -24.58
CA LEU A 371 38.29 -13.78 -25.50
C LEU A 371 38.42 -12.26 -25.59
N PRO A 372 38.19 -11.69 -26.77
CA PRO A 372 38.29 -10.24 -26.91
C PRO A 372 37.23 -9.53 -26.09
N ASN A 373 37.60 -8.37 -25.56
CA ASN A 373 36.67 -7.57 -24.77
C ASN A 373 35.45 -7.20 -25.58
N THR A 374 34.27 -7.45 -25.03
CA THR A 374 33.01 -7.24 -25.72
C THR A 374 32.29 -6.03 -25.14
N GLY A 375 31.94 -5.08 -26.00
CA GLY A 375 31.26 -3.86 -25.60
C GLY A 375 29.77 -3.91 -25.84
N LYS A 376 29.00 -3.30 -24.94
CA LYS A 376 27.55 -3.20 -25.08
C LYS A 376 27.12 -1.74 -25.08
N ILE A 377 26.06 -1.46 -25.83
CA ILE A 377 25.48 -0.12 -25.94
C ILE A 377 24.13 -0.09 -25.24
N ASN A 378 24.00 0.76 -24.24
CA ASN A 378 22.75 0.92 -23.51
C ASN A 378 21.77 1.80 -24.28
N SER A 379 20.50 1.47 -24.18
CA SER A 379 19.47 2.14 -24.95
C SER A 379 18.20 2.20 -24.12
N GLU A 380 17.34 3.18 -24.41
CA GLU A 380 16.15 3.44 -23.62
C GLU A 380 15.00 3.80 -24.54
N LEU A 381 13.77 3.51 -24.12
CA LEU A 381 12.59 3.78 -24.92
C LEU A 381 11.85 4.99 -24.36
N PHE A 382 11.67 6.02 -25.16
CA PHE A 382 10.99 7.24 -24.78
C PHE A 382 9.66 7.34 -25.51
N THR A 383 8.56 7.50 -24.78
CA THR A 383 7.24 7.57 -25.35
C THR A 383 6.65 8.97 -25.27
N HIS A 384 6.08 9.44 -26.37
CA HIS A 384 5.63 10.81 -26.54
C HIS A 384 4.18 10.80 -27.01
N ASN A 385 3.53 11.95 -27.00
CA ASN A 385 2.19 12.07 -27.57
C ASN A 385 2.07 13.35 -28.38
N THR A 386 1.01 13.45 -29.18
CA THR A 386 0.67 14.66 -29.90
C THR A 386 -0.77 15.06 -29.61
N ILE A 387 -0.93 16.28 -29.11
CA ILE A 387 -2.22 16.78 -28.67
C ILE A 387 -2.93 17.43 -29.83
N GLN A 388 -4.21 17.09 -30.02
CA GLN A 388 -5.09 17.84 -30.91
C GLN A 388 -5.62 19.07 -30.23
N ASP A 389 -5.46 20.23 -30.84
CA ASP A 389 -5.46 21.45 -30.06
C ASP A 389 -6.85 21.82 -29.56
N ASP A 390 -7.92 21.48 -30.27
CA ASP A 390 -9.23 21.85 -29.77
C ASP A 390 -9.72 20.95 -28.64
N VAL A 391 -9.58 19.64 -28.76
CA VAL A 391 -9.93 18.76 -27.63
C VAL A 391 -8.86 18.74 -26.55
N GLN A 392 -7.66 19.23 -26.82
CA GLN A 392 -6.58 19.31 -25.86
C GLN A 392 -6.18 17.95 -25.30
N ARG A 393 -6.40 16.90 -26.06
CA ARG A 393 -5.98 15.55 -25.76
C ARG A 393 -5.57 14.90 -27.07
N PRO A 394 -4.73 13.87 -27.02
CA PRO A 394 -4.37 13.19 -28.27
C PRO A 394 -5.52 12.42 -28.87
N THR A 395 -5.51 12.35 -30.20
CA THR A 395 -6.58 11.72 -30.95
C THR A 395 -5.97 10.99 -32.12
N SER A 396 -6.76 10.09 -32.70
CA SER A 396 -6.30 9.33 -33.84
C SER A 396 -5.97 10.20 -35.04
N ASP A 397 -6.69 11.31 -35.23
CA ASP A 397 -6.42 12.21 -36.33
C ASP A 397 -5.06 12.87 -36.27
N VAL A 398 -4.33 12.76 -35.18
CA VAL A 398 -3.00 13.36 -35.10
C VAL A 398 -1.94 12.37 -34.63
N GLY A 399 -2.24 11.08 -34.76
CA GLY A 399 -1.42 9.98 -34.33
C GLY A 399 -1.35 9.74 -32.83
N GLY A 400 -0.81 10.67 -32.08
CA GLY A 400 -1.05 10.74 -30.67
C GLY A 400 -0.13 9.95 -29.77
N VAL A 401 0.38 8.81 -30.20
CA VAL A 401 1.36 8.08 -29.39
C VAL A 401 2.45 7.56 -30.29
N TYR A 402 3.68 7.72 -29.85
CA TYR A 402 4.83 7.22 -30.57
C TYR A 402 5.96 7.08 -29.59
N SER A 403 6.95 6.30 -29.98
CA SER A 403 8.09 6.04 -29.11
C SER A 403 9.35 6.12 -29.93
N TYR A 404 10.41 6.61 -29.29
CA TYR A 404 11.76 6.53 -29.81
C TYR A 404 12.57 5.63 -28.92
N GLU A 405 13.26 4.63 -29.48
CA GLU A 405 14.47 4.15 -28.84
C GLU A 405 15.58 5.15 -29.00
N ALA A 406 16.40 5.30 -27.98
CA ALA A 406 17.53 6.19 -28.05
C ALA A 406 18.73 5.59 -27.33
N ILE A 407 19.92 5.95 -27.80
CA ILE A 407 21.14 5.74 -27.04
C ILE A 407 21.16 6.69 -25.86
N ILE A 408 21.33 6.16 -24.66
CA ILE A 408 21.27 7.02 -23.49
C ILE A 408 22.53 7.86 -23.38
N ALA A 409 22.52 8.81 -22.44
CA ALA A 409 23.64 9.69 -22.17
C ALA A 409 24.82 8.99 -21.53
N GLY A 410 26.01 9.53 -21.77
CA GLY A 410 27.24 9.02 -21.21
C GLY A 410 27.92 7.92 -21.99
N GLN A 411 27.35 7.49 -23.09
CA GLN A 411 28.00 6.52 -23.96
C GLN A 411 29.13 7.22 -24.71
N THR A 412 30.20 6.49 -25.00
CA THR A 412 31.34 7.05 -25.71
C THR A 412 31.63 6.22 -26.96
N PHE A 413 31.84 6.90 -28.08
CA PHE A 413 32.01 6.30 -29.39
C PHE A 413 33.25 6.88 -30.02
N VAL A 414 33.93 6.13 -30.88
CA VAL A 414 35.10 6.61 -31.61
C VAL A 414 34.88 6.49 -33.11
N ALA A 415 34.90 7.62 -33.81
CA ALA A 415 35.01 7.66 -35.27
C ALA A 415 36.43 8.03 -35.66
N GLU A 416 36.73 7.91 -36.95
CA GLU A 416 37.99 8.44 -37.48
C GLU A 416 37.75 9.24 -38.74
N LEU A 417 38.21 10.47 -38.76
CA LEU A 417 38.32 11.24 -39.99
C LEU A 417 39.63 10.90 -40.66
N ARG A 418 39.57 10.52 -41.93
CA ARG A 418 40.77 10.27 -42.72
C ARG A 418 40.90 11.34 -43.78
N LEU A 419 42.08 11.91 -43.91
CA LEU A 419 42.35 12.89 -44.92
C LEU A 419 43.65 12.56 -45.63
N PRO A 420 43.72 12.74 -46.94
CA PRO A 420 44.99 12.61 -47.62
C PRO A 420 45.94 13.70 -47.19
N ASP A 421 47.22 13.40 -47.36
CA ASP A 421 48.27 14.34 -46.98
C ASP A 421 48.08 15.70 -47.63
N SER A 422 47.61 15.72 -48.87
CA SER A 422 47.44 16.99 -49.58
C SER A 422 46.36 17.89 -48.97
N LEU A 423 45.31 17.32 -48.38
CA LEU A 423 44.33 18.15 -47.69
C LEU A 423 44.79 18.61 -46.31
N VAL A 424 45.59 17.83 -45.60
CA VAL A 424 46.19 18.32 -44.36
C VAL A 424 47.19 19.43 -44.61
N LYS A 425 47.95 19.35 -45.70
CA LYS A 425 48.79 20.47 -46.10
C LYS A 425 47.97 21.71 -46.40
N GLN A 426 46.88 21.58 -47.14
CA GLN A 426 45.98 22.70 -47.37
C GLN A 426 45.54 23.34 -46.05
N ILE A 427 45.06 22.54 -45.11
CA ILE A 427 44.64 23.08 -43.82
C ILE A 427 45.81 23.70 -43.07
N THR A 428 46.90 22.93 -42.88
CA THR A 428 47.99 23.43 -42.05
C THR A 428 48.65 24.67 -42.61
N SER A 429 48.60 24.89 -43.91
CA SER A 429 49.07 26.16 -44.43
C SER A 429 48.21 27.32 -43.95
N LYS A 430 46.94 27.06 -43.64
CA LYS A 430 46.01 28.08 -43.17
C LYS A 430 45.87 28.13 -41.66
N ASN A 431 45.96 27.00 -40.97
CA ASN A 431 45.84 27.00 -39.52
C ASN A 431 46.67 25.88 -38.94
N LYS A 432 47.66 26.23 -38.12
CA LYS A 432 48.51 25.24 -37.49
C LYS A 432 47.78 24.45 -36.42
N ASN A 433 46.76 25.02 -35.79
CA ASN A 433 46.07 24.40 -34.68
C ASN A 433 44.76 23.72 -35.10
N TRP A 434 44.61 23.41 -36.37
CA TRP A 434 43.31 23.07 -36.91
C TRP A 434 42.64 21.93 -36.16
N GLN A 435 43.42 21.00 -35.62
CA GLN A 435 42.80 19.94 -34.83
C GLN A 435 42.15 20.45 -33.56
N ALA A 436 42.54 21.63 -33.08
CA ALA A 436 41.83 22.25 -31.98
C ALA A 436 40.42 22.68 -32.35
N GLN A 437 40.19 23.05 -33.61
CA GLN A 437 38.86 23.40 -34.07
C GLN A 437 37.91 22.21 -34.18
N LEU A 438 38.41 20.98 -34.08
CA LEU A 438 37.56 19.80 -34.11
C LEU A 438 36.80 19.53 -32.82
N LYS A 439 37.19 20.10 -31.70
CA LYS A 439 36.34 20.02 -30.52
C LYS A 439 35.05 20.82 -30.73
N ALA A 440 33.91 20.17 -30.53
CA ALA A 440 32.63 20.82 -30.73
C ALA A 440 31.59 20.12 -29.88
N THR A 441 30.48 20.82 -29.65
CA THR A 441 29.23 20.18 -29.25
C THR A 441 28.20 20.41 -30.33
N ILE A 442 27.60 19.33 -30.82
CA ILE A 442 26.73 19.35 -31.99
C ILE A 442 25.51 18.50 -31.68
N ARG A 443 24.49 18.65 -32.52
CA ARG A 443 23.25 17.88 -32.43
C ARG A 443 23.10 16.97 -33.64
N ILE A 444 22.95 15.68 -33.40
CA ILE A 444 22.76 14.71 -34.47
C ILE A 444 21.50 13.88 -34.24
N GLY A 445 20.88 13.42 -35.32
CA GLY A 445 19.84 12.42 -35.22
C GLY A 445 18.45 12.88 -35.65
N GLN A 446 17.49 12.07 -35.27
CA GLN A 446 16.07 12.38 -35.25
C GLN A 446 15.75 13.25 -34.05
N SER A 447 14.78 14.15 -34.21
CA SER A 447 14.38 15.04 -33.13
C SER A 447 15.53 15.84 -32.56
N LYS A 448 16.53 16.13 -33.37
CA LYS A 448 17.77 16.66 -32.83
C LYS A 448 17.61 17.98 -32.12
N LYS A 449 16.51 18.71 -32.37
CA LYS A 449 16.40 20.10 -31.93
C LYS A 449 15.90 20.29 -30.51
N ASP A 450 15.59 19.24 -29.78
CA ASP A 450 15.08 19.46 -28.44
C ASP A 450 15.73 18.53 -27.43
N GLN A 451 14.99 17.51 -27.04
CA GLN A 451 15.40 16.60 -25.99
C GLN A 451 16.55 15.70 -26.41
N TYR A 452 16.64 15.33 -27.68
CA TYR A 452 17.53 14.32 -28.19
C TYR A 452 18.76 14.91 -28.87
N GLY A 453 19.82 14.12 -28.92
CA GLY A 453 20.85 14.30 -29.92
C GLY A 453 22.08 15.08 -29.56
N LYS A 454 22.17 15.66 -28.38
CA LYS A 454 23.33 16.46 -28.01
C LYS A 454 24.55 15.58 -27.77
N ILE A 455 25.64 15.82 -28.50
CA ILE A 455 26.87 15.04 -28.33
C ILE A 455 28.06 15.98 -28.25
N GLU A 456 29.04 15.63 -27.42
CA GLU A 456 30.39 16.18 -27.51
C GLU A 456 31.20 15.47 -28.58
N VAL A 457 31.95 16.23 -29.36
CA VAL A 457 33.04 15.69 -30.18
C VAL A 457 34.38 16.22 -29.70
N THR A 458 35.34 15.32 -29.52
CA THR A 458 36.71 15.65 -29.18
C THR A 458 37.64 14.98 -30.18
N SER A 459 38.62 15.71 -30.69
CA SER A 459 39.63 15.12 -31.56
C SER A 459 40.80 14.57 -30.76
N GLY A 460 41.23 13.35 -31.10
CA GLY A 460 42.53 12.84 -30.71
C GLY A 460 43.69 13.25 -31.59
N ASN A 461 44.86 12.71 -31.24
CA ASN A 461 46.07 12.85 -32.06
C ASN A 461 46.05 11.87 -33.23
N SER A 462 46.74 12.25 -34.31
CA SER A 462 46.76 11.40 -35.50
C SER A 462 47.28 10.00 -35.18
N ALA A 463 46.49 8.99 -35.53
CA ALA A 463 46.81 7.60 -35.28
C ALA A 463 47.58 7.04 -36.46
N ASP A 464 48.15 5.85 -36.28
CA ASP A 464 48.87 5.17 -37.35
C ASP A 464 47.94 4.48 -38.33
N LEU A 465 48.38 4.42 -39.59
CA LEU A 465 47.67 3.69 -40.61
C LEU A 465 47.64 2.20 -40.26
N PRO A 466 46.53 1.51 -40.50
CA PRO A 466 46.51 0.06 -40.32
C PRO A 466 47.46 -0.63 -41.28
N LYS A 467 48.06 -1.72 -40.81
CA LYS A 467 49.07 -2.46 -41.57
C LYS A 467 48.84 -3.95 -41.46
N PRO A 468 47.96 -4.49 -42.30
CA PRO A 468 47.64 -5.93 -42.21
C PRO A 468 48.80 -6.81 -42.63
N THR A 469 48.72 -8.07 -42.20
CA THR A 469 49.65 -9.10 -42.63
C THR A 469 49.31 -9.63 -44.02
N GLY A 470 50.30 -9.61 -44.92
CA GLY A 470 50.14 -10.11 -46.27
C GLY A 470 50.26 -11.61 -46.49
N ASN A 471 49.46 -12.39 -45.79
CA ASN A 471 49.48 -13.85 -45.89
C ASN A 471 49.07 -14.34 -47.28
N ASN A 472 49.96 -15.07 -47.95
CA ASN A 472 49.68 -15.63 -49.27
C ASN A 472 48.90 -16.94 -49.22
N LYS A 473 48.62 -17.50 -48.05
CA LYS A 473 47.85 -18.73 -48.00
C LYS A 473 46.34 -18.47 -48.09
N THR A 474 45.78 -17.76 -47.12
CA THR A 474 44.39 -17.35 -47.19
C THR A 474 44.26 -15.84 -47.07
N LEU A 475 43.30 -15.30 -47.80
CA LEU A 475 42.84 -13.93 -47.62
C LEU A 475 41.49 -13.95 -46.92
N SER A 476 41.37 -13.19 -45.85
CA SER A 476 40.16 -13.19 -45.04
C SER A 476 39.68 -11.77 -44.83
N ILE A 477 38.38 -11.55 -44.96
CA ILE A 477 37.81 -10.22 -45.04
C ILE A 477 36.75 -10.13 -43.97
N TRP A 478 36.91 -9.17 -43.08
CA TRP A 478 35.95 -8.87 -42.04
C TRP A 478 35.29 -7.57 -42.41
N PHE A 479 33.98 -7.59 -42.53
CA PHE A 479 33.25 -6.36 -42.82
C PHE A 479 33.03 -5.60 -41.53
N LEU A 480 33.85 -4.59 -41.31
CA LEU A 480 33.72 -3.77 -40.13
C LEU A 480 32.54 -2.83 -40.25
N SER A 481 32.10 -2.56 -41.48
CA SER A 481 30.94 -1.73 -41.76
C SER A 481 30.17 -2.34 -42.92
N ASP A 482 28.94 -1.88 -43.12
CA ASP A 482 28.13 -2.37 -44.22
C ASP A 482 28.77 -2.10 -45.56
N ILE A 483 28.79 -3.12 -46.41
CA ILE A 483 29.39 -3.01 -47.73
C ILE A 483 28.27 -2.90 -48.74
N LEU A 484 28.31 -1.85 -49.55
CA LEU A 484 27.33 -1.67 -50.61
C LEU A 484 28.04 -1.91 -51.92
N LEU A 485 27.57 -2.87 -52.68
CA LEU A 485 28.10 -3.10 -54.02
C LEU A 485 27.00 -2.97 -55.05
N ARG A 486 27.39 -2.49 -56.22
CA ARG A 486 26.54 -2.47 -57.39
C ARG A 486 26.84 -3.65 -58.28
N GLY A 487 25.80 -4.31 -58.76
CA GLY A 487 26.00 -5.29 -59.80
C GLY A 487 26.46 -4.64 -61.07
N ASP A 488 26.78 -5.46 -62.06
CA ASP A 488 27.18 -4.87 -63.32
C ASP A 488 26.05 -4.11 -64.01
N ARG A 489 24.84 -4.13 -63.48
CA ARG A 489 23.77 -3.27 -63.93
C ARG A 489 23.61 -2.03 -63.10
N LEU A 490 24.59 -1.74 -62.25
CA LEU A 490 24.60 -0.53 -61.43
C LEU A 490 23.45 -0.46 -60.44
N ASN A 491 22.58 -1.43 -60.39
CA ASN A 491 21.75 -1.54 -59.19
C ASN A 491 22.46 -2.40 -58.16
N PHE A 492 21.92 -2.42 -56.95
CA PHE A 492 22.63 -3.02 -55.82
C PHE A 492 22.49 -4.54 -55.71
N ASN A 493 21.97 -5.22 -56.73
CA ASN A 493 21.74 -6.65 -56.59
C ASN A 493 23.02 -7.47 -56.74
N ALA A 494 24.15 -6.95 -56.27
CA ALA A 494 25.38 -7.72 -56.35
C ALA A 494 25.31 -8.95 -55.45
N THR A 495 26.26 -9.86 -55.65
CA THR A 495 26.32 -11.15 -55.00
C THR A 495 27.74 -11.36 -54.50
N PRO A 496 27.95 -12.33 -53.62
CA PRO A 496 29.32 -12.60 -53.14
C PRO A 496 30.29 -12.99 -54.23
N ASP A 497 29.82 -13.44 -55.39
CA ASP A 497 30.73 -13.63 -56.51
C ASP A 497 31.15 -12.33 -57.17
N ASP A 498 30.30 -11.31 -57.13
CA ASP A 498 30.75 -9.98 -57.52
C ASP A 498 31.80 -9.45 -56.57
N LEU A 499 31.65 -9.74 -55.28
CA LEU A 499 32.67 -9.35 -54.30
C LEU A 499 34.00 -10.05 -54.52
N LYS A 500 33.99 -11.35 -54.84
CA LYS A 500 35.23 -12.02 -55.21
C LYS A 500 35.94 -11.31 -56.35
N LYS A 501 35.22 -11.02 -57.43
CA LYS A 501 35.81 -10.31 -58.55
C LYS A 501 36.29 -8.92 -58.16
N TYR A 502 35.54 -8.21 -57.31
CA TYR A 502 36.00 -6.89 -56.91
C TYR A 502 37.37 -6.95 -56.27
N LEU A 503 37.54 -7.79 -55.25
CA LEU A 503 38.84 -7.90 -54.59
C LEU A 503 39.87 -8.52 -55.51
N GLU A 504 39.49 -9.58 -56.21
CA GLU A 504 40.38 -10.19 -57.18
C GLU A 504 40.91 -9.16 -58.17
N ASN A 505 40.04 -8.32 -58.70
CA ASN A 505 40.46 -7.27 -59.62
C ASN A 505 41.24 -6.18 -58.90
N ALA A 506 40.80 -5.77 -57.71
CA ALA A 506 41.44 -4.70 -56.96
C ALA A 506 42.84 -5.08 -56.50
N LEU A 507 43.04 -6.32 -56.08
CA LEU A 507 44.29 -6.77 -55.50
C LEU A 507 45.20 -7.48 -56.49
N ASP A 508 44.71 -7.79 -57.69
CA ASP A 508 45.47 -8.50 -58.70
C ASP A 508 45.85 -9.91 -58.24
N ILE A 509 44.86 -10.65 -57.76
CA ILE A 509 45.04 -12.01 -57.29
C ILE A 509 43.78 -12.77 -57.66
N LYS A 510 43.92 -14.09 -57.77
CA LYS A 510 42.77 -14.96 -57.97
C LYS A 510 42.45 -15.70 -56.68
N LEU A 511 41.16 -15.83 -56.39
CA LEU A 511 40.69 -16.35 -55.11
C LEU A 511 39.75 -17.52 -55.34
N LYS A 512 39.75 -18.48 -54.42
CA LYS A 512 38.82 -19.58 -54.48
C LYS A 512 38.39 -19.94 -53.07
N GLU A 513 37.13 -20.35 -52.93
CA GLU A 513 36.61 -20.76 -51.63
C GLU A 513 37.33 -21.97 -51.05
N ARG A 514 37.70 -21.87 -49.78
CA ARG A 514 38.40 -22.94 -49.11
C ARG A 514 37.51 -24.17 -48.99
N SER A 515 38.10 -25.34 -49.22
CA SER A 515 37.36 -26.58 -49.42
C SER A 515 37.11 -27.41 -48.16
N ASP A 516 37.66 -27.05 -47.01
CA ASP A 516 37.52 -27.87 -45.81
C ASP A 516 36.06 -28.00 -45.38
N ASN A 517 35.54 -29.23 -45.41
CA ASN A 517 34.11 -29.46 -45.23
C ASN A 517 33.62 -29.09 -43.83
N ASP A 518 34.49 -29.14 -42.82
CA ASP A 518 34.06 -28.75 -41.49
C ASP A 518 34.09 -27.25 -41.25
N LEU A 519 34.77 -26.50 -42.09
CA LEU A 519 35.03 -25.10 -41.84
C LEU A 519 34.20 -24.28 -42.81
N ILE A 520 33.40 -23.35 -42.29
CA ILE A 520 32.62 -22.48 -43.15
C ILE A 520 33.52 -21.44 -43.78
N CYS A 521 33.31 -21.18 -45.06
CA CYS A 521 34.09 -20.22 -45.83
C CYS A 521 33.43 -18.85 -45.91
N ILE A 522 32.10 -18.78 -45.87
CA ILE A 522 31.35 -17.54 -46.01
C ILE A 522 30.30 -17.45 -44.92
N ALA A 523 30.16 -16.26 -44.31
CA ALA A 523 29.16 -16.04 -43.29
C ALA A 523 28.62 -14.61 -43.40
N LEU A 524 27.82 -14.34 -44.43
CA LEU A 524 27.22 -13.03 -44.65
C LEU A 524 25.77 -12.99 -44.21
N ARG A 525 25.28 -11.78 -43.97
CA ARG A 525 23.86 -11.49 -43.95
C ARG A 525 23.57 -10.26 -44.80
N SER A 526 22.43 -10.27 -45.46
CA SER A 526 21.97 -9.14 -46.26
C SER A 526 21.54 -7.98 -45.38
N GLN A 527 21.64 -6.78 -45.93
CA GLN A 527 21.32 -5.53 -45.24
C GLN A 527 20.54 -4.64 -46.19
N ARG A 528 19.58 -3.91 -45.67
CA ARG A 528 18.97 -2.86 -46.47
C ARG A 528 18.82 -1.62 -45.62
N THR A 529 19.29 -0.50 -46.14
CA THR A 529 19.23 0.78 -45.47
C THR A 529 18.23 1.68 -46.16
N GLU A 530 17.23 2.14 -45.42
CA GLU A 530 16.31 3.18 -45.86
C GLU A 530 16.53 4.46 -45.08
N SER A 531 16.76 5.57 -45.78
CA SER A 531 17.18 6.80 -45.13
C SER A 531 16.68 8.01 -45.92
N TRP A 532 16.39 9.11 -45.21
CA TRP A 532 16.11 10.37 -45.87
C TRP A 532 17.38 11.03 -46.37
N GLN A 533 17.24 12.01 -47.25
CA GLN A 533 18.26 13.03 -47.46
C GLN A 533 17.69 14.41 -47.30
N VAL A 534 18.18 15.12 -46.30
CA VAL A 534 17.63 16.41 -45.91
C VAL A 534 17.82 17.46 -46.98
N ARG A 535 18.94 17.44 -47.70
CA ARG A 535 19.13 18.42 -48.75
C ARG A 535 18.14 18.24 -49.88
N TRP A 536 17.86 17.00 -50.28
CA TRP A 536 16.90 16.73 -51.34
C TRP A 536 15.50 17.00 -50.90
N GLY A 537 15.19 16.75 -49.65
CA GLY A 537 13.82 16.70 -49.19
C GLY A 537 13.05 15.50 -49.67
N LEU A 538 13.75 14.40 -49.99
CA LEU A 538 13.17 13.15 -50.46
C LEU A 538 14.02 12.04 -49.88
N PRO A 539 13.48 10.85 -49.70
CA PRO A 539 14.31 9.75 -49.22
C PRO A 539 15.42 9.41 -50.19
N ARG A 540 16.53 8.91 -49.65
CA ARG A 540 17.58 8.39 -50.49
C ARG A 540 17.08 7.19 -51.27
N PRO A 541 17.69 6.91 -52.41
CA PRO A 541 17.53 5.58 -53.00
C PRO A 541 17.92 4.51 -52.01
N SER A 542 17.16 3.42 -52.01
CA SER A 542 17.39 2.34 -51.06
C SER A 542 18.72 1.67 -51.35
N LEU A 543 19.52 1.49 -50.30
CA LEU A 543 20.88 0.95 -50.40
C LEU A 543 20.87 -0.45 -49.84
N VAL A 544 21.33 -1.41 -50.63
CA VAL A 544 21.32 -2.81 -50.26
C VAL A 544 22.74 -3.34 -50.28
N GLY A 545 23.05 -4.22 -49.34
CA GLY A 545 24.40 -4.69 -49.17
C GLY A 545 24.49 -5.77 -48.12
N TRP A 546 25.62 -5.89 -47.43
CA TRP A 546 25.83 -6.89 -46.40
C TRP A 546 26.15 -6.22 -45.08
N GLN A 547 25.74 -6.84 -43.99
CA GLN A 547 25.92 -6.25 -42.69
C GLN A 547 27.38 -6.22 -42.28
N ALA A 548 27.72 -5.24 -41.46
CA ALA A 548 28.92 -5.26 -40.65
C ALA A 548 29.01 -6.52 -39.79
N GLY A 549 30.20 -7.06 -39.68
CA GLY A 549 30.42 -8.33 -39.05
C GLY A 549 30.47 -9.50 -40.01
N SER A 550 29.93 -9.35 -41.20
CA SER A 550 30.01 -10.40 -42.19
C SER A 550 31.45 -10.74 -42.49
N CYS A 551 31.71 -12.01 -42.77
CA CYS A 551 33.06 -12.50 -42.92
C CYS A 551 33.09 -13.44 -44.11
N LEU A 552 34.23 -13.50 -44.78
CA LEU A 552 34.52 -14.58 -45.71
C LEU A 552 36.01 -14.74 -45.83
N ILE A 553 36.44 -15.94 -46.21
CA ILE A 553 37.86 -16.25 -46.31
C ILE A 553 38.11 -17.01 -47.59
N TYR A 554 39.13 -16.61 -48.33
CA TYR A 554 39.45 -17.23 -49.61
C TYR A 554 40.85 -17.79 -49.59
N ASP A 555 41.00 -18.98 -50.17
CA ASP A 555 42.30 -19.48 -50.53
C ASP A 555 42.80 -18.80 -51.80
N ILE A 556 44.02 -18.27 -51.78
CA ILE A 556 44.55 -17.52 -52.91
C ILE A 556 45.04 -18.50 -53.98
N GLU A 557 44.44 -18.41 -55.16
CA GLU A 557 44.72 -19.37 -56.22
C GLU A 557 46.04 -19.10 -56.92
N SER A 558 46.33 -17.84 -57.22
CA SER A 558 47.57 -17.51 -57.92
C SER A 558 47.89 -16.04 -57.72
N GLY A 559 49.12 -15.69 -58.04
CA GLY A 559 49.64 -14.37 -57.73
C GLY A 559 50.14 -14.26 -56.31
N THR A 560 50.36 -13.01 -55.89
CA THR A 560 50.66 -12.70 -54.50
C THR A 560 49.93 -11.44 -54.08
N VAL A 561 49.36 -11.48 -52.89
CA VAL A 561 48.65 -10.33 -52.33
C VAL A 561 49.69 -9.36 -51.78
N ASN A 562 49.48 -8.07 -52.02
CA ASN A 562 50.43 -7.05 -51.60
C ASN A 562 49.88 -6.31 -50.39
N ALA A 563 50.59 -6.38 -49.28
CA ALA A 563 50.18 -5.68 -48.07
C ALA A 563 50.09 -4.17 -48.26
N GLU A 564 50.82 -3.60 -49.22
CA GLU A 564 50.65 -2.18 -49.49
C GLU A 564 49.25 -1.87 -49.98
N LYS A 565 48.70 -2.71 -50.84
CA LYS A 565 47.35 -2.47 -51.34
C LYS A 565 46.29 -2.86 -50.31
N LEU A 566 46.53 -3.91 -49.54
CA LEU A 566 45.63 -4.20 -48.44
C LEU A 566 45.53 -3.03 -47.47
N GLN A 567 46.66 -2.42 -47.13
CA GLN A 567 46.61 -1.23 -46.30
C GLN A 567 45.76 -0.13 -46.91
N GLU A 568 45.97 0.17 -48.19
CA GLU A 568 45.21 1.24 -48.83
C GLU A 568 43.72 0.98 -48.84
N LEU A 569 43.30 -0.26 -49.05
CA LEU A 569 41.87 -0.56 -48.98
C LEU A 569 41.34 -0.51 -47.57
N MET A 570 42.15 -0.85 -46.59
CA MET A 570 41.71 -0.70 -45.22
C MET A 570 41.52 0.76 -44.83
N ILE A 571 42.14 1.68 -45.56
CA ILE A 571 41.94 3.11 -45.33
C ILE A 571 40.70 3.61 -46.07
N THR A 572 40.64 3.41 -47.38
CA THR A 572 39.60 3.99 -48.22
C THR A 572 38.36 3.14 -48.34
N GLY A 573 38.40 1.89 -47.91
CA GLY A 573 37.26 1.01 -48.02
C GLY A 573 36.98 0.57 -49.44
N ILE A 574 35.96 -0.26 -49.58
CA ILE A 574 35.51 -0.76 -50.87
C ILE A 574 34.03 -0.53 -51.09
N GLY A 575 33.65 -0.32 -52.35
CA GLY A 575 32.27 -0.21 -52.75
C GLY A 575 31.71 1.20 -52.75
N ASP A 576 30.38 1.28 -52.75
CA ASP A 576 29.67 2.55 -52.83
C ASP A 576 29.75 3.34 -51.52
N ARG A 577 29.80 4.67 -51.66
CA ARG A 577 29.58 5.61 -50.55
C ARG A 577 30.53 5.37 -49.38
N CYS A 578 31.76 4.98 -49.69
CA CYS A 578 32.75 4.75 -48.65
C CYS A 578 32.99 6.00 -47.81
N THR A 579 32.73 7.18 -48.36
CA THR A 579 32.92 8.42 -47.60
C THR A 579 32.04 8.50 -46.35
N GLU A 580 30.92 7.80 -46.34
CA GLU A 580 30.11 7.71 -45.14
C GLU A 580 30.52 6.56 -44.24
N GLY A 581 31.64 5.92 -44.53
CA GLY A 581 32.09 4.80 -43.74
C GLY A 581 31.47 3.47 -44.09
N TYR A 582 30.62 3.40 -45.10
CA TYR A 582 30.35 2.13 -45.71
C TYR A 582 31.62 1.52 -46.26
N GLY A 583 31.61 0.22 -46.46
CA GLY A 583 32.74 -0.38 -47.11
C GLY A 583 33.97 -0.59 -46.26
N GLN A 584 33.97 -0.18 -45.01
CA GLN A 584 35.16 -0.34 -44.18
C GLN A 584 35.36 -1.79 -43.80
N ILE A 585 36.60 -2.27 -43.89
CA ILE A 585 36.88 -3.68 -44.04
C ILE A 585 38.20 -4.00 -43.36
N GLY A 586 38.36 -5.23 -42.90
CA GLY A 586 39.56 -5.64 -42.21
C GLY A 586 40.14 -6.94 -42.73
N PHE A 587 41.39 -6.93 -43.20
CA PHE A 587 42.01 -8.10 -43.80
C PHE A 587 42.91 -8.85 -42.83
N ASN A 588 42.75 -10.17 -42.79
CA ASN A 588 43.63 -11.04 -42.02
C ASN A 588 43.71 -10.65 -40.55
N ASP A 589 42.67 -10.09 -39.98
CA ASP A 589 42.70 -9.83 -38.54
C ASP A 589 42.74 -11.14 -37.77
N PRO A 590 43.61 -11.28 -36.79
CA PRO A 590 43.81 -12.59 -36.16
C PRO A 590 42.59 -13.12 -35.44
N LEU A 591 41.59 -12.30 -35.14
CA LEU A 591 40.37 -12.84 -34.57
C LEU A 591 39.62 -13.76 -35.52
N LEU A 592 39.76 -13.58 -36.82
CA LEU A 592 39.25 -14.56 -37.77
C LEU A 592 40.18 -15.76 -37.95
N SER A 593 41.47 -15.59 -37.69
CA SER A 593 42.48 -16.62 -37.92
C SER A 593 42.67 -17.54 -36.74
N ALA A 594 42.36 -17.09 -35.53
CA ALA A 594 42.63 -17.84 -34.32
C ALA A 594 41.60 -18.93 -34.09
N SER A 595 41.97 -19.88 -33.23
CA SER A 595 41.05 -20.88 -32.72
C SER A 595 40.68 -20.49 -31.28
N LEU A 596 39.39 -20.38 -31.00
CA LEU A 596 38.93 -19.76 -29.77
C LEU A 596 38.32 -20.72 -28.75
N GLY A 597 37.96 -21.93 -29.14
CA GLY A 597 37.16 -22.78 -28.26
C GLY A 597 37.73 -23.00 -26.87
N LYS A 598 39.05 -22.96 -26.74
CA LYS A 598 39.68 -23.14 -25.44
C LYS A 598 39.70 -21.89 -24.56
N LEU A 599 39.50 -20.69 -25.12
CA LEU A 599 39.77 -19.47 -24.39
C LEU A 599 38.61 -19.09 -23.49
N THR A 600 38.91 -18.19 -22.54
CA THR A 600 37.92 -17.62 -21.63
C THR A 600 38.18 -16.13 -21.50
N ALA A 601 37.16 -15.42 -21.01
CA ALA A 601 37.26 -13.98 -20.81
C ALA A 601 38.24 -13.62 -19.69
N LYS A 602 38.80 -12.42 -19.80
CA LYS A 602 39.57 -11.83 -18.70
C LYS A 602 38.67 -11.52 -17.51
N SER A 615 29.08 11.27 -3.79
CA SER A 615 28.27 12.45 -3.55
C SER A 615 28.83 13.32 -2.43
N ASN A 616 28.60 14.62 -2.53
CA ASN A 616 28.98 15.56 -1.50
C ASN A 616 27.80 16.43 -1.11
N PRO A 617 27.76 16.88 0.14
CA PRO A 617 26.58 17.56 0.64
C PRO A 617 26.39 18.91 -0.02
N LEU A 618 25.16 19.40 0.03
CA LEU A 618 24.91 20.76 -0.38
C LEU A 618 25.64 21.73 0.56
N PRO A 619 26.29 22.74 0.03
CA PRO A 619 26.78 23.82 0.87
C PRO A 619 25.65 24.43 1.68
N THR A 620 25.98 24.94 2.87
CA THR A 620 24.95 25.49 3.74
C THR A 620 24.24 26.70 3.14
N ASN A 621 24.95 27.49 2.36
CA ASN A 621 24.34 28.67 1.76
C ASN A 621 23.55 28.37 0.50
N HIS A 622 23.46 27.13 0.09
CA HIS A 622 22.97 26.85 -1.24
C HIS A 622 21.47 27.12 -1.32
N PRO A 623 20.99 27.68 -2.44
CA PRO A 623 19.59 28.10 -2.52
C PRO A 623 18.59 26.98 -2.38
N THR A 624 18.91 25.80 -2.89
CA THR A 624 18.04 24.63 -2.82
C THR A 624 18.11 23.92 -1.49
N GLN A 625 18.83 24.46 -0.52
CA GLN A 625 18.97 23.82 0.77
C GLN A 625 17.61 23.64 1.44
N ASP A 626 16.72 24.60 1.26
CA ASP A 626 15.36 24.45 1.79
C ASP A 626 14.58 23.34 1.11
N TYR A 627 14.77 23.14 -0.19
CA TYR A 627 14.11 22.04 -0.88
C TYR A 627 14.72 20.70 -0.54
N ALA A 628 16.03 20.62 -0.45
CA ALA A 628 16.66 19.37 -0.03
C ALA A 628 16.14 18.93 1.34
N ARG A 629 15.92 19.88 2.24
CA ARG A 629 15.41 19.55 3.55
C ARG A 629 14.03 18.90 3.51
N LEU A 630 13.17 19.26 2.56
CA LEU A 630 11.90 18.55 2.42
C LEU A 630 12.12 17.10 2.01
N ILE A 631 13.07 16.84 1.13
CA ILE A 631 13.34 15.48 0.65
C ILE A 631 13.93 14.63 1.75
N GLU A 632 14.87 15.16 2.51
CA GLU A 632 15.47 14.42 3.61
C GLU A 632 14.46 14.00 4.66
N LYS A 633 13.62 14.91 5.13
CA LYS A 633 12.64 14.52 6.13
C LYS A 633 11.78 13.37 5.64
N ALA A 634 11.42 13.39 4.36
CA ALA A 634 10.64 12.29 3.81
C ALA A 634 11.40 10.99 3.84
N ALA A 635 12.68 11.01 3.47
CA ALA A 635 13.49 9.80 3.52
C ALA A 635 13.76 9.33 4.94
N TRP A 636 13.89 10.25 5.89
CA TRP A 636 14.07 9.88 7.29
C TRP A 636 12.80 9.31 7.89
N ARG A 637 11.67 9.95 7.65
CA ARG A 637 10.41 9.48 8.21
C ARG A 637 10.12 8.05 7.81
N GLU A 638 10.27 7.74 6.53
CA GLU A 638 10.02 6.37 6.07
C GLU A 638 11.05 5.39 6.59
N ALA A 639 12.29 5.80 6.78
CA ALA A 639 13.29 4.94 7.39
C ALA A 639 12.94 4.63 8.82
N ILE A 640 12.55 5.63 9.58
CA ILE A 640 12.14 5.42 10.98
C ILE A 640 10.92 4.52 11.06
N GLN A 641 9.92 4.75 10.21
CA GLN A 641 8.73 3.90 10.23
C GLN A 641 9.05 2.46 9.90
N ASN A 642 9.87 2.23 8.88
CA ASN A 642 10.24 0.87 8.52
C ASN A 642 11.04 0.19 9.61
N LYS A 643 12.03 0.88 10.17
CA LYS A 643 12.83 0.28 11.23
C LYS A 643 12.01 -0.01 12.47
N ALA A 644 11.09 0.89 12.84
CA ALA A 644 10.21 0.63 13.98
C ALA A 644 9.34 -0.59 13.79
N LEU A 645 8.90 -0.87 12.55
CA LEU A 645 8.16 -2.10 12.29
C LEU A 645 9.00 -3.35 12.54
N ALA A 646 10.25 -3.35 12.08
CA ALA A 646 11.13 -4.48 12.28
C ALA A 646 11.44 -4.72 13.75
N LEU A 647 11.76 -3.67 14.50
CA LEU A 647 12.09 -3.82 15.90
C LEU A 647 10.94 -4.31 16.76
N ALA A 648 9.71 -3.94 16.44
CA ALA A 648 8.56 -4.47 17.15
C ALA A 648 8.30 -5.94 16.88
N SER A 649 8.87 -6.48 15.81
CA SER A 649 8.50 -7.84 15.41
C SER A 649 9.07 -8.90 16.32
N SER A 650 10.04 -8.55 17.17
CA SER A 650 10.75 -9.54 17.96
C SER A 650 10.56 -9.21 19.42
N ARG A 651 10.20 -10.22 20.19
CA ARG A 651 9.86 -10.05 21.59
C ARG A 651 11.05 -9.69 22.46
N ALA A 652 12.24 -10.09 22.07
CA ALA A 652 13.43 -9.65 22.80
C ALA A 652 13.65 -8.16 22.67
N LYS A 653 13.35 -7.57 21.51
CA LYS A 653 13.54 -6.13 21.32
C LYS A 653 12.48 -5.30 22.01
N ARG A 654 11.21 -5.72 21.99
CA ARG A 654 10.23 -4.97 22.76
C ARG A 654 10.60 -4.98 24.23
N GLU A 655 11.14 -6.08 24.73
CA GLU A 655 11.61 -6.16 26.10
C GLU A 655 12.86 -5.32 26.36
N GLU A 656 13.80 -5.31 25.42
CA GLU A 656 14.95 -4.42 25.55
C GLU A 656 14.51 -2.97 25.61
N ILE A 657 13.63 -2.55 24.71
CA ILE A 657 13.37 -1.14 24.54
C ILE A 657 12.44 -0.60 25.61
N LEU A 658 11.32 -1.29 25.88
CA LEU A 658 10.39 -0.82 26.90
C LEU A 658 10.24 -1.73 28.13
N GLY A 659 10.83 -2.90 28.16
CA GLY A 659 10.69 -3.79 29.30
C GLY A 659 9.45 -4.64 29.27
N ILE A 660 8.53 -4.37 28.36
CA ILE A 660 7.30 -5.14 28.21
C ILE A 660 7.61 -6.59 27.91
N LYS A 661 6.80 -7.50 28.45
CA LYS A 661 6.98 -8.91 28.08
C LYS A 661 5.69 -9.70 28.19
N ILE A 662 5.70 -10.87 27.58
CA ILE A 662 4.60 -11.84 27.63
C ILE A 662 5.04 -12.98 28.53
N MET A 663 4.19 -13.38 29.45
CA MET A 663 4.49 -14.51 30.33
C MET A 663 3.28 -15.43 30.38
N GLY A 664 3.36 -16.53 29.63
CA GLY A 664 2.18 -17.34 29.37
C GLY A 664 1.12 -16.58 28.61
N LYS A 665 -0.11 -16.61 29.11
CA LYS A 665 -1.17 -15.79 28.59
C LYS A 665 -1.13 -14.34 29.07
N ASP A 666 -0.37 -14.05 30.11
CA ASP A 666 -0.37 -12.72 30.72
C ASP A 666 0.51 -11.75 29.97
N SER A 667 0.12 -10.47 30.04
CA SER A 667 0.90 -9.37 29.49
C SER A 667 1.46 -8.55 30.65
N GLN A 668 2.74 -8.18 30.54
CA GLN A 668 3.39 -7.33 31.53
C GLN A 668 3.78 -5.99 30.94
N PRO A 669 3.19 -4.88 31.40
CA PRO A 669 1.98 -4.84 32.20
C PRO A 669 0.75 -5.18 31.38
N THR A 670 -0.43 -5.05 31.95
CA THR A 670 -1.65 -5.25 31.19
C THR A 670 -1.68 -4.33 29.99
N MET A 671 -2.39 -4.75 28.95
CA MET A 671 -2.51 -3.88 27.78
C MET A 671 -3.14 -2.56 28.14
N THR A 672 -4.01 -2.53 29.14
CA THR A 672 -4.54 -1.27 29.62
C THR A 672 -3.47 -0.34 30.14
N GLN A 673 -2.46 -0.88 30.83
CA GLN A 673 -1.38 -0.03 31.32
C GLN A 673 -0.51 0.49 30.19
N LEU A 674 -0.25 -0.31 29.17
CA LEU A 674 0.42 0.22 27.99
C LEU A 674 -0.43 1.27 27.31
N GLY A 675 -1.72 1.02 27.15
CA GLY A 675 -2.59 2.00 26.53
C GLY A 675 -2.64 3.33 27.25
N GLY A 676 -2.61 3.30 28.57
CA GLY A 676 -2.59 4.53 29.34
C GLY A 676 -1.34 5.37 29.11
N PHE A 677 -0.19 4.71 29.11
CA PHE A 677 1.06 5.39 28.80
C PHE A 677 1.03 5.99 27.40
N ARG A 678 0.65 5.18 26.42
CA ARG A 678 0.56 5.61 25.03
C ARG A 678 -0.32 6.83 24.84
N SER A 679 -1.45 6.91 25.54
CA SER A 679 -2.29 8.09 25.44
C SER A 679 -1.58 9.35 25.88
N VAL A 680 -0.66 9.25 26.84
CA VAL A 680 0.10 10.42 27.25
C VAL A 680 1.16 10.75 26.24
N LEU A 681 1.82 9.74 25.69
CA LEU A 681 2.86 9.96 24.72
C LEU A 681 2.35 10.65 23.46
N LYS A 682 1.05 10.53 23.15
CA LYS A 682 0.45 11.33 22.09
C LYS A 682 0.66 12.83 22.26
N ARG A 683 0.79 13.30 23.48
CA ARG A 683 1.03 14.71 23.74
C ARG A 683 2.48 15.13 23.58
N LEU A 684 3.39 14.18 23.40
CA LEU A 684 4.81 14.48 23.20
C LEU A 684 5.05 14.96 21.77
N HIS A 685 4.69 16.21 21.52
CA HIS A 685 4.95 16.81 20.22
C HIS A 685 6.37 17.32 20.08
N SER A 686 6.98 17.75 21.18
CA SER A 686 8.28 18.38 21.15
C SER A 686 9.05 17.97 22.39
N ARG A 687 10.37 18.18 22.35
CA ARG A 687 11.17 17.85 23.52
C ARG A 687 10.70 18.62 24.74
N ASN A 688 10.28 19.86 24.54
CA ASN A 688 9.77 20.61 25.68
C ASN A 688 8.44 20.09 26.23
N ASN A 689 7.78 19.15 25.56
CA ASN A 689 6.68 18.42 26.16
C ASN A 689 7.13 17.23 27.00
N ARG A 690 8.42 16.91 27.05
CA ARG A 690 8.81 15.74 27.82
C ARG A 690 8.49 15.93 29.28
N ASP A 691 8.22 17.15 29.71
CA ASP A 691 7.63 17.38 31.02
C ASP A 691 6.32 16.64 31.19
N ILE A 692 5.50 16.58 30.14
CA ILE A 692 4.21 15.91 30.23
C ILE A 692 4.38 14.44 30.52
N VAL A 693 5.24 13.76 29.76
CA VAL A 693 5.41 12.32 29.91
C VAL A 693 6.14 11.96 31.20
N THR A 694 7.18 12.69 31.56
CA THR A 694 7.83 12.46 32.84
C THR A 694 6.93 12.79 34.03
N GLY A 695 6.04 13.77 33.87
CA GLY A 695 5.06 14.03 34.92
C GLY A 695 4.10 12.87 35.15
N TYR A 696 3.61 12.26 34.09
CA TYR A 696 2.80 11.06 34.20
C TYR A 696 3.52 9.94 34.94
N LEU A 697 4.78 9.67 34.59
CA LEU A 697 5.53 8.58 35.22
C LEU A 697 5.80 8.82 36.69
N THR A 698 6.10 10.05 37.10
CA THR A 698 6.29 10.29 38.52
C THR A 698 5.00 10.11 39.32
N ALA A 699 3.87 10.57 38.79
CA ALA A 699 2.61 10.35 39.48
C ALA A 699 2.24 8.88 39.54
N LEU A 700 2.53 8.14 38.47
CA LEU A 700 2.38 6.69 38.50
C LEU A 700 3.28 6.05 39.53
N GLU A 701 4.56 6.40 39.49
CA GLU A 701 5.54 5.85 40.40
C GLU A 701 5.23 6.17 41.86
N GLN A 702 4.52 7.26 42.14
CA GLN A 702 4.14 7.63 43.50
C GLN A 702 2.97 6.84 44.09
N VAL A 703 2.21 6.11 43.30
CA VAL A 703 1.04 5.37 43.79
C VAL A 703 1.37 3.90 43.79
N SER A 704 1.40 3.31 44.97
CA SER A 704 2.01 2.00 45.17
C SER A 704 1.34 0.92 44.32
N ASN A 705 0.01 0.89 44.32
CA ASN A 705 -0.71 -0.11 43.52
C ASN A 705 -0.46 0.04 42.04
N ARG A 706 -0.13 1.22 41.55
CA ARG A 706 0.09 1.41 40.13
C ARG A 706 1.52 1.09 39.73
N LYS A 707 2.48 1.48 40.56
CA LYS A 707 3.86 1.09 40.35
C LYS A 707 4.04 -0.43 40.30
N GLU A 708 3.36 -1.15 41.18
CA GLU A 708 3.51 -2.60 41.19
C GLU A 708 2.84 -3.28 40.01
N LYS A 709 1.96 -2.60 39.31
CA LYS A 709 1.45 -3.13 38.05
C LYS A 709 2.58 -3.40 37.06
N TRP A 710 3.63 -2.63 37.12
CA TRP A 710 4.78 -2.73 36.24
C TRP A 710 5.94 -3.53 36.82
N SER A 711 5.83 -4.04 38.04
CA SER A 711 6.71 -5.11 38.44
C SER A 711 6.46 -6.32 37.54
N ASN A 712 7.44 -7.20 37.51
CA ASN A 712 7.56 -8.25 36.50
C ASN A 712 7.75 -7.74 35.09
N THR A 713 7.90 -6.44 34.86
CA THR A 713 8.51 -5.97 33.64
C THR A 713 10.01 -5.83 33.84
N SER A 714 10.74 -5.88 32.74
CA SER A 714 12.17 -5.61 32.75
C SER A 714 12.44 -4.11 32.88
N GLN A 715 12.32 -3.61 34.11
CA GLN A 715 12.64 -2.22 34.43
C GLN A 715 11.80 -1.21 33.67
N GLY A 716 10.58 -1.56 33.32
CA GLY A 716 9.88 -0.84 32.28
C GLY A 716 9.73 0.64 32.53
N LEU A 717 9.40 1.02 33.76
CA LEU A 717 9.24 2.45 34.08
C LEU A 717 10.52 3.26 33.97
N THR A 718 11.67 2.70 34.33
CA THR A 718 12.91 3.44 34.10
C THR A 718 13.25 3.49 32.62
N LYS A 719 12.99 2.42 31.90
CA LYS A 719 13.28 2.41 30.48
C LYS A 719 12.46 3.43 29.73
N ILE A 720 11.21 3.62 30.13
CA ILE A 720 10.40 4.70 29.54
C ILE A 720 10.92 6.06 29.99
N ARG A 721 11.22 6.22 31.27
CA ARG A 721 11.83 7.47 31.72
C ARG A 721 13.07 7.83 30.92
N ASN A 722 13.93 6.85 30.66
CA ASN A 722 15.12 7.11 29.86
C ASN A 722 14.79 7.46 28.43
N LEU A 723 13.94 6.67 27.78
CA LEU A 723 13.65 6.91 26.38
C LEU A 723 13.13 8.31 26.14
N VAL A 724 12.33 8.83 27.06
CA VAL A 724 11.78 10.17 26.93
C VAL A 724 12.75 11.26 27.35
N THR A 725 13.62 11.02 28.33
CA THR A 725 14.45 12.09 28.86
C THR A 725 15.87 12.10 28.36
N GLN A 726 16.36 11.01 27.76
CA GLN A 726 17.68 10.97 27.16
C GLN A 726 17.53 11.14 25.66
N GLU A 727 17.94 12.29 25.14
CA GLU A 727 17.69 12.64 23.76
C GLU A 727 18.48 11.79 22.77
N ASN A 728 19.57 11.16 23.17
CA ASN A 728 20.32 10.28 22.29
C ASN A 728 19.72 8.90 22.15
N LEU A 729 18.86 8.48 23.08
CA LEU A 729 18.56 7.06 23.23
C LEU A 729 17.67 6.51 22.13
N ILE A 730 16.72 7.28 21.64
CA ILE A 730 15.88 6.78 20.55
C ILE A 730 16.69 6.41 19.33
N TRP A 731 17.69 7.20 18.99
CA TRP A 731 18.49 6.93 17.81
C TRP A 731 19.38 5.72 17.96
N ASN A 732 19.81 5.41 19.18
CA ASN A 732 20.58 4.19 19.39
C ASN A 732 19.73 2.94 19.29
N HIS A 733 18.47 2.99 19.71
CA HIS A 733 17.60 1.83 19.53
C HIS A 733 17.19 1.65 18.07
N LEU A 734 16.80 2.72 17.40
CA LEU A 734 16.50 2.61 15.98
C LEU A 734 17.72 2.14 15.21
N ASP A 735 18.88 2.66 15.55
CA ASP A 735 20.14 2.26 14.94
C ASP A 735 20.08 2.29 13.42
N ILE A 736 19.73 3.44 12.88
CA ILE A 736 19.63 3.64 11.45
C ILE A 736 20.89 4.37 11.01
N ASP A 737 21.52 3.89 9.93
CA ASP A 737 22.57 4.67 9.27
C ASP A 737 21.91 5.73 8.41
N PHE A 738 21.87 6.96 8.92
CA PHE A 738 21.28 8.07 8.19
C PHE A 738 22.16 8.67 7.11
N SER A 739 23.39 8.20 6.93
CA SER A 739 24.25 8.83 5.93
C SER A 739 23.69 8.75 4.52
N PRO A 740 23.11 7.64 4.07
CA PRO A 740 22.43 7.63 2.77
C PRO A 740 21.13 8.41 2.72
N LEU A 741 20.65 8.96 3.84
CA LEU A 741 19.36 9.62 3.90
C LEU A 741 19.47 11.11 4.06
N THR A 742 20.65 11.69 3.94
CA THR A 742 20.83 13.11 4.16
C THR A 742 21.76 13.67 3.10
N ILE A 743 21.54 14.93 2.74
CA ILE A 743 22.28 15.57 1.65
C ILE A 743 22.64 16.99 2.03
N THR A 744 21.98 17.52 3.06
CA THR A 744 22.31 18.82 3.56
C THR A 744 23.46 18.72 4.54
N GLN A 745 24.40 19.65 4.44
CA GLN A 745 25.43 19.79 5.44
C GLN A 745 24.84 20.18 6.78
N ASN A 746 25.31 19.55 7.85
CA ASN A 746 24.69 19.62 9.16
C ASN A 746 23.28 19.08 9.17
N GLY A 747 22.92 18.29 8.18
CA GLY A 747 21.57 17.77 8.13
C GLY A 747 21.29 16.76 9.23
N VAL A 748 22.27 15.94 9.58
CA VAL A 748 22.03 14.87 10.55
C VAL A 748 21.67 15.43 11.91
N ASN A 749 22.47 16.36 12.44
CA ASN A 749 22.16 16.92 13.74
C ASN A 749 20.86 17.71 13.76
N GLN A 750 20.57 18.46 12.70
CA GLN A 750 19.31 19.17 12.63
C GLN A 750 18.12 18.22 12.59
N LEU A 751 18.13 17.26 11.67
CA LEU A 751 17.00 16.36 11.55
C LEU A 751 16.80 15.52 12.79
N LYS A 752 17.88 15.08 13.43
CA LYS A 752 17.71 14.39 14.71
C LYS A 752 16.98 15.26 15.72
N SER A 753 17.36 16.52 15.85
CA SER A 753 16.65 17.35 16.82
C SER A 753 15.20 17.58 16.42
N GLU A 754 14.91 17.68 15.13
CA GLU A 754 13.54 17.94 14.71
C GLU A 754 12.67 16.71 14.85
N LEU A 755 13.11 15.57 14.34
CA LEU A 755 12.31 14.37 14.29
C LEU A 755 12.36 13.54 15.56
N TRP A 756 13.03 14.00 16.61
CA TRP A 756 13.17 13.20 17.81
C TRP A 756 11.82 12.75 18.36
N ALA A 757 10.94 13.70 18.63
CA ALA A 757 9.68 13.34 19.28
C ALA A 757 8.86 12.42 18.41
N GLU A 758 8.90 12.63 17.11
CA GLU A 758 8.19 11.74 16.20
C GLU A 758 8.76 10.33 16.19
N ALA A 759 10.07 10.19 16.26
CA ALA A 759 10.67 8.87 16.34
C ALA A 759 10.28 8.14 17.60
N VAL A 760 10.26 8.84 18.74
CA VAL A 760 9.83 8.24 19.99
C VAL A 760 8.39 7.77 19.91
N ARG A 761 7.49 8.62 19.43
CA ARG A 761 6.10 8.22 19.23
C ARG A 761 5.97 7.05 18.25
N THR A 762 6.71 7.07 17.15
CA THR A 762 6.62 5.98 16.18
C THR A 762 7.10 4.66 16.76
N LEU A 763 8.23 4.66 17.46
CA LEU A 763 8.77 3.41 17.99
C LEU A 763 7.90 2.84 19.10
N VAL A 764 7.39 3.67 19.99
CA VAL A 764 6.51 3.21 21.05
C VAL A 764 5.19 2.71 20.49
N ASP A 765 4.66 3.39 19.48
CA ASP A 765 3.45 2.96 18.80
C ASP A 765 3.62 1.59 18.16
N ALA A 766 4.74 1.39 17.45
CA ALA A 766 5.05 0.11 16.82
C ALA A 766 5.22 -1.01 17.83
N ILE A 767 5.96 -0.76 18.91
CA ILE A 767 6.21 -1.78 19.90
C ILE A 767 4.94 -2.26 20.56
N ILE A 768 4.06 -1.33 20.93
CA ILE A 768 2.82 -1.76 21.59
C ILE A 768 1.92 -2.52 20.63
N ARG A 769 1.86 -2.11 19.37
CA ARG A 769 1.10 -2.89 18.39
C ARG A 769 1.66 -4.29 18.25
N GLY A 770 2.98 -4.39 18.04
CA GLY A 770 3.59 -5.70 17.90
C GLY A 770 3.44 -6.57 19.12
N HIS A 771 3.51 -5.97 20.30
CA HIS A 771 3.24 -6.67 21.54
C HIS A 771 1.85 -7.25 21.56
N LYS A 772 0.84 -6.43 21.28
CA LYS A 772 -0.54 -6.89 21.38
C LYS A 772 -0.83 -8.02 20.42
N ARG A 773 -0.34 -7.94 19.20
CA ARG A 773 -0.59 -9.00 18.23
C ARG A 773 0.27 -10.24 18.41
N ASP A 774 1.24 -10.22 19.31
CA ASP A 774 1.85 -11.46 19.79
C ASP A 774 1.15 -11.96 21.04
N LEU A 775 0.69 -11.06 21.87
CA LEU A 775 -0.15 -11.42 22.99
C LEU A 775 -1.38 -12.19 22.54
N GLU A 776 -1.99 -11.78 21.44
CA GLU A 776 -3.12 -12.53 20.88
C GLU A 776 -2.76 -13.96 20.53
N LYS A 777 -1.52 -14.21 20.10
CA LYS A 777 -1.11 -15.57 19.79
C LYS A 777 -0.95 -16.42 21.05
N ALA A 778 -0.32 -15.89 22.08
CA ALA A 778 -0.17 -16.65 23.32
C ALA A 778 -1.51 -16.85 23.99
N GLN A 779 -2.37 -15.84 23.92
CA GLN A 779 -3.75 -15.97 24.35
C GLN A 779 -4.45 -17.11 23.62
N GLU A 780 -4.38 -17.11 22.30
CA GLU A 780 -5.07 -18.12 21.49
C GLU A 780 -4.28 -19.41 21.37
N ASN A 781 -3.77 -19.91 22.48
CA ASN A 781 -3.22 -21.26 22.54
C ASN A 781 -3.95 -22.04 23.62
N LYS B 9 13.92 -16.05 -73.03
CA LYS B 9 13.76 -14.61 -73.20
C LYS B 9 15.02 -13.90 -72.77
N ASN B 10 15.45 -12.90 -73.54
CA ASN B 10 16.66 -12.16 -73.22
C ASN B 10 16.34 -10.75 -72.75
N LEU B 11 16.95 -10.34 -71.64
CA LEU B 11 17.09 -8.93 -71.27
C LEU B 11 18.48 -8.50 -71.74
N TYR B 12 18.53 -7.65 -72.76
CA TYR B 12 19.79 -7.12 -73.27
C TYR B 12 20.31 -5.98 -72.42
N HIS B 13 21.63 -5.91 -72.24
CA HIS B 13 22.26 -4.78 -71.56
C HIS B 13 23.59 -4.44 -72.17
N TYR B 14 23.86 -3.14 -72.31
CA TYR B 14 25.01 -2.62 -73.03
C TYR B 14 25.86 -1.79 -72.08
N HIS B 15 27.16 -2.08 -72.00
CA HIS B 15 28.04 -1.39 -71.06
C HIS B 15 29.06 -0.54 -71.78
N GLN B 16 29.31 0.63 -71.25
CA GLN B 16 30.42 1.47 -71.67
C GLN B 16 31.02 2.15 -70.46
N TYR B 17 32.35 2.27 -70.45
CA TYR B 17 33.12 2.68 -69.28
C TYR B 17 33.94 3.93 -69.58
N GLU B 18 34.20 4.69 -68.53
CA GLU B 18 34.89 5.97 -68.62
C GLU B 18 34.17 6.97 -69.52
N ILE B 19 32.86 7.04 -69.36
CA ILE B 19 31.99 7.89 -70.16
C ILE B 19 31.37 8.93 -69.23
N THR B 20 31.32 10.19 -69.65
CA THR B 20 30.66 11.23 -68.89
C THR B 20 29.16 11.21 -69.15
N LEU B 21 28.38 11.70 -68.19
CA LEU B 21 26.93 11.62 -68.32
C LEU B 21 26.42 12.37 -69.53
N GLU B 22 26.92 13.58 -69.75
CA GLU B 22 26.57 14.32 -70.95
C GLU B 22 26.86 13.50 -72.19
N SER B 23 27.95 12.73 -72.17
CA SER B 23 28.31 11.91 -73.31
C SER B 23 27.51 10.62 -73.41
N ALA B 24 27.16 10.02 -72.27
CA ALA B 24 26.34 8.82 -72.27
C ALA B 24 24.93 9.11 -72.80
N VAL B 25 24.30 10.16 -72.33
CA VAL B 25 22.99 10.54 -72.83
C VAL B 25 23.05 10.82 -74.32
N ASP B 26 24.08 11.53 -74.76
CA ASP B 26 24.27 11.80 -76.18
C ASP B 26 24.43 10.53 -77.01
N SER B 27 25.15 9.54 -76.50
CA SER B 27 25.34 8.31 -77.26
C SER B 27 24.06 7.51 -77.43
N CYS B 28 23.20 7.49 -76.43
CA CYS B 28 21.98 6.71 -76.46
C CYS B 28 20.77 7.46 -77.02
N LYS B 29 20.92 8.73 -77.39
CA LYS B 29 19.77 9.59 -77.66
C LYS B 29 18.77 8.99 -78.64
N ASN B 30 19.23 8.23 -79.62
CA ASN B 30 18.28 7.62 -80.55
C ASN B 30 17.27 6.73 -79.84
N HIS B 31 17.65 6.14 -78.72
CA HIS B 31 16.78 5.21 -77.99
C HIS B 31 16.07 5.82 -76.79
N LEU B 32 16.59 6.91 -76.22
CA LEU B 32 16.00 7.58 -75.07
C LEU B 32 15.03 8.69 -75.46
N GLN B 33 14.44 8.65 -76.64
CA GLN B 33 13.48 9.65 -77.04
C GLN B 33 12.32 9.76 -76.06
N ALA B 34 11.98 10.99 -75.71
CA ALA B 34 10.98 11.28 -74.70
C ALA B 34 11.28 10.66 -73.34
N ALA B 35 12.51 10.22 -73.13
CA ALA B 35 12.83 9.55 -71.87
C ALA B 35 12.67 10.51 -70.70
N ILE B 36 12.01 10.05 -69.65
CA ILE B 36 12.06 10.70 -68.36
C ILE B 36 13.40 10.44 -67.71
N GLY B 37 13.93 11.41 -66.99
CA GLY B 37 15.20 11.24 -66.33
C GLY B 37 15.13 11.62 -64.86
N LEU B 38 16.04 11.06 -64.10
CA LEU B 38 16.08 11.26 -62.67
C LEU B 38 17.55 11.42 -62.27
N LEU B 39 17.94 12.63 -61.96
CA LEU B 39 19.34 12.99 -61.79
C LEU B 39 19.62 13.21 -60.31
N TYR B 40 20.66 12.58 -59.79
CA TYR B 40 21.03 12.71 -58.39
C TYR B 40 22.23 13.61 -58.28
N SER B 41 22.11 14.64 -57.48
CA SER B 41 23.15 15.61 -57.18
C SER B 41 23.18 15.80 -55.68
N PRO B 42 24.31 16.25 -55.14
CA PRO B 42 24.39 16.45 -53.69
C PRO B 42 23.36 17.41 -53.12
N GLN B 43 22.92 18.40 -53.89
CA GLN B 43 21.93 19.34 -53.39
C GLN B 43 20.50 18.96 -53.70
N LYS B 44 20.22 18.35 -54.85
CA LYS B 44 18.83 18.10 -55.24
C LYS B 44 18.72 16.89 -56.15
N CYS B 45 17.53 16.31 -56.17
CA CYS B 45 17.16 15.21 -57.06
C CYS B 45 16.14 15.72 -58.07
N GLU B 46 16.51 15.68 -59.35
CA GLU B 46 15.78 16.38 -60.40
C GLU B 46 15.13 15.36 -61.33
N LEU B 47 13.84 15.50 -61.55
CA LEU B 47 13.22 14.94 -62.73
C LEU B 47 13.53 15.81 -63.94
N VAL B 48 13.75 15.18 -65.08
CA VAL B 48 13.96 15.88 -66.33
C VAL B 48 13.22 15.11 -67.41
N LYS B 49 12.99 15.76 -68.55
CA LYS B 49 12.48 15.04 -69.70
C LYS B 49 13.27 15.41 -70.94
N LEU B 50 13.72 14.40 -71.65
CA LEU B 50 14.28 14.60 -72.98
C LEU B 50 13.17 14.84 -73.99
N ASP B 51 13.47 15.65 -75.00
CA ASP B 51 12.49 15.87 -76.04
C ASP B 51 12.39 14.64 -76.94
N ASN B 52 11.51 14.70 -77.94
CA ASN B 52 11.33 13.60 -78.88
C ASN B 52 12.52 13.34 -79.77
N SER B 53 13.51 14.22 -79.79
CA SER B 53 14.77 13.87 -80.43
C SER B 53 15.72 13.14 -79.48
N GLY B 54 15.42 13.15 -78.19
CA GLY B 54 16.27 12.53 -77.20
C GLY B 54 17.30 13.43 -76.58
N LYS B 55 17.08 14.75 -76.57
CA LYS B 55 18.06 15.71 -76.10
C LYS B 55 17.49 16.50 -74.93
N LEU B 56 18.38 16.93 -74.05
CA LEU B 56 18.03 17.80 -72.94
C LEU B 56 18.45 19.21 -73.31
N VAL B 57 17.53 20.16 -73.17
CA VAL B 57 17.68 21.48 -73.75
C VAL B 57 18.91 22.23 -73.25
N ASP B 58 19.41 21.91 -72.07
CA ASP B 58 20.58 22.58 -71.51
C ASP B 58 21.61 21.55 -71.08
N SER B 59 21.77 20.50 -71.88
CA SER B 59 22.36 19.27 -71.40
C SER B 59 23.72 19.48 -70.73
N TYR B 60 24.61 20.24 -71.35
CA TYR B 60 25.94 20.38 -70.76
C TYR B 60 25.93 20.96 -69.36
N ASN B 61 25.26 22.09 -69.18
CA ASN B 61 25.27 22.71 -67.86
C ASN B 61 24.39 21.97 -66.85
N ARG B 62 23.42 21.19 -67.32
CA ARG B 62 22.64 20.34 -66.43
C ARG B 62 23.40 19.09 -66.02
N LEU B 63 24.12 18.48 -66.94
CA LEU B 63 24.70 17.16 -66.74
C LEU B 63 26.18 17.20 -66.41
N LYS B 64 26.80 18.37 -66.32
CA LYS B 64 28.16 18.44 -65.81
C LYS B 64 28.21 17.95 -64.37
N PHE B 65 29.38 17.43 -63.99
CA PHE B 65 29.67 16.93 -62.65
C PHE B 65 30.34 17.97 -61.76
N ASN B 66 31.13 18.85 -62.35
CA ASN B 66 32.26 19.47 -61.67
C ASN B 66 31.89 20.25 -60.42
N ASN B 67 30.73 20.90 -60.37
CA ASN B 67 30.42 21.74 -59.21
C ASN B 67 29.06 21.37 -58.61
N LEU B 68 29.09 20.43 -57.66
CA LEU B 68 27.89 19.85 -57.06
C LEU B 68 26.98 19.26 -58.13
N GLY B 69 27.59 18.75 -59.19
CA GLY B 69 26.83 18.23 -60.31
C GLY B 69 26.20 16.89 -60.00
N VAL B 70 25.53 16.37 -61.02
CA VAL B 70 24.90 15.06 -60.95
C VAL B 70 25.95 13.96 -60.96
N PHE B 71 25.81 13.03 -60.02
CA PHE B 71 26.71 11.90 -59.88
C PHE B 71 26.09 10.58 -60.27
N GLU B 72 24.77 10.50 -60.37
CA GLU B 72 24.05 9.32 -60.81
C GLU B 72 22.81 9.75 -61.56
N ALA B 73 22.42 8.97 -62.57
CA ALA B 73 21.24 9.30 -63.36
C ALA B 73 20.56 8.02 -63.81
N ARG B 74 19.25 8.10 -64.00
CA ARG B 74 18.47 7.06 -64.66
C ARG B 74 17.63 7.71 -65.73
N PHE B 75 17.60 7.11 -66.92
CA PHE B 75 16.73 7.60 -67.98
C PHE B 75 15.92 6.44 -68.51
N PHE B 76 14.61 6.63 -68.64
CA PHE B 76 13.75 5.52 -69.02
C PHE B 76 12.63 5.97 -69.93
N ASN B 77 12.25 5.08 -70.85
CA ASN B 77 11.04 5.20 -71.66
C ASN B 77 10.49 3.80 -71.90
N LEU B 78 9.53 3.67 -72.82
CA LEU B 78 8.94 2.38 -73.11
C LEU B 78 9.98 1.32 -73.43
N ASN B 79 10.92 1.64 -74.30
CA ASN B 79 11.79 0.61 -74.85
C ASN B 79 13.04 0.32 -74.02
N CYS B 80 13.59 1.29 -73.30
CA CYS B 80 14.84 1.01 -72.61
C CYS B 80 14.99 1.93 -71.40
N GLU B 81 15.99 1.61 -70.58
CA GLU B 81 16.45 2.47 -69.50
C GLU B 81 17.96 2.60 -69.55
N LEU B 82 18.47 3.82 -69.50
CA LEU B 82 19.87 4.09 -69.30
C LEU B 82 20.16 4.38 -67.83
N ARG B 83 21.19 3.76 -67.29
CA ARG B 83 21.71 4.06 -65.97
C ARG B 83 23.15 4.52 -66.09
N TRP B 84 23.52 5.47 -65.27
CA TRP B 84 24.89 5.95 -65.26
C TRP B 84 25.25 6.23 -63.83
N VAL B 85 26.48 5.92 -63.44
CA VAL B 85 26.96 6.28 -62.12
C VAL B 85 28.42 6.67 -62.24
N ASN B 86 28.78 7.73 -61.54
CA ASN B 86 30.14 8.27 -61.53
C ASN B 86 31.14 7.33 -60.86
N GLU B 87 32.36 7.33 -61.36
CA GLU B 87 33.40 6.48 -60.81
C GLU B 87 34.74 7.18 -60.62
N SER B 88 35.02 8.26 -61.34
CA SER B 88 36.21 9.05 -61.04
C SER B 88 36.04 10.41 -61.68
N ASN B 89 35.82 11.43 -60.86
CA ASN B 89 35.87 12.82 -61.28
C ASN B 89 34.98 13.11 -62.49
N GLY B 90 33.83 12.47 -62.53
CA GLY B 90 32.89 12.66 -63.62
C GLY B 90 32.92 11.66 -64.75
N ASN B 91 33.89 10.76 -64.78
CA ASN B 91 33.84 9.59 -65.66
C ASN B 91 33.08 8.47 -64.97
N GLY B 92 32.13 7.86 -65.68
CA GLY B 92 31.33 6.84 -65.05
C GLY B 92 31.12 5.58 -65.86
N THR B 93 30.18 4.74 -65.44
CA THR B 93 29.74 3.60 -66.23
C THR B 93 28.34 3.84 -66.78
N ALA B 94 28.15 3.61 -68.06
CA ALA B 94 26.82 3.55 -68.65
C ALA B 94 26.41 2.11 -68.84
N VAL B 95 25.18 1.80 -68.48
CA VAL B 95 24.55 0.53 -68.82
C VAL B 95 23.15 0.83 -69.32
N LEU B 96 22.85 0.40 -70.54
CA LEU B 96 21.53 0.55 -71.11
C LEU B 96 20.86 -0.81 -71.17
N LEU B 97 19.65 -0.93 -70.63
CA LEU B 97 18.93 -2.19 -70.56
C LEU B 97 17.71 -2.15 -71.45
N SER B 98 17.56 -3.15 -72.29
CA SER B 98 16.54 -3.11 -73.33
C SER B 98 15.91 -4.48 -73.50
N GLU B 99 14.61 -4.47 -73.79
CA GLU B 99 13.92 -5.67 -74.25
C GLU B 99 14.30 -6.02 -75.67
N SER B 100 14.72 -5.03 -76.44
CA SER B 100 15.06 -5.21 -77.85
C SER B 100 16.56 -5.25 -78.00
N ASP B 101 17.04 -6.15 -78.85
CA ASP B 101 18.40 -6.07 -79.34
C ASP B 101 18.55 -4.86 -80.24
N ILE B 102 19.49 -3.99 -79.90
CA ILE B 102 19.68 -2.73 -80.59
C ILE B 102 21.15 -2.52 -80.87
N THR B 103 21.46 -1.90 -81.99
CA THR B 103 22.81 -1.46 -82.29
C THR B 103 23.16 -0.24 -81.47
N LEU B 104 24.25 -0.31 -80.72
CA LEU B 104 24.81 0.86 -80.07
C LEU B 104 26.29 0.89 -80.37
N THR B 105 26.79 2.05 -80.80
CA THR B 105 28.19 2.18 -81.10
C THR B 105 28.98 2.32 -79.82
N GLY B 106 30.11 1.62 -79.78
CA GLY B 106 31.03 1.65 -78.65
C GLY B 106 30.56 0.88 -77.44
N PHE B 107 29.27 0.84 -77.18
CA PHE B 107 28.76 0.02 -76.10
C PHE B 107 29.08 -1.44 -76.36
N GLU B 108 29.54 -2.16 -75.33
CA GLU B 108 29.66 -3.61 -75.34
C GLU B 108 28.31 -4.25 -75.06
N LYS B 109 27.78 -5.00 -76.02
CA LYS B 109 26.53 -5.73 -75.79
C LYS B 109 26.72 -6.96 -74.93
N GLY B 110 25.73 -7.23 -74.08
CA GLY B 110 25.57 -8.52 -73.45
C GLY B 110 24.09 -8.81 -73.25
N LEU B 111 23.80 -9.98 -72.70
CA LEU B 111 22.41 -10.27 -72.34
C LEU B 111 22.39 -11.31 -71.23
N GLN B 112 21.26 -11.41 -70.56
CA GLN B 112 20.93 -12.53 -69.69
C GLN B 112 19.49 -12.99 -69.92
N GLU B 113 19.29 -14.30 -69.93
CA GLU B 113 17.94 -14.85 -69.98
C GLU B 113 17.17 -14.58 -68.70
N PHE B 114 15.86 -14.41 -68.83
CA PHE B 114 14.97 -14.36 -67.69
C PHE B 114 13.76 -15.25 -67.93
N ILE B 115 13.23 -15.80 -66.84
CA ILE B 115 12.07 -16.69 -66.93
C ILE B 115 10.79 -15.90 -67.21
N THR B 116 10.51 -14.88 -66.42
CA THR B 116 9.29 -14.10 -66.60
C THR B 116 9.54 -12.69 -66.10
N ALA B 117 8.78 -11.74 -66.66
CA ALA B 117 8.77 -10.37 -66.14
C ALA B 117 7.40 -10.02 -65.62
N ILE B 118 7.34 -9.52 -64.40
CA ILE B 118 6.10 -9.12 -63.75
C ILE B 118 6.11 -7.61 -63.58
N ASP B 119 5.01 -6.97 -63.94
CA ASP B 119 4.85 -5.53 -63.79
C ASP B 119 4.74 -5.10 -62.34
N GLN B 120 5.22 -3.90 -62.04
CA GLN B 120 5.11 -3.28 -60.72
C GLN B 120 4.75 -1.81 -60.84
N GLN B 121 4.28 -1.25 -59.72
CA GLN B 121 3.87 0.12 -59.63
C GLN B 121 4.48 0.73 -58.39
N TYR B 122 4.88 1.99 -58.46
CA TYR B 122 5.31 2.75 -57.30
C TYR B 122 4.52 4.04 -57.23
N LEU B 123 3.81 4.24 -56.14
CA LEU B 123 3.02 5.45 -55.96
C LEU B 123 3.93 6.66 -55.75
N LEU B 124 3.80 7.68 -56.59
CA LEU B 124 4.55 8.92 -56.36
C LEU B 124 3.96 9.74 -55.22
N TRP B 125 4.78 10.61 -54.66
CA TRP B 125 4.36 11.48 -53.56
C TRP B 125 3.22 12.41 -53.91
N GLY B 126 2.18 12.38 -53.10
CA GLY B 126 1.18 13.43 -53.07
C GLY B 126 0.10 13.38 -54.14
N GLU B 127 -0.86 14.28 -53.95
CA GLU B 127 -2.02 14.52 -54.78
C GLU B 127 -1.77 15.70 -55.70
N PRO B 128 -2.58 15.88 -56.73
CA PRO B 128 -2.41 17.03 -57.60
C PRO B 128 -2.55 18.36 -56.90
N ALA B 129 -1.65 19.27 -57.23
CA ALA B 129 -1.63 20.58 -56.62
C ALA B 129 -2.63 21.49 -57.29
N GLY B 137 4.05 18.80 -71.25
CA GLY B 137 3.97 19.74 -70.16
C GLY B 137 4.44 19.16 -68.85
N TRP B 138 4.22 19.92 -67.79
CA TRP B 138 4.61 19.55 -66.43
C TRP B 138 3.41 19.73 -65.53
N GLN B 139 3.18 18.78 -64.64
CA GLN B 139 2.18 18.88 -63.59
C GLN B 139 2.87 18.98 -62.25
N ARG B 140 2.09 19.30 -61.24
CA ARG B 140 2.57 19.39 -59.87
C ARG B 140 1.75 18.50 -58.95
N LEU B 141 2.44 17.58 -58.29
CA LEU B 141 1.93 16.89 -57.13
C LEU B 141 2.34 17.67 -55.89
N ALA B 142 1.61 17.48 -54.80
CA ALA B 142 2.03 18.12 -53.56
C ALA B 142 1.61 17.26 -52.39
N GLU B 143 2.45 17.24 -51.36
CA GLU B 143 2.12 16.66 -50.07
C GLU B 143 2.75 17.46 -48.95
N ALA B 144 2.00 17.69 -47.87
CA ALA B 144 2.54 18.51 -46.81
C ALA B 144 3.80 17.95 -46.18
N ARG B 145 4.01 16.64 -46.29
CA ARG B 145 5.26 16.03 -45.87
C ARG B 145 6.48 16.52 -46.61
N ILE B 146 6.35 16.89 -47.89
CA ILE B 146 7.49 17.18 -48.74
C ILE B 146 7.33 18.46 -49.53
N GLY B 147 6.17 19.09 -49.46
CA GLY B 147 5.83 20.16 -50.37
C GLY B 147 5.46 19.68 -51.76
N LYS B 148 5.81 20.46 -52.78
CA LYS B 148 5.52 20.10 -54.15
C LYS B 148 6.51 19.09 -54.72
N LEU B 149 6.06 18.38 -55.75
CA LEU B 149 6.91 17.62 -56.66
C LEU B 149 6.40 17.88 -58.08
N ASP B 150 7.13 18.65 -58.87
CA ASP B 150 6.83 18.80 -60.29
C ASP B 150 7.25 17.57 -61.06
N ILE B 151 6.33 16.99 -61.83
CA ILE B 151 6.56 15.75 -62.57
C ILE B 151 6.31 15.95 -64.05
N PRO B 152 7.06 15.33 -64.93
CA PRO B 152 6.80 15.46 -66.37
C PRO B 152 5.64 14.59 -66.82
N LEU B 153 4.50 15.19 -67.10
CA LEU B 153 3.29 14.41 -67.39
C LEU B 153 2.39 15.29 -68.23
N ASP B 154 2.05 14.82 -69.43
CA ASP B 154 1.37 15.66 -70.40
C ASP B 154 -0.11 15.86 -70.08
N ASN B 155 -0.78 14.84 -69.64
CA ASN B 155 -2.19 15.03 -69.34
C ASN B 155 -2.35 15.81 -68.04
N PRO B 156 -3.31 16.73 -67.98
CA PRO B 156 -3.65 17.33 -66.69
C PRO B 156 -4.20 16.28 -65.74
N LEU B 157 -4.06 16.58 -64.46
CA LEU B 157 -4.48 15.70 -63.39
C LEU B 157 -5.76 16.23 -62.76
N LYS B 158 -6.72 15.35 -62.57
CA LYS B 158 -7.93 15.67 -61.83
C LYS B 158 -7.69 15.59 -60.34
N PRO B 159 -8.49 16.28 -59.54
CA PRO B 159 -8.15 16.44 -58.13
C PRO B 159 -8.02 15.15 -57.34
N LYS B 160 -8.62 14.06 -57.80
CA LYS B 160 -8.56 12.79 -57.09
C LYS B 160 -7.58 11.79 -57.69
N ASP B 161 -6.82 12.18 -58.72
CA ASP B 161 -5.85 11.29 -59.34
C ASP B 161 -4.63 11.04 -58.45
N ARG B 162 -3.89 10.01 -58.86
CA ARG B 162 -2.57 9.65 -58.37
C ARG B 162 -1.70 9.33 -59.57
N VAL B 163 -0.39 9.46 -59.40
CA VAL B 163 0.55 9.07 -60.43
C VAL B 163 1.36 7.90 -59.91
N PHE B 164 1.44 6.84 -60.71
CA PHE B 164 2.26 5.68 -60.43
C PHE B 164 3.38 5.65 -61.46
N LEU B 165 4.62 5.57 -61.01
CA LEU B 165 5.68 5.06 -61.86
C LEU B 165 5.48 3.56 -62.06
N THR B 166 5.74 3.08 -63.27
CA THR B 166 5.54 1.66 -63.61
C THR B 166 6.83 1.03 -64.08
N SER B 167 6.95 -0.28 -63.86
CA SER B 167 8.20 -1.01 -64.02
C SER B 167 7.92 -2.46 -64.36
N GLU B 168 8.96 -3.17 -64.78
CA GLU B 168 8.92 -4.62 -64.91
C GLU B 168 10.05 -5.24 -64.12
N GLU B 169 9.74 -6.23 -63.30
CA GLU B 169 10.72 -7.02 -62.58
C GLU B 169 11.00 -8.30 -63.34
N TYR B 170 12.27 -8.64 -63.51
CA TYR B 170 12.68 -9.79 -64.31
C TYR B 170 13.16 -10.92 -63.43
N ILE B 171 12.52 -12.07 -63.55
CA ILE B 171 12.76 -13.21 -62.68
C ILE B 171 13.64 -14.22 -63.40
N ALA B 172 14.66 -14.72 -62.72
CA ALA B 172 15.53 -15.72 -63.31
C ALA B 172 16.12 -16.61 -62.23
N GLU B 173 16.64 -17.76 -62.65
CA GLU B 173 17.39 -18.63 -61.75
C GLU B 173 18.71 -17.98 -61.34
N VAL B 174 18.95 -17.90 -60.04
CA VAL B 174 20.21 -17.41 -59.51
C VAL B 174 21.17 -18.54 -59.13
N ASP B 175 20.73 -19.46 -58.28
CA ASP B 175 21.55 -20.60 -57.89
C ASP B 175 21.55 -21.69 -58.93
N ASP B 176 22.66 -22.46 -58.97
CA ASP B 176 22.64 -23.72 -59.68
C ASP B 176 21.67 -24.72 -59.07
N PHE B 177 21.30 -24.57 -57.81
CA PHE B 177 20.20 -25.32 -57.22
C PHE B 177 18.85 -24.87 -57.72
N GLY B 178 18.80 -23.92 -58.64
CA GLY B 178 17.55 -23.51 -59.25
C GLY B 178 16.75 -22.47 -58.52
N ASN B 179 17.27 -21.87 -57.46
CA ASN B 179 16.55 -20.79 -56.80
C ASN B 179 16.32 -19.62 -57.74
N CYS B 180 15.07 -19.24 -57.94
CA CYS B 180 14.75 -18.05 -58.74
C CYS B 180 14.90 -16.78 -57.92
N ALA B 181 15.24 -15.68 -58.60
CA ALA B 181 15.19 -14.35 -58.02
C ALA B 181 14.92 -13.33 -59.13
N VAL B 182 14.63 -12.10 -58.74
CA VAL B 182 14.56 -10.98 -59.68
C VAL B 182 15.96 -10.46 -59.99
N ILE B 183 16.35 -10.56 -61.25
CA ILE B 183 17.67 -10.14 -61.69
C ILE B 183 17.80 -8.67 -62.07
N ASP B 184 16.69 -7.97 -62.33
CA ASP B 184 16.73 -6.54 -62.51
C ASP B 184 15.33 -6.00 -62.32
N GLU B 185 15.20 -4.69 -62.13
CA GLU B 185 13.94 -4.01 -62.36
C GLU B 185 14.11 -2.82 -63.29
N ARG B 186 13.35 -2.81 -64.38
CA ARG B 186 13.39 -1.74 -65.37
C ARG B 186 12.19 -0.82 -65.20
N LEU B 187 12.44 0.48 -65.16
CA LEU B 187 11.39 1.49 -65.12
C LEU B 187 10.83 1.80 -66.50
N ILE B 188 9.54 2.08 -66.57
CA ILE B 188 8.87 2.30 -67.85
C ILE B 188 8.39 3.73 -68.01
N LYS B 189 7.33 4.11 -67.29
CA LYS B 189 6.69 5.39 -67.55
C LYS B 189 5.91 5.81 -66.32
N LEU B 190 5.58 7.09 -66.25
CA LEU B 190 4.58 7.56 -65.31
C LEU B 190 3.18 7.33 -65.83
N GLU B 191 2.32 6.83 -64.96
CA GLU B 191 0.95 6.52 -65.32
C GLU B 191 0.00 7.05 -64.26
N VAL B 192 -1.04 7.73 -64.69
CA VAL B 192 -2.05 8.21 -63.77
C VAL B 192 -3.06 7.12 -63.47
N LYS B 193 -3.41 6.96 -62.21
CA LYS B 193 -4.43 6.00 -61.77
C LYS B 193 -5.43 6.63 -60.82
N PHE C 16 20.47 -48.09 -55.49
CA PHE C 16 19.78 -46.83 -55.74
C PHE C 16 20.68 -45.63 -55.52
N GLN C 17 20.49 -44.60 -56.33
CA GLN C 17 21.02 -43.29 -56.02
C GLN C 17 20.01 -42.21 -56.41
N GLY C 18 20.09 -41.07 -55.71
CA GLY C 18 19.18 -39.99 -55.99
C GLY C 18 19.63 -38.71 -55.33
N PHE C 19 18.69 -37.81 -55.11
CA PHE C 19 18.95 -36.50 -54.52
C PHE C 19 17.92 -36.22 -53.46
N LEU C 20 18.33 -35.59 -52.38
CA LEU C 20 17.41 -35.11 -51.36
C LEU C 20 17.24 -33.61 -51.52
N VAL C 21 15.99 -33.17 -51.65
CA VAL C 21 15.66 -31.77 -51.81
C VAL C 21 15.16 -31.24 -50.48
N LEU C 22 15.73 -30.13 -50.02
CA LEU C 22 15.21 -29.41 -48.88
C LEU C 22 14.77 -28.03 -49.31
N ILE C 23 13.52 -27.67 -48.99
CA ILE C 23 12.97 -26.35 -49.24
C ILE C 23 12.51 -25.78 -47.91
N GLU C 24 12.94 -24.56 -47.61
CA GLU C 24 12.71 -24.03 -46.28
C GLU C 24 12.51 -22.53 -46.33
N THR C 25 11.69 -22.02 -45.43
CA THR C 25 11.29 -20.62 -45.40
C THR C 25 11.99 -19.92 -44.26
N SER C 26 12.67 -18.82 -44.57
CA SER C 26 13.43 -18.04 -43.61
C SER C 26 12.65 -16.80 -43.16
N GLY C 27 13.12 -16.20 -42.07
CA GLY C 27 12.62 -14.91 -41.63
C GLY C 27 11.20 -14.87 -41.17
N ASN C 28 10.64 -16.02 -40.79
CA ASN C 28 9.21 -16.10 -40.49
C ASN C 28 8.79 -15.10 -39.42
N GLN C 29 9.57 -14.95 -38.36
CA GLN C 29 9.18 -14.04 -37.28
C GLN C 29 9.07 -12.60 -37.74
N HIS C 30 9.98 -12.14 -38.59
CA HIS C 30 9.85 -10.79 -39.16
C HIS C 30 8.67 -10.67 -40.10
N PHE C 31 8.49 -11.64 -41.00
CA PHE C 31 7.42 -11.58 -41.98
C PHE C 31 6.04 -11.53 -41.35
N ILE C 32 5.83 -12.30 -40.30
CA ILE C 32 4.50 -12.47 -39.73
C ILE C 32 4.18 -11.43 -38.65
N PHE C 33 5.09 -11.20 -37.73
CA PHE C 33 4.79 -10.54 -36.45
C PHE C 33 5.16 -9.08 -36.36
N SER C 34 5.69 -8.48 -37.41
CA SER C 34 6.16 -7.12 -37.30
C SER C 34 5.03 -6.09 -37.29
N THR C 35 4.06 -6.20 -38.18
CA THR C 35 3.18 -5.10 -38.56
C THR C 35 1.98 -4.78 -37.66
N ASN C 36 1.78 -5.33 -36.46
CA ASN C 36 0.63 -4.91 -35.66
C ASN C 36 -0.77 -5.06 -36.25
N LYS C 37 -0.92 -5.08 -37.57
CA LYS C 37 -2.24 -5.21 -38.16
C LYS C 37 -2.69 -6.66 -38.12
N LEU C 38 -3.82 -6.93 -37.47
CA LEU C 38 -4.23 -8.33 -37.30
C LEU C 38 -4.42 -9.05 -38.63
N ARG C 39 -5.04 -8.39 -39.60
CA ARG C 39 -5.19 -8.96 -40.94
C ARG C 39 -3.87 -9.28 -41.62
N GLU C 40 -2.85 -8.46 -41.43
CA GLU C 40 -1.57 -8.80 -42.03
C GLU C 40 -0.86 -9.93 -41.30
N ASN C 41 -0.97 -9.99 -39.98
CA ASN C 41 -0.36 -11.10 -39.29
C ASN C 41 -1.03 -12.42 -39.65
N ILE C 42 -2.36 -12.45 -39.71
CA ILE C 42 -3.03 -13.65 -40.21
C ILE C 42 -2.67 -13.88 -41.66
N GLY C 43 -2.75 -12.84 -42.47
CA GLY C 43 -2.44 -12.99 -43.88
C GLY C 43 -1.02 -13.42 -44.14
N ALA C 44 -0.08 -12.87 -43.38
CA ALA C 44 1.33 -13.22 -43.52
C ALA C 44 1.63 -14.63 -43.08
N SER C 45 0.98 -15.09 -42.00
CA SER C 45 1.15 -16.46 -41.56
C SER C 45 0.60 -17.46 -42.56
N GLU C 46 -0.52 -17.12 -43.21
CA GLU C 46 -1.06 -17.98 -44.26
C GLU C 46 -0.14 -18.12 -45.46
N LEU C 47 0.39 -17.03 -45.98
CA LEU C 47 1.34 -17.16 -47.06
C LEU C 47 2.52 -18.02 -46.67
N THR C 48 2.92 -17.98 -45.41
CA THR C 48 4.01 -18.85 -44.95
C THR C 48 3.64 -20.31 -44.96
N TYR C 49 2.44 -20.65 -44.47
CA TYR C 49 2.00 -22.04 -44.47
C TYR C 49 1.84 -22.58 -45.88
N LEU C 50 1.20 -21.83 -46.75
CA LEU C 50 0.93 -22.28 -48.11
C LEU C 50 2.20 -22.52 -48.90
N ALA C 51 3.27 -21.79 -48.60
CA ALA C 51 4.46 -21.87 -49.44
C ALA C 51 5.07 -23.27 -49.47
N THR C 52 5.04 -24.01 -48.36
CA THR C 52 5.59 -25.36 -48.34
C THR C 52 4.52 -26.45 -48.25
N THR C 53 3.27 -26.12 -48.56
CA THR C 53 2.22 -27.12 -48.68
C THR C 53 1.52 -26.91 -50.01
N GLU C 54 0.50 -26.07 -50.00
CA GLU C 54 -0.21 -25.76 -51.22
C GLU C 54 0.73 -25.57 -52.39
N ILE C 55 1.67 -24.64 -52.26
CA ILE C 55 2.57 -24.35 -53.37
C ILE C 55 3.59 -25.45 -53.61
N LEU C 56 4.02 -26.16 -52.58
CA LEU C 56 4.90 -27.30 -52.80
C LEU C 56 4.21 -28.39 -53.62
N PHE C 57 3.02 -28.81 -53.19
CA PHE C 57 2.32 -29.89 -53.85
C PHE C 57 1.90 -29.52 -55.27
N GLN C 58 1.48 -28.28 -55.47
CA GLN C 58 1.29 -27.79 -56.84
C GLN C 58 2.58 -27.83 -57.63
N GLY C 59 3.68 -27.44 -56.99
CA GLY C 59 4.96 -27.48 -57.66
C GLY C 59 5.42 -28.89 -57.98
N VAL C 60 5.24 -29.81 -57.05
CA VAL C 60 5.55 -31.21 -57.32
C VAL C 60 4.70 -31.72 -58.47
N ASP C 61 3.40 -31.46 -58.43
CA ASP C 61 2.51 -31.94 -59.46
C ASP C 61 2.86 -31.39 -60.83
N ARG C 62 3.22 -30.11 -60.92
CA ARG C 62 3.61 -29.55 -62.20
C ARG C 62 4.92 -30.12 -62.73
N VAL C 63 5.81 -30.57 -61.86
CA VAL C 63 7.08 -31.14 -62.32
C VAL C 63 6.98 -32.63 -62.60
N PHE C 64 6.47 -33.41 -61.64
CA PHE C 64 6.46 -34.87 -61.72
C PHE C 64 5.15 -35.45 -62.25
N GLN C 65 4.17 -34.62 -62.54
CA GLN C 65 2.86 -35.07 -63.00
C GLN C 65 2.10 -35.87 -61.95
N THR C 66 2.47 -35.73 -60.67
CA THR C 66 1.76 -36.44 -59.61
C THR C 66 0.47 -35.70 -59.28
N ASN C 67 -0.21 -36.15 -58.24
CA ASN C 67 -1.51 -35.61 -57.85
C ASN C 67 -1.53 -35.24 -56.36
N TYR C 68 -0.37 -34.92 -55.80
CA TYR C 68 -0.28 -34.56 -54.39
C TYR C 68 -1.24 -33.44 -54.02
N TYR C 69 -1.42 -32.48 -54.91
CA TYR C 69 -2.32 -31.37 -54.57
C TYR C 69 -3.76 -31.83 -54.42
N ASP C 70 -4.21 -32.77 -55.25
CA ASP C 70 -5.58 -33.25 -55.13
C ASP C 70 -5.82 -33.93 -53.80
N GLN C 71 -4.91 -34.80 -53.37
CA GLN C 71 -5.05 -35.45 -52.08
C GLN C 71 -4.97 -34.45 -50.93
N TRP C 72 -4.06 -33.48 -51.03
CA TRP C 72 -4.04 -32.41 -50.06
C TRP C 72 -5.38 -31.69 -50.00
N SER C 73 -5.86 -31.21 -51.14
CA SER C 73 -7.07 -30.38 -51.13
C SER C 73 -8.33 -31.17 -50.79
N ASP C 74 -8.39 -32.46 -51.16
CA ASP C 74 -9.51 -33.28 -50.72
C ASP C 74 -9.42 -33.61 -49.23
N THR C 75 -8.26 -34.04 -48.77
CA THR C 75 -8.10 -34.44 -47.38
C THR C 75 -7.91 -33.23 -46.49
N ASN C 76 -7.37 -32.15 -47.04
CA ASN C 76 -6.95 -30.98 -46.28
C ASN C 76 -6.04 -31.34 -45.12
N SER C 77 -5.23 -32.40 -45.30
CA SER C 77 -4.30 -32.83 -44.28
C SER C 77 -3.11 -33.50 -44.94
N LEU C 78 -1.96 -33.41 -44.27
CA LEU C 78 -0.70 -33.97 -44.73
C LEU C 78 -0.58 -35.47 -44.50
N ASN C 79 -1.50 -36.06 -43.74
CA ASN C 79 -1.39 -37.47 -43.41
C ASN C 79 -1.33 -38.35 -44.65
N PHE C 80 -1.87 -37.88 -45.77
CA PHE C 80 -1.89 -38.68 -46.98
C PHE C 80 -0.52 -39.13 -47.44
N LEU C 81 0.51 -38.33 -47.24
CA LEU C 81 1.84 -38.67 -47.72
C LEU C 81 2.54 -39.72 -46.88
N ALA C 82 1.91 -40.19 -45.80
CA ALA C 82 2.33 -41.38 -45.10
C ALA C 82 1.97 -42.68 -45.82
N ASP C 83 0.95 -42.66 -46.67
CA ASP C 83 0.35 -43.87 -47.21
C ASP C 83 1.11 -44.37 -48.42
N SER C 84 1.56 -45.63 -48.37
CA SER C 84 2.48 -46.14 -49.37
C SER C 84 1.90 -46.13 -50.79
N LYS C 85 0.59 -46.27 -50.94
CA LYS C 85 0.02 -46.09 -52.27
C LYS C 85 0.03 -44.62 -52.69
N LEU C 86 -0.19 -43.72 -51.73
CA LEU C 86 -0.30 -42.31 -52.03
C LEU C 86 1.04 -41.59 -52.04
N ASN C 87 2.04 -42.13 -51.37
CA ASN C 87 3.39 -41.56 -51.36
C ASN C 87 4.38 -42.71 -51.36
N PRO C 88 4.63 -43.28 -52.53
CA PRO C 88 5.43 -44.51 -52.63
C PRO C 88 6.88 -44.30 -52.25
N ALA C 89 7.57 -45.42 -52.05
CA ALA C 89 9.01 -45.42 -51.94
C ALA C 89 9.65 -45.08 -53.29
N ILE C 90 10.70 -44.24 -53.27
CA ILE C 90 11.55 -44.12 -54.45
C ILE C 90 12.35 -45.39 -54.65
N ASP C 91 12.75 -46.03 -53.57
CA ASP C 91 13.57 -47.23 -53.69
C ASP C 91 12.72 -48.44 -54.10
N ASP C 92 13.42 -49.45 -54.56
CA ASP C 92 12.92 -50.67 -55.16
C ASP C 92 12.18 -50.43 -56.46
N PRO C 93 12.26 -51.38 -57.39
CA PRO C 93 11.60 -51.23 -58.69
C PRO C 93 10.10 -51.45 -58.65
N LYS C 94 9.57 -51.92 -57.51
CA LYS C 94 8.16 -52.30 -57.46
C LYS C 94 7.25 -51.16 -57.87
N ASN C 95 7.70 -49.93 -57.67
CA ASN C 95 6.93 -48.77 -58.09
C ASN C 95 7.83 -47.88 -58.92
N ASN C 96 7.26 -47.31 -59.98
CA ASN C 96 7.99 -46.48 -60.92
C ASN C 96 8.23 -45.06 -60.42
N ALA C 97 7.68 -44.69 -59.26
CA ALA C 97 7.69 -43.29 -58.83
C ALA C 97 9.10 -42.72 -58.80
N ASP C 98 9.22 -41.49 -59.34
CA ASP C 98 10.46 -40.72 -59.38
C ASP C 98 10.53 -39.63 -58.32
N ILE C 99 9.48 -39.48 -57.52
CA ILE C 99 9.45 -38.51 -56.43
C ILE C 99 8.92 -39.24 -55.21
N GLU C 100 9.49 -38.95 -54.05
CA GLU C 100 8.87 -39.26 -52.77
C GLU C 100 8.97 -38.05 -51.86
N ILE C 101 7.86 -37.66 -51.25
CA ILE C 101 7.96 -36.63 -50.22
C ILE C 101 8.35 -37.31 -48.92
N LEU C 102 9.54 -37.01 -48.42
CA LEU C 102 9.95 -37.49 -47.11
C LEU C 102 9.18 -36.78 -46.02
N LEU C 103 9.10 -35.46 -46.10
CA LEU C 103 8.40 -34.65 -45.12
C LEU C 103 7.89 -33.41 -45.82
N ALA C 104 6.72 -32.94 -45.43
CA ALA C 104 6.31 -31.57 -45.69
C ALA C 104 5.63 -30.99 -44.48
N THR C 105 5.89 -29.71 -44.22
CA THR C 105 5.36 -29.09 -43.02
C THR C 105 5.43 -27.59 -43.21
N SER C 106 4.80 -26.88 -42.28
CA SER C 106 4.93 -25.42 -42.25
C SER C 106 6.38 -25.01 -42.15
N GLY C 107 6.83 -24.19 -43.08
CA GLY C 107 8.18 -23.69 -43.08
C GLY C 107 9.25 -24.61 -43.59
N LYS C 108 9.00 -25.90 -43.74
CA LYS C 108 10.05 -26.81 -44.19
C LYS C 108 9.44 -27.89 -45.07
N ALA C 109 10.20 -28.36 -46.05
CA ALA C 109 9.81 -29.53 -46.78
C ALA C 109 11.06 -30.28 -47.23
N ILE C 110 10.94 -31.59 -47.35
CA ILE C 110 12.05 -32.45 -47.76
C ILE C 110 11.48 -33.50 -48.70
N ALA C 111 12.19 -33.77 -49.78
CA ALA C 111 11.70 -34.68 -50.78
C ALA C 111 12.87 -35.46 -51.35
N LEU C 112 12.60 -36.68 -51.80
CA LEU C 112 13.60 -37.50 -52.47
C LEU C 112 13.24 -37.62 -53.94
N VAL C 113 14.21 -37.37 -54.81
CA VAL C 113 14.01 -37.36 -56.24
C VAL C 113 15.18 -38.10 -56.86
N LYS C 114 14.92 -38.88 -57.90
CA LYS C 114 15.95 -39.71 -58.49
C LYS C 114 16.67 -39.07 -59.67
N GLU C 115 16.32 -37.83 -60.04
CA GLU C 115 17.01 -37.12 -61.11
C GLU C 115 17.34 -35.71 -60.67
N GLU C 116 18.57 -35.28 -60.98
CA GLU C 116 19.02 -33.96 -60.60
C GLU C 116 18.25 -32.84 -61.26
N GLY C 117 17.94 -32.99 -62.56
CA GLY C 117 17.19 -31.94 -63.24
C GLY C 117 15.82 -31.69 -62.65
N LYS C 118 15.09 -32.75 -62.32
CA LYS C 118 13.81 -32.57 -61.66
C LYS C 118 13.99 -32.05 -60.24
N ALA C 119 15.05 -32.45 -59.57
CA ALA C 119 15.38 -31.85 -58.28
C ALA C 119 15.57 -30.35 -58.41
N LYS C 120 16.38 -29.94 -59.38
CA LYS C 120 16.59 -28.52 -59.67
C LYS C 120 15.30 -27.85 -60.10
N GLN C 121 14.59 -28.47 -61.04
CA GLN C 121 13.36 -27.88 -61.59
C GLN C 121 12.28 -27.72 -60.53
N LEU C 122 12.21 -28.67 -59.59
CA LEU C 122 11.30 -28.51 -58.47
C LEU C 122 11.61 -27.28 -57.64
N ILE C 123 12.88 -27.05 -57.32
CA ILE C 123 13.20 -25.88 -56.50
C ILE C 123 12.94 -24.60 -57.26
N LYS C 124 13.29 -24.56 -58.55
CA LYS C 124 12.90 -23.43 -59.39
C LYS C 124 11.40 -23.19 -59.36
N GLU C 125 10.62 -24.24 -59.59
CA GLU C 125 9.19 -24.09 -59.69
C GLU C 125 8.59 -23.51 -58.41
N VAL C 126 8.97 -24.06 -57.27
CA VAL C 126 8.43 -23.59 -55.99
C VAL C 126 8.84 -22.16 -55.68
N THR C 127 10.09 -21.80 -55.95
CA THR C 127 10.56 -20.45 -55.62
C THR C 127 10.02 -19.39 -56.57
N LYS C 128 9.94 -19.68 -57.86
CA LYS C 128 9.29 -18.78 -58.80
C LYS C 128 7.88 -18.43 -58.38
N GLN C 129 7.09 -19.43 -58.02
CA GLN C 129 5.72 -19.14 -57.58
C GLN C 129 5.70 -18.30 -56.32
N ALA C 130 6.66 -18.47 -55.43
CA ALA C 130 6.74 -17.61 -54.25
C ALA C 130 7.03 -16.16 -54.63
N LEU C 131 7.92 -15.93 -55.59
CA LEU C 131 8.19 -14.57 -56.04
C LEU C 131 6.95 -13.89 -56.58
N ILE C 132 6.10 -14.62 -57.27
CA ILE C 132 4.93 -14.02 -57.88
C ILE C 132 3.78 -13.92 -56.91
N ASN C 133 3.41 -15.04 -56.31
CA ASN C 133 2.20 -15.14 -55.52
C ASN C 133 2.38 -14.76 -54.07
N ALA C 134 3.61 -14.66 -53.59
CA ALA C 134 3.89 -14.35 -52.19
C ALA C 134 5.11 -13.45 -52.11
N PRO C 135 5.02 -12.25 -52.69
CA PRO C 135 6.17 -11.34 -52.66
C PRO C 135 6.56 -11.02 -51.23
N GLY C 136 7.86 -10.93 -50.99
CA GLY C 136 8.37 -10.68 -49.66
C GLY C 136 8.46 -11.88 -48.75
N LEU C 137 7.96 -13.03 -49.17
CA LEU C 137 8.26 -14.29 -48.51
C LEU C 137 9.63 -14.76 -48.94
N GLU C 138 10.47 -15.09 -47.98
CA GLU C 138 11.81 -15.59 -48.25
C GLU C 138 11.81 -17.11 -48.20
N ILE C 139 11.99 -17.73 -49.35
CA ILE C 139 12.03 -19.18 -49.47
C ILE C 139 13.15 -19.57 -50.42
N GLY C 140 13.81 -20.69 -50.12
CA GLY C 140 14.80 -21.24 -51.01
C GLY C 140 14.89 -22.72 -50.75
N GLY C 141 15.73 -23.41 -51.53
CA GLY C 141 15.95 -24.81 -51.29
C GLY C 141 17.35 -25.23 -51.66
N ILE C 142 17.69 -26.47 -51.30
CA ILE C 142 18.97 -27.06 -51.63
C ILE C 142 18.72 -28.52 -51.99
N TYR C 143 19.49 -29.05 -52.92
CA TYR C 143 19.51 -30.49 -53.13
C TYR C 143 20.94 -31.01 -52.99
N VAL C 144 21.07 -32.21 -52.43
CA VAL C 144 22.35 -32.84 -52.15
C VAL C 144 22.32 -34.29 -52.65
N ASN C 145 23.48 -34.78 -53.07
CA ASN C 145 23.58 -36.19 -53.45
C ASN C 145 23.22 -37.08 -52.28
N CYS C 146 22.34 -38.05 -52.54
CA CYS C 146 21.92 -39.04 -51.55
C CYS C 146 22.30 -40.40 -52.11
N ASN C 147 23.10 -41.15 -51.34
CA ASN C 147 23.61 -42.44 -51.77
C ASN C 147 23.05 -43.53 -50.88
N TRP C 148 22.32 -44.47 -51.48
CA TRP C 148 21.71 -45.54 -50.69
C TRP C 148 22.58 -46.79 -50.53
N GLN C 149 23.69 -46.89 -51.25
CA GLN C 149 24.63 -47.98 -50.97
C GLN C 149 25.35 -47.77 -49.64
N ASP C 150 25.36 -46.56 -49.12
CA ASP C 150 25.55 -46.39 -47.68
C ASP C 150 24.24 -46.65 -46.97
N LYS C 151 24.26 -47.63 -46.07
CA LYS C 151 23.07 -47.99 -45.29
C LYS C 151 22.48 -46.81 -44.55
N LEU C 152 23.28 -45.77 -44.30
CA LEU C 152 22.82 -44.66 -43.50
C LEU C 152 22.85 -43.33 -44.26
N GLY C 153 23.06 -43.39 -45.58
CA GLY C 153 23.19 -42.18 -46.38
C GLY C 153 22.05 -41.19 -46.30
N VAL C 154 20.81 -41.66 -46.14
CA VAL C 154 19.69 -40.73 -46.03
C VAL C 154 19.77 -39.88 -44.77
N ALA C 155 20.21 -40.47 -43.67
CA ALA C 155 20.42 -39.65 -42.47
C ALA C 155 21.56 -38.67 -42.68
N LYS C 156 22.61 -39.09 -43.37
CA LYS C 156 23.69 -38.18 -43.74
C LYS C 156 23.22 -37.09 -44.69
N ALA C 157 22.40 -37.44 -45.68
CA ALA C 157 21.88 -36.45 -46.61
C ALA C 157 21.06 -35.37 -45.92
N VAL C 158 20.18 -35.76 -45.00
CA VAL C 158 19.42 -34.77 -44.25
C VAL C 158 20.35 -33.80 -43.55
N LYS C 159 21.34 -34.31 -42.83
CA LYS C 159 22.21 -33.42 -42.06
C LYS C 159 23.09 -32.57 -42.96
N GLU C 160 23.58 -33.13 -44.06
CA GLU C 160 24.31 -32.33 -45.03
C GLU C 160 23.43 -31.27 -45.68
N ALA C 161 22.19 -31.61 -46.00
CA ALA C 161 21.29 -30.60 -46.56
C ALA C 161 21.01 -29.45 -45.59
N HIS C 162 20.72 -29.77 -44.34
CA HIS C 162 20.50 -28.69 -43.36
C HIS C 162 21.73 -27.85 -43.16
N LYS C 163 22.91 -28.47 -43.13
CA LYS C 163 24.13 -27.72 -42.94
C LYS C 163 24.42 -26.78 -44.11
N GLN C 164 24.36 -27.29 -45.33
CA GLN C 164 24.70 -26.48 -46.50
C GLN C 164 23.65 -25.44 -46.83
N PHE C 165 22.42 -25.62 -46.38
CA PHE C 165 21.39 -24.62 -46.64
C PHE C 165 21.73 -23.27 -46.03
N GLU C 166 22.24 -23.26 -44.81
CA GLU C 166 22.64 -21.99 -44.20
C GLU C 166 23.73 -21.29 -45.01
N VAL C 167 24.77 -22.03 -45.40
CA VAL C 167 25.86 -21.46 -46.16
C VAL C 167 25.38 -20.93 -47.50
N ASN C 168 24.53 -21.67 -48.19
CA ASN C 168 24.06 -21.20 -49.47
C ASN C 168 23.01 -20.12 -49.35
N ARG C 169 22.36 -19.96 -48.20
CA ARG C 169 21.52 -18.79 -48.00
C ARG C 169 22.28 -17.50 -48.09
N ALA C 170 23.53 -17.47 -47.59
CA ALA C 170 24.32 -16.25 -47.59
C ALA C 170 24.72 -15.84 -49.00
N LYS C 171 25.24 -16.77 -49.78
CA LYS C 171 25.60 -16.50 -51.16
C LYS C 171 24.40 -16.57 -52.09
N ARG C 172 23.33 -15.87 -51.73
CA ARG C 172 22.09 -15.83 -52.48
C ARG C 172 21.53 -14.41 -52.38
N ALA C 173 20.84 -13.99 -53.43
CA ALA C 173 20.15 -12.70 -53.47
C ALA C 173 18.99 -12.66 -52.46
N GLY C 174 19.02 -11.66 -51.57
CA GLY C 174 18.05 -11.58 -50.50
C GLY C 174 16.69 -11.09 -50.95
N ALA C 175 15.69 -11.39 -50.11
CA ALA C 175 14.33 -10.91 -50.33
C ALA C 175 14.22 -9.40 -50.25
N ASN C 176 15.21 -8.74 -49.68
CA ASN C 176 15.28 -7.28 -49.67
C ASN C 176 15.79 -6.68 -50.97
N GLY C 177 16.29 -7.48 -51.89
CA GLY C 177 16.79 -6.95 -53.14
C GLY C 177 15.74 -6.60 -54.18
N ARG C 178 14.49 -6.42 -53.76
CA ARG C 178 13.45 -6.02 -54.68
C ARG C 178 12.52 -5.04 -53.97
N PHE C 179 11.71 -4.35 -54.75
CA PHE C 179 10.96 -3.17 -54.30
C PHE C 179 11.87 -2.07 -53.76
N LEU C 180 12.97 -1.82 -54.47
CA LEU C 180 13.90 -0.78 -54.06
C LEU C 180 13.31 0.61 -54.24
N ARG C 181 13.40 1.41 -53.19
CA ARG C 181 12.95 2.79 -53.19
C ARG C 181 13.65 3.66 -54.22
N LEU C 182 12.85 4.36 -55.05
CA LEU C 182 13.27 5.59 -55.70
C LEU C 182 12.91 6.78 -54.82
N PRO C 183 13.67 7.86 -54.87
CA PRO C 183 13.37 8.97 -53.96
C PRO C 183 11.96 9.48 -54.05
N ILE C 184 11.37 9.46 -55.25
CA ILE C 184 10.05 10.02 -55.53
C ILE C 184 8.86 9.16 -55.14
N ALA C 185 9.06 7.96 -54.59
CA ALA C 185 7.97 7.03 -54.35
C ALA C 185 7.54 7.06 -52.89
N ALA C 186 6.23 7.11 -52.66
CA ALA C 186 5.65 7.24 -51.33
C ALA C 186 5.88 5.98 -50.51
N GLY C 187 5.61 6.10 -49.19
CA GLY C 187 5.85 5.02 -48.25
C GLY C 187 4.63 4.17 -47.91
N CYS C 188 4.89 2.96 -47.41
CA CYS C 188 3.92 1.90 -47.20
C CYS C 188 2.97 2.09 -46.02
N SER C 189 3.06 3.12 -45.20
CA SER C 189 2.25 3.18 -43.97
C SER C 189 2.55 2.14 -42.92
N VAL C 190 3.04 0.96 -43.32
CA VAL C 190 3.22 -0.15 -42.40
C VAL C 190 4.58 -0.79 -42.62
N SER C 191 5.42 -0.17 -43.43
CA SER C 191 6.67 -0.81 -43.77
C SER C 191 7.63 0.23 -44.31
N GLU C 192 8.91 -0.14 -44.34
CA GLU C 192 9.90 0.69 -45.00
C GLU C 192 9.81 0.66 -46.52
N LEU C 193 9.08 -0.29 -47.09
CA LEU C 193 9.00 -0.43 -48.54
C LEU C 193 8.22 0.72 -49.16
N PRO C 194 8.48 1.04 -50.43
CA PRO C 194 7.67 2.05 -51.11
C PRO C 194 6.26 1.57 -51.37
N ALA C 195 5.31 2.48 -51.22
CA ALA C 195 3.92 2.17 -51.48
C ALA C 195 3.70 1.94 -52.95
N SER C 196 2.67 1.15 -53.25
CA SER C 196 2.46 0.64 -54.59
C SER C 196 0.98 0.46 -54.87
N ASP C 197 0.19 0.40 -53.81
CA ASP C 197 -1.22 0.02 -53.85
C ASP C 197 -1.95 0.80 -52.78
N PHE C 198 -3.27 0.78 -52.85
CA PHE C 198 -4.12 1.38 -51.83
C PHE C 198 -4.95 0.32 -51.14
N ASP C 199 -5.27 0.57 -49.88
CA ASP C 199 -6.16 -0.26 -49.08
C ASP C 199 -6.92 0.66 -48.15
N TYR C 200 -7.60 0.09 -47.16
CA TYR C 200 -8.50 0.86 -46.30
C TYR C 200 -8.24 0.59 -44.82
N ASN C 201 -8.24 1.66 -44.04
CA ASN C 201 -8.20 1.60 -42.60
C ASN C 201 -9.47 0.93 -42.06
N ALA C 202 -9.40 0.52 -40.80
CA ALA C 202 -10.58 -0.06 -40.15
C ALA C 202 -11.77 0.90 -40.16
N ASP C 203 -11.52 2.21 -40.11
CA ASP C 203 -12.58 3.19 -40.27
C ASP C 203 -12.86 3.56 -41.72
N GLY C 204 -12.27 2.83 -42.67
CA GLY C 204 -12.63 3.02 -44.06
C GLY C 204 -11.92 4.16 -44.75
N ASP C 205 -10.97 4.82 -44.07
CA ASP C 205 -10.12 5.78 -44.77
C ASP C 205 -9.09 5.04 -45.61
N LYS C 206 -8.84 5.55 -46.81
CA LYS C 206 -7.87 4.93 -47.69
C LYS C 206 -6.45 5.13 -47.17
N ILE C 207 -5.61 4.11 -47.35
CA ILE C 207 -4.20 4.17 -46.99
C ILE C 207 -3.37 3.56 -48.09
N PRO C 208 -2.16 4.09 -48.31
CA PRO C 208 -1.20 3.42 -49.18
C PRO C 208 -0.60 2.20 -48.52
N VAL C 209 -0.33 1.17 -49.32
CA VAL C 209 0.36 -0.03 -48.85
C VAL C 209 1.29 -0.49 -49.95
N SER C 210 2.26 -1.29 -49.58
CA SER C 210 3.14 -1.97 -50.50
C SER C 210 2.49 -3.20 -51.11
N THR C 211 3.12 -3.71 -52.17
CA THR C 211 2.64 -4.96 -52.74
C THR C 211 2.76 -6.08 -51.74
N VAL C 212 3.78 -6.03 -50.88
CA VAL C 212 3.95 -7.00 -49.81
C VAL C 212 2.75 -7.00 -48.87
N SER C 213 2.43 -5.84 -48.28
CA SER C 213 1.27 -5.73 -47.40
C SER C 213 -0.05 -5.90 -48.11
N LYS C 214 -0.13 -5.57 -49.39
CA LYS C 214 -1.35 -5.81 -50.13
C LYS C 214 -1.67 -7.30 -50.20
N VAL C 215 -0.69 -8.11 -50.59
CA VAL C 215 -0.90 -9.54 -50.71
C VAL C 215 -1.14 -10.22 -49.37
N LYS C 216 -0.50 -9.75 -48.30
CA LYS C 216 -0.86 -10.25 -46.97
C LYS C 216 -2.32 -10.00 -46.67
N ARG C 217 -2.76 -8.76 -46.79
CA ARG C 217 -4.14 -8.42 -46.47
C ARG C 217 -5.14 -9.16 -47.33
N GLU C 218 -4.85 -9.32 -48.62
CA GLU C 218 -5.72 -10.12 -49.49
C GLU C 218 -5.85 -11.56 -48.98
N THR C 219 -4.73 -12.16 -48.61
CA THR C 219 -4.66 -13.56 -48.20
C THR C 219 -5.26 -13.84 -46.85
N ALA C 220 -5.67 -12.83 -46.09
CA ALA C 220 -6.27 -13.11 -44.80
C ALA C 220 -7.52 -13.99 -44.92
N LYS C 221 -8.28 -13.85 -46.01
CA LYS C 221 -9.42 -14.73 -46.21
C LYS C 221 -9.03 -16.17 -46.49
N SER C 222 -7.96 -16.39 -47.25
CA SER C 222 -7.57 -17.75 -47.58
C SER C 222 -7.26 -18.60 -46.36
N ALA C 223 -6.88 -18.00 -45.23
CA ALA C 223 -6.64 -18.78 -44.03
C ALA C 223 -7.89 -19.41 -43.45
N LYS C 224 -9.07 -18.82 -43.71
CA LYS C 224 -10.33 -19.34 -43.16
C LYS C 224 -10.52 -20.82 -43.46
N LYS C 225 -10.33 -21.20 -44.72
CA LYS C 225 -10.60 -22.57 -45.16
C LYS C 225 -9.75 -23.60 -44.44
N ARG C 226 -8.49 -23.28 -44.18
CA ARG C 226 -7.63 -24.21 -43.45
C ARG C 226 -8.05 -24.37 -42.00
N LEU C 227 -8.21 -23.25 -41.29
CA LEU C 227 -8.44 -23.30 -39.86
C LEU C 227 -9.82 -23.83 -39.53
N ARG C 228 -10.82 -23.48 -40.34
CA ARG C 228 -12.17 -23.99 -40.14
C ARG C 228 -12.25 -25.50 -40.34
N SER C 229 -11.23 -26.11 -40.94
CA SER C 229 -11.12 -27.57 -40.93
C SER C 229 -10.56 -28.09 -39.62
N VAL C 230 -9.73 -27.29 -38.94
CA VAL C 230 -9.29 -27.60 -37.59
C VAL C 230 -10.46 -27.56 -36.63
N ASP C 231 -11.24 -26.49 -36.66
CA ASP C 231 -12.51 -26.45 -35.97
C ASP C 231 -13.43 -25.46 -36.65
N GLY C 232 -14.71 -25.82 -36.76
CA GLY C 232 -15.65 -24.98 -37.46
C GLY C 232 -15.85 -23.62 -36.83
N ARG C 233 -15.45 -23.46 -35.57
CA ARG C 233 -15.61 -22.20 -34.84
C ARG C 233 -14.55 -21.15 -35.14
N LEU C 234 -13.37 -21.54 -35.60
CA LEU C 234 -12.22 -20.64 -35.65
C LEU C 234 -12.27 -19.67 -36.83
N VAL C 235 -12.01 -18.40 -36.56
CA VAL C 235 -11.75 -17.36 -37.56
C VAL C 235 -12.81 -17.36 -38.65
N ASN C 236 -14.06 -17.62 -38.26
CA ASN C 236 -15.10 -17.78 -39.26
C ASN C 236 -15.44 -16.45 -39.93
N ASP C 237 -15.38 -15.35 -39.21
CA ASP C 237 -15.55 -14.01 -39.78
C ASP C 237 -14.52 -13.07 -39.14
N LEU C 238 -13.45 -12.80 -39.88
CA LEU C 238 -12.30 -12.11 -39.31
C LEU C 238 -12.65 -10.71 -38.80
N ALA C 239 -13.51 -9.97 -39.51
CA ALA C 239 -13.89 -8.65 -39.03
C ALA C 239 -14.64 -8.68 -37.71
N GLN C 240 -15.45 -9.71 -37.48
CA GLN C 240 -16.08 -9.83 -36.16
C GLN C 240 -15.09 -10.24 -35.08
N LEU C 241 -14.03 -10.99 -35.40
CA LEU C 241 -12.99 -11.18 -34.41
C LEU C 241 -12.40 -9.85 -33.97
N GLU C 242 -12.02 -9.00 -34.93
CA GLU C 242 -11.46 -7.71 -34.55
C GLU C 242 -12.44 -6.89 -33.73
N LYS C 243 -13.71 -6.86 -34.12
CA LYS C 243 -14.73 -6.20 -33.32
C LYS C 243 -14.89 -6.86 -31.96
N SER C 244 -14.93 -8.19 -31.94
CA SER C 244 -15.09 -8.93 -30.69
C SER C 244 -13.95 -8.70 -29.72
N PHE C 245 -12.71 -8.70 -30.20
CA PHE C 245 -11.57 -8.42 -29.34
C PHE C 245 -11.60 -7.04 -28.71
N ASP C 246 -12.07 -6.03 -29.43
CA ASP C 246 -12.18 -4.71 -28.84
C ASP C 246 -13.21 -4.64 -27.72
N GLU C 247 -14.27 -5.42 -27.81
CA GLU C 247 -15.29 -5.42 -26.77
C GLU C 247 -14.77 -6.04 -25.50
N LEU C 248 -13.84 -6.97 -25.63
CA LEU C 248 -13.28 -7.75 -24.55
C LEU C 248 -12.41 -6.90 -23.62
N ASP C 249 -12.17 -7.41 -22.39
CA ASP C 249 -11.38 -6.68 -21.38
C ASP C 249 -9.87 -6.85 -21.52
N TRP C 250 -9.42 -8.05 -21.85
CA TRP C 250 -8.00 -8.37 -21.94
C TRP C 250 -7.81 -9.28 -23.12
N LEU C 251 -6.68 -9.16 -23.79
CA LEU C 251 -6.22 -10.20 -24.69
C LEU C 251 -5.04 -10.90 -24.09
N ALA C 252 -4.64 -12.00 -24.72
CA ALA C 252 -3.40 -12.67 -24.35
C ALA C 252 -2.76 -13.23 -25.60
N VAL C 253 -1.60 -12.70 -25.95
CA VAL C 253 -0.71 -13.34 -26.91
C VAL C 253 -0.07 -14.55 -26.25
N VAL C 254 -0.38 -15.75 -26.72
CA VAL C 254 0.23 -16.97 -26.21
C VAL C 254 1.25 -17.42 -27.22
N HIS C 255 2.43 -17.77 -26.76
CA HIS C 255 3.41 -18.40 -27.60
C HIS C 255 3.87 -19.66 -26.89
N ALA C 256 3.81 -20.79 -27.59
CA ALA C 256 4.23 -22.07 -27.03
C ALA C 256 5.07 -22.83 -28.05
N ASP C 257 6.04 -23.57 -27.57
CA ASP C 257 7.10 -24.10 -28.41
C ASP C 257 7.49 -25.46 -27.87
N GLY C 258 7.79 -26.38 -28.78
CA GLY C 258 8.15 -27.75 -28.39
C GLY C 258 9.59 -27.88 -27.93
N ASN C 259 9.81 -28.76 -26.96
CA ASN C 259 11.12 -28.97 -26.37
C ASN C 259 11.76 -30.23 -26.91
N GLY C 260 13.02 -30.12 -27.33
CA GLY C 260 13.86 -31.25 -27.64
C GLY C 260 13.76 -31.82 -29.03
N LEU C 261 12.73 -31.49 -29.81
CA LEU C 261 12.61 -32.13 -31.11
C LEU C 261 13.84 -31.86 -31.97
N GLY C 262 14.42 -30.67 -31.85
CA GLY C 262 15.59 -30.35 -32.64
C GLY C 262 16.78 -31.24 -32.37
N GLN C 263 17.06 -31.50 -31.10
CA GLN C 263 18.13 -32.45 -30.77
C GLN C 263 17.80 -33.88 -31.16
N ILE C 264 16.54 -34.29 -31.08
CA ILE C 264 16.15 -35.60 -31.57
C ILE C 264 16.44 -35.73 -33.06
N LEU C 265 15.94 -34.80 -33.85
CA LEU C 265 16.00 -34.90 -35.30
C LEU C 265 17.41 -34.72 -35.83
N LEU C 266 18.27 -33.98 -35.13
CA LEU C 266 19.67 -33.94 -35.54
C LEU C 266 20.46 -35.21 -35.25
N SER C 267 19.91 -36.15 -34.48
CA SER C 267 20.63 -37.34 -34.07
C SER C 267 19.83 -38.62 -34.31
N LEU C 268 18.74 -38.54 -35.07
CA LEU C 268 17.72 -39.57 -35.08
C LEU C 268 18.25 -40.94 -35.49
N GLU C 269 19.38 -41.01 -36.18
CA GLU C 269 20.00 -42.30 -36.47
C GLU C 269 20.12 -43.19 -35.24
N LYS C 270 20.29 -42.58 -34.06
CA LYS C 270 20.45 -43.33 -32.82
C LYS C 270 19.18 -44.02 -32.35
N TYR C 271 18.00 -43.56 -32.73
CA TYR C 271 16.77 -43.99 -32.10
C TYR C 271 15.85 -44.78 -33.01
N ILE C 272 16.11 -44.80 -34.31
CA ILE C 272 15.25 -45.52 -35.25
C ILE C 272 15.27 -47.02 -35.04
N GLY C 273 16.23 -47.54 -34.29
CA GLY C 273 16.43 -48.97 -34.31
C GLY C 273 17.26 -49.43 -35.49
N GLU C 274 16.65 -50.19 -36.40
CA GLU C 274 17.38 -50.72 -37.53
C GLU C 274 18.04 -49.62 -38.35
N GLN C 275 19.34 -49.76 -38.55
CA GLN C 275 20.14 -48.77 -39.27
C GLN C 275 19.95 -48.99 -40.77
N THR C 276 18.77 -48.63 -41.26
CA THR C 276 18.50 -48.77 -42.68
C THR C 276 17.74 -47.54 -43.18
N ASN C 277 18.08 -47.12 -44.40
CA ASN C 277 17.50 -45.91 -44.98
C ASN C 277 15.98 -45.95 -44.94
N ARG C 278 15.39 -47.07 -45.36
CA ARG C 278 13.94 -47.18 -45.43
C ARG C 278 13.31 -47.02 -44.06
N ASN C 279 13.96 -47.50 -43.02
CA ASN C 279 13.45 -47.28 -41.68
C ASN C 279 13.62 -45.83 -41.25
N TYR C 280 14.75 -45.20 -41.56
CA TYR C 280 14.91 -43.81 -41.20
C TYR C 280 13.83 -42.95 -41.85
N ILE C 281 13.59 -43.13 -43.14
CA ILE C 281 12.53 -42.39 -43.80
C ILE C 281 11.20 -42.65 -43.12
N ASP C 282 10.85 -43.92 -42.96
CA ASP C 282 9.56 -44.26 -42.41
C ASP C 282 9.38 -43.69 -41.01
N LYS C 283 10.40 -43.86 -40.15
CA LYS C 283 10.34 -43.30 -38.81
C LYS C 283 10.35 -41.79 -38.82
N TYR C 284 11.24 -41.19 -39.61
CA TYR C 284 11.39 -39.74 -39.64
C TYR C 284 10.14 -39.04 -40.15
N ARG C 285 9.56 -39.56 -41.22
CA ARG C 285 8.28 -39.05 -41.71
C ARG C 285 7.21 -39.12 -40.65
N ARG C 286 6.96 -40.31 -40.10
CA ARG C 286 5.88 -40.48 -39.14
C ARG C 286 6.03 -39.62 -37.90
N LEU C 287 7.25 -39.49 -37.38
CA LEU C 287 7.45 -38.60 -36.24
C LEU C 287 6.98 -37.19 -36.54
N SER C 288 7.33 -36.65 -37.69
CA SER C 288 6.95 -35.28 -38.00
C SER C 288 5.44 -35.14 -38.12
N LEU C 289 4.80 -36.07 -38.81
CA LEU C 289 3.35 -36.04 -38.90
C LEU C 289 2.70 -36.25 -37.54
N ALA C 290 3.28 -37.12 -36.71
CA ALA C 290 2.74 -37.34 -35.38
C ALA C 290 2.79 -36.09 -34.52
N LEU C 291 3.90 -35.37 -34.54
CA LEU C 291 3.98 -34.09 -33.81
C LEU C 291 2.91 -33.12 -34.28
N ASP C 292 2.76 -33.00 -35.59
CA ASP C 292 1.77 -32.08 -36.12
C ASP C 292 0.37 -32.42 -35.62
N ASN C 293 0.01 -33.70 -35.61
CA ASN C 293 -1.29 -34.11 -35.06
C ASN C 293 -1.38 -33.91 -33.55
N CYS C 294 -0.30 -34.16 -32.83
CA CYS C 294 -0.32 -33.92 -31.40
C CYS C 294 -0.59 -32.46 -31.07
N THR C 295 0.07 -31.55 -31.79
CA THR C 295 -0.19 -30.13 -31.60
C THR C 295 -1.63 -29.76 -31.91
N ILE C 296 -2.14 -30.23 -33.05
CA ILE C 296 -3.50 -29.93 -33.45
C ILE C 296 -4.51 -30.54 -32.49
N ASN C 297 -4.31 -31.80 -32.10
CA ASN C 297 -5.25 -32.43 -31.18
C ASN C 297 -5.28 -31.74 -29.82
N ALA C 298 -4.11 -31.40 -29.29
CA ALA C 298 -4.05 -30.69 -28.01
C ALA C 298 -4.72 -29.32 -28.06
N PHE C 299 -4.61 -28.63 -29.19
CA PHE C 299 -5.31 -27.36 -29.34
C PHE C 299 -6.83 -27.52 -29.34
N LYS C 300 -7.35 -28.48 -30.08
CA LYS C 300 -8.78 -28.75 -30.05
C LYS C 300 -9.30 -29.13 -28.66
N MET C 301 -8.48 -29.79 -27.85
CA MET C 301 -8.85 -30.04 -26.45
C MET C 301 -8.84 -28.76 -25.63
N ALA C 302 -7.82 -27.92 -25.80
CA ALA C 302 -7.67 -26.73 -24.98
C ALA C 302 -8.79 -25.71 -25.17
N ILE C 303 -9.30 -25.53 -26.39
CA ILE C 303 -10.33 -24.53 -26.62
C ILE C 303 -11.62 -24.84 -25.88
N ALA C 304 -11.72 -25.99 -25.22
CA ALA C 304 -12.86 -26.25 -24.35
C ALA C 304 -12.98 -25.23 -23.22
N VAL C 305 -11.88 -24.61 -22.81
CA VAL C 305 -11.93 -23.71 -21.67
C VAL C 305 -12.72 -22.45 -21.97
N PHE C 306 -12.90 -22.09 -23.23
CA PHE C 306 -13.63 -20.86 -23.54
C PHE C 306 -15.12 -21.12 -23.45
N LEU C 315 -14.18 -19.99 -29.62
CA LEU C 315 -14.37 -19.08 -30.74
C LEU C 315 -13.52 -17.81 -30.63
N PRO C 316 -13.38 -17.23 -29.41
CA PRO C 316 -12.59 -16.00 -29.24
C PRO C 316 -11.08 -16.26 -29.18
N ILE C 317 -10.55 -16.89 -30.21
CA ILE C 317 -9.17 -17.34 -30.21
C ILE C 317 -8.73 -17.38 -31.67
N VAL C 318 -7.60 -16.74 -31.97
CA VAL C 318 -7.11 -16.67 -33.34
C VAL C 318 -5.79 -17.42 -33.41
N PRO C 319 -5.70 -18.52 -34.14
CA PRO C 319 -4.39 -19.14 -34.39
C PRO C 319 -3.63 -18.34 -35.43
N LEU C 320 -2.53 -17.73 -35.02
CA LEU C 320 -1.62 -17.19 -36.01
C LEU C 320 -0.71 -18.28 -36.55
N ILE C 321 -0.20 -19.12 -35.67
CA ILE C 321 0.57 -20.29 -36.05
C ILE C 321 0.06 -21.47 -35.25
N LEU C 322 -0.09 -22.60 -35.93
CA LEU C 322 -0.46 -23.84 -35.29
C LEU C 322 0.08 -24.95 -36.17
N GLY C 323 1.11 -25.63 -35.72
CA GLY C 323 1.67 -26.71 -36.49
C GLY C 323 3.06 -27.05 -36.02
N GLY C 324 3.51 -28.21 -36.44
CA GLY C 324 4.73 -28.77 -35.90
C GLY C 324 4.62 -28.92 -34.40
N ASP C 325 5.62 -28.39 -33.69
CA ASP C 325 5.57 -28.34 -32.24
C ASP C 325 5.18 -26.97 -31.72
N ASP C 326 4.64 -26.11 -32.57
CA ASP C 326 4.65 -24.68 -32.32
C ASP C 326 3.25 -24.14 -32.38
N LEU C 327 2.93 -23.28 -31.44
CA LEU C 327 1.65 -22.62 -31.36
C LEU C 327 1.91 -21.18 -30.96
N THR C 328 1.22 -20.26 -31.63
CA THR C 328 0.94 -18.95 -31.07
C THR C 328 -0.40 -18.47 -31.53
N VAL C 329 -1.14 -17.91 -30.60
CA VAL C 329 -2.53 -17.53 -30.77
C VAL C 329 -2.76 -16.24 -30.01
N ILE C 330 -3.71 -15.44 -30.47
CA ILE C 330 -4.24 -14.34 -29.68
C ILE C 330 -5.52 -14.85 -29.05
N CYS C 331 -5.48 -15.15 -27.76
CA CYS C 331 -6.64 -15.55 -26.99
C CYS C 331 -7.38 -14.37 -26.42
N ARG C 332 -8.60 -14.61 -25.98
CA ARG C 332 -9.16 -13.84 -24.90
C ARG C 332 -8.25 -13.94 -23.70
N GLY C 333 -7.93 -12.80 -23.10
CA GLY C 333 -7.24 -12.80 -21.83
C GLY C 333 -8.12 -13.32 -20.74
N ASP C 334 -7.52 -13.53 -19.58
CA ASP C 334 -8.17 -14.20 -18.44
C ASP C 334 -8.79 -15.54 -18.80
N TYR C 335 -8.29 -16.15 -19.86
CA TYR C 335 -8.53 -17.54 -20.18
C TYR C 335 -7.28 -18.20 -20.71
N ALA C 336 -6.15 -17.49 -20.72
CA ALA C 336 -4.93 -17.91 -21.36
C ALA C 336 -4.04 -18.78 -20.48
N LEU C 337 -4.05 -18.59 -19.16
CA LEU C 337 -3.29 -19.51 -18.32
C LEU C 337 -3.86 -20.91 -18.39
N GLU C 338 -5.17 -21.02 -18.46
CA GLU C 338 -5.87 -22.29 -18.49
C GLU C 338 -5.81 -22.93 -19.88
N PHE C 339 -6.03 -22.14 -20.92
CA PHE C 339 -5.80 -22.63 -22.26
C PHE C 339 -4.39 -23.17 -22.44
N THR C 340 -3.37 -22.43 -22.04
CA THR C 340 -2.01 -22.95 -22.21
C THR C 340 -1.73 -24.11 -21.27
N ARG C 341 -2.18 -24.03 -20.03
CA ARG C 341 -2.04 -25.19 -19.15
C ARG C 341 -2.73 -26.40 -19.76
N GLU C 342 -3.98 -26.22 -20.19
CA GLU C 342 -4.72 -27.30 -20.80
C GLU C 342 -4.08 -27.74 -22.12
N PHE C 343 -3.53 -26.80 -22.89
CA PHE C 343 -2.81 -27.17 -24.10
C PHE C 343 -1.56 -27.98 -23.82
N LEU C 344 -0.75 -27.53 -22.87
CA LEU C 344 0.49 -28.24 -22.57
C LEU C 344 0.22 -29.60 -21.96
N GLU C 345 -0.71 -29.70 -21.01
CA GLU C 345 -1.12 -30.99 -20.47
C GLU C 345 -1.68 -31.90 -21.55
N ALA C 346 -2.55 -31.36 -22.40
CA ALA C 346 -3.08 -32.13 -23.50
C ALA C 346 -2.00 -32.54 -24.48
N PHE C 347 -1.02 -31.68 -24.72
CA PHE C 347 0.08 -32.02 -25.61
C PHE C 347 0.97 -33.13 -25.06
N GLU C 348 1.23 -33.10 -23.76
CA GLU C 348 1.92 -34.22 -23.12
C GLU C 348 1.12 -35.52 -23.24
N GLY C 349 -0.17 -35.45 -22.92
CA GLY C 349 -1.00 -36.64 -23.02
C GLY C 349 -1.08 -37.22 -24.42
N GLN C 350 -1.13 -36.36 -25.43
CA GLN C 350 -1.10 -36.84 -26.82
C GLN C 350 0.20 -37.56 -27.13
N THR C 351 1.33 -36.98 -26.75
CA THR C 351 2.62 -37.59 -27.04
C THR C 351 2.96 -38.83 -26.21
N GLU C 352 2.33 -39.03 -25.06
CA GLU C 352 2.40 -40.31 -24.38
C GLU C 352 1.68 -41.42 -25.14
N THR C 353 0.53 -41.09 -25.73
CA THR C 353 -0.31 -42.09 -26.34
C THR C 353 0.03 -42.38 -27.80
N HIS C 354 0.71 -41.47 -28.49
CA HIS C 354 1.02 -41.66 -29.90
C HIS C 354 2.24 -42.56 -30.08
N ASP C 355 2.02 -43.73 -30.68
CA ASP C 355 3.07 -44.73 -30.83
C ASP C 355 4.34 -44.24 -31.53
N ASP C 356 4.21 -43.46 -32.59
CA ASP C 356 5.40 -43.06 -33.34
C ASP C 356 6.31 -42.10 -32.60
N ILE C 357 5.85 -41.46 -31.56
CA ILE C 357 6.74 -40.67 -30.71
C ILE C 357 7.26 -41.48 -29.54
N LYS C 358 6.38 -42.31 -28.96
CA LYS C 358 6.65 -43.03 -27.73
C LYS C 358 8.02 -43.70 -27.72
N VAL C 359 8.30 -44.54 -28.72
CA VAL C 359 9.57 -45.28 -28.69
C VAL C 359 10.76 -44.38 -28.94
N ILE C 360 10.64 -43.39 -29.81
CA ILE C 360 11.77 -42.50 -30.04
C ILE C 360 12.03 -41.61 -28.83
N ALA C 361 10.98 -41.06 -28.23
CA ALA C 361 11.16 -40.32 -26.98
C ALA C 361 11.70 -41.19 -25.87
N GLN C 362 11.15 -42.40 -25.73
CA GLN C 362 11.62 -43.33 -24.72
C GLN C 362 13.11 -43.60 -24.84
N LYS C 363 13.59 -43.82 -26.05
CA LYS C 363 15.01 -44.06 -26.27
C LYS C 363 15.85 -42.81 -26.07
N ALA C 364 15.31 -41.65 -26.44
CA ALA C 364 16.07 -40.40 -26.32
C ALA C 364 16.17 -39.90 -24.89
N PHE C 365 15.06 -39.89 -24.16
CA PHE C 365 15.02 -39.22 -22.88
C PHE C 365 14.61 -40.12 -21.73
N GLY C 366 14.38 -41.40 -21.98
CA GLY C 366 14.04 -42.30 -20.91
C GLY C 366 12.61 -42.27 -20.47
N VAL C 367 11.81 -41.34 -21.00
CA VAL C 367 10.37 -41.32 -20.74
C VAL C 367 9.64 -41.08 -22.05
N ASP C 368 8.46 -41.68 -22.15
CA ASP C 368 7.76 -41.80 -23.43
C ASP C 368 6.88 -40.60 -23.74
N ARG C 369 7.36 -39.39 -23.48
CA ARG C 369 6.62 -38.18 -23.81
C ARG C 369 7.59 -37.05 -24.17
N LEU C 370 7.05 -36.04 -24.86
CA LEU C 370 7.71 -34.78 -25.12
C LEU C 370 7.12 -33.66 -24.27
N SER C 371 7.57 -32.43 -24.51
CA SER C 371 7.11 -31.32 -23.71
C SER C 371 7.24 -30.01 -24.46
N ALA C 372 6.52 -29.01 -23.98
CA ALA C 372 6.54 -27.66 -24.54
C ALA C 372 6.43 -26.68 -23.40
N CYS C 373 6.83 -25.44 -23.65
CA CYS C 373 6.71 -24.35 -22.70
C CYS C 373 5.99 -23.18 -23.36
N ALA C 374 5.45 -22.27 -22.55
CA ALA C 374 4.67 -21.17 -23.09
C ALA C 374 5.02 -19.83 -22.47
N GLY C 375 5.06 -18.80 -23.31
CA GLY C 375 5.08 -17.40 -22.89
C GLY C 375 3.76 -16.72 -23.17
N ILE C 376 3.26 -15.95 -22.21
CA ILE C 376 1.88 -15.45 -22.25
C ILE C 376 1.79 -13.99 -21.84
N SER C 377 1.58 -13.07 -22.79
CA SER C 377 1.66 -11.65 -22.46
C SER C 377 0.46 -11.15 -21.65
N ILE C 378 -0.75 -11.44 -22.09
CA ILE C 378 -1.94 -10.87 -21.47
C ILE C 378 -1.90 -9.35 -21.44
N ILE C 379 -2.74 -8.74 -22.28
CA ILE C 379 -2.61 -7.37 -22.77
C ILE C 379 -4.00 -6.76 -22.90
N LYS C 380 -4.09 -5.47 -22.70
CA LYS C 380 -5.37 -4.83 -22.98
C LYS C 380 -5.53 -4.57 -24.48
N PRO C 381 -6.73 -4.76 -25.03
CA PRO C 381 -6.82 -5.12 -26.45
C PRO C 381 -6.24 -4.11 -27.42
N HIS C 382 -6.23 -2.81 -27.09
CA HIS C 382 -5.65 -1.81 -27.98
C HIS C 382 -4.13 -1.78 -27.97
N PHE C 383 -3.50 -2.34 -26.95
CA PHE C 383 -2.06 -2.25 -26.86
C PHE C 383 -1.41 -2.91 -28.08
N PRO C 384 -0.31 -2.36 -28.57
CA PRO C 384 0.30 -2.85 -29.81
C PRO C 384 0.71 -4.32 -29.77
N PHE C 385 0.23 -5.09 -30.75
CA PHE C 385 0.56 -6.50 -30.83
C PHE C 385 2.05 -6.75 -31.00
N SER C 386 2.72 -6.00 -31.86
CA SER C 386 4.13 -6.27 -32.09
C SER C 386 4.95 -6.12 -30.83
N VAL C 387 4.54 -5.22 -29.93
CA VAL C 387 5.22 -5.12 -28.64
C VAL C 387 4.86 -6.29 -27.73
N ALA C 388 3.58 -6.61 -27.63
CA ALA C 388 3.13 -7.71 -26.80
C ALA C 388 3.69 -9.05 -27.24
N TYR C 389 3.88 -9.25 -28.53
CA TYR C 389 4.53 -10.48 -28.97
C TYR C 389 6.00 -10.52 -28.61
N THR C 390 6.69 -9.40 -28.68
CA THR C 390 8.07 -9.39 -28.23
C THR C 390 8.21 -9.77 -26.76
N LEU C 391 7.24 -9.42 -25.91
CA LEU C 391 7.22 -9.98 -24.56
C LEU C 391 7.09 -11.49 -24.57
N ALA C 392 6.12 -12.02 -25.32
CA ALA C 392 5.92 -13.46 -25.34
C ALA C 392 7.16 -14.19 -25.82
N GLU C 393 7.95 -13.59 -26.68
CA GLU C 393 9.25 -14.17 -27.02
C GLU C 393 10.23 -14.15 -25.84
N ARG C 394 10.17 -13.15 -24.97
CA ARG C 394 11.03 -13.12 -23.79
C ARG C 394 10.50 -13.99 -22.66
N LEU C 395 9.18 -14.04 -22.49
CA LEU C 395 8.59 -14.93 -21.49
C LEU C 395 8.85 -16.39 -21.80
N ILE C 396 8.76 -16.78 -23.07
CA ILE C 396 9.05 -18.17 -23.44
C ILE C 396 10.48 -18.53 -23.06
N LYS C 397 11.44 -17.62 -23.30
CA LYS C 397 12.81 -17.88 -22.85
C LYS C 397 12.93 -18.10 -21.36
N SER C 398 12.11 -17.45 -20.55
CA SER C 398 12.18 -17.69 -19.11
C SER C 398 11.55 -19.01 -18.75
N ALA C 399 10.36 -19.28 -19.28
CA ALA C 399 9.74 -20.57 -19.08
C ALA C 399 10.65 -21.69 -19.53
N LYS C 400 11.37 -21.47 -20.62
CA LYS C 400 12.28 -22.47 -21.16
C LYS C 400 13.55 -22.66 -20.36
N GLU C 401 13.76 -21.94 -19.26
CA GLU C 401 14.87 -22.21 -18.35
C GLU C 401 14.78 -23.56 -17.63
N VAL C 402 13.59 -24.14 -17.52
CA VAL C 402 13.46 -25.50 -17.01
C VAL C 402 14.32 -26.47 -17.80
N LYS C 403 14.58 -26.14 -19.04
CA LYS C 403 15.43 -26.95 -19.90
C LYS C 403 16.87 -26.96 -19.42
N GLN C 404 17.17 -26.34 -18.30
CA GLN C 404 18.48 -26.47 -17.68
C GLN C 404 18.42 -26.88 -16.21
N LYS C 405 17.38 -26.45 -15.48
CA LYS C 405 17.27 -26.78 -14.07
C LYS C 405 16.71 -28.17 -13.77
N VAL C 406 16.00 -28.79 -14.70
CA VAL C 406 15.46 -30.14 -14.50
C VAL C 406 15.98 -31.02 -15.62
N THR C 407 16.77 -32.04 -15.26
CA THR C 407 17.58 -32.75 -16.23
C THR C 407 17.61 -34.24 -15.92
N VAL C 408 17.81 -35.03 -16.98
CA VAL C 408 17.83 -36.49 -16.86
C VAL C 408 19.08 -36.91 -16.11
N THR C 409 18.89 -37.67 -15.04
CA THR C 409 19.98 -37.97 -14.12
C THR C 409 21.13 -38.70 -14.80
N ASN C 410 22.34 -38.21 -14.55
CA ASN C 410 23.58 -38.73 -15.13
C ASN C 410 23.61 -38.71 -16.64
N SER C 411 22.73 -37.94 -17.29
CA SER C 411 22.90 -37.72 -18.72
C SER C 411 24.16 -36.90 -18.97
N SER C 412 24.79 -37.12 -20.11
CA SER C 412 26.00 -36.37 -20.39
C SER C 412 26.33 -36.42 -21.88
N PRO C 413 26.46 -35.28 -22.56
CA PRO C 413 26.16 -33.93 -22.04
C PRO C 413 24.73 -33.80 -21.54
N ILE C 414 24.56 -33.02 -20.48
CA ILE C 414 23.34 -33.08 -19.69
C ILE C 414 22.15 -32.70 -20.55
N THR C 415 21.15 -33.56 -20.57
CA THR C 415 19.97 -33.32 -21.39
C THR C 415 18.83 -32.87 -20.51
N PRO C 416 18.05 -31.88 -20.93
CA PRO C 416 16.85 -31.53 -20.20
C PRO C 416 15.90 -32.71 -20.13
N PHE C 417 15.35 -32.91 -18.98
CA PHE C 417 14.25 -33.83 -18.77
C PHE C 417 12.97 -33.19 -19.30
N PRO C 418 12.09 -33.95 -19.93
CA PRO C 418 10.84 -33.36 -20.40
C PRO C 418 9.95 -32.76 -19.32
N CYS C 419 9.88 -31.43 -19.32
CA CYS C 419 9.12 -30.65 -18.35
C CYS C 419 8.46 -29.49 -19.08
N SER C 420 7.21 -29.20 -18.75
CA SER C 420 6.42 -28.16 -19.41
C SER C 420 6.15 -27.04 -18.43
N ALA C 421 6.40 -25.80 -18.85
CA ALA C 421 6.36 -24.69 -17.92
C ALA C 421 5.81 -23.47 -18.64
N ILE C 422 5.32 -22.54 -17.83
CA ILE C 422 4.71 -21.31 -18.28
C ILE C 422 5.48 -20.13 -17.69
N ASP C 423 5.54 -19.04 -18.43
CA ASP C 423 5.76 -17.74 -17.81
C ASP C 423 4.78 -16.74 -18.41
N PHE C 424 4.23 -15.84 -17.59
CA PHE C 424 3.12 -14.99 -18.00
C PHE C 424 3.33 -13.59 -17.44
N HIS C 425 2.65 -12.58 -18.01
CA HIS C 425 2.88 -11.22 -17.51
C HIS C 425 1.65 -10.48 -16.98
N ILE C 426 0.72 -10.03 -17.81
CA ILE C 426 -0.38 -9.16 -17.37
C ILE C 426 0.15 -7.74 -17.26
N LEU C 427 0.17 -7.03 -18.40
CA LEU C 427 0.92 -5.79 -18.55
C LEU C 427 0.49 -4.59 -17.69
N TYR C 428 -0.76 -4.17 -17.69
CA TYR C 428 -1.12 -3.00 -16.86
C TYR C 428 -0.15 -1.83 -17.07
N ASP C 429 0.14 -1.51 -18.32
CA ASP C 429 1.05 -0.41 -18.63
C ASP C 429 0.69 0.09 -20.01
N SER C 430 1.14 1.31 -20.32
CA SER C 430 0.84 1.92 -21.59
C SER C 430 2.05 1.98 -22.50
N SER C 431 3.23 2.18 -21.94
CA SER C 431 4.45 2.08 -22.72
C SER C 431 5.61 1.81 -21.79
N GLY C 432 6.54 0.99 -22.25
CA GLY C 432 7.80 0.71 -21.58
C GLY C 432 8.21 -0.67 -22.03
N ILE C 433 7.48 -1.67 -21.53
CA ILE C 433 7.58 -3.03 -22.02
C ILE C 433 9.01 -3.50 -22.26
N ASP C 434 9.81 -3.57 -21.19
CA ASP C 434 11.14 -4.14 -21.25
C ASP C 434 11.14 -5.21 -20.17
N PHE C 435 11.21 -6.46 -20.60
CA PHE C 435 11.24 -7.57 -19.66
C PHE C 435 12.25 -7.35 -18.53
N ASP C 436 13.41 -6.78 -18.86
CA ASP C 436 14.41 -6.54 -17.82
C ASP C 436 14.00 -5.46 -16.84
N ARG C 437 13.44 -4.35 -17.31
CA ARG C 437 12.87 -3.38 -16.40
C ARG C 437 11.68 -3.95 -15.66
N ILE C 438 10.83 -4.68 -16.36
CA ILE C 438 9.64 -5.27 -15.75
C ILE C 438 10.01 -6.13 -14.55
N ARG C 439 10.97 -7.03 -14.73
CA ARG C 439 11.31 -7.96 -13.65
C ARG C 439 12.21 -7.36 -12.59
N GLU C 440 13.07 -6.40 -12.90
CA GLU C 440 13.85 -5.81 -11.83
C GLU C 440 13.04 -4.82 -11.00
N LYS C 441 12.02 -4.21 -11.58
CA LYS C 441 11.21 -3.29 -10.80
C LYS C 441 10.38 -3.99 -9.73
N LEU C 442 10.29 -5.31 -9.76
CA LEU C 442 9.71 -6.09 -8.67
C LEU C 442 10.72 -7.08 -8.13
N ARG C 443 11.98 -6.67 -8.10
CA ARG C 443 13.05 -7.35 -7.39
C ARG C 443 13.66 -6.34 -6.43
N PRO C 444 12.93 -5.93 -5.40
CA PRO C 444 13.22 -4.64 -4.77
C PRO C 444 14.48 -4.61 -3.94
N GLU C 445 14.95 -5.74 -3.41
CA GLU C 445 16.09 -5.77 -2.52
C GLU C 445 17.02 -6.85 -3.02
N ASP C 446 18.33 -6.67 -2.81
CA ASP C 446 19.28 -7.59 -3.42
C ASP C 446 19.11 -9.02 -2.97
N ASN C 447 18.53 -9.26 -1.80
CA ASN C 447 18.25 -10.62 -1.36
C ASN C 447 16.91 -11.16 -1.84
N THR C 448 16.07 -10.34 -2.46
CA THR C 448 14.65 -10.64 -2.57
C THR C 448 14.17 -10.45 -3.99
N GLU C 449 13.35 -11.37 -4.48
CA GLU C 449 12.56 -11.19 -5.69
C GLU C 449 11.12 -11.59 -5.42
N LEU C 450 10.19 -10.79 -5.93
CA LEU C 450 8.78 -10.96 -5.62
C LEU C 450 8.04 -11.83 -6.63
N TYR C 451 8.74 -12.66 -7.37
CA TYR C 451 8.15 -13.49 -8.40
C TYR C 451 8.76 -14.87 -8.38
N ASN C 452 7.91 -15.87 -8.49
CA ASN C 452 8.32 -17.27 -8.67
C ASN C 452 7.98 -17.77 -10.06
N ARG C 453 7.87 -16.88 -11.01
CA ARG C 453 7.01 -17.02 -12.19
C ARG C 453 7.31 -18.02 -13.29
N PRO C 454 8.51 -18.56 -13.45
CA PRO C 454 8.61 -19.73 -14.35
C PRO C 454 8.01 -20.95 -13.68
N TYR C 455 6.75 -21.25 -13.99
CA TYR C 455 5.98 -22.26 -13.30
C TYR C 455 5.91 -23.55 -14.11
N VAL C 456 6.25 -24.66 -13.47
CA VAL C 456 6.16 -25.99 -14.06
C VAL C 456 4.72 -26.49 -14.05
N VAL C 457 4.21 -26.90 -15.21
CA VAL C 457 2.86 -27.45 -15.29
C VAL C 457 2.86 -28.97 -15.30
N THR C 458 3.99 -29.61 -15.57
CA THR C 458 4.07 -31.06 -15.52
C THR C 458 3.70 -31.57 -14.13
N ALA C 459 3.03 -32.71 -14.10
CA ALA C 459 2.63 -33.31 -12.84
C ALA C 459 3.85 -33.77 -12.05
N ALA C 460 3.77 -33.61 -10.73
CA ALA C 460 4.90 -33.95 -9.87
C ALA C 460 5.29 -35.41 -9.97
N GLU C 461 4.37 -36.28 -10.37
CA GLU C 461 4.69 -37.69 -10.54
C GLU C 461 5.71 -37.91 -11.64
N ASN C 462 5.51 -37.29 -12.80
CA ASN C 462 6.42 -37.53 -13.91
C ASN C 462 7.83 -37.06 -13.60
N LEU C 463 7.95 -35.95 -12.89
CA LEU C 463 9.26 -35.35 -12.62
C LEU C 463 10.07 -36.07 -11.55
N SER C 464 9.48 -36.96 -10.77
CA SER C 464 10.09 -37.40 -9.52
C SER C 464 11.44 -38.08 -9.72
N GLN C 465 11.76 -38.53 -10.92
CA GLN C 465 13.05 -39.18 -11.15
C GLN C 465 14.05 -38.32 -11.91
N ALA C 466 13.76 -37.05 -12.14
CA ALA C 466 14.75 -36.14 -12.71
C ALA C 466 15.58 -35.51 -11.60
N GLN C 467 16.76 -35.03 -11.97
CA GLN C 467 17.42 -34.04 -11.13
C GLN C 467 16.66 -32.72 -11.17
N GLY C 468 16.70 -32.01 -10.05
CA GLY C 468 15.94 -30.79 -9.95
C GLY C 468 14.50 -31.01 -9.58
N TYR C 469 14.17 -32.18 -9.03
CA TYR C 469 12.80 -32.47 -8.64
C TYR C 469 12.31 -31.50 -7.57
N GLU C 470 13.09 -31.30 -6.51
CA GLU C 470 12.66 -30.37 -5.47
C GLU C 470 12.49 -28.96 -5.99
N TRP C 471 13.34 -28.53 -6.92
CA TRP C 471 13.15 -27.24 -7.56
C TRP C 471 11.83 -27.17 -8.31
N SER C 472 11.51 -28.20 -9.09
CA SER C 472 10.25 -28.22 -9.81
C SER C 472 9.05 -28.19 -8.89
N GLN C 473 9.13 -28.79 -7.73
CA GLN C 473 8.00 -28.74 -6.80
C GLN C 473 7.79 -27.37 -6.19
N ALA C 474 8.88 -26.65 -5.90
CA ALA C 474 8.72 -25.27 -5.45
C ALA C 474 8.12 -24.38 -6.52
N HIS C 475 8.37 -24.68 -7.78
CA HIS C 475 7.87 -23.97 -8.94
C HIS C 475 6.62 -24.56 -9.56
N SER C 476 5.95 -25.50 -8.92
CA SER C 476 4.81 -26.14 -9.56
C SER C 476 3.62 -25.22 -9.66
N LEU C 477 2.99 -25.20 -10.83
CA LEU C 477 1.87 -24.31 -11.05
C LEU C 477 0.73 -24.59 -10.10
N GLN C 478 0.61 -25.82 -9.64
CA GLN C 478 -0.42 -26.13 -8.66
C GLN C 478 -0.25 -25.33 -7.38
N THR C 479 0.97 -24.95 -7.03
CA THR C 479 1.15 -24.05 -5.90
C THR C 479 0.49 -22.70 -6.13
N LEU C 480 0.67 -22.14 -7.31
CA LEU C 480 -0.02 -20.89 -7.66
C LEU C 480 -1.52 -21.09 -7.76
N ALA C 481 -1.96 -22.12 -8.49
CA ALA C 481 -3.38 -22.33 -8.68
C ALA C 481 -4.10 -22.61 -7.38
N ASP C 482 -3.46 -23.31 -6.45
CA ASP C 482 -4.01 -23.49 -5.11
C ASP C 482 -4.15 -22.17 -4.37
N ARG C 483 -3.09 -21.37 -4.36
CA ARG C 483 -3.08 -20.10 -3.65
C ARG C 483 -4.13 -19.14 -4.20
N VAL C 484 -4.33 -19.14 -5.51
CA VAL C 484 -5.41 -18.36 -6.10
C VAL C 484 -6.77 -18.80 -5.57
N SER C 485 -7.01 -20.10 -5.43
CA SER C 485 -8.28 -20.57 -4.87
C SER C 485 -8.51 -20.07 -3.46
N TYR C 486 -7.47 -20.08 -2.62
CA TYR C 486 -7.62 -19.54 -1.27
C TYR C 486 -7.98 -18.06 -1.29
N LEU C 487 -7.33 -17.28 -2.15
CA LEU C 487 -7.70 -15.88 -2.26
C LEU C 487 -9.14 -15.73 -2.70
N ARG C 488 -9.56 -16.54 -3.67
CA ARG C 488 -10.91 -16.53 -4.20
C ARG C 488 -11.93 -17.19 -3.29
N SER C 489 -11.50 -18.01 -2.35
CA SER C 489 -12.43 -18.75 -1.52
C SER C 489 -13.18 -17.82 -0.57
N GLU C 490 -14.32 -18.31 -0.10
CA GLU C 490 -15.19 -17.52 0.75
C GLU C 490 -15.66 -18.34 1.94
N GLY C 494 -19.94 -16.32 3.80
CA GLY C 494 -20.50 -15.32 2.93
C GLY C 494 -19.55 -14.18 2.58
N LYS C 495 -18.28 -14.32 2.97
CA LYS C 495 -17.33 -13.22 2.85
C LYS C 495 -15.95 -13.80 2.62
N SER C 496 -15.04 -12.97 2.09
CA SER C 496 -13.68 -13.41 1.79
C SER C 496 -13.02 -14.05 3.00
N ALA C 497 -12.35 -15.18 2.76
CA ALA C 497 -11.56 -15.82 3.80
C ALA C 497 -10.38 -14.97 4.21
N LEU C 498 -9.58 -14.52 3.25
CA LEU C 498 -8.62 -13.44 3.47
C LEU C 498 -9.13 -12.17 2.79
N PRO C 499 -9.45 -11.14 3.55
CA PRO C 499 -9.97 -9.94 2.94
C PRO C 499 -8.98 -9.29 1.98
N SER C 500 -9.51 -8.67 0.94
CA SER C 500 -8.67 -7.86 0.07
C SER C 500 -7.99 -6.77 0.87
N SER C 501 -8.73 -6.14 1.77
CA SER C 501 -8.22 -5.16 2.71
C SER C 501 -6.90 -5.62 3.31
N GLN C 502 -6.79 -6.89 3.67
CA GLN C 502 -5.57 -7.43 4.28
C GLN C 502 -4.56 -7.92 3.26
N SER C 503 -4.99 -8.45 2.13
CA SER C 503 -4.05 -8.85 1.09
C SER C 503 -3.21 -7.67 0.64
N HIS C 504 -3.82 -6.49 0.55
CA HIS C 504 -3.10 -5.29 0.14
C HIS C 504 -2.20 -4.71 1.21
N ALA C 505 -2.46 -4.99 2.47
CA ALA C 505 -1.48 -4.68 3.50
C ALA C 505 -0.21 -5.49 3.33
N LEU C 506 -0.35 -6.79 3.10
CA LEU C 506 0.78 -7.66 2.81
C LEU C 506 1.50 -7.26 1.54
N ARG C 507 0.75 -7.03 0.47
CA ARG C 507 1.33 -6.57 -0.78
C ARG C 507 2.23 -5.37 -0.61
N THR C 508 1.80 -4.38 0.17
CA THR C 508 2.64 -3.21 0.39
C THR C 508 3.94 -3.57 1.09
N ALA C 509 3.83 -4.38 2.16
CA ALA C 509 5.00 -4.74 2.95
C ALA C 509 5.99 -5.58 2.16
N LEU C 510 5.55 -6.34 1.15
CA LEU C 510 6.49 -7.14 0.38
C LEU C 510 7.53 -6.29 -0.32
N TYR C 511 7.23 -5.04 -0.62
CA TYR C 511 8.21 -4.15 -1.23
C TYR C 511 9.23 -3.61 -0.25
N LEU C 512 9.13 -3.91 1.04
CA LEU C 512 10.10 -3.51 2.04
C LEU C 512 11.18 -4.58 2.18
N GLU C 513 12.12 -4.36 3.09
CA GLU C 513 13.03 -5.41 3.48
C GLU C 513 12.27 -6.61 4.02
N LYS C 514 12.86 -7.79 3.83
CA LYS C 514 12.23 -9.01 4.30
C LYS C 514 11.92 -8.97 5.79
N ASN C 515 12.77 -8.33 6.58
CA ASN C 515 12.51 -8.18 8.01
C ASN C 515 11.21 -7.43 8.26
N GLU C 516 10.98 -6.36 7.51
CA GLU C 516 9.74 -5.61 7.63
C GLU C 516 8.57 -6.36 7.01
N ALA C 517 8.82 -7.09 5.92
CA ALA C 517 7.77 -7.88 5.33
C ALA C 517 7.28 -8.97 6.27
N ASP C 518 8.20 -9.70 6.90
CA ASP C 518 7.85 -10.69 7.90
C ASP C 518 7.22 -10.07 9.14
N ALA C 519 7.63 -8.87 9.51
CA ALA C 519 6.99 -8.15 10.60
C ALA C 519 5.51 -7.93 10.34
N GLN C 520 5.15 -7.45 9.17
CA GLN C 520 3.75 -7.23 8.84
C GLN C 520 2.94 -8.51 8.80
N TYR C 521 3.51 -9.59 8.28
CA TYR C 521 2.80 -10.87 8.28
C TYR C 521 2.56 -11.36 9.70
N SER C 522 3.52 -11.20 10.58
CA SER C 522 3.37 -11.64 11.96
C SER C 522 2.32 -10.83 12.70
N LEU C 523 1.97 -9.65 12.22
CA LEU C 523 0.84 -8.93 12.75
C LEU C 523 -0.50 -9.54 12.36
N ILE C 524 -0.50 -10.40 11.34
CA ILE C 524 -1.74 -10.85 10.70
C ILE C 524 -1.89 -12.36 10.83
N SER C 525 -0.76 -13.06 10.90
CA SER C 525 -0.74 -14.48 10.63
C SER C 525 -1.67 -15.29 11.50
N GLN C 526 -2.03 -14.80 12.68
CA GLN C 526 -2.99 -15.53 13.51
C GLN C 526 -4.41 -15.03 13.42
N ARG C 527 -4.62 -13.82 12.90
CA ARG C 527 -5.97 -13.33 12.69
C ARG C 527 -6.68 -14.00 11.54
N TYR C 528 -5.95 -14.51 10.56
CA TYR C 528 -6.55 -15.10 9.37
C TYR C 528 -5.99 -16.49 9.15
N LYS C 529 -6.70 -17.49 9.67
CA LYS C 529 -6.19 -18.85 9.69
C LYS C 529 -5.87 -19.40 8.32
N ILE C 530 -6.48 -18.84 7.27
CA ILE C 530 -6.11 -19.20 5.92
C ILE C 530 -4.66 -18.91 5.59
N LEU C 531 -4.04 -17.96 6.30
CA LEU C 531 -2.67 -17.56 6.00
C LEU C 531 -1.65 -18.65 6.25
N LYS C 532 -2.00 -19.70 6.99
CA LYS C 532 -1.13 -20.85 7.11
C LYS C 532 -0.83 -21.49 5.76
N ASN C 533 -1.77 -21.40 4.84
CA ASN C 533 -1.60 -21.96 3.50
C ASN C 533 -0.74 -21.10 2.61
N PHE C 534 -0.68 -19.79 2.86
CA PHE C 534 0.16 -18.91 2.08
C PHE C 534 1.60 -18.85 2.57
N ALA C 535 1.87 -19.26 3.79
CA ALA C 535 3.24 -19.34 4.29
C ALA C 535 4.10 -20.20 3.40
N GLU C 536 5.41 -19.94 3.45
CA GLU C 536 6.38 -20.69 2.66
C GLU C 536 7.62 -21.09 3.45
N ASP C 537 7.77 -20.61 4.68
CA ASP C 537 8.95 -20.83 5.51
C ASP C 537 8.97 -22.20 6.17
N GLY C 538 7.84 -22.90 6.22
CA GLY C 538 7.70 -24.06 7.08
C GLY C 538 7.51 -23.73 8.54
N GLU C 539 7.21 -22.48 8.84
CA GLU C 539 7.00 -22.01 10.20
C GLU C 539 5.74 -21.17 10.33
N ASN C 540 5.08 -20.85 9.22
CA ASN C 540 3.90 -20.00 9.22
C ASN C 540 4.25 -18.63 9.79
N LYS C 541 5.40 -18.11 9.37
CA LYS C 541 5.81 -16.78 9.78
C LYS C 541 6.47 -15.96 8.67
N SER C 542 6.54 -16.45 7.45
CA SER C 542 7.01 -15.62 6.34
C SER C 542 6.30 -16.04 5.07
N LEU C 543 6.03 -15.06 4.22
CA LEU C 543 5.59 -15.32 2.86
C LEU C 543 6.73 -15.65 1.92
N PHE C 544 7.97 -15.57 2.38
CA PHE C 544 9.15 -15.84 1.56
C PHE C 544 9.73 -17.19 1.93
N HIS C 545 10.17 -17.91 0.91
CA HIS C 545 11.04 -19.06 1.10
C HIS C 545 12.39 -18.78 0.46
N LEU C 546 13.42 -19.39 1.01
CA LEU C 546 14.75 -19.27 0.42
C LEU C 546 14.84 -20.09 -0.87
N GLU C 547 15.47 -19.52 -1.88
CA GLU C 547 15.63 -20.23 -3.15
C GLU C 547 16.93 -19.78 -3.79
N ASN C 548 17.87 -20.70 -3.96
CA ASN C 548 19.15 -20.37 -4.56
C ASN C 548 19.80 -19.14 -3.89
N GLY C 549 19.69 -19.07 -2.58
CA GLY C 549 20.22 -17.96 -1.80
C GLY C 549 19.38 -16.70 -1.82
N LYS C 550 18.47 -16.56 -2.76
CA LYS C 550 17.49 -15.48 -2.81
C LYS C 550 16.32 -15.82 -1.92
N TYR C 551 15.56 -14.79 -1.57
CA TYR C 551 14.21 -14.94 -1.02
C TYR C 551 13.18 -14.67 -2.10
N VAL C 552 12.21 -15.55 -2.24
CA VAL C 552 11.24 -15.47 -3.32
C VAL C 552 9.86 -15.83 -2.80
N THR C 553 8.82 -15.30 -3.42
CA THR C 553 7.47 -15.52 -2.93
C THR C 553 6.50 -15.78 -4.08
N ARG C 554 5.50 -16.61 -3.81
CA ARG C 554 4.37 -16.81 -4.70
C ARG C 554 3.22 -15.88 -4.41
N PHE C 555 3.24 -15.17 -3.28
CA PHE C 555 2.07 -14.41 -2.87
C PHE C 555 1.71 -13.34 -3.89
N LEU C 556 2.71 -12.70 -4.47
CA LEU C 556 2.41 -11.64 -5.43
C LEU C 556 1.98 -12.18 -6.78
N ASP C 557 2.46 -13.35 -7.21
CA ASP C 557 1.92 -14.01 -8.39
C ASP C 557 0.46 -14.38 -8.21
N ALA C 558 0.09 -14.85 -7.03
CA ALA C 558 -1.30 -15.20 -6.79
C ALA C 558 -2.22 -13.98 -6.83
N LEU C 559 -1.81 -12.86 -6.23
CA LEU C 559 -2.60 -11.64 -6.35
C LEU C 559 -2.70 -11.13 -7.77
N ASP C 560 -1.61 -11.20 -8.54
CA ASP C 560 -1.67 -10.80 -9.94
C ASP C 560 -2.58 -11.69 -10.77
N ALA C 561 -2.36 -12.99 -10.71
CA ALA C 561 -3.08 -13.94 -11.54
C ALA C 561 -4.46 -14.28 -11.02
N LYS C 562 -4.89 -13.71 -9.91
CA LYS C 562 -6.13 -14.14 -9.29
C LYS C 562 -7.30 -14.18 -10.26
N ASP C 563 -7.42 -13.18 -11.12
CA ASP C 563 -8.53 -13.11 -12.07
C ASP C 563 -8.20 -13.63 -13.45
N PHE C 564 -7.12 -14.34 -13.59
CA PHE C 564 -6.70 -14.90 -14.87
C PHE C 564 -6.54 -16.40 -14.72
N PHE C 565 -7.44 -16.97 -13.93
CA PHE C 565 -7.62 -18.39 -13.72
C PHE C 565 -9.12 -18.63 -13.77
N ALA C 566 -9.67 -18.51 -14.97
CA ALA C 566 -11.07 -18.79 -15.25
C ALA C 566 -11.13 -19.82 -16.36
N ASN C 567 -12.14 -20.67 -16.31
CA ASN C 567 -12.23 -21.81 -17.18
C ASN C 567 -13.70 -22.13 -17.36
N ALA C 568 -14.09 -22.49 -18.58
CA ALA C 568 -15.47 -22.91 -18.78
C ALA C 568 -15.80 -24.23 -18.10
N ASN C 569 -14.80 -25.06 -17.82
CA ASN C 569 -15.03 -26.30 -17.10
C ASN C 569 -15.58 -26.06 -15.69
N ALA D 2 -3.91 26.79 -30.32
CA ALA D 2 -4.36 26.16 -29.11
C ALA D 2 -5.86 26.04 -29.11
N ARG D 3 -6.40 25.67 -27.97
CA ARG D 3 -7.83 25.77 -27.71
C ARG D 3 -8.30 27.22 -27.77
N LYS D 4 -9.27 27.50 -28.63
CA LYS D 4 -9.80 28.84 -28.69
C LYS D 4 -10.54 29.18 -27.40
N VAL D 5 -10.31 30.39 -26.90
CA VAL D 5 -10.89 30.87 -25.66
C VAL D 5 -11.39 32.28 -25.89
N THR D 6 -12.70 32.46 -25.83
CA THR D 6 -13.30 33.77 -25.95
C THR D 6 -12.99 34.64 -24.74
N THR D 7 -12.98 34.06 -23.55
CA THR D 7 -12.60 34.81 -22.36
C THR D 7 -12.14 33.84 -21.28
N ARG D 8 -11.10 34.22 -20.55
CA ARG D 8 -10.66 33.48 -19.39
C ARG D 8 -11.11 34.20 -18.13
N TRP D 9 -11.85 33.50 -17.28
CA TRP D 9 -12.39 34.03 -16.03
C TRP D 9 -11.58 33.46 -14.89
N LYS D 10 -11.03 34.33 -14.06
CA LYS D 10 -10.39 33.90 -12.84
C LYS D 10 -11.32 34.21 -11.67
N ILE D 11 -11.71 33.18 -10.96
CA ILE D 11 -12.84 33.20 -10.04
C ILE D 11 -12.25 32.78 -8.72
N THR D 12 -12.17 33.70 -7.77
CA THR D 12 -11.35 33.44 -6.60
C THR D 12 -11.92 34.16 -5.40
N GLY D 13 -11.59 33.64 -4.24
CA GLY D 13 -12.15 34.11 -2.99
C GLY D 13 -11.62 33.28 -1.86
N THR D 14 -12.22 33.41 -0.69
CA THR D 14 -11.84 32.63 0.48
C THR D 14 -12.89 31.59 0.79
N LEU D 15 -12.49 30.33 0.88
CA LEU D 15 -13.32 29.28 1.46
C LEU D 15 -12.99 29.09 2.93
N ILE D 16 -14.01 28.96 3.77
CA ILE D 16 -13.84 28.74 5.21
C ILE D 16 -14.48 27.42 5.57
N ALA D 17 -13.80 26.64 6.39
CA ALA D 17 -14.35 25.42 6.96
C ALA D 17 -15.45 25.77 7.96
N GLU D 18 -16.70 25.46 7.60
CA GLU D 18 -17.82 25.68 8.51
C GLU D 18 -17.99 24.55 9.52
N THR D 19 -17.45 23.38 9.23
CA THR D 19 -17.22 22.33 10.21
C THR D 19 -15.88 21.69 9.90
N PRO D 20 -15.32 20.95 10.84
CA PRO D 20 -13.98 20.39 10.62
C PRO D 20 -13.89 19.60 9.33
N LEU D 21 -12.77 19.77 8.62
CA LEU D 21 -12.53 19.04 7.39
C LEU D 21 -11.65 17.83 7.61
N HIS D 22 -11.82 16.85 6.75
CA HIS D 22 -10.82 15.81 6.58
C HIS D 22 -10.77 15.46 5.11
N ILE D 23 -9.70 15.87 4.42
CA ILE D 23 -9.33 15.27 3.13
C ILE D 23 -8.24 14.26 3.42
N GLY D 24 -8.47 13.01 3.06
CA GLY D 24 -7.53 11.96 3.38
C GLY D 24 -6.38 11.85 2.40
N GLY D 25 -5.22 11.52 2.95
CA GLY D 25 -4.09 11.04 2.18
C GLY D 25 -4.22 9.56 1.95
N VAL D 26 -3.08 8.89 1.79
CA VAL D 26 -3.09 7.44 1.65
C VAL D 26 -3.47 6.77 2.96
N GLY D 27 -3.20 7.40 4.09
CA GLY D 27 -3.78 6.95 5.33
C GLY D 27 -2.76 6.37 6.29
N GLY D 28 -3.07 6.48 7.59
CA GLY D 28 -2.16 6.08 8.64
C GLY D 28 -0.98 7.02 8.82
N ASP D 29 -0.66 7.39 10.06
CA ASP D 29 0.48 8.27 10.26
C ASP D 29 1.10 8.09 11.65
N ALA D 30 0.95 6.92 12.26
CA ALA D 30 1.37 6.67 13.62
C ALA D 30 0.70 7.53 14.68
N ASP D 31 0.30 8.76 14.36
CA ASP D 31 -0.44 9.54 15.33
C ASP D 31 -1.93 9.22 15.32
N THR D 32 -2.47 8.89 14.15
CA THR D 32 -3.88 8.62 13.94
C THR D 32 -3.99 7.50 12.92
N ASP D 33 -5.16 6.85 12.90
CA ASP D 33 -5.41 5.85 11.88
C ASP D 33 -5.67 6.49 10.53
N LEU D 34 -6.41 7.58 10.51
CA LEU D 34 -6.76 8.30 9.29
C LEU D 34 -6.05 9.64 9.29
N ALA D 35 -5.32 9.94 8.23
CA ALA D 35 -4.36 11.01 8.22
C ALA D 35 -4.65 11.99 7.10
N LEU D 36 -4.51 13.27 7.40
CA LEU D 36 -4.82 14.33 6.46
C LEU D 36 -3.87 14.35 5.28
N ALA D 37 -4.39 14.78 4.14
CA ALA D 37 -3.56 15.03 2.98
C ALA D 37 -2.65 16.20 3.22
N VAL D 38 -1.38 16.06 2.86
CA VAL D 38 -0.40 17.14 2.91
C VAL D 38 0.26 17.23 1.55
N ASN D 39 0.56 18.44 1.11
CA ASN D 39 1.29 18.64 -0.13
C ASN D 39 2.76 18.25 0.04
N GLY D 40 3.54 18.41 -1.02
CA GLY D 40 4.94 18.06 -0.98
C GLY D 40 5.79 18.85 0.01
N ALA D 41 5.33 20.00 0.46
CA ALA D 41 6.01 20.73 1.51
C ALA D 41 5.49 20.37 2.89
N GLY D 42 4.63 19.35 2.99
CA GLY D 42 4.04 18.92 4.23
C GLY D 42 2.93 19.83 4.73
N GLU D 43 2.55 20.84 3.97
CA GLU D 43 1.47 21.71 4.35
C GLU D 43 0.14 21.03 4.05
N TYR D 44 -0.82 21.21 4.93
CA TYR D 44 -2.16 20.72 4.68
C TYR D 44 -2.80 21.47 3.53
N TYR D 45 -3.52 20.75 2.69
CA TYR D 45 -4.07 21.37 1.50
C TYR D 45 -5.33 20.63 1.07
N VAL D 46 -6.10 21.30 0.23
CA VAL D 46 -7.21 20.69 -0.52
C VAL D 46 -6.68 20.35 -1.90
N PRO D 47 -6.58 19.09 -2.27
CA PRO D 47 -6.20 18.79 -3.64
C PRO D 47 -7.24 19.30 -4.61
N GLY D 48 -6.78 19.88 -5.71
CA GLY D 48 -7.75 20.35 -6.67
C GLY D 48 -8.59 19.24 -7.26
N THR D 49 -8.07 18.01 -7.26
CA THR D 49 -8.90 16.87 -7.62
C THR D 49 -10.06 16.70 -6.66
N SER D 50 -9.79 16.81 -5.36
CA SER D 50 -10.85 16.62 -4.38
C SER D 50 -11.86 17.75 -4.41
N LEU D 51 -11.40 18.99 -4.54
CA LEU D 51 -12.33 20.12 -4.66
C LEU D 51 -13.06 20.12 -5.99
N ALA D 52 -12.36 19.85 -7.07
CA ALA D 52 -13.00 19.79 -8.38
C ALA D 52 -14.11 18.76 -8.43
N GLY D 53 -13.90 17.61 -7.81
CA GLY D 53 -14.94 16.60 -7.76
C GLY D 53 -16.12 16.95 -6.89
N ALA D 54 -15.90 17.69 -5.82
CA ALA D 54 -17.02 18.19 -5.00
C ALA D 54 -17.89 19.16 -5.77
N LEU D 55 -17.28 20.05 -6.55
CA LEU D 55 -18.02 20.98 -7.38
C LEU D 55 -18.72 20.27 -8.53
N ARG D 56 -18.00 19.45 -9.29
CA ARG D 56 -18.63 18.66 -10.35
C ARG D 56 -19.73 17.78 -9.82
N GLY D 57 -19.56 17.24 -8.61
CA GLY D 57 -20.61 16.44 -8.01
C GLY D 57 -21.87 17.23 -7.77
N TRP D 58 -21.76 18.40 -7.14
CA TRP D 58 -22.92 19.22 -6.87
C TRP D 58 -23.62 19.66 -8.15
N MET D 59 -22.88 20.06 -9.17
CA MET D 59 -23.52 20.39 -10.44
C MET D 59 -24.27 19.21 -11.02
N THR D 60 -23.73 18.00 -10.90
CA THR D 60 -24.44 16.83 -11.38
C THR D 60 -25.74 16.60 -10.62
N GLN D 61 -25.76 16.88 -9.33
CA GLN D 61 -27.02 16.79 -8.61
C GLN D 61 -27.95 17.92 -9.02
N LEU D 62 -27.40 19.11 -9.28
CA LEU D 62 -28.20 20.21 -9.80
C LEU D 62 -28.80 19.89 -11.16
N LEU D 63 -27.97 19.48 -12.12
CA LEU D 63 -28.46 19.23 -13.46
C LEU D 63 -29.10 17.86 -13.57
N ASN D 64 -29.64 17.36 -12.46
CA ASN D 64 -30.38 16.10 -12.46
C ASN D 64 -29.60 14.97 -13.12
N ASN D 65 -28.32 14.90 -12.82
CA ASN D 65 -27.46 13.86 -13.38
C ASN D 65 -27.40 13.88 -14.90
N ASP D 66 -27.78 14.99 -15.53
CA ASP D 66 -27.59 15.14 -16.96
C ASP D 66 -26.09 15.11 -17.25
N GLU D 67 -25.65 14.17 -18.09
CA GLU D 67 -24.27 14.19 -18.54
C GLU D 67 -23.99 15.31 -19.53
N SER D 68 -24.94 15.63 -20.37
CA SER D 68 -24.60 16.32 -21.61
C SER D 68 -24.01 17.70 -21.34
N GLN D 69 -24.62 18.43 -20.40
CA GLN D 69 -24.16 19.74 -20.00
C GLN D 69 -22.96 19.70 -19.07
N ILE D 70 -22.85 18.68 -18.23
CA ILE D 70 -21.75 18.61 -17.28
C ILE D 70 -20.42 18.46 -18.00
N LYS D 71 -20.39 17.61 -19.02
CA LYS D 71 -19.21 17.39 -19.85
C LYS D 71 -18.79 18.62 -20.63
N ASP D 72 -19.69 19.57 -20.87
CA ASP D 72 -19.32 20.79 -21.55
C ASP D 72 -18.61 21.80 -20.66
N LEU D 73 -18.72 21.66 -19.35
CA LEU D 73 -17.93 22.43 -18.41
C LEU D 73 -16.69 21.67 -17.96
N TRP D 74 -16.88 20.46 -17.47
CA TRP D 74 -15.85 19.71 -16.78
C TRP D 74 -15.06 18.82 -17.73
N GLY D 75 -15.42 18.81 -18.99
CA GLY D 75 -14.71 18.07 -19.99
C GLY D 75 -14.92 16.58 -19.90
N ASP D 76 -14.38 15.88 -20.88
CA ASP D 76 -14.65 14.46 -21.00
C ASP D 76 -13.44 13.82 -21.65
N HIS D 77 -13.38 12.49 -21.61
CA HIS D 77 -12.41 11.71 -22.36
C HIS D 77 -13.03 10.92 -23.50
N LEU D 78 -14.31 10.62 -23.43
CA LEU D 78 -14.92 9.64 -24.32
C LEU D 78 -15.33 10.28 -25.64
N ASP D 79 -16.07 11.38 -25.59
CA ASP D 79 -16.66 11.97 -26.78
C ASP D 79 -15.59 12.60 -27.65
N ALA D 80 -15.61 12.27 -28.94
CA ALA D 80 -14.61 12.77 -29.88
C ALA D 80 -14.56 14.29 -29.97
N LYS D 81 -15.57 15.00 -29.49
CA LYS D 81 -15.59 16.45 -29.58
C LYS D 81 -15.08 17.19 -28.35
N ARG D 82 -14.85 16.53 -27.22
CA ARG D 82 -14.80 17.23 -25.94
C ARG D 82 -13.44 17.23 -25.25
N GLY D 83 -12.95 16.14 -24.74
CA GLY D 83 -11.63 16.23 -24.09
C GLY D 83 -11.52 17.14 -22.87
N ALA D 84 -10.48 17.96 -22.85
CA ALA D 84 -10.02 18.60 -21.61
C ALA D 84 -11.04 19.56 -21.00
N SER D 85 -11.00 19.63 -19.68
CA SER D 85 -11.85 20.45 -18.84
C SER D 85 -11.69 21.95 -19.09
N PHE D 86 -12.80 22.68 -19.14
CA PHE D 86 -12.74 24.14 -19.21
C PHE D 86 -12.61 24.81 -17.86
N VAL D 87 -13.15 24.23 -16.80
CA VAL D 87 -12.89 24.66 -15.44
C VAL D 87 -11.60 24.08 -14.92
N ILE D 88 -10.72 24.94 -14.41
CA ILE D 88 -9.44 24.56 -13.82
C ILE D 88 -9.50 24.83 -12.33
N VAL D 89 -9.14 23.83 -11.52
CA VAL D 89 -9.15 23.96 -10.06
C VAL D 89 -7.75 23.67 -9.56
N ASP D 90 -7.11 24.66 -8.96
CA ASP D 90 -5.79 24.48 -8.37
C ASP D 90 -5.84 23.85 -6.99
N ASP D 91 -4.67 23.39 -6.54
CA ASP D 91 -4.47 23.01 -5.15
C ASP D 91 -4.48 24.25 -4.26
N ALA D 92 -5.07 24.15 -3.08
CA ALA D 92 -5.13 25.27 -2.16
C ALA D 92 -4.64 24.83 -0.79
N VAL D 93 -3.63 25.53 -0.25
CA VAL D 93 -3.12 25.24 1.08
C VAL D 93 -4.11 25.74 2.13
N ILE D 94 -4.29 24.96 3.19
CA ILE D 94 -5.17 25.34 4.28
C ILE D 94 -4.38 26.07 5.34
N HIS D 95 -4.82 27.26 5.69
CA HIS D 95 -4.26 28.04 6.79
C HIS D 95 -5.15 27.85 7.99
N ILE D 96 -4.62 27.16 9.00
CA ILE D 96 -5.31 26.91 10.26
C ILE D 96 -5.25 28.17 11.12
N PRO D 97 -6.26 28.43 11.94
CA PRO D 97 -6.27 29.67 12.72
C PRO D 97 -5.05 29.77 13.62
N ASN D 98 -4.85 31.00 14.11
CA ASN D 98 -3.73 31.27 15.01
C ASN D 98 -3.79 30.41 16.26
N ASN D 99 -2.62 29.91 16.67
CA ASN D 99 -2.46 28.97 17.78
C ASN D 99 -3.19 27.64 17.63
N ALA D 100 -4.26 27.60 16.83
CA ALA D 100 -4.96 26.34 16.62
C ALA D 100 -4.05 25.33 15.92
N ASP D 101 -4.46 24.07 16.01
CA ASP D 101 -3.70 22.95 15.47
C ASP D 101 -4.66 21.84 15.09
N VAL D 102 -4.17 20.91 14.26
CA VAL D 102 -4.92 19.72 13.88
C VAL D 102 -5.37 18.96 15.12
N GLU D 103 -6.68 18.69 15.17
CA GLU D 103 -7.32 17.93 16.23
C GLU D 103 -7.43 16.46 15.86
N ILE D 104 -7.39 15.59 16.85
CA ILE D 104 -7.66 14.17 16.65
C ILE D 104 -9.02 13.84 17.24
N ARG D 105 -9.91 13.30 16.41
CA ARG D 105 -11.22 12.85 16.83
C ARG D 105 -11.17 11.33 17.02
N GLU D 106 -11.53 10.87 18.21
CA GLU D 106 -11.68 9.46 18.49
C GLU D 106 -13.00 8.92 17.97
N GLY D 107 -13.02 7.67 17.60
CA GLY D 107 -14.21 7.02 17.13
C GLY D 107 -14.30 5.62 17.67
N VAL D 108 -15.53 5.16 17.89
CA VAL D 108 -15.74 3.80 18.33
C VAL D 108 -17.02 3.29 17.68
N GLY D 109 -17.07 1.99 17.42
CA GLY D 109 -18.29 1.33 17.01
C GLY D 109 -18.85 0.55 18.18
N ILE D 110 -20.13 0.75 18.44
CA ILE D 110 -20.80 0.18 19.59
C ILE D 110 -21.63 -1.01 19.16
N ASP D 111 -21.30 -2.18 19.69
CA ASP D 111 -22.01 -3.40 19.39
C ASP D 111 -23.47 -3.24 19.71
N ARG D 112 -24.32 -3.50 18.72
CA ARG D 112 -25.75 -3.28 18.87
C ARG D 112 -26.42 -4.25 19.82
N HIS D 113 -25.79 -5.38 20.13
CA HIS D 113 -26.35 -6.35 21.07
C HIS D 113 -25.96 -6.06 22.50
N PHE D 114 -24.66 -5.92 22.77
CA PHE D 114 -24.17 -5.69 24.12
C PHE D 114 -24.15 -4.23 24.51
N GLY D 115 -24.26 -3.32 23.56
CA GLY D 115 -24.23 -1.92 23.89
C GLY D 115 -22.88 -1.38 24.24
N THR D 116 -21.81 -2.05 23.82
CA THR D 116 -20.47 -1.71 24.21
C THR D 116 -19.59 -1.73 22.97
N ALA D 117 -18.43 -1.10 23.07
CA ALA D 117 -17.53 -0.99 21.95
C ALA D 117 -17.27 -2.35 21.33
N ALA D 118 -17.39 -2.42 20.02
CA ALA D 118 -17.12 -3.63 19.27
C ALA D 118 -15.63 -3.83 19.09
N ASN D 119 -15.21 -5.09 19.08
CA ASN D 119 -13.80 -5.43 18.98
C ASN D 119 -13.21 -5.03 17.64
N GLY D 120 -12.11 -4.29 17.67
CA GLY D 120 -11.50 -3.75 16.49
C GLY D 120 -12.03 -2.43 16.02
N PHE D 121 -13.23 -2.06 16.40
CA PHE D 121 -13.85 -0.83 15.93
C PHE D 121 -13.46 0.37 16.80
N LYS D 122 -12.17 0.60 16.93
CA LYS D 122 -11.65 1.81 17.54
C LYS D 122 -10.73 2.49 16.54
N TYR D 123 -10.95 3.77 16.29
CA TYR D 123 -10.23 4.49 15.27
C TYR D 123 -10.12 5.95 15.67
N SER D 124 -9.29 6.71 14.96
CA SER D 124 -9.13 8.12 15.26
C SER D 124 -8.84 8.85 13.96
N ARG D 125 -9.28 10.10 13.88
CA ARG D 125 -9.22 10.86 12.64
C ARG D 125 -8.65 12.23 12.93
N ALA D 126 -7.64 12.63 12.19
CA ALA D 126 -7.18 14.01 12.23
C ALA D 126 -8.11 14.91 11.43
N VAL D 127 -8.46 16.06 11.99
CA VAL D 127 -9.37 16.98 11.34
C VAL D 127 -8.82 18.39 11.42
N ILE D 128 -9.00 19.14 10.34
CA ILE D 128 -8.73 20.58 10.28
C ILE D 128 -9.79 21.32 11.07
N PRO D 129 -9.43 22.14 12.05
CA PRO D 129 -10.46 22.76 12.88
C PRO D 129 -11.34 23.74 12.13
N LYS D 130 -12.54 23.90 12.66
CA LYS D 130 -13.52 24.85 12.14
C LYS D 130 -12.95 26.27 12.08
N GLY D 131 -13.27 26.98 11.01
CA GLY D 131 -12.76 28.31 10.81
C GLY D 131 -11.45 28.41 10.07
N SER D 132 -10.84 27.30 9.70
CA SER D 132 -9.69 27.31 8.82
C SER D 132 -10.07 27.83 7.45
N LYS D 133 -9.11 28.44 6.77
CA LYS D 133 -9.36 29.09 5.48
C LYS D 133 -8.49 28.48 4.41
N PHE D 134 -9.00 28.48 3.18
CA PHE D 134 -8.19 28.23 2.01
C PHE D 134 -8.76 28.99 0.82
N LYS D 135 -7.89 29.27 -0.14
CA LYS D 135 -8.27 30.02 -1.33
C LYS D 135 -9.13 29.21 -2.28
N LEU D 136 -10.21 29.79 -2.76
CA LEU D 136 -10.89 29.26 -3.94
C LEU D 136 -10.10 29.53 -5.20
N PRO D 137 -9.67 28.53 -5.93
CA PRO D 137 -8.71 28.75 -7.00
C PRO D 137 -9.22 28.34 -8.38
N LEU D 138 -10.34 28.88 -8.85
CA LEU D 138 -10.96 28.48 -10.11
C LEU D 138 -10.53 29.37 -11.25
N THR D 139 -10.36 28.77 -12.43
CA THR D 139 -10.24 29.46 -13.71
C THR D 139 -11.23 28.83 -14.67
N PHE D 140 -11.86 29.64 -15.51
CA PHE D 140 -12.79 29.12 -16.50
C PHE D 140 -12.47 29.70 -17.87
N ASP D 141 -12.26 28.85 -18.87
CA ASP D 141 -11.95 29.27 -20.24
C ASP D 141 -13.20 29.23 -21.11
N SER D 142 -13.90 30.35 -21.21
CA SER D 142 -15.14 30.42 -21.97
C SER D 142 -14.87 30.48 -23.47
N GLN D 143 -15.48 29.57 -24.23
CA GLN D 143 -15.46 29.68 -25.69
C GLN D 143 -16.66 30.42 -26.25
N ASP D 144 -17.80 30.36 -25.56
CA ASP D 144 -18.93 31.25 -25.81
C ASP D 144 -18.80 32.57 -25.05
N ASP D 145 -19.72 33.48 -25.33
CA ASP D 145 -19.79 34.74 -24.61
C ASP D 145 -20.60 34.60 -23.32
N GLY D 146 -20.32 35.51 -22.38
CA GLY D 146 -20.93 35.46 -21.06
C GLY D 146 -20.33 34.41 -20.15
N LEU D 147 -21.13 33.97 -19.18
CA LEU D 147 -20.73 32.97 -18.20
C LEU D 147 -21.85 31.97 -18.02
N PRO D 148 -21.57 30.66 -18.03
CA PRO D 148 -22.65 29.69 -17.96
C PRO D 148 -23.47 29.83 -16.70
N ASN D 149 -24.78 29.74 -16.85
CA ASN D 149 -25.65 29.95 -15.70
C ASN D 149 -25.45 28.85 -14.68
N ALA D 150 -25.15 27.64 -15.11
CA ALA D 150 -24.86 26.57 -14.16
C ALA D 150 -23.60 26.86 -13.37
N LEU D 151 -22.62 27.51 -13.98
CA LEU D 151 -21.44 27.92 -13.23
C LEU D 151 -21.74 29.07 -12.28
N ILE D 152 -22.69 29.94 -12.62
CA ILE D 152 -23.18 30.93 -11.67
C ILE D 152 -23.95 30.30 -10.51
N GLN D 153 -24.80 29.31 -10.80
CA GLN D 153 -25.47 28.58 -9.73
C GLN D 153 -24.47 27.91 -8.81
N LEU D 154 -23.39 27.38 -9.35
CA LEU D 154 -22.36 26.79 -8.51
C LEU D 154 -21.79 27.78 -7.51
N LEU D 155 -21.40 28.96 -7.98
CA LEU D 155 -20.86 29.97 -7.08
C LEU D 155 -21.88 30.47 -6.07
N CYS D 156 -23.15 30.54 -6.46
CA CYS D 156 -24.20 30.84 -5.50
C CYS D 156 -24.31 29.75 -4.45
N ALA D 157 -24.15 28.50 -4.85
CA ALA D 157 -24.23 27.39 -3.92
C ALA D 157 -23.07 27.39 -2.92
N LEU D 158 -21.87 27.75 -3.38
CA LEU D 158 -20.74 27.90 -2.48
C LEU D 158 -20.95 29.02 -1.47
N GLU D 159 -21.45 30.15 -1.91
CA GLU D 159 -21.74 31.24 -0.99
C GLU D 159 -22.85 30.88 -0.02
N ALA D 160 -23.79 30.05 -0.43
CA ALA D 160 -24.82 29.51 0.46
C ALA D 160 -24.30 28.43 1.38
N GLY D 161 -23.09 27.94 1.17
CA GLY D 161 -22.54 26.84 1.95
C GLY D 161 -23.20 25.49 1.76
N ASP D 162 -23.72 25.23 0.56
CA ASP D 162 -24.41 23.99 0.23
C ASP D 162 -23.48 22.88 -0.24
N ILE D 163 -22.18 23.13 -0.33
CA ILE D 163 -21.23 22.13 -0.79
C ILE D 163 -20.44 21.58 0.38
N ARG D 164 -20.26 20.27 0.41
CA ARG D 164 -19.42 19.59 1.39
C ARG D 164 -18.24 18.90 0.75
N LEU D 165 -17.13 18.94 1.45
CA LEU D 165 -15.84 18.55 0.92
C LEU D 165 -15.15 17.58 1.89
N GLY D 166 -14.51 16.57 1.34
CA GLY D 166 -13.80 15.59 2.14
C GLY D 166 -14.64 14.48 2.73
N ALA D 167 -14.10 13.83 3.76
CA ALA D 167 -14.65 12.62 4.36
C ALA D 167 -15.65 12.91 5.44
N ALA D 168 -16.34 11.86 5.86
CA ALA D 168 -17.27 11.90 6.98
C ALA D 168 -18.31 12.98 6.82
N LYS D 169 -18.78 13.18 5.60
CA LYS D 169 -19.66 14.30 5.32
C LYS D 169 -20.98 14.18 6.07
N THR D 170 -21.46 12.96 6.32
CA THR D 170 -22.70 12.78 7.07
C THR D 170 -22.53 12.84 8.57
N ARG D 171 -21.30 12.81 9.07
CA ARG D 171 -20.99 12.61 10.48
C ARG D 171 -20.27 13.82 11.07
N GLY D 172 -20.58 15.01 10.58
CA GLY D 172 -20.08 16.25 11.17
C GLY D 172 -19.18 17.07 10.28
N LEU D 173 -18.39 16.42 9.44
CA LEU D 173 -17.28 17.10 8.79
C LEU D 173 -17.69 17.67 7.44
N GLY D 174 -16.85 18.57 6.94
CA GLY D 174 -16.74 18.85 5.54
C GLY D 174 -17.47 20.07 5.00
N ARG D 175 -18.27 20.76 5.79
CA ARG D 175 -18.98 21.90 5.23
C ARG D 175 -18.03 23.08 5.00
N ILE D 176 -18.13 23.72 3.83
CA ILE D 176 -17.35 24.91 3.52
C ILE D 176 -18.29 26.00 3.04
N LYS D 177 -17.92 27.25 3.29
CA LYS D 177 -18.65 28.40 2.78
C LYS D 177 -17.66 29.36 2.14
N LEU D 178 -18.04 29.95 1.01
CA LEU D 178 -17.25 30.96 0.31
C LEU D 178 -17.50 32.40 0.77
N ASP D 179 -16.41 33.15 0.91
CA ASP D 179 -16.46 34.58 1.16
C ASP D 179 -15.54 35.33 0.22
N ASP D 180 -15.80 36.63 0.04
CA ASP D 180 -14.95 37.52 -0.75
C ASP D 180 -14.77 37.06 -2.19
N LEU D 181 -15.85 36.62 -2.83
CA LEU D 181 -15.75 36.22 -4.22
C LEU D 181 -15.38 37.39 -5.12
N LYS D 182 -14.40 37.18 -6.00
CA LYS D 182 -13.87 38.16 -6.93
C LYS D 182 -13.80 37.55 -8.31
N LEU D 183 -14.21 38.28 -9.34
CA LEU D 183 -14.23 37.77 -10.70
C LEU D 183 -13.39 38.66 -11.60
N LYS D 184 -12.38 38.10 -12.24
CA LYS D 184 -11.55 38.84 -13.18
C LYS D 184 -11.69 38.22 -14.56
N SER D 185 -12.09 39.02 -15.52
CA SER D 185 -12.27 38.59 -16.89
C SER D 185 -11.11 39.06 -17.75
N PHE D 186 -10.55 38.16 -18.55
CA PHE D 186 -9.57 38.51 -19.57
C PHE D 186 -10.13 38.10 -20.92
N ALA D 187 -10.30 39.07 -21.82
CA ALA D 187 -10.85 38.83 -23.15
C ALA D 187 -9.77 38.31 -24.09
N LEU D 188 -9.32 37.08 -23.82
CA LEU D 188 -8.17 36.52 -24.51
C LEU D 188 -8.32 36.46 -26.01
N ASP D 189 -9.51 36.65 -26.54
CA ASP D 189 -9.71 36.71 -27.98
C ASP D 189 -9.18 37.96 -28.67
N LYS D 190 -8.72 38.97 -27.95
CA LYS D 190 -8.39 40.24 -28.59
C LYS D 190 -7.08 40.79 -28.07
N PRO D 191 -6.40 41.60 -28.87
CA PRO D 191 -5.09 42.13 -28.45
C PRO D 191 -5.16 42.88 -27.14
N GLU D 192 -6.18 43.70 -26.96
CA GLU D 192 -6.31 44.44 -25.71
C GLU D 192 -6.50 43.49 -24.55
N GLY D 193 -7.15 42.36 -24.79
CA GLY D 193 -7.35 41.36 -23.77
C GLY D 193 -6.18 40.42 -23.54
N ILE D 194 -5.44 40.09 -24.57
CA ILE D 194 -4.29 39.19 -24.40
C ILE D 194 -3.15 39.88 -23.66
N PHE D 195 -2.91 41.15 -23.93
CA PHE D 195 -1.94 41.90 -23.13
C PHE D 195 -2.41 42.14 -21.71
N SER D 196 -3.70 42.28 -21.48
CA SER D 196 -4.19 42.37 -20.12
C SER D 196 -3.83 41.14 -19.30
N ALA D 197 -3.90 39.97 -19.91
CA ALA D 197 -3.48 38.76 -19.23
C ALA D 197 -2.00 38.79 -18.86
N LEU D 198 -1.17 39.41 -19.71
CA LEU D 198 0.27 39.45 -19.52
C LEU D 198 0.71 40.58 -18.60
N LEU D 199 -0.09 41.63 -18.44
CA LEU D 199 0.38 42.83 -17.78
C LEU D 199 -0.63 43.36 -16.77
N ASP D 200 -1.85 43.68 -17.23
CA ASP D 200 -2.79 44.54 -16.53
C ASP D 200 -3.61 43.85 -15.44
N GLN D 201 -3.51 42.54 -15.29
CA GLN D 201 -4.24 41.83 -14.23
C GLN D 201 -5.76 41.95 -14.33
N GLY D 202 -6.30 42.18 -15.52
CA GLY D 202 -7.67 41.83 -15.81
C GLY D 202 -8.73 42.86 -15.46
N LYS D 203 -9.96 42.53 -15.89
CA LYS D 203 -11.14 43.36 -15.77
C LYS D 203 -12.05 42.83 -14.67
N LYS D 204 -12.36 43.66 -13.69
CA LYS D 204 -13.27 43.29 -12.61
C LYS D 204 -14.70 43.16 -13.10
N LEU D 205 -15.40 42.12 -12.64
CA LEU D 205 -16.86 42.04 -12.74
C LEU D 205 -17.50 42.16 -11.36
N ASP D 206 -18.59 42.94 -11.26
CA ASP D 206 -19.44 42.94 -10.07
C ASP D 206 -20.21 41.64 -9.96
N TRP D 207 -19.87 40.84 -8.96
CA TRP D 207 -20.60 39.60 -8.75
C TRP D 207 -22.08 39.85 -8.51
N ASN D 208 -22.40 40.89 -7.74
CA ASN D 208 -23.79 41.22 -7.45
C ASN D 208 -24.63 41.45 -8.70
N GLN D 209 -24.01 41.85 -9.80
CA GLN D 209 -24.77 42.02 -11.03
C GLN D 209 -25.14 40.69 -11.67
N LEU D 210 -24.27 39.69 -11.59
CA LEU D 210 -24.64 38.33 -11.99
C LEU D 210 -25.56 37.68 -10.97
N LYS D 211 -25.23 37.84 -9.70
CA LYS D 211 -26.04 37.31 -8.61
C LYS D 211 -27.46 37.84 -8.65
N ALA D 212 -27.69 38.98 -9.29
CA ALA D 212 -29.03 39.51 -9.51
C ALA D 212 -29.78 38.89 -10.69
N ASN D 213 -29.08 38.28 -11.65
CA ASN D 213 -29.76 37.76 -12.83
C ASN D 213 -30.17 36.29 -12.71
N VAL D 214 -30.15 35.71 -11.52
CA VAL D 214 -30.45 34.29 -11.36
C VAL D 214 -31.17 34.10 -10.05
N THR D 215 -32.00 33.06 -9.98
CA THR D 215 -32.59 32.58 -8.74
C THR D 215 -31.91 31.29 -8.31
N TYR D 216 -31.37 31.30 -7.10
CA TYR D 216 -30.68 30.12 -6.60
C TYR D 216 -31.68 29.04 -6.20
N GLN D 217 -31.61 27.91 -6.90
CA GLN D 217 -32.52 26.77 -6.77
C GLN D 217 -31.91 25.76 -5.81
N SER D 218 -32.16 25.93 -4.53
CA SER D 218 -31.70 24.93 -3.60
C SER D 218 -32.45 23.62 -3.78
N PRO D 219 -31.76 22.50 -3.66
CA PRO D 219 -32.40 21.19 -3.85
C PRO D 219 -33.28 20.82 -2.66
N PRO D 220 -34.16 19.85 -2.83
CA PRO D 220 -35.00 19.40 -1.71
C PRO D 220 -34.19 18.95 -0.51
N TYR D 221 -34.53 19.48 0.66
CA TYR D 221 -33.96 19.01 1.91
C TYR D 221 -34.94 19.29 3.02
N LEU D 222 -34.80 18.55 4.12
CA LEU D 222 -35.54 18.80 5.35
C LEU D 222 -34.53 19.07 6.46
N GLY D 223 -34.45 20.33 6.91
CA GLY D 223 -33.63 20.66 8.06
C GLY D 223 -34.37 20.44 9.36
N ILE D 224 -33.71 19.79 10.31
CA ILE D 224 -34.29 19.54 11.62
C ILE D 224 -33.39 20.21 12.65
N SER D 225 -33.95 21.13 13.41
CA SER D 225 -33.27 21.79 14.51
C SER D 225 -33.92 21.38 15.82
N ILE D 226 -33.18 20.69 16.67
CA ILE D 226 -33.67 20.23 17.96
C ILE D 226 -33.10 21.14 19.04
N THR D 227 -33.96 21.81 19.78
CA THR D 227 -33.53 22.66 20.89
C THR D 227 -33.65 21.90 22.18
N TRP D 228 -32.55 21.83 22.92
CA TRP D 228 -32.43 20.90 24.02
C TRP D 228 -31.52 21.47 25.08
N ASN D 229 -31.64 20.92 26.28
CA ASN D 229 -30.77 21.23 27.39
C ASN D 229 -30.53 19.95 28.18
N PRO D 230 -29.37 19.83 28.82
CA PRO D 230 -29.05 18.62 29.58
C PRO D 230 -29.81 18.56 30.89
N LYS D 231 -30.52 17.46 31.09
CA LYS D 231 -31.21 17.18 32.34
C LYS D 231 -30.33 16.50 33.35
N ASP D 232 -29.41 15.66 32.91
CA ASP D 232 -28.24 15.18 33.59
C ASP D 232 -27.01 15.56 32.79
N PRO D 233 -25.86 15.77 33.43
CA PRO D 233 -24.73 16.34 32.71
C PRO D 233 -24.52 15.57 31.43
N VAL D 234 -24.35 16.28 30.32
CA VAL D 234 -24.11 15.66 29.03
C VAL D 234 -22.68 15.97 28.63
N MET D 235 -21.90 14.95 28.36
CA MET D 235 -20.56 15.15 27.83
C MET D 235 -20.18 13.98 26.96
N VAL D 236 -19.24 14.21 26.07
CA VAL D 236 -18.47 13.14 25.46
C VAL D 236 -17.11 13.13 26.14
N LYS D 237 -16.62 11.95 26.47
CA LYS D 237 -15.36 11.88 27.18
C LYS D 237 -14.19 12.28 26.30
N ALA D 238 -13.25 13.00 26.89
CA ALA D 238 -11.97 13.33 26.26
C ALA D 238 -11.16 12.07 25.96
N GLU D 239 -10.11 12.26 25.17
CA GLU D 239 -9.34 11.13 24.64
C GLU D 239 -8.54 10.36 25.68
N GLY D 240 -8.32 10.89 26.88
CA GLY D 240 -7.51 10.17 27.84
C GLY D 240 -7.58 10.80 29.22
N ASP D 241 -7.16 10.01 30.22
CA ASP D 241 -7.33 10.44 31.60
C ASP D 241 -6.48 11.66 31.95
N GLY D 242 -7.08 12.54 32.74
CA GLY D 242 -6.44 13.75 33.21
C GLY D 242 -5.73 13.56 34.53
N LEU D 243 -5.26 14.68 35.08
CA LEU D 243 -4.46 14.67 36.30
C LEU D 243 -5.33 14.82 37.55
N ALA D 244 -5.83 16.02 37.81
CA ALA D 244 -6.75 16.19 38.93
C ALA D 244 -8.07 15.51 38.68
N ILE D 245 -8.48 15.44 37.42
CA ILE D 245 -9.74 14.85 37.02
C ILE D 245 -9.43 13.76 36.00
N ASP D 246 -9.94 12.56 36.24
CA ASP D 246 -9.75 11.49 35.28
C ASP D 246 -10.56 11.70 34.03
N ILE D 247 -11.86 11.95 34.18
CA ILE D 247 -12.77 12.03 33.05
C ILE D 247 -13.14 13.48 32.86
N LEU D 248 -12.71 14.06 31.74
CA LEU D 248 -12.92 15.43 31.33
C LEU D 248 -13.74 15.48 30.05
N PRO D 249 -14.54 16.51 29.86
CA PRO D 249 -15.28 16.65 28.60
C PRO D 249 -14.39 16.88 27.39
N LEU D 250 -14.87 16.43 26.24
CA LEU D 250 -14.25 16.77 24.97
C LEU D 250 -14.51 18.23 24.65
N VAL D 251 -13.50 18.93 24.13
CA VAL D 251 -13.65 20.30 23.65
C VAL D 251 -13.04 20.40 22.26
N SER D 252 -13.45 21.43 21.53
CA SER D 252 -12.84 21.73 20.24
C SER D 252 -12.63 23.22 20.07
N GLN D 253 -11.60 23.56 19.29
CA GLN D 253 -11.37 24.92 18.82
C GLN D 253 -12.46 25.39 17.88
N VAL D 254 -12.95 26.59 18.12
CA VAL D 254 -13.87 27.23 17.19
C VAL D 254 -13.41 28.67 17.08
N GLY D 255 -12.41 28.90 16.25
CA GLY D 255 -11.81 30.21 16.17
C GLY D 255 -10.96 30.57 17.38
N SER D 256 -11.27 31.70 18.01
CA SER D 256 -10.48 32.18 19.13
C SER D 256 -10.64 31.35 20.40
N ASP D 257 -11.70 30.56 20.52
CA ASP D 257 -12.05 29.96 21.80
C ASP D 257 -12.24 28.47 21.62
N VAL D 258 -12.05 27.73 22.71
CA VAL D 258 -12.53 26.36 22.77
C VAL D 258 -13.96 26.32 23.29
N ARG D 259 -14.71 25.35 22.79
CA ARG D 259 -16.06 25.05 23.22
C ARG D 259 -16.16 23.55 23.48
N PHE D 260 -17.03 23.18 24.41
CA PHE D 260 -17.39 21.78 24.52
C PHE D 260 -18.12 21.34 23.27
N VAL D 261 -17.89 20.11 22.85
CA VAL D 261 -18.46 19.65 21.60
C VAL D 261 -19.04 18.25 21.81
N ILE D 262 -20.22 18.02 21.24
CA ILE D 262 -20.71 16.68 20.99
C ILE D 262 -20.58 16.43 19.49
N PRO D 263 -19.72 15.54 19.05
CA PRO D 263 -19.54 15.35 17.63
C PRO D 263 -20.82 14.87 16.97
N GLY D 264 -20.97 15.23 15.71
CA GLY D 264 -22.07 14.69 14.93
C GLY D 264 -21.98 13.20 14.78
N SER D 265 -20.79 12.64 14.86
CA SER D 265 -20.63 11.20 14.90
C SER D 265 -21.38 10.59 16.06
N SER D 266 -21.36 11.24 17.22
CA SER D 266 -22.02 10.70 18.38
C SER D 266 -23.52 10.85 18.30
N ILE D 267 -23.99 12.01 17.84
CA ILE D 267 -25.42 12.21 17.70
C ILE D 267 -25.99 11.34 16.59
N LYS D 268 -25.28 11.19 15.49
CA LYS D 268 -25.72 10.25 14.47
C LYS D 268 -25.82 8.84 15.01
N GLY D 269 -24.83 8.41 15.78
CA GLY D 269 -24.79 7.04 16.25
C GLY D 269 -25.88 6.67 17.23
N ILE D 270 -26.28 7.60 18.09
CA ILE D 270 -27.40 7.35 18.98
C ILE D 270 -28.71 7.29 18.21
N LEU D 271 -28.88 8.17 17.23
CA LEU D 271 -30.08 8.15 16.41
C LEU D 271 -30.18 6.88 15.58
N ARG D 272 -29.08 6.48 14.94
CA ARG D 272 -29.06 5.24 14.20
C ARG D 272 -29.43 4.05 15.07
N THR D 273 -28.90 3.99 16.28
CA THR D 273 -29.15 2.85 17.16
C THR D 273 -30.63 2.72 17.49
N GLN D 274 -31.30 3.82 17.82
CA GLN D 274 -32.72 3.78 18.08
C GLN D 274 -33.53 3.49 16.84
N ALA D 275 -33.13 4.00 15.69
CA ALA D 275 -33.83 3.68 14.46
C ALA D 275 -33.79 2.18 14.17
N GLU D 276 -32.62 1.57 14.30
CA GLU D 276 -32.49 0.12 14.11
C GLU D 276 -33.29 -0.67 15.13
N ARG D 277 -33.25 -0.27 16.39
CA ARG D 277 -34.00 -1.00 17.40
C ARG D 277 -35.49 -0.99 17.11
N ILE D 278 -36.00 0.13 16.61
CA ILE D 278 -37.39 0.19 16.19
C ILE D 278 -37.65 -0.79 15.07
N ILE D 279 -36.82 -0.77 14.03
CA ILE D 279 -37.04 -1.66 12.90
C ILE D 279 -36.94 -3.12 13.32
N ARG D 280 -35.89 -3.47 14.06
CA ARG D 280 -35.75 -4.85 14.51
C ARG D 280 -36.85 -5.27 15.46
N THR D 281 -37.32 -4.35 16.29
CA THR D 281 -38.44 -4.65 17.18
C THR D 281 -39.69 -5.01 16.41
N ILE D 282 -40.05 -4.19 15.43
CA ILE D 282 -41.20 -4.45 14.59
C ILE D 282 -41.12 -5.81 13.92
N CYS D 283 -39.95 -6.16 13.39
CA CYS D 283 -39.76 -7.44 12.71
C CYS D 283 -39.43 -8.57 13.68
N GLN D 284 -39.20 -8.27 14.95
CA GLN D 284 -38.64 -9.19 15.94
C GLN D 284 -37.38 -9.89 15.45
N SER D 285 -36.53 -9.15 14.75
CA SER D 285 -35.34 -9.71 14.16
C SER D 285 -34.21 -9.56 15.17
N ASN D 286 -33.61 -10.66 15.58
CA ASN D 286 -32.59 -10.59 16.60
C ASN D 286 -31.28 -10.05 16.02
N GLY D 287 -30.50 -9.40 16.87
CA GLY D 287 -29.21 -8.87 16.46
C GLY D 287 -27.99 -9.59 16.99
N SER D 288 -28.21 -10.61 17.81
CA SER D 288 -27.15 -11.15 18.67
C SER D 288 -26.16 -12.04 17.95
N GLU D 289 -26.60 -12.81 16.96
CA GLU D 289 -25.69 -13.70 16.24
C GLU D 289 -24.84 -13.01 15.17
N LYS D 290 -25.12 -11.76 14.84
CA LYS D 290 -24.44 -11.04 13.78
C LYS D 290 -23.20 -10.34 14.32
N ASN D 291 -22.13 -10.33 13.53
CA ASN D 291 -21.03 -9.43 13.83
C ASN D 291 -21.44 -7.97 13.56
N PHE D 292 -20.62 -7.04 14.04
CA PHE D 292 -20.99 -5.63 14.01
C PHE D 292 -21.26 -5.08 12.60
N LEU D 293 -20.47 -5.46 11.60
CA LEU D 293 -20.77 -4.95 10.26
C LEU D 293 -22.07 -5.49 9.69
N GLU D 294 -22.47 -6.70 10.06
CA GLU D 294 -23.78 -7.22 9.69
C GLU D 294 -24.89 -6.69 10.58
N GLN D 295 -24.60 -6.36 11.83
CA GLN D 295 -25.63 -5.80 12.69
C GLN D 295 -26.12 -4.47 12.18
N LEU D 296 -25.24 -3.66 11.63
CA LEU D 296 -25.60 -2.34 11.16
C LEU D 296 -26.57 -2.38 9.99
N ARG D 297 -26.52 -3.43 9.19
CA ARG D 297 -27.10 -3.47 7.85
C ARG D 297 -28.55 -3.95 7.90
N ILE D 298 -29.49 -3.02 8.08
CA ILE D 298 -30.91 -3.30 8.13
C ILE D 298 -31.70 -2.25 7.36
N ASN D 299 -32.97 -2.58 7.08
CA ASN D 299 -33.80 -1.83 6.13
C ASN D 299 -34.16 -0.42 6.59
N LEU D 300 -34.40 0.43 5.61
CA LEU D 300 -34.56 1.89 5.74
C LEU D 300 -33.34 2.59 6.32
N VAL D 301 -32.73 2.06 7.38
CA VAL D 301 -31.54 2.71 7.90
C VAL D 301 -30.41 2.64 6.91
N ASN D 302 -30.40 1.64 6.04
CA ASN D 302 -29.41 1.61 4.97
C ASN D 302 -29.49 2.80 4.04
N GLU D 303 -30.66 3.40 3.89
CA GLU D 303 -30.83 4.59 3.07
C GLU D 303 -30.68 5.88 3.87
N LEU D 304 -31.32 5.97 5.03
CA LEU D 304 -31.19 7.16 5.85
C LEU D 304 -29.77 7.33 6.34
N PHE D 305 -29.28 6.39 7.12
CA PHE D 305 -27.97 6.53 7.73
C PHE D 305 -26.83 6.03 6.84
N GLY D 306 -27.13 5.23 5.84
CA GLY D 306 -26.14 4.81 4.88
C GLY D 306 -25.51 3.48 5.18
N SER D 307 -24.83 2.94 4.19
CA SER D 307 -24.22 1.63 4.31
C SER D 307 -22.79 1.65 3.77
N ALA D 308 -21.98 0.75 4.29
CA ALA D 308 -20.61 0.60 3.83
C ALA D 308 -20.60 0.15 2.38
N SER D 309 -19.62 0.61 1.64
CA SER D 309 -19.36 0.01 0.35
C SER D 309 -19.03 -1.46 0.50
N LEU D 310 -19.63 -2.29 -0.35
CA LEU D 310 -19.37 -3.73 -0.31
C LEU D 310 -19.80 -4.28 -1.65
N SER D 311 -18.86 -4.60 -2.52
CA SER D 311 -19.20 -5.23 -3.79
C SER D 311 -19.72 -6.65 -3.58
N GLN D 312 -20.79 -6.99 -4.30
CA GLN D 312 -21.31 -8.35 -4.30
C GLN D 312 -21.72 -8.76 -5.71
N LYS D 313 -21.28 -9.95 -6.11
CA LYS D 313 -21.78 -10.66 -7.30
C LYS D 313 -23.15 -11.27 -7.03
N GLN D 314 -24.11 -10.41 -6.69
CA GLN D 314 -25.36 -10.90 -6.12
C GLN D 314 -26.12 -11.83 -7.05
N ASN D 315 -26.02 -11.63 -8.36
CA ASN D 315 -26.82 -12.46 -9.26
C ASN D 315 -26.07 -12.73 -10.57
N GLY D 316 -24.79 -13.04 -10.48
CA GLY D 316 -23.93 -13.03 -11.64
C GLY D 316 -23.62 -11.60 -12.06
N LYS D 317 -24.63 -10.75 -12.00
CA LYS D 317 -24.40 -9.32 -11.96
C LYS D 317 -23.62 -8.95 -10.71
N ASP D 318 -22.71 -7.98 -10.85
CA ASP D 318 -21.93 -7.51 -9.73
C ASP D 318 -22.45 -6.15 -9.28
N ILE D 319 -22.74 -6.03 -7.98
CA ILE D 319 -23.40 -4.84 -7.45
C ILE D 319 -22.71 -4.38 -6.18
N ASP D 320 -22.70 -3.07 -5.98
CA ASP D 320 -22.29 -2.47 -4.72
C ASP D 320 -23.47 -2.22 -3.79
N LEU D 321 -23.38 -2.75 -2.57
CA LEU D 321 -24.32 -2.47 -1.49
C LEU D 321 -24.12 -1.10 -0.84
N GLY D 322 -23.02 -0.42 -1.08
CA GLY D 322 -22.76 0.83 -0.41
C GLY D 322 -23.58 1.99 -0.92
N LYS D 323 -24.10 2.78 0.02
CA LYS D 323 -24.62 4.09 -0.30
C LYS D 323 -24.41 5.05 0.85
N ILE D 324 -24.19 6.31 0.50
CA ILE D 324 -23.99 7.37 1.48
C ILE D 324 -25.27 7.61 2.25
N GLY D 325 -25.13 8.08 3.49
CA GLY D 325 -26.28 8.48 4.26
C GLY D 325 -26.98 9.69 3.69
N ALA D 326 -28.28 9.56 3.43
CA ALA D 326 -29.09 10.74 3.15
C ALA D 326 -29.26 11.64 4.36
N LEU D 327 -29.05 11.13 5.55
CA LEU D 327 -29.12 11.93 6.78
C LEU D 327 -27.72 12.30 7.25
N ALA D 328 -27.46 13.60 7.43
CA ALA D 328 -26.20 14.13 7.95
C ALA D 328 -26.43 14.90 9.22
N VAL D 329 -25.45 14.88 10.12
CA VAL D 329 -25.54 15.53 11.43
C VAL D 329 -24.31 16.39 11.69
N ASN D 330 -24.54 17.58 12.26
CA ASN D 330 -23.46 18.50 12.63
C ASN D 330 -22.98 18.31 14.06
N ASP D 331 -21.71 18.66 14.29
CA ASP D 331 -21.18 18.83 15.63
C ASP D 331 -21.95 19.89 16.40
N CYS D 332 -22.26 19.62 17.65
CA CYS D 332 -23.01 20.55 18.50
C CYS D 332 -22.07 21.12 19.56
N PHE D 333 -21.92 22.44 19.58
CA PHE D 333 -21.01 23.08 20.51
C PHE D 333 -21.76 23.75 21.65
N SER D 334 -21.07 23.89 22.77
CA SER D 334 -21.59 24.63 23.90
C SER D 334 -21.70 26.13 23.63
N SER D 335 -22.71 26.75 24.23
CA SER D 335 -22.78 28.20 24.28
C SER D 335 -21.63 28.81 25.08
N LEU D 336 -21.28 28.18 26.19
CA LEU D 336 -20.10 28.59 26.95
C LEU D 336 -18.83 28.42 26.13
N SER D 337 -17.88 29.34 26.30
CA SER D 337 -16.57 29.19 25.67
C SER D 337 -15.47 29.69 26.59
N MET D 338 -14.27 29.19 26.32
CA MET D 338 -13.07 29.46 27.10
C MET D 338 -11.93 29.73 26.13
N THR D 339 -11.00 30.59 26.53
CA THR D 339 -9.78 30.75 25.76
C THR D 339 -8.99 29.46 25.79
N PRO D 340 -8.19 29.19 24.75
CA PRO D 340 -7.48 27.91 24.72
C PRO D 340 -6.60 27.66 25.92
N ASP D 341 -5.91 28.68 26.44
CA ASP D 341 -5.11 28.52 27.64
C ASP D 341 -5.94 28.38 28.90
N GLN D 342 -7.12 28.99 28.94
CA GLN D 342 -8.00 28.79 30.09
C GLN D 342 -8.40 27.34 30.27
N TRP D 343 -8.64 26.62 29.19
CA TRP D 343 -8.90 25.20 29.33
C TRP D 343 -7.64 24.40 29.56
N LYS D 344 -6.51 24.81 28.99
CA LYS D 344 -5.26 24.14 29.31
C LYS D 344 -4.94 24.22 30.79
N ALA D 345 -5.42 25.26 31.48
CA ALA D 345 -5.33 25.29 32.94
C ALA D 345 -6.18 24.24 33.61
N VAL D 346 -7.32 23.87 33.02
CA VAL D 346 -8.13 22.80 33.57
C VAL D 346 -7.53 21.43 33.29
N GLU D 347 -7.10 21.21 32.05
CA GLU D 347 -6.48 19.92 31.75
C GLU D 347 -5.27 19.65 32.62
N ASN D 348 -4.56 20.68 33.06
CA ASN D 348 -3.31 20.51 33.77
C ASN D 348 -3.38 20.86 35.25
N ALA D 349 -4.57 21.01 35.81
CA ALA D 349 -4.69 21.04 37.25
C ALA D 349 -4.32 19.70 37.82
N THR D 350 -3.83 19.71 39.06
CA THR D 350 -3.34 18.50 39.71
C THR D 350 -3.92 18.27 41.09
N GLU D 351 -4.51 19.28 41.73
CA GLU D 351 -5.13 19.11 43.03
C GLU D 351 -6.58 19.50 42.91
N MET D 352 -7.49 18.56 43.17
CA MET D 352 -8.90 18.85 42.97
C MET D 352 -9.37 19.98 43.87
N THR D 353 -8.85 20.05 45.08
CA THR D 353 -9.15 21.15 45.99
C THR D 353 -8.12 22.26 45.91
N GLY D 354 -7.03 22.06 45.18
CA GLY D 354 -6.00 23.08 45.07
C GLY D 354 -6.08 23.85 43.78
N ASN D 355 -5.02 23.80 42.97
CA ASN D 355 -4.92 24.59 41.76
C ASN D 355 -6.02 24.32 40.75
N LEU D 356 -6.81 23.26 40.90
CA LEU D 356 -7.98 23.11 40.04
C LEU D 356 -9.02 24.17 40.29
N GLN D 357 -9.18 24.61 41.53
CA GLN D 357 -10.24 25.58 41.82
C GLN D 357 -10.04 26.91 41.12
N PRO D 358 -8.86 27.52 41.14
CA PRO D 358 -8.64 28.67 40.27
C PRO D 358 -8.94 28.43 38.80
N ALA D 359 -8.53 27.30 38.25
CA ALA D 359 -8.74 27.03 36.83
C ALA D 359 -10.21 26.96 36.46
N LEU D 360 -11.03 26.30 37.26
CA LEU D 360 -12.46 26.24 36.94
C LEU D 360 -13.16 27.56 37.19
N LYS D 361 -12.76 28.30 38.21
CA LYS D 361 -13.28 29.64 38.37
C LYS D 361 -12.97 30.51 37.18
N GLN D 362 -11.77 30.41 36.63
CA GLN D 362 -11.44 31.08 35.38
C GLN D 362 -12.40 30.67 34.27
N ALA D 363 -12.38 29.38 33.93
CA ALA D 363 -13.07 28.89 32.73
C ALA D 363 -14.58 29.03 32.82
N THR D 364 -15.17 28.82 33.99
CA THR D 364 -16.62 28.98 34.08
C THR D 364 -17.08 30.42 34.01
N GLY D 365 -16.16 31.38 34.05
CA GLY D 365 -16.52 32.78 34.05
C GLY D 365 -16.98 33.33 35.37
N TYR D 366 -16.58 32.73 36.48
CA TYR D 366 -16.86 33.25 37.82
C TYR D 366 -15.57 33.29 38.61
N PRO D 367 -14.59 34.08 38.16
CA PRO D 367 -13.23 33.95 38.68
C PRO D 367 -13.14 34.23 40.16
N ASN D 368 -14.17 34.79 40.77
CA ASN D 368 -14.16 35.10 42.19
C ASN D 368 -15.27 34.39 42.96
N ASN D 369 -15.98 33.44 42.35
CA ASN D 369 -17.20 32.92 42.98
C ASN D 369 -17.30 31.43 42.62
N ILE D 370 -16.65 30.59 43.43
CA ILE D 370 -16.60 29.17 43.12
C ILE D 370 -17.96 28.52 43.22
N SER D 371 -18.83 29.01 44.09
CA SER D 371 -20.14 28.39 44.23
C SER D 371 -21.02 28.62 43.02
N GLN D 372 -20.71 29.60 42.19
CA GLN D 372 -21.28 29.72 40.85
C GLN D 372 -20.46 28.97 39.83
N ALA D 373 -19.14 28.95 39.97
CA ALA D 373 -18.30 28.18 39.06
C ALA D 373 -18.73 26.72 39.03
N TYR D 374 -18.95 26.12 40.19
CA TYR D 374 -19.38 24.74 40.32
C TYR D 374 -20.87 24.52 40.06
N LYS D 375 -21.60 25.53 39.62
CA LYS D 375 -22.89 25.30 39.00
C LYS D 375 -22.79 25.15 37.49
N VAL D 376 -21.60 25.27 36.94
CA VAL D 376 -21.36 25.07 35.51
C VAL D 376 -20.56 23.79 35.27
N LEU D 377 -19.35 23.71 35.81
CA LEU D 377 -18.55 22.50 35.79
C LEU D 377 -18.32 22.07 37.23
N GLN D 378 -18.76 20.86 37.57
CA GLN D 378 -18.69 20.38 38.95
C GLN D 378 -17.87 19.10 39.04
N PRO D 379 -16.77 19.07 39.76
CA PRO D 379 -16.04 17.81 39.96
C PRO D 379 -16.82 16.86 40.85
N ALA D 380 -16.90 15.61 40.42
CA ALA D 380 -17.51 14.56 41.21
C ALA D 380 -16.49 13.49 41.52
N MET D 381 -16.58 12.90 42.71
CA MET D 381 -15.79 11.74 43.10
C MET D 381 -16.68 10.52 43.18
N HIS D 382 -16.12 9.37 42.81
CA HIS D 382 -16.84 8.12 42.92
C HIS D 382 -15.94 7.06 43.54
N VAL D 383 -16.56 6.09 44.20
CA VAL D 383 -15.87 4.94 44.75
C VAL D 383 -16.62 3.71 44.29
N ALA D 384 -15.89 2.63 44.06
CA ALA D 384 -16.43 1.29 44.11
C ALA D 384 -16.34 0.76 45.53
N VAL D 385 -17.44 0.28 46.07
CA VAL D 385 -17.51 -0.19 47.45
C VAL D 385 -17.49 -1.71 47.47
N ASP D 386 -16.47 -2.28 48.10
CA ASP D 386 -16.29 -3.73 48.17
C ASP D 386 -17.45 -4.39 48.91
N ARG D 387 -17.98 -5.48 48.34
CA ARG D 387 -19.23 -6.06 48.79
C ARG D 387 -19.18 -6.84 50.10
N TRP D 388 -18.01 -7.26 50.58
CA TRP D 388 -17.93 -7.90 51.88
C TRP D 388 -17.56 -6.96 52.99
N THR D 389 -16.70 -6.01 52.71
CA THR D 389 -16.15 -5.15 53.74
C THR D 389 -16.83 -3.80 53.78
N GLY D 390 -17.40 -3.33 52.69
CA GLY D 390 -17.76 -1.93 52.59
C GLY D 390 -16.53 -1.08 52.30
N GLY D 391 -16.57 0.12 52.78
CA GLY D 391 -15.45 0.99 52.54
C GLY D 391 -15.26 1.30 51.08
N ALA D 392 -14.09 1.04 50.52
CA ALA D 392 -13.93 1.19 49.09
C ALA D 392 -12.95 0.16 48.56
N ALA D 393 -13.19 -0.30 47.36
CA ALA D 393 -12.28 -1.28 46.78
C ALA D 393 -10.94 -0.64 46.47
N GLU D 394 -9.88 -1.34 46.83
CA GLU D 394 -8.51 -0.87 46.68
C GLU D 394 -8.24 -0.43 45.25
N GLY D 395 -7.91 0.84 45.07
CA GLY D 395 -7.65 1.36 43.75
C GLY D 395 -8.81 2.00 43.03
N MET D 396 -10.04 1.71 43.45
CA MET D 396 -11.24 2.09 42.71
C MET D 396 -11.79 3.45 43.12
N LEU D 397 -10.96 4.48 43.10
CA LEU D 397 -11.40 5.86 43.34
C LEU D 397 -11.17 6.69 42.09
N TYR D 398 -12.18 7.40 41.62
CA TYR D 398 -12.07 8.13 40.37
C TYR D 398 -13.01 9.31 40.42
N SER D 399 -12.80 10.27 39.53
CA SER D 399 -13.48 11.55 39.57
C SER D 399 -13.84 11.99 38.16
N VAL D 400 -14.88 12.80 38.06
CA VAL D 400 -15.45 13.24 36.79
C VAL D 400 -15.64 14.73 36.88
N LEU D 401 -15.25 15.45 35.83
CA LEU D 401 -15.65 16.85 35.68
C LEU D 401 -16.97 16.92 34.93
N GLU D 402 -18.06 17.00 35.67
CA GLU D 402 -19.38 16.93 35.11
C GLU D 402 -19.85 18.29 34.62
N PRO D 403 -20.11 18.48 33.34
CA PRO D 403 -20.64 19.77 32.88
C PRO D 403 -22.12 19.88 33.19
N ILE D 404 -22.41 19.97 34.50
CA ILE D 404 -23.78 20.03 34.99
C ILE D 404 -24.55 21.20 34.39
N GLY D 405 -23.90 22.33 34.18
CA GLY D 405 -24.62 23.51 33.73
C GLY D 405 -24.24 24.14 32.40
N VAL D 406 -23.41 23.48 31.60
CA VAL D 406 -23.10 23.97 30.27
C VAL D 406 -24.35 23.96 29.40
N THR D 407 -24.68 25.10 28.82
CA THR D 407 -25.80 25.20 27.90
C THR D 407 -25.35 24.91 26.48
N TRP D 408 -26.21 24.26 25.71
CA TRP D 408 -25.83 23.74 24.41
C TRP D 408 -26.70 24.35 23.32
N GLU D 409 -26.10 24.57 22.17
CA GLU D 409 -26.84 25.09 21.02
C GLU D 409 -27.71 24.02 20.38
N PRO D 410 -28.75 24.41 19.64
CA PRO D 410 -29.64 23.45 18.98
C PRO D 410 -28.94 22.55 17.99
N ILE D 411 -29.26 21.25 18.07
CA ILE D 411 -28.71 20.24 17.16
C ILE D 411 -29.28 20.42 15.76
N GLN D 412 -28.41 20.41 14.75
CA GLN D 412 -28.83 20.47 13.34
C GLN D 412 -28.68 19.12 12.68
N VAL D 413 -29.80 18.56 12.22
CA VAL D 413 -29.85 17.38 11.37
C VAL D 413 -30.32 17.84 10.00
N HIS D 414 -29.61 17.44 8.96
CA HIS D 414 -29.97 17.77 7.59
C HIS D 414 -30.37 16.49 6.86
N LEU D 415 -31.63 16.39 6.45
CA LEU D 415 -32.10 15.26 5.64
C LEU D 415 -32.12 15.65 4.17
N ASP D 416 -31.32 14.95 3.37
CA ASP D 416 -31.23 15.15 1.93
C ASP D 416 -32.36 14.41 1.22
N ILE D 417 -33.50 15.06 1.06
CA ILE D 417 -34.63 14.44 0.35
C ILE D 417 -34.29 14.10 -1.09
N ALA D 418 -33.45 14.88 -1.75
CA ALA D 418 -33.04 14.54 -3.11
C ALA D 418 -32.29 13.23 -3.18
N ARG D 419 -31.40 12.98 -2.23
CA ARG D 419 -30.65 11.72 -2.21
C ARG D 419 -31.52 10.50 -1.93
N LEU D 420 -32.47 10.57 -1.01
CA LEU D 420 -33.42 9.47 -0.88
C LEU D 420 -34.22 9.25 -2.13
N LYS D 421 -34.80 10.32 -2.65
CA LYS D 421 -35.64 10.21 -3.84
C LYS D 421 -34.88 9.61 -5.01
N ASN D 422 -33.58 9.89 -5.13
CA ASN D 422 -32.75 9.18 -6.09
C ASN D 422 -32.61 7.70 -5.76
N TYR D 423 -32.44 7.35 -4.47
CA TYR D 423 -32.38 5.93 -4.12
C TYR D 423 -33.66 5.21 -4.46
N TYR D 424 -34.80 5.85 -4.26
CA TYR D 424 -36.07 5.25 -4.60
C TYR D 424 -36.45 5.48 -6.05
N HIS D 425 -35.49 5.79 -6.89
CA HIS D 425 -35.73 5.96 -8.32
C HIS D 425 -36.88 6.93 -8.60
N GLY D 426 -36.98 7.96 -7.76
CA GLY D 426 -37.96 9.01 -7.91
C GLY D 426 -39.27 8.86 -7.16
N LYS D 427 -39.60 7.69 -6.67
CA LYS D 427 -40.99 7.46 -6.24
C LYS D 427 -41.25 8.08 -4.87
N GLU D 428 -41.88 9.25 -4.84
CA GLU D 428 -42.09 9.94 -3.56
C GLU D 428 -43.06 9.21 -2.66
N GLU D 429 -43.82 8.25 -3.17
CA GLU D 429 -44.58 7.39 -2.29
C GLU D 429 -43.66 6.68 -1.31
N LYS D 430 -42.49 6.25 -1.79
CA LYS D 430 -41.52 5.49 -1.00
C LYS D 430 -40.83 6.31 0.08
N LEU D 431 -40.94 7.64 0.07
CA LEU D 431 -40.40 8.42 1.16
C LEU D 431 -41.13 8.20 2.47
N LYS D 432 -42.42 7.90 2.45
CA LYS D 432 -43.17 7.93 3.70
C LYS D 432 -42.70 6.92 4.73
N PRO D 433 -42.35 5.68 4.40
CA PRO D 433 -41.73 4.84 5.43
C PRO D 433 -40.44 5.42 5.98
N ALA D 434 -39.57 6.00 5.15
CA ALA D 434 -38.35 6.58 5.68
C ALA D 434 -38.62 7.83 6.51
N ILE D 435 -39.54 8.69 6.06
CA ILE D 435 -39.97 9.83 6.86
C ILE D 435 -40.69 9.39 8.12
N ALA D 436 -41.50 8.33 8.02
CA ALA D 436 -42.17 7.81 9.20
C ALA D 436 -41.19 7.33 10.25
N LEU D 437 -40.17 6.58 9.83
CA LEU D 437 -39.13 6.15 10.76
C LEU D 437 -38.45 7.32 11.43
N LEU D 438 -38.04 8.32 10.67
CA LEU D 438 -37.36 9.48 11.23
C LEU D 438 -38.20 10.20 12.26
N LEU D 439 -39.47 10.38 12.01
CA LEU D 439 -40.33 11.01 13.01
C LEU D 439 -40.51 10.15 14.26
N LEU D 440 -40.49 8.83 14.14
CA LEU D 440 -40.52 7.97 15.32
C LEU D 440 -39.24 8.06 16.13
N VAL D 441 -38.10 8.20 15.47
CA VAL D 441 -36.84 8.43 16.17
C VAL D 441 -36.86 9.75 16.93
N LEU D 442 -37.37 10.81 16.30
CA LEU D 442 -37.46 12.10 16.96
C LEU D 442 -38.46 12.09 18.09
N ARG D 443 -39.54 11.32 17.99
CA ARG D 443 -40.46 11.16 19.12
C ARG D 443 -39.78 10.58 20.35
N ASP D 444 -38.88 9.62 20.18
CA ASP D 444 -38.17 9.07 21.33
C ASP D 444 -37.13 10.01 21.88
N LEU D 445 -36.43 10.73 21.01
CA LEU D 445 -35.49 11.73 21.46
C LEU D 445 -36.15 12.71 22.41
N ALA D 446 -37.34 13.17 22.07
CA ALA D 446 -38.05 14.12 22.92
C ALA D 446 -38.63 13.48 24.17
N ASN D 447 -38.75 12.15 24.21
CA ASN D 447 -39.29 11.46 25.38
C ASN D 447 -38.19 10.88 26.27
N LYS D 448 -36.98 11.42 26.22
CA LYS D 448 -35.84 10.96 27.01
C LYS D 448 -35.46 9.52 26.77
N LYS D 449 -35.90 8.92 25.67
CA LYS D 449 -35.55 7.54 25.35
C LYS D 449 -34.20 7.41 24.68
N ILE D 450 -33.60 8.51 24.23
CA ILE D 450 -32.28 8.45 23.62
C ILE D 450 -31.34 9.33 24.43
N PRO D 451 -30.61 8.77 25.39
CA PRO D 451 -29.56 9.51 26.06
C PRO D 451 -28.32 9.58 25.18
N VAL D 452 -27.48 10.58 25.48
CA VAL D 452 -26.37 10.96 24.63
C VAL D 452 -25.10 11.05 25.46
N GLY D 453 -23.99 10.69 24.84
CA GLY D 453 -22.67 10.82 25.43
C GLY D 453 -22.25 9.73 26.41
N TYR D 454 -21.26 10.09 27.22
CA TYR D 454 -20.63 9.18 28.17
C TYR D 454 -21.53 8.89 29.35
N GLY D 455 -21.40 7.70 29.89
CA GLY D 455 -21.98 7.42 31.19
C GLY D 455 -23.48 7.48 31.23
N THR D 456 -24.15 7.11 30.16
CA THR D 456 -25.60 7.25 30.13
C THR D 456 -26.28 6.43 31.21
N ASN D 457 -25.73 5.28 31.56
CA ASN D 457 -26.26 4.45 32.62
C ASN D 457 -25.72 4.81 34.00
N ARG D 458 -24.91 5.85 34.10
CA ARG D 458 -24.08 6.16 35.26
C ARG D 458 -24.16 7.64 35.55
N GLY D 459 -25.37 8.18 35.46
CA GLY D 459 -25.67 9.52 35.90
C GLY D 459 -25.45 10.63 34.92
N MET D 460 -25.41 10.35 33.63
CA MET D 460 -25.19 11.38 32.63
C MET D 460 -26.09 11.12 31.45
N GLY D 461 -26.18 12.11 30.57
CA GLY D 461 -26.63 11.87 29.22
C GLY D 461 -28.09 12.05 28.90
N THR D 462 -28.94 12.45 29.83
CA THR D 462 -30.37 12.53 29.54
C THR D 462 -30.71 13.97 29.18
N ILE D 463 -31.41 14.16 28.07
CA ILE D 463 -31.62 15.50 27.54
C ILE D 463 -33.12 15.81 27.56
N THR D 464 -33.43 17.06 27.81
CA THR D 464 -34.76 17.62 27.59
C THR D 464 -34.79 18.31 26.23
N VAL D 465 -35.75 17.95 25.40
CA VAL D 465 -35.96 18.65 24.13
C VAL D 465 -37.14 19.60 24.28
N SER D 466 -36.86 20.87 24.03
CA SER D 466 -37.84 21.94 24.15
C SER D 466 -38.61 22.18 22.87
N GLN D 467 -37.99 21.96 21.72
CA GLN D 467 -38.58 22.34 20.46
C GLN D 467 -37.84 21.63 19.33
N ILE D 468 -38.58 21.05 18.40
CA ILE D 468 -38.05 20.59 17.14
C ILE D 468 -38.65 21.47 16.06
N THR D 469 -37.79 22.10 15.28
CA THR D 469 -38.22 22.88 14.13
C THR D 469 -37.91 22.09 12.86
N LEU D 470 -38.95 21.84 12.07
CA LEU D 470 -38.83 21.18 10.79
C LEU D 470 -38.94 22.23 9.71
N ASN D 471 -37.91 22.35 8.88
CA ASN D 471 -37.81 23.43 7.89
C ASN D 471 -37.24 22.85 6.61
N GLY D 472 -38.11 22.32 5.77
CA GLY D 472 -37.71 21.82 4.48
C GLY D 472 -37.85 22.85 3.37
N LYS D 473 -37.05 22.66 2.34
CA LYS D 473 -37.08 23.49 1.16
C LYS D 473 -37.44 22.62 -0.04
N ALA D 474 -38.30 23.13 -0.91
CA ALA D 474 -38.69 22.41 -2.13
C ALA D 474 -39.21 21.00 -1.86
N LEU D 475 -39.82 20.76 -0.71
CA LEU D 475 -40.37 19.44 -0.44
C LEU D 475 -41.48 19.11 -1.42
N PRO D 476 -41.64 17.84 -1.80
CA PRO D 476 -42.80 17.47 -2.62
C PRO D 476 -44.10 17.73 -1.88
N THR D 477 -45.14 18.01 -2.65
CA THR D 477 -46.33 18.63 -2.08
C THR D 477 -46.97 17.78 -1.00
N GLU D 478 -46.88 16.46 -1.11
CA GLU D 478 -47.43 15.60 -0.09
C GLU D 478 -46.59 15.54 1.18
N LEU D 479 -45.34 15.99 1.14
CA LEU D 479 -44.53 16.17 2.33
C LEU D 479 -44.46 17.60 2.84
N GLU D 480 -45.04 18.54 2.12
CA GLU D 480 -45.08 19.94 2.52
C GLU D 480 -45.62 20.20 3.93
N PRO D 481 -46.52 19.38 4.47
CA PRO D 481 -46.93 19.58 5.87
C PRO D 481 -45.81 19.45 6.90
N LEU D 482 -44.65 18.92 6.53
CA LEU D 482 -43.54 18.84 7.49
C LEU D 482 -43.07 20.20 7.97
N ASN D 483 -43.16 21.23 7.15
CA ASN D 483 -42.62 22.54 7.53
C ASN D 483 -43.40 23.09 8.73
N LYS D 484 -42.81 22.95 9.90
CA LYS D 484 -43.51 23.11 11.17
C LYS D 484 -42.48 23.39 12.24
N THR D 485 -42.91 24.02 13.32
CA THR D 485 -42.19 24.01 14.59
C THR D 485 -42.98 23.22 15.61
N MET D 486 -42.38 22.15 16.12
CA MET D 486 -43.06 21.26 17.05
C MET D 486 -42.56 21.47 18.46
N THR D 487 -43.48 21.50 19.42
CA THR D 487 -43.12 21.55 20.82
C THR D 487 -43.74 20.43 21.64
N CYS D 488 -44.80 19.80 21.18
CA CYS D 488 -45.27 18.57 21.79
C CYS D 488 -44.30 17.45 21.44
N PRO D 489 -43.81 16.70 22.42
CA PRO D 489 -42.92 15.57 22.10
C PRO D 489 -43.57 14.53 21.23
N ASN D 490 -44.89 14.37 21.31
CA ASN D 490 -45.60 13.31 20.64
C ASN D 490 -46.03 13.68 19.23
N LEU D 491 -45.37 14.65 18.61
CA LEU D 491 -45.63 15.09 17.25
C LEU D 491 -47.03 15.65 17.03
N THR D 492 -47.80 15.90 18.08
CA THR D 492 -49.18 16.31 17.84
C THR D 492 -49.27 17.65 17.12
N ASP D 493 -48.16 18.35 16.95
CA ASP D 493 -48.15 19.57 16.13
C ASP D 493 -48.13 19.31 14.64
N LEU D 494 -47.75 18.11 14.19
CA LEU D 494 -47.99 17.71 12.82
C LEU D 494 -49.45 17.35 12.58
N ASP D 495 -49.96 17.76 11.41
CA ASP D 495 -51.37 17.60 11.12
C ASP D 495 -51.78 16.16 11.25
N GLU D 496 -52.92 15.92 11.89
CA GLU D 496 -53.33 14.54 12.11
C GLU D 496 -53.53 13.81 10.80
N ALA D 497 -54.05 14.50 9.79
CA ALA D 497 -54.17 13.87 8.48
C ALA D 497 -52.80 13.50 7.92
N PHE D 498 -51.80 14.33 8.17
CA PHE D 498 -50.45 13.98 7.72
C PHE D 498 -49.86 12.85 8.56
N ARG D 499 -49.96 12.96 9.89
CA ARG D 499 -49.50 11.86 10.72
C ARG D 499 -50.27 10.58 10.44
N GLN D 500 -51.54 10.68 10.09
CA GLN D 500 -52.29 9.48 9.75
C GLN D 500 -51.91 8.93 8.38
N ASP D 501 -51.57 9.80 7.43
CA ASP D 501 -51.03 9.33 6.16
C ASP D 501 -49.69 8.60 6.31
N LEU D 502 -48.75 9.20 7.02
CA LEU D 502 -47.48 8.54 7.30
C LEU D 502 -47.68 7.21 8.02
N SER D 503 -48.58 7.18 9.01
CA SER D 503 -48.87 5.93 9.70
C SER D 503 -49.35 4.86 8.74
N THR D 504 -50.13 5.24 7.73
CA THR D 504 -50.63 4.27 6.77
C THR D 504 -49.52 3.71 5.89
N ALA D 505 -48.70 4.57 5.30
CA ALA D 505 -47.59 4.08 4.49
C ALA D 505 -46.61 3.28 5.32
N TRP D 506 -46.38 3.70 6.56
CA TRP D 506 -45.53 2.96 7.49
C TRP D 506 -46.10 1.58 7.82
N LYS D 507 -47.37 1.52 8.21
CA LYS D 507 -48.00 0.24 8.48
C LYS D 507 -48.01 -0.68 7.26
N GLU D 508 -48.21 -0.13 6.08
CA GLU D 508 -48.13 -0.93 4.86
C GLU D 508 -46.73 -1.47 4.59
N TRP D 509 -45.70 -0.79 5.07
CA TRP D 509 -44.35 -1.34 4.97
C TRP D 509 -44.09 -2.39 6.05
N ILE D 510 -44.57 -2.16 7.27
CA ILE D 510 -44.47 -3.14 8.32
C ILE D 510 -45.10 -4.47 7.90
N ALA D 511 -46.21 -4.41 7.17
CA ALA D 511 -46.85 -5.63 6.70
C ALA D 511 -46.03 -6.37 5.65
N ASP D 512 -45.06 -5.71 5.04
CA ASP D 512 -44.14 -6.36 4.11
C ASP D 512 -42.84 -5.58 3.97
N PRO D 513 -41.87 -5.80 4.86
CA PRO D 513 -40.70 -4.92 4.97
C PRO D 513 -39.65 -5.15 3.89
N ILE D 514 -40.05 -4.96 2.63
CA ILE D 514 -39.16 -5.12 1.48
C ILE D 514 -38.01 -4.10 1.52
N ASP D 515 -36.96 -4.39 0.76
CA ASP D 515 -35.89 -3.43 0.49
C ASP D 515 -36.42 -2.32 -0.38
N LEU D 516 -36.74 -1.19 0.22
CA LEU D 516 -37.65 -0.26 -0.42
C LEU D 516 -37.04 0.40 -1.65
N CYS D 517 -35.71 0.39 -1.77
CA CYS D 517 -35.02 0.90 -2.94
C CYS D 517 -34.82 -0.14 -4.03
N GLN D 518 -35.29 -1.36 -3.82
CA GLN D 518 -35.27 -2.40 -4.83
C GLN D 518 -36.30 -2.10 -5.91
N GLN D 519 -35.85 -1.65 -7.08
CA GLN D 519 -36.80 -1.35 -8.16
C GLN D 519 -37.31 -2.62 -8.82
N SER E 112 -26.09 -2.84 79.61
CA SER E 112 -26.43 -2.38 78.28
C SER E 112 -26.11 -3.43 77.25
N ASN E 113 -26.87 -3.45 76.17
CA ASN E 113 -26.66 -4.34 75.05
C ASN E 113 -26.63 -3.47 73.80
N PHE E 114 -26.02 -3.99 72.75
CA PHE E 114 -25.92 -3.20 71.54
C PHE E 114 -25.86 -4.14 70.36
N HIS E 115 -26.11 -3.61 69.17
CA HIS E 115 -25.85 -4.29 67.92
C HIS E 115 -24.65 -3.63 67.26
N ASN E 116 -23.75 -4.44 66.74
CA ASN E 116 -22.75 -3.89 65.85
C ASN E 116 -23.44 -3.26 64.66
N PRO E 117 -22.99 -2.09 64.20
CA PRO E 117 -23.73 -1.35 63.18
C PRO E 117 -23.70 -1.97 61.79
N TYR E 118 -22.96 -3.05 61.55
CA TYR E 118 -23.03 -3.80 60.32
C TYR E 118 -23.34 -5.26 60.59
N ASN E 119 -23.95 -5.93 59.62
CA ASN E 119 -24.08 -7.38 59.59
C ASN E 119 -23.98 -7.81 58.14
N PHE E 120 -24.20 -9.08 57.87
CA PHE E 120 -24.04 -9.59 56.53
C PHE E 120 -25.26 -10.39 56.14
N VAL E 121 -25.70 -10.26 54.89
CA VAL E 121 -26.64 -11.23 54.32
C VAL E 121 -25.86 -12.32 53.61
N PRO E 122 -26.14 -13.58 53.87
CA PRO E 122 -25.31 -14.66 53.33
C PRO E 122 -25.35 -14.74 51.81
N ALA E 123 -24.18 -14.79 51.20
CA ALA E 123 -24.06 -15.14 49.80
C ALA E 123 -24.03 -16.65 49.69
N LEU E 124 -25.18 -17.24 49.37
CA LEU E 124 -25.27 -18.67 49.16
C LEU E 124 -24.60 -19.04 47.85
N PRO E 125 -23.83 -20.11 47.81
CA PRO E 125 -23.26 -20.55 46.53
C PRO E 125 -24.34 -20.96 45.56
N ARG E 126 -24.09 -20.75 44.27
CA ARG E 126 -25.15 -20.76 43.28
C ARG E 126 -24.92 -21.84 42.24
N ASP E 127 -24.02 -22.77 42.53
CA ASP E 127 -23.73 -23.90 41.64
C ASP E 127 -24.95 -24.78 41.46
N GLY E 128 -25.35 -24.98 40.20
CA GLY E 128 -26.55 -25.72 39.86
C GLY E 128 -27.85 -24.95 39.93
N ILE E 129 -27.80 -23.62 40.08
CA ILE E 129 -28.99 -22.79 39.93
C ILE E 129 -29.36 -22.61 38.46
N THR E 130 -30.65 -22.51 38.20
CA THR E 130 -31.21 -22.53 36.86
C THR E 130 -32.29 -21.45 36.76
N GLY E 131 -32.72 -21.19 35.53
CA GLY E 131 -33.69 -20.15 35.26
C GLY E 131 -33.08 -18.76 35.34
N ASP E 132 -33.96 -17.77 35.53
CA ASP E 132 -33.51 -16.38 35.50
C ASP E 132 -32.63 -16.00 36.68
N LEU E 133 -32.68 -16.72 37.79
CA LEU E 133 -31.76 -16.45 38.88
C LEU E 133 -30.37 -16.97 38.61
N GLY E 134 -30.21 -17.89 37.69
CA GLY E 134 -28.92 -18.45 37.34
C GLY E 134 -28.16 -17.57 36.40
N ASP E 135 -26.97 -18.02 36.06
CA ASP E 135 -26.19 -17.35 35.03
C ASP E 135 -26.80 -17.65 33.67
N CYS E 136 -26.86 -16.64 32.81
CA CYS E 136 -27.57 -16.78 31.55
C CYS E 136 -27.01 -15.77 30.58
N ALA E 137 -27.17 -16.06 29.30
CA ALA E 137 -26.88 -15.09 28.27
C ALA E 137 -27.78 -13.87 28.40
N PRO E 138 -27.23 -12.66 28.31
CA PRO E 138 -28.03 -11.45 28.49
C PRO E 138 -28.98 -11.24 27.34
N ALA E 139 -30.12 -10.60 27.63
CA ALA E 139 -31.12 -10.36 26.60
C ALA E 139 -30.61 -9.43 25.51
N GLY E 140 -29.82 -8.46 25.88
CA GLY E 140 -29.19 -7.60 24.90
C GLY E 140 -30.02 -6.41 24.52
N HIS E 141 -29.44 -5.60 23.65
CA HIS E 141 -29.94 -4.26 23.36
C HIS E 141 -30.41 -4.09 21.94
N SER E 142 -30.46 -5.16 21.13
CA SER E 142 -30.71 -5.01 19.70
C SER E 142 -32.17 -4.74 19.36
N TYR E 143 -33.10 -5.26 20.13
CA TYR E 143 -34.51 -5.07 19.86
C TYR E 143 -35.27 -5.34 21.14
N TYR E 144 -36.52 -4.92 21.17
CA TYR E 144 -37.39 -5.28 22.29
C TYR E 144 -37.96 -6.68 22.13
N HIS E 145 -37.64 -7.55 23.08
CA HIS E 145 -38.08 -8.93 23.01
C HIS E 145 -39.57 -8.99 23.27
N GLY E 146 -40.27 -9.80 22.50
CA GLY E 146 -41.70 -9.88 22.67
C GLY E 146 -42.15 -10.29 24.05
N ASP E 147 -41.40 -11.16 24.72
CA ASP E 147 -41.75 -11.67 26.03
C ASP E 147 -41.24 -10.86 27.22
N LYS E 148 -40.40 -9.84 27.02
CA LYS E 148 -39.72 -9.17 28.13
C LYS E 148 -40.06 -7.69 28.15
N TYR E 149 -40.22 -7.17 29.37
CA TYR E 149 -40.76 -5.85 29.67
C TYR E 149 -39.71 -4.75 29.63
N SER E 150 -40.10 -3.58 29.13
CA SER E 150 -39.25 -2.43 28.94
C SER E 150 -40.04 -1.15 29.16
N GLY E 151 -39.36 -0.08 29.52
CA GLY E 151 -40.06 1.17 29.72
C GLY E 151 -39.53 1.94 30.91
N ARG E 152 -40.37 2.85 31.41
CA ARG E 152 -40.01 3.83 32.43
C ARG E 152 -40.72 3.53 33.72
N ILE E 153 -39.99 3.54 34.83
CA ILE E 153 -40.54 3.50 36.18
C ILE E 153 -40.29 4.85 36.83
N ALA E 154 -41.32 5.41 37.43
CA ALA E 154 -41.19 6.65 38.20
C ALA E 154 -41.16 6.29 39.68
N VAL E 155 -40.18 6.84 40.39
CA VAL E 155 -39.89 6.47 41.77
C VAL E 155 -39.85 7.73 42.62
N LYS E 156 -40.40 7.64 43.83
CA LYS E 156 -40.21 8.66 44.85
C LYS E 156 -39.30 8.15 45.95
N LEU E 157 -38.33 8.96 46.34
CA LEU E 157 -37.39 8.64 47.42
C LEU E 157 -37.56 9.69 48.49
N THR E 158 -37.94 9.27 49.69
CA THR E 158 -38.05 10.19 50.81
C THR E 158 -37.13 9.78 51.95
N THR E 159 -36.45 10.77 52.53
CA THR E 159 -35.51 10.53 53.60
C THR E 159 -36.23 10.31 54.93
N VAL E 160 -35.58 9.54 55.79
CA VAL E 160 -36.14 9.14 57.08
C VAL E 160 -35.25 9.61 58.23
N THR E 161 -33.99 9.28 58.17
CA THR E 161 -32.89 9.95 58.83
C THR E 161 -32.22 10.93 57.90
N PRO E 162 -31.46 11.88 58.41
CA PRO E 162 -30.73 12.80 57.54
C PRO E 162 -29.77 12.08 56.61
N LEU E 163 -29.52 12.69 55.47
CA LEU E 163 -28.74 12.10 54.39
C LEU E 163 -27.52 12.95 54.14
N LEU E 164 -26.36 12.33 54.04
CA LEU E 164 -25.13 13.04 53.73
C LEU E 164 -24.81 12.94 52.25
N ILE E 165 -24.57 14.09 51.62
CA ILE E 165 -24.18 14.12 50.22
C ILE E 165 -22.93 14.97 50.06
N PRO E 166 -21.81 14.57 50.63
CA PRO E 166 -20.67 15.47 50.75
C PRO E 166 -19.99 15.76 49.43
N ASP E 167 -19.66 17.03 49.21
CA ASP E 167 -19.01 17.49 47.99
C ASP E 167 -17.51 17.54 48.24
N ALA E 168 -16.81 16.48 47.83
CA ALA E 168 -15.36 16.41 47.95
C ALA E 168 -14.61 17.41 47.07
N SER E 169 -15.29 18.09 46.16
CA SER E 169 -14.67 19.17 45.40
C SER E 169 -14.55 20.46 46.18
N LYS E 170 -15.42 20.68 47.16
CA LYS E 170 -15.48 21.88 47.96
C LYS E 170 -15.00 21.67 49.39
N GLU E 171 -14.46 20.49 49.70
CA GLU E 171 -13.99 20.19 51.04
C GLU E 171 -12.91 21.17 51.47
N GLU E 172 -12.83 21.39 52.77
CA GLU E 172 -11.87 22.32 53.36
C GLU E 172 -11.02 21.58 54.37
N ILE E 173 -9.73 21.87 54.40
CA ILE E 173 -8.76 21.14 55.21
C ILE E 173 -8.15 22.11 56.21
N ASN E 174 -8.27 21.80 57.50
CA ASN E 174 -7.53 22.51 58.53
C ASN E 174 -6.92 21.51 59.48
N ASN E 175 -5.64 21.72 59.81
CA ASN E 175 -4.88 20.79 60.65
C ASN E 175 -5.11 19.36 60.21
N ASN E 176 -5.21 19.15 58.90
CA ASN E 176 -5.48 17.86 58.29
C ASN E 176 -6.88 17.29 58.53
N HIS E 177 -7.82 18.06 59.07
CA HIS E 177 -9.22 17.67 59.22
C HIS E 177 -10.05 18.21 58.05
N LYS E 178 -10.88 17.36 57.46
CA LYS E 178 -11.65 17.71 56.25
C LYS E 178 -13.10 18.01 56.58
N THR E 179 -13.58 19.17 56.16
CA THR E 179 -14.96 19.59 56.32
C THR E 179 -15.67 19.54 54.98
N TYR E 180 -16.85 18.95 54.93
CA TYR E 180 -17.54 18.79 53.67
C TYR E 180 -18.84 19.58 53.69
N PRO E 181 -19.13 20.38 52.68
CA PRO E 181 -20.49 20.85 52.46
C PRO E 181 -21.35 19.83 51.73
N VAL E 182 -22.66 20.11 51.68
CA VAL E 182 -23.54 19.33 50.83
C VAL E 182 -23.32 19.67 49.37
N ARG E 183 -23.36 18.65 48.52
CA ARG E 183 -23.33 18.84 47.08
C ARG E 183 -24.65 19.44 46.60
N ILE E 184 -24.56 20.51 45.82
CA ILE E 184 -25.74 21.21 45.32
C ILE E 184 -25.69 21.23 43.81
N GLY E 185 -26.86 21.26 43.19
CA GLY E 185 -26.98 21.32 41.75
C GLY E 185 -26.97 22.74 41.23
N LYS E 186 -27.09 22.86 39.91
CA LYS E 186 -27.15 24.16 39.26
C LYS E 186 -28.34 24.99 39.70
N ASP E 187 -29.40 24.35 40.19
CA ASP E 187 -30.54 25.07 40.73
C ASP E 187 -30.47 25.24 42.25
N GLY E 188 -29.36 24.88 42.87
CA GLY E 188 -29.10 25.12 44.28
C GLY E 188 -29.73 24.15 45.25
N LYS E 189 -30.58 23.25 44.80
CA LYS E 189 -31.06 22.17 45.64
C LYS E 189 -30.00 21.08 45.78
N PRO E 190 -30.09 20.25 46.82
CA PRO E 190 -29.12 19.17 46.97
C PRO E 190 -29.12 18.24 45.76
N TYR E 191 -27.94 18.02 45.20
CA TYR E 191 -27.80 17.13 44.05
C TYR E 191 -27.45 15.73 44.52
N LEU E 192 -28.46 14.88 44.67
CA LEU E 192 -28.25 13.47 44.89
C LEU E 192 -27.83 12.75 43.61
N PRO E 193 -26.62 12.22 43.53
CA PRO E 193 -26.14 11.63 42.29
C PRO E 193 -26.89 10.35 41.95
N PRO E 194 -27.20 10.12 40.68
CA PRO E 194 -27.77 8.82 40.30
C PRO E 194 -26.87 7.64 40.57
N THR E 195 -25.55 7.83 40.52
CA THR E 195 -24.62 6.77 40.87
C THR E 195 -24.78 6.31 42.32
N SER E 196 -25.06 7.22 43.24
CA SER E 196 -25.27 6.81 44.62
C SER E 196 -26.55 6.02 44.79
N ILE E 197 -27.60 6.39 44.07
CA ILE E 197 -28.81 5.59 44.06
C ILE E 197 -28.57 4.27 43.36
N LYS E 198 -27.83 4.27 42.27
CA LYS E 198 -27.60 3.04 41.53
C LYS E 198 -26.86 2.01 42.36
N GLY E 199 -25.81 2.42 43.07
CA GLY E 199 -25.10 1.50 43.93
C GLY E 199 -25.88 1.06 45.14
N MET E 200 -26.76 1.91 45.66
CA MET E 200 -27.70 1.48 46.69
C MET E 200 -28.57 0.36 46.16
N LEU E 201 -29.24 0.58 45.04
CA LEU E 201 -30.09 -0.43 44.44
C LEU E 201 -29.31 -1.65 44.01
N ARG E 202 -28.18 -1.46 43.34
CA ARG E 202 -27.43 -2.61 42.85
C ARG E 202 -27.05 -3.57 43.95
N SER E 203 -26.52 -3.07 45.06
CA SER E 203 -26.15 -3.97 46.14
C SER E 203 -27.37 -4.57 46.82
N ALA E 204 -28.44 -3.80 46.97
CA ALA E 204 -29.70 -4.35 47.47
C ALA E 204 -30.31 -5.35 46.52
N TYR E 205 -30.15 -5.14 45.22
CA TYR E 205 -30.62 -6.10 44.22
C TYR E 205 -29.79 -7.38 44.24
N GLU E 206 -28.46 -7.27 44.21
CA GLU E 206 -27.62 -8.45 44.37
C GLU E 206 -27.98 -9.28 45.59
N ALA E 207 -28.28 -8.63 46.70
CA ALA E 207 -28.59 -9.37 47.91
C ALA E 207 -29.83 -10.23 47.75
N VAL E 208 -30.98 -9.62 47.45
CA VAL E 208 -32.21 -10.38 47.41
C VAL E 208 -32.30 -11.27 46.20
N THR E 209 -31.58 -10.99 45.13
CA THR E 209 -31.53 -11.89 43.99
C THR E 209 -30.45 -12.95 44.16
N ASN E 210 -29.56 -12.77 45.12
CA ASN E 210 -28.33 -13.53 45.28
C ASN E 210 -27.53 -13.68 43.98
N SER E 211 -27.08 -12.58 43.43
CA SER E 211 -26.21 -12.66 42.27
C SER E 211 -24.76 -12.87 42.72
N ARG E 212 -23.85 -12.93 41.77
CA ARG E 212 -22.44 -12.69 42.02
C ARG E 212 -22.23 -11.34 42.68
N LEU E 213 -21.19 -11.25 43.50
CA LEU E 213 -20.79 -9.99 44.09
C LEU E 213 -19.99 -9.17 43.10
N ALA E 214 -20.44 -7.95 42.84
CA ALA E 214 -19.89 -7.19 41.72
C ALA E 214 -18.48 -6.70 42.00
N VAL E 215 -18.19 -6.32 43.23
CA VAL E 215 -16.91 -5.74 43.60
C VAL E 215 -16.38 -6.58 44.75
N PHE E 216 -15.41 -7.43 44.45
CA PHE E 216 -14.59 -8.13 45.43
C PHE E 216 -13.20 -7.65 45.07
N GLU E 217 -12.50 -7.01 45.99
CA GLU E 217 -11.10 -6.74 45.72
C GLU E 217 -10.32 -8.05 45.77
N ASP E 218 -9.00 -7.99 45.64
CA ASP E 218 -8.24 -9.23 45.45
C ASP E 218 -8.39 -10.16 46.64
N HIS E 219 -8.24 -9.65 47.87
CA HIS E 219 -8.39 -10.46 49.07
C HIS E 219 -7.62 -11.76 49.01
N ASP E 220 -6.52 -11.79 48.27
CA ASP E 220 -5.77 -13.01 48.03
C ASP E 220 -4.58 -13.22 48.97
N SER E 221 -4.22 -12.22 49.76
CA SER E 221 -3.29 -12.40 50.87
C SER E 221 -3.92 -13.11 52.04
N ARG E 222 -3.12 -13.91 52.75
CA ARG E 222 -3.49 -14.38 54.07
C ARG E 222 -3.58 -13.21 55.04
N LEU E 223 -4.70 -13.08 55.73
CA LEU E 223 -4.82 -12.07 56.76
C LEU E 223 -4.01 -12.48 57.97
N ALA E 224 -3.72 -11.50 58.82
CA ALA E 224 -2.88 -11.75 59.98
C ALA E 224 -3.61 -11.44 61.26
N TYR E 225 -3.20 -12.11 62.33
CA TYR E 225 -3.78 -11.96 63.65
C TYR E 225 -2.65 -11.95 64.65
N ARG E 226 -2.97 -11.92 65.92
CA ARG E 226 -1.94 -11.99 66.92
C ARG E 226 -2.22 -13.12 67.90
N MET E 227 -1.18 -13.86 68.27
CA MET E 227 -1.34 -14.87 69.30
C MET E 227 -1.77 -14.22 70.60
N PRO E 228 -2.61 -14.89 71.38
CA PRO E 228 -2.81 -14.49 72.77
C PRO E 228 -1.59 -14.78 73.63
N ALA E 229 -1.51 -14.10 74.76
CA ALA E 229 -0.35 -14.22 75.63
C ALA E 229 -0.17 -15.62 76.18
N THR E 230 -1.25 -16.39 76.35
CA THR E 230 -1.09 -17.77 76.77
C THR E 230 -0.24 -18.56 75.79
N MET E 231 -0.23 -18.16 74.53
CA MET E 231 0.47 -18.92 73.51
C MET E 231 1.97 -18.76 73.58
N GLY E 232 2.49 -17.79 74.32
CA GLY E 232 3.93 -17.66 74.45
C GLY E 232 4.59 -18.83 75.14
N LEU E 233 3.87 -19.53 76.01
CA LEU E 233 4.48 -20.64 76.73
C LEU E 233 4.87 -21.80 75.84
N GLN E 234 4.17 -22.01 74.73
CA GLN E 234 4.47 -23.14 73.87
C GLN E 234 5.37 -22.80 72.69
N MET E 235 6.13 -21.72 72.79
CA MET E 235 7.22 -21.44 71.87
C MET E 235 8.50 -21.98 72.50
N VAL E 236 9.06 -23.03 71.91
CA VAL E 236 10.41 -23.45 72.29
C VAL E 236 11.42 -22.70 71.44
N PRO E 237 12.61 -22.43 71.97
CA PRO E 237 13.68 -21.87 71.16
C PRO E 237 14.12 -22.84 70.08
N ALA E 238 14.62 -22.30 68.98
CA ALA E 238 15.13 -23.16 67.95
C ALA E 238 16.26 -22.47 67.22
N ARG E 239 17.11 -23.27 66.61
CA ARG E 239 17.99 -22.85 65.53
C ARG E 239 17.66 -23.65 64.29
N ILE E 240 18.02 -23.11 63.14
CA ILE E 240 18.09 -23.88 61.90
C ILE E 240 19.53 -24.28 61.67
N GLU E 241 19.73 -25.52 61.23
CA GLU E 241 21.05 -26.13 61.09
C GLU E 241 21.11 -26.73 59.68
N GLY E 242 21.61 -25.95 58.73
CA GLY E 242 21.61 -26.38 57.35
C GLY E 242 20.20 -26.62 56.86
N ASP E 243 19.78 -27.87 56.88
CA ASP E 243 18.46 -28.27 56.41
C ASP E 243 17.57 -28.75 57.54
N ASN E 244 17.96 -28.51 58.79
CA ASN E 244 17.15 -28.87 59.94
C ASN E 244 17.01 -27.67 60.86
N ILE E 245 15.98 -27.71 61.70
CA ILE E 245 15.90 -26.86 62.89
C ILE E 245 16.17 -27.74 64.09
N VAL E 246 17.00 -27.25 65.00
CA VAL E 246 17.31 -27.94 66.25
C VAL E 246 16.63 -27.18 67.37
N LEU E 247 15.82 -27.88 68.16
CA LEU E 247 15.21 -27.27 69.32
C LEU E 247 16.19 -27.25 70.47
N TYR E 248 16.14 -26.19 71.27
CA TYR E 248 16.98 -26.03 72.45
C TYR E 248 16.12 -25.82 73.69
N PRO E 249 15.42 -26.87 74.13
CA PRO E 249 14.63 -26.78 75.36
C PRO E 249 15.45 -26.66 76.63
N GLY E 250 16.76 -26.92 76.57
CA GLY E 250 17.61 -26.71 77.73
C GLY E 250 17.32 -27.71 78.83
N THR E 251 17.49 -27.24 80.07
CA THR E 251 17.12 -28.06 81.22
C THR E 251 15.62 -28.02 81.46
N SER E 252 14.86 -28.35 80.43
CA SER E 252 13.41 -28.45 80.54
C SER E 252 12.92 -29.48 79.54
N ARG E 253 11.79 -30.10 79.84
CA ARG E 253 11.19 -31.09 78.97
C ARG E 253 9.90 -30.58 78.34
N ILE E 254 9.77 -30.81 77.04
CA ILE E 254 8.65 -30.30 76.26
C ILE E 254 7.38 -31.03 76.67
N GLY E 255 6.43 -30.31 77.24
CA GLY E 255 5.16 -30.90 77.58
C GLY E 255 4.35 -31.23 76.37
N ASN E 256 3.33 -32.04 76.58
CA ASN E 256 2.53 -32.52 75.46
C ASN E 256 1.93 -31.36 74.67
N ASN E 257 1.54 -30.31 75.38
CA ASN E 257 0.99 -29.10 74.79
C ASN E 257 2.05 -28.14 74.28
N GLY E 258 3.34 -28.48 74.39
CA GLY E 258 4.42 -27.61 74.04
C GLY E 258 4.91 -26.73 75.18
N ARG E 259 4.11 -26.56 76.22
CA ARG E 259 4.56 -25.87 77.41
C ARG E 259 5.65 -26.67 78.11
N PRO E 260 6.56 -26.00 78.82
CA PRO E 260 7.54 -26.73 79.64
C PRO E 260 6.85 -27.54 80.73
N ALA E 261 7.17 -28.83 80.77
CA ALA E 261 6.44 -29.83 81.54
C ALA E 261 6.77 -29.78 83.03
N ASN E 262 5.85 -30.34 83.81
CA ASN E 262 5.96 -30.51 85.27
C ASN E 262 6.39 -29.24 86.00
N ASN E 263 6.08 -28.09 85.43
CA ASN E 263 6.53 -26.80 85.96
C ASN E 263 8.04 -26.74 86.16
N ASP E 264 8.81 -27.38 85.28
CA ASP E 264 10.23 -27.13 85.20
C ASP E 264 10.47 -25.73 84.64
N PRO E 265 11.69 -25.20 84.77
CA PRO E 265 11.92 -23.79 84.43
C PRO E 265 11.84 -23.53 82.92
N MET E 266 11.55 -22.27 82.59
CA MET E 266 11.41 -21.80 81.22
C MET E 266 12.57 -22.21 80.35
N TYR E 267 12.28 -22.44 79.07
CA TYR E 267 13.25 -23.02 78.15
C TYR E 267 14.48 -22.13 77.98
N ALA E 268 14.28 -20.86 77.71
CA ALA E 268 15.37 -19.90 77.56
C ALA E 268 15.75 -19.23 78.87
N ALA E 269 17.03 -18.87 78.96
CA ALA E 269 17.51 -18.05 80.06
C ALA E 269 17.22 -16.58 79.80
N TRP E 270 16.92 -15.86 80.88
CA TRP E 270 16.51 -14.47 80.78
C TRP E 270 17.71 -13.60 81.11
N LEU E 271 18.06 -12.72 80.20
CA LEU E 271 19.21 -11.86 80.36
C LEU E 271 18.73 -10.48 80.73
N PRO E 272 18.91 -10.02 81.97
CA PRO E 272 18.47 -8.67 82.29
C PRO E 272 19.25 -7.67 81.44
N TYR E 273 18.52 -6.78 80.81
CA TYR E 273 19.08 -5.96 79.75
C TYR E 273 18.65 -4.50 79.80
N TYR E 274 17.50 -4.18 80.35
CA TYR E 274 17.03 -2.80 80.42
C TYR E 274 16.73 -2.37 81.83
N GLN E 275 17.06 -3.19 82.82
CA GLN E 275 16.98 -2.74 84.20
C GLN E 275 18.25 -3.15 84.95
N ASN E 276 18.30 -4.36 85.47
CA ASN E 276 19.43 -4.76 86.29
C ASN E 276 20.55 -5.35 85.42
N ARG E 277 20.94 -4.58 84.40
CA ARG E 277 21.78 -5.03 83.29
C ARG E 277 22.93 -5.92 83.72
N ILE E 278 23.00 -7.10 83.13
CA ILE E 278 24.10 -8.04 83.34
C ILE E 278 25.04 -8.00 82.15
N ALA E 279 25.85 -6.95 82.04
CA ALA E 279 26.83 -6.81 80.97
C ALA E 279 27.98 -7.78 81.18
N TYR E 280 28.82 -7.90 80.16
CA TYR E 280 30.02 -8.70 80.29
C TYR E 280 30.85 -8.24 81.48
N GLN E 287 30.12 -3.66 78.50
CA GLN E 287 29.40 -3.80 77.24
C GLN E 287 28.27 -4.81 77.39
N MET E 288 27.07 -4.40 76.97
CA MET E 288 25.91 -5.28 76.98
C MET E 288 25.92 -6.19 75.75
N ALA E 289 25.68 -7.48 75.96
CA ALA E 289 25.72 -8.48 74.90
C ALA E 289 24.67 -8.20 73.83
N GLU E 290 24.89 -8.73 72.64
CA GLU E 290 24.01 -8.44 71.51
C GLU E 290 23.60 -9.71 70.76
N HIS E 291 22.51 -9.58 69.99
CA HIS E 291 21.74 -10.72 69.50
C HIS E 291 22.58 -11.73 68.72
N GLY E 292 23.66 -11.29 68.10
CA GLY E 292 24.55 -12.21 67.43
C GLY E 292 25.50 -12.96 68.33
N ASP E 293 25.61 -12.53 69.58
CA ASP E 293 26.63 -13.02 70.49
C ASP E 293 26.42 -14.48 70.87
N HIS E 294 27.50 -15.25 70.78
CA HIS E 294 27.58 -16.58 71.38
C HIS E 294 28.34 -16.48 72.69
N VAL E 295 27.76 -17.04 73.75
CA VAL E 295 28.11 -16.66 75.12
C VAL E 295 28.19 -17.89 76.01
N ARG E 296 28.93 -17.74 77.11
CA ARG E 296 28.86 -18.67 78.23
C ARG E 296 28.42 -17.89 79.45
N PHE E 297 27.64 -18.52 80.31
CA PHE E 297 27.16 -17.76 81.46
C PHE E 297 26.81 -18.69 82.60
N TRP E 298 26.85 -18.11 83.79
CA TRP E 298 26.22 -18.65 84.97
C TRP E 298 24.79 -18.16 85.04
N ALA E 299 23.89 -18.99 85.55
CA ALA E 299 22.51 -18.58 85.72
C ALA E 299 21.97 -19.14 87.02
N GLU E 300 20.89 -18.57 87.49
CA GLU E 300 20.27 -18.98 88.73
C GLU E 300 18.79 -19.20 88.52
N ARG E 301 18.27 -20.27 89.11
CA ARG E 301 16.85 -20.57 89.00
C ARG E 301 15.99 -19.63 89.84
N TYR E 302 15.87 -18.39 89.39
CA TYR E 302 14.92 -17.46 90.00
C TYR E 302 13.50 -17.95 89.83
N THR E 303 12.64 -17.53 90.74
CA THR E 303 11.24 -17.96 90.75
C THR E 303 10.36 -16.74 90.86
N ARG E 304 9.29 -16.73 90.07
CA ARG E 304 8.30 -15.66 90.16
C ARG E 304 6.90 -16.20 89.99
N GLY E 305 6.04 -15.83 90.92
CA GLY E 305 4.66 -16.21 90.88
C GLY E 305 4.49 -17.70 90.65
N ASN E 306 3.85 -18.03 89.53
CA ASN E 306 3.56 -19.41 89.16
C ASN E 306 4.73 -20.14 88.52
N PHE E 307 5.79 -19.45 88.10
CA PHE E 307 6.72 -20.05 87.15
C PHE E 307 8.14 -19.66 87.53
N CYS E 308 9.11 -20.33 86.90
CA CYS E 308 10.51 -20.10 87.21
C CYS E 308 11.33 -20.09 85.93
N TYR E 309 12.51 -19.48 86.02
CA TYR E 309 13.34 -19.26 84.85
C TYR E 309 14.79 -19.11 85.28
N TRP E 310 15.69 -19.38 84.35
CA TRP E 310 17.14 -19.23 84.56
C TRP E 310 17.58 -17.80 84.31
N ARG E 311 17.65 -17.02 85.38
CA ARG E 311 18.22 -15.67 85.32
C ARG E 311 19.72 -15.72 85.09
N VAL E 312 20.18 -15.06 84.04
CA VAL E 312 21.62 -14.96 83.80
C VAL E 312 22.25 -14.15 84.92
N ARG E 313 23.35 -14.65 85.47
CA ARG E 313 24.03 -13.99 86.57
C ARG E 313 25.34 -13.36 86.15
N GLN E 314 26.03 -13.96 85.20
CA GLN E 314 27.38 -13.55 84.82
C GLN E 314 27.64 -14.17 83.46
N ILE E 315 28.19 -13.38 82.54
CA ILE E 315 28.19 -13.74 81.13
C ILE E 315 29.50 -13.34 80.52
N ALA E 316 29.93 -14.08 79.50
CA ALA E 316 31.15 -13.78 78.79
C ALA E 316 31.00 -14.19 77.34
N ARG E 317 31.77 -13.54 76.47
CA ARG E 317 31.91 -14.10 75.14
C ARG E 317 32.61 -15.43 75.23
N HIS E 318 32.29 -16.32 74.30
CA HIS E 318 32.58 -17.73 74.50
C HIS E 318 34.07 -17.96 74.68
N ASN E 319 34.92 -17.13 74.08
CA ASN E 319 36.36 -17.29 74.24
C ASN E 319 36.82 -17.00 75.66
N GLN E 320 36.26 -15.98 76.30
CA GLN E 320 36.76 -15.59 77.61
C GLN E 320 36.46 -16.65 78.66
N ASN E 321 37.35 -16.72 79.65
CA ASN E 321 37.08 -17.47 80.87
C ASN E 321 35.92 -16.82 81.61
N LEU E 322 34.92 -17.64 81.94
CA LEU E 322 33.73 -17.17 82.63
C LEU E 322 33.99 -16.74 84.06
N GLY E 323 35.03 -17.24 84.71
CA GLY E 323 35.23 -17.03 86.13
C GLY E 323 34.35 -17.92 86.98
N ASN E 324 34.69 -17.97 88.27
CA ASN E 324 34.09 -18.95 89.17
C ASN E 324 32.61 -18.67 89.43
N ARG E 325 31.96 -19.66 90.01
CA ARG E 325 30.55 -19.63 90.35
C ARG E 325 30.19 -18.47 91.26
N PRO E 326 29.29 -17.56 90.85
CA PRO E 326 28.67 -16.65 91.81
C PRO E 326 27.63 -17.37 92.65
N GLU E 327 27.52 -16.99 93.93
CA GLU E 327 26.45 -17.49 94.76
C GLU E 327 25.18 -16.63 94.66
N ARG E 328 24.19 -16.98 95.47
CA ARG E 328 22.82 -16.48 95.31
C ARG E 328 22.76 -14.97 95.08
N GLY E 329 21.98 -14.58 94.07
CA GLY E 329 21.73 -13.18 93.76
C GLY E 329 20.69 -12.52 94.65
N ARG E 330 20.54 -11.21 94.44
CA ARG E 330 19.53 -10.39 95.08
C ARG E 330 18.14 -10.80 94.60
N ASN E 331 17.15 -10.67 95.49
CA ASN E 331 15.76 -10.72 95.09
C ASN E 331 15.39 -9.45 94.33
N TYR E 332 15.29 -9.53 93.01
CA TYR E 332 14.93 -8.36 92.19
C TYR E 332 13.42 -8.16 92.22
N GLY E 333 12.93 -7.65 93.34
CA GLY E 333 11.49 -7.54 93.56
C GLY E 333 10.82 -8.88 93.73
N GLN E 334 9.79 -9.15 92.93
CA GLN E 334 9.11 -10.44 92.94
C GLN E 334 9.90 -11.56 92.30
N HIS E 335 10.94 -11.27 91.55
CA HIS E 335 11.84 -12.32 91.07
C HIS E 335 12.67 -12.77 92.27
N HIS E 336 12.28 -13.87 92.88
CA HIS E 336 12.98 -14.36 94.06
C HIS E 336 14.14 -15.25 93.65
N SER E 337 15.28 -15.04 94.27
CA SER E 337 16.42 -15.94 94.17
C SER E 337 16.11 -17.28 94.82
N THR E 338 16.88 -18.29 94.40
CA THR E 338 16.70 -19.66 94.88
C THR E 338 18.01 -20.39 95.14
N GLY E 339 19.14 -19.96 94.59
CA GLY E 339 20.38 -20.66 94.73
C GLY E 339 20.52 -21.97 94.01
N VAL E 340 19.54 -22.39 93.23
CA VAL E 340 19.77 -23.48 92.28
C VAL E 340 20.53 -22.88 91.10
N ILE E 341 21.81 -23.19 90.99
CA ILE E 341 22.70 -22.45 90.12
C ILE E 341 23.36 -23.41 89.16
N GLU E 342 23.65 -22.91 87.97
CA GLU E 342 24.02 -23.72 86.84
C GLU E 342 25.01 -22.95 85.98
N GLN E 343 25.68 -23.66 85.09
CA GLN E 343 26.46 -23.00 84.07
C GLN E 343 26.04 -23.54 82.73
N PHE E 344 25.88 -22.65 81.77
CA PHE E 344 25.38 -22.98 80.45
C PHE E 344 26.23 -22.24 79.44
N GLU E 345 26.06 -22.61 78.18
CA GLU E 345 26.50 -21.80 77.06
C GLU E 345 25.31 -21.67 76.11
N GLY E 346 25.28 -20.59 75.37
CA GLY E 346 24.10 -20.36 74.56
C GLY E 346 24.27 -19.18 73.63
N PHE E 347 23.18 -18.85 72.96
CA PHE E 347 23.08 -17.63 72.18
C PHE E 347 22.11 -16.68 72.85
N VAL E 348 22.46 -15.40 72.86
CA VAL E 348 21.53 -14.38 73.34
C VAL E 348 20.56 -14.03 72.21
N TYR E 349 19.30 -14.42 72.38
CA TYR E 349 18.26 -14.02 71.43
C TYR E 349 17.71 -12.64 71.81
N LYS E 350 18.60 -11.67 71.79
CA LYS E 350 18.21 -10.29 72.05
C LYS E 350 17.35 -9.79 70.90
N THR E 351 16.14 -9.35 71.24
CA THR E 351 15.40 -8.42 70.41
C THR E 351 15.44 -7.07 71.11
N ASN E 352 14.76 -6.08 70.56
CA ASN E 352 14.86 -4.76 71.16
C ASN E 352 13.87 -4.59 72.30
N LYS E 353 13.91 -3.44 72.95
CA LYS E 353 12.87 -3.14 73.92
C LYS E 353 11.57 -2.87 73.21
N ASN E 354 10.93 -3.91 72.68
CA ASN E 354 9.80 -3.72 71.80
C ASN E 354 8.46 -3.62 72.52
N ILE E 355 8.46 -3.60 73.85
CA ILE E 355 7.27 -3.24 74.61
C ILE E 355 7.70 -2.57 75.90
N GLY E 356 6.79 -1.80 76.49
CA GLY E 356 7.15 -1.01 77.66
C GLY E 356 7.49 -1.77 78.91
N ASN E 357 6.88 -2.93 79.12
CA ASN E 357 7.17 -3.73 80.31
C ASN E 357 8.37 -4.65 80.14
N LYS E 358 9.03 -4.63 78.98
CA LYS E 358 10.14 -5.53 78.70
C LYS E 358 11.37 -5.18 79.52
N HIS E 359 11.91 -6.19 80.22
CA HIS E 359 13.12 -6.09 81.01
C HIS E 359 14.29 -6.89 80.46
N ASP E 360 14.04 -8.04 79.85
CA ASP E 360 15.07 -9.03 79.63
C ASP E 360 15.11 -9.44 78.17
N GLU E 361 16.30 -9.77 77.71
CA GLU E 361 16.44 -10.60 76.53
C GLU E 361 16.46 -12.06 76.94
N ARG E 362 16.36 -12.95 75.96
CA ARG E 362 16.52 -14.37 76.22
C ARG E 362 17.66 -14.95 75.41
N VAL E 363 18.31 -15.96 76.00
CA VAL E 363 19.48 -16.61 75.44
C VAL E 363 19.24 -18.10 75.48
N PHE E 364 19.60 -18.79 74.40
CA PHE E 364 19.19 -20.16 74.14
C PHE E 364 20.30 -21.08 74.61
N ILE E 365 20.00 -21.96 75.56
CA ILE E 365 21.03 -22.72 76.24
C ILE E 365 21.33 -23.98 75.43
N ILE E 366 22.47 -23.93 74.74
CA ILE E 366 22.93 -25.02 73.88
C ILE E 366 23.74 -26.08 74.63
N ASP E 367 24.30 -25.72 75.79
CA ASP E 367 25.09 -26.63 76.60
C ASP E 367 24.35 -27.90 76.96
N ARG E 368 23.02 -27.87 76.94
CA ARG E 368 22.23 -28.97 77.47
C ARG E 368 21.32 -29.59 76.42
N GLU E 369 20.21 -30.20 76.86
CA GLU E 369 19.40 -31.06 76.02
C GLU E 369 18.96 -30.38 74.73
N SER E 370 18.91 -31.15 73.65
CA SER E 370 18.60 -30.62 72.34
C SER E 370 17.90 -31.66 71.48
N ILE E 371 17.10 -31.17 70.53
CA ILE E 371 16.26 -31.98 69.65
C ILE E 371 16.31 -31.34 68.28
N GLU E 372 16.13 -32.12 67.22
CA GLU E 372 16.04 -31.51 65.90
C GLU E 372 14.96 -32.16 65.04
N ILE E 373 14.41 -31.35 64.12
CA ILE E 373 13.29 -31.71 63.26
C ILE E 373 13.63 -31.28 61.83
N PRO E 374 13.31 -32.07 60.82
CA PRO E 374 13.54 -31.65 59.43
C PRO E 374 12.80 -30.37 59.08
N LEU E 375 13.51 -29.44 58.47
CA LEU E 375 12.98 -28.14 58.06
C LEU E 375 12.28 -28.28 56.71
N SER E 376 10.96 -28.26 56.70
CA SER E 376 10.21 -28.38 55.46
C SER E 376 10.23 -27.06 54.67
N ARG E 377 10.03 -27.18 53.36
CA ARG E 377 9.83 -26.00 52.52
C ARG E 377 8.56 -25.27 52.88
N ASP E 378 7.59 -25.97 53.44
CA ASP E 378 6.39 -25.30 53.94
C ASP E 378 6.70 -24.34 55.07
N LEU E 379 7.58 -24.73 56.00
CA LEU E 379 8.00 -23.80 57.03
C LEU E 379 8.78 -22.64 56.45
N ARG E 380 9.62 -22.90 55.46
CA ARG E 380 10.38 -21.82 54.85
C ARG E 380 9.49 -20.75 54.25
N ARG E 381 8.43 -21.12 53.52
CA ARG E 381 7.54 -20.09 52.99
C ARG E 381 6.76 -19.38 54.09
N LYS E 382 6.26 -20.12 55.08
CA LYS E 382 5.49 -19.46 56.13
C LYS E 382 6.32 -18.45 56.90
N TRP E 383 7.58 -18.77 57.18
CA TRP E 383 8.47 -17.76 57.76
C TRP E 383 8.56 -16.54 56.87
N ARG E 384 8.96 -16.72 55.62
CA ARG E 384 9.09 -15.59 54.72
C ARG E 384 7.81 -14.76 54.71
N GLU E 385 6.67 -15.42 54.67
CA GLU E 385 5.40 -14.74 54.59
C GLU E 385 5.04 -13.99 55.86
N LEU E 386 5.26 -14.58 57.03
CA LEU E 386 4.99 -13.85 58.27
C LEU E 386 5.90 -12.64 58.44
N ILE E 387 7.21 -12.80 58.18
CA ILE E 387 8.15 -11.69 58.28
C ILE E 387 7.85 -10.62 57.25
N THR E 388 7.42 -11.00 56.06
CA THR E 388 7.01 -9.99 55.09
C THR E 388 5.92 -9.11 55.65
N SER E 389 4.94 -9.70 56.33
CA SER E 389 3.87 -8.91 56.93
C SER E 389 4.41 -7.91 57.94
N TYR E 390 5.24 -8.38 58.87
CA TYR E 390 5.86 -7.50 59.85
C TYR E 390 6.54 -6.32 59.18
N GLN E 391 7.39 -6.60 58.21
CA GLN E 391 8.18 -5.55 57.59
C GLN E 391 7.33 -4.65 56.71
N GLU E 392 6.39 -5.23 55.98
CA GLU E 392 5.57 -4.45 55.05
C GLU E 392 4.59 -3.56 55.78
N ILE E 393 3.93 -4.08 56.82
CA ILE E 393 2.86 -3.33 57.48
C ILE E 393 3.32 -2.02 58.10
N HIS E 394 4.57 -1.95 58.58
CA HIS E 394 5.08 -0.76 59.23
C HIS E 394 5.99 0.08 58.36
N LYS E 395 6.11 -0.26 57.08
CA LYS E 395 7.08 0.41 56.23
C LYS E 395 6.94 1.93 56.28
N LYS E 396 5.71 2.43 56.23
CA LYS E 396 5.48 3.87 56.26
C LYS E 396 5.83 4.51 57.60
N GLU E 397 5.46 3.89 58.71
CA GLU E 397 5.85 4.43 60.01
C GLU E 397 7.35 4.48 60.20
N VAL E 398 8.05 3.45 59.76
CA VAL E 398 9.51 3.39 59.82
C VAL E 398 10.16 4.46 58.94
N ASP E 399 9.70 4.60 57.71
CA ASP E 399 10.32 5.55 56.80
C ASP E 399 10.11 7.00 57.21
N ARG E 400 8.97 7.35 57.78
CA ARG E 400 8.87 8.69 58.32
C ARG E 400 9.67 8.87 59.60
N GLY E 401 10.33 7.82 60.06
CA GLY E 401 11.24 7.94 61.18
C GLY E 401 10.67 7.80 62.57
N ASP E 402 9.55 7.10 62.74
CA ASP E 402 9.16 6.69 64.09
C ASP E 402 10.12 5.64 64.60
N THR E 403 10.51 5.77 65.88
CA THR E 403 11.42 4.81 66.48
C THR E 403 10.72 3.59 67.06
N GLY E 404 9.40 3.64 67.21
CA GLY E 404 8.65 2.53 67.74
C GLY E 404 7.18 2.71 67.42
N PRO E 405 6.35 1.73 67.77
CA PRO E 405 4.94 1.83 67.40
C PRO E 405 4.31 3.03 68.06
N SER E 406 3.44 3.72 67.31
CA SER E 406 2.72 4.85 67.87
C SER E 406 1.82 4.46 69.02
N ALA E 407 1.50 3.20 69.17
CA ALA E 407 0.49 2.76 70.13
C ALA E 407 1.06 2.23 71.43
N VAL E 408 2.37 2.19 71.57
CA VAL E 408 3.00 1.74 72.81
C VAL E 408 4.18 2.66 73.06
N ASN E 409 4.13 3.41 74.14
CA ASN E 409 5.19 4.32 74.50
C ASN E 409 6.36 3.57 75.13
N GLY E 410 7.54 4.18 75.04
CA GLY E 410 8.70 3.55 75.62
C GLY E 410 9.19 2.31 74.91
N ALA E 411 8.86 2.14 73.64
CA ALA E 411 9.24 0.93 72.93
C ALA E 411 9.76 1.30 71.55
N VAL E 412 10.50 0.37 70.96
CA VAL E 412 11.19 0.58 69.70
C VAL E 412 10.92 -0.61 68.80
N TRP E 413 11.17 -0.42 67.51
CA TRP E 413 10.80 -1.48 66.58
C TRP E 413 11.44 -2.78 66.98
N SER E 414 10.61 -3.80 67.09
CA SER E 414 11.08 -5.15 67.28
C SER E 414 12.03 -5.54 66.17
N ARG E 415 13.01 -6.36 66.51
CA ARG E 415 14.17 -6.56 65.65
C ARG E 415 13.76 -6.98 64.26
N GLN E 416 12.86 -7.95 64.14
CA GLN E 416 12.52 -8.49 62.83
C GLN E 416 11.82 -7.50 61.93
N ILE E 417 11.13 -6.50 62.49
CA ILE E 417 10.38 -5.62 61.60
C ILE E 417 11.26 -4.56 60.94
N ILE E 418 12.32 -4.11 61.60
CA ILE E 418 13.28 -3.22 60.95
C ILE E 418 14.46 -3.93 60.28
N ALA E 419 14.61 -5.24 60.47
CA ALA E 419 15.69 -5.97 59.85
C ALA E 419 15.63 -5.91 58.34
N ASP E 420 16.78 -6.16 57.72
CA ASP E 420 16.92 -6.24 56.27
C ASP E 420 16.19 -7.45 55.72
N GLU E 421 16.03 -7.50 54.40
CA GLU E 421 15.41 -8.66 53.76
C GLU E 421 16.18 -9.94 53.98
N SER E 422 17.44 -9.87 54.39
CA SER E 422 18.14 -11.06 54.87
C SER E 422 17.36 -11.81 55.93
N GLU E 423 16.66 -11.07 56.80
CA GLU E 423 15.85 -11.71 57.82
C GLU E 423 14.72 -12.52 57.23
N ARG E 424 14.22 -12.12 56.08
CA ARG E 424 13.08 -12.75 55.45
C ARG E 424 13.38 -14.12 54.88
N ASN E 425 14.64 -14.51 54.79
CA ASN E 425 15.04 -15.86 54.38
C ASN E 425 15.63 -16.60 55.56
N LEU E 426 15.10 -17.80 55.83
CA LEU E 426 15.44 -18.61 57.01
C LEU E 426 16.79 -19.30 56.79
N SER E 427 17.85 -18.49 56.78
CA SER E 427 19.19 -18.96 56.46
C SER E 427 19.82 -19.66 57.67
N ASP E 428 20.90 -20.38 57.40
CA ASP E 428 21.54 -21.22 58.41
C ASP E 428 21.91 -20.45 59.66
N GLY E 429 21.61 -21.04 60.81
CA GLY E 429 21.92 -20.49 62.11
C GLY E 429 21.06 -19.34 62.56
N THR E 430 20.00 -19.01 61.85
CA THR E 430 19.06 -18.04 62.37
C THR E 430 18.38 -18.61 63.59
N LEU E 431 18.00 -17.73 64.51
CA LEU E 431 17.36 -18.11 65.75
C LEU E 431 15.88 -17.78 65.68
N CYS E 432 15.05 -18.71 66.14
CA CYS E 432 13.61 -18.54 66.10
C CYS E 432 13.03 -19.12 67.38
N TYR E 433 11.79 -18.77 67.67
CA TYR E 433 10.94 -19.64 68.45
C TYR E 433 10.18 -20.55 67.52
N ALA E 434 9.96 -21.79 67.95
CA ALA E 434 9.21 -22.77 67.19
C ALA E 434 7.99 -23.17 67.99
N HIS E 435 6.82 -23.06 67.38
CA HIS E 435 5.59 -23.47 68.03
C HIS E 435 5.43 -24.97 67.86
N VAL E 436 5.40 -25.71 68.97
CA VAL E 436 5.48 -27.15 68.89
C VAL E 436 4.40 -27.82 69.71
N LYS E 437 4.12 -29.05 69.34
CA LYS E 437 3.28 -29.97 70.09
C LYS E 437 3.98 -31.31 70.04
N LYS E 438 3.61 -32.19 70.96
CA LYS E 438 3.94 -33.60 70.85
C LYS E 438 2.71 -34.34 70.34
N GLU E 439 2.90 -35.11 69.28
CA GLU E 439 1.84 -35.96 68.77
C GLU E 439 2.44 -37.27 68.28
N ASP E 440 1.79 -38.37 68.65
CA ASP E 440 2.35 -39.70 68.42
C ASP E 440 3.77 -39.81 68.98
N GLY E 441 4.08 -39.04 70.02
CA GLY E 441 5.45 -39.03 70.46
C GLY E 441 6.38 -38.27 69.55
N GLN E 442 5.85 -37.58 68.54
CA GLN E 442 6.65 -36.81 67.60
C GLN E 442 6.53 -35.34 67.95
N TYR E 443 7.68 -34.66 67.98
CA TYR E 443 7.66 -33.21 68.18
C TYR E 443 7.27 -32.56 66.86
N LYS E 444 5.98 -32.40 66.64
CA LYS E 444 5.55 -31.72 65.44
C LYS E 444 5.77 -30.23 65.61
N ILE E 445 6.36 -29.58 64.60
CA ILE E 445 6.54 -28.14 64.58
C ILE E 445 5.48 -27.55 63.67
N LEU E 446 4.67 -26.63 64.19
CA LEU E 446 3.60 -26.03 63.41
C LEU E 446 4.02 -24.78 62.66
N ASN E 447 4.81 -23.93 63.29
CA ASN E 447 5.18 -22.64 62.73
C ASN E 447 6.51 -22.25 63.32
N LEU E 448 7.21 -21.36 62.63
CA LEU E 448 8.35 -20.67 63.20
C LEU E 448 8.02 -19.20 63.39
N TYR E 449 8.30 -18.68 64.58
CA TYR E 449 7.85 -17.38 64.99
C TYR E 449 8.99 -16.60 65.62
N PRO E 450 9.12 -15.31 65.29
CA PRO E 450 10.27 -14.54 65.73
C PRO E 450 10.20 -14.06 67.16
N VAL E 451 9.04 -14.12 67.81
CA VAL E 451 8.87 -13.55 69.14
C VAL E 451 7.94 -14.43 69.92
N MET E 452 8.01 -14.30 71.24
CA MET E 452 7.27 -15.18 72.13
C MET E 452 5.76 -15.13 71.87
N ILE E 453 5.16 -13.94 71.92
CA ILE E 453 3.77 -13.73 71.53
C ILE E 453 3.72 -13.05 70.17
N THR E 454 3.17 -13.70 69.16
CA THR E 454 3.49 -13.39 67.78
C THR E 454 2.30 -12.87 67.00
N ARG E 455 2.59 -12.07 65.98
CA ARG E 455 1.73 -11.98 64.82
C ARG E 455 1.67 -13.33 64.12
N GLY E 456 0.48 -13.70 63.67
CA GLY E 456 0.31 -14.92 62.91
C GLY E 456 -0.49 -14.64 61.65
N LEU E 457 -0.30 -15.49 60.65
CA LEU E 457 -1.08 -15.42 59.42
C LEU E 457 -2.11 -16.54 59.45
N TYR E 458 -3.36 -16.23 59.11
CA TYR E 458 -4.32 -17.30 58.90
C TYR E 458 -3.89 -18.11 57.68
N GLU E 459 -4.28 -19.38 57.67
CA GLU E 459 -3.82 -20.28 56.61
C GLU E 459 -4.51 -20.09 55.28
N ILE E 460 -5.66 -19.44 55.22
CA ILE E 460 -6.39 -19.32 53.95
C ILE E 460 -6.73 -17.86 53.68
N ALA E 461 -6.47 -17.44 52.44
CA ALA E 461 -6.85 -16.13 51.98
C ALA E 461 -8.35 -16.04 51.75
N PRO E 462 -8.98 -14.93 52.08
CA PRO E 462 -10.43 -14.86 51.96
C PRO E 462 -10.95 -15.12 50.55
N VAL E 463 -10.19 -14.79 49.53
CA VAL E 463 -10.65 -15.07 48.17
C VAL E 463 -10.96 -16.54 47.98
N ASP E 464 -10.29 -17.41 48.71
CA ASP E 464 -10.50 -18.85 48.56
C ASP E 464 -11.68 -19.37 49.35
N LEU E 465 -12.23 -18.60 50.26
CA LEU E 465 -13.43 -18.98 50.96
C LEU E 465 -14.70 -18.51 50.26
N LEU E 466 -14.58 -17.87 49.10
CA LEU E 466 -15.72 -17.48 48.29
C LEU E 466 -15.86 -18.45 47.13
N ASP E 467 -17.07 -18.95 46.90
CA ASP E 467 -17.31 -19.88 45.82
C ASP E 467 -17.06 -19.25 44.47
N GLU E 468 -16.56 -20.05 43.53
CA GLU E 468 -16.30 -19.54 42.18
C GLU E 468 -17.56 -19.04 41.50
N THR E 469 -18.72 -19.57 41.86
CA THR E 469 -19.96 -19.02 41.32
C THR E 469 -20.35 -17.69 41.92
N LEU E 470 -19.65 -17.22 42.94
CA LEU E 470 -19.94 -15.93 43.54
C LEU E 470 -18.89 -14.88 43.32
N LYS E 471 -17.66 -15.25 43.06
CA LYS E 471 -16.71 -14.25 42.65
C LYS E 471 -17.28 -13.49 41.47
N PRO E 472 -16.92 -12.23 41.29
CA PRO E 472 -17.31 -11.50 40.08
C PRO E 472 -17.06 -12.29 38.81
N ALA E 473 -17.94 -12.08 37.84
CA ALA E 473 -17.93 -12.82 36.59
C ALA E 473 -16.70 -12.53 35.75
N THR E 474 -16.28 -13.53 35.00
CA THR E 474 -15.08 -13.49 34.20
C THR E 474 -15.32 -13.79 32.73
N ASP E 475 -16.55 -14.07 32.33
CA ASP E 475 -16.90 -14.13 30.92
C ASP E 475 -18.38 -13.83 30.76
N LYS E 476 -18.78 -13.56 29.53
CA LYS E 476 -20.14 -13.20 29.19
C LYS E 476 -21.15 -14.32 29.36
N LYS E 477 -20.69 -15.55 29.53
CA LYS E 477 -21.61 -16.65 29.73
C LYS E 477 -22.13 -16.74 31.16
N GLN E 478 -21.36 -16.28 32.13
CA GLN E 478 -21.68 -16.42 33.54
C GLN E 478 -22.28 -15.17 34.18
N LEU E 479 -22.94 -14.31 33.41
CA LEU E 479 -23.54 -13.10 33.96
C LEU E 479 -24.77 -13.43 34.78
N SER E 480 -24.70 -13.18 36.07
CA SER E 480 -25.82 -13.41 36.99
C SER E 480 -26.83 -12.28 36.91
N PRO E 481 -27.94 -12.39 37.62
CA PRO E 481 -29.02 -11.44 37.38
C PRO E 481 -28.61 -9.99 37.51
N ALA E 482 -27.92 -9.60 38.58
CA ALA E 482 -27.48 -8.20 38.70
C ALA E 482 -26.51 -7.80 37.62
N ASP E 483 -25.67 -8.71 37.15
CA ASP E 483 -24.74 -8.39 36.07
C ASP E 483 -25.49 -8.18 34.76
N ARG E 484 -26.62 -8.85 34.58
CA ARG E 484 -27.42 -8.58 33.40
C ARG E 484 -28.20 -7.29 33.54
N VAL E 485 -28.88 -7.11 34.65
CA VAL E 485 -29.70 -5.92 34.83
C VAL E 485 -28.84 -4.68 34.91
N PHE E 486 -27.86 -4.65 35.81
CA PHE E 486 -27.07 -3.44 35.97
C PHE E 486 -25.83 -3.36 35.10
N GLY E 487 -25.44 -4.42 34.43
CA GLY E 487 -24.31 -4.39 33.53
C GLY E 487 -23.02 -4.83 34.17
N TRP E 488 -22.03 -5.07 33.32
CA TRP E 488 -20.82 -5.73 33.75
C TRP E 488 -19.64 -5.25 32.93
N VAL E 489 -18.45 -5.25 33.55
CA VAL E 489 -17.18 -5.11 32.86
C VAL E 489 -16.23 -6.13 33.48
N ASN E 490 -15.51 -6.85 32.64
CA ASN E 490 -14.55 -7.82 33.13
C ASN E 490 -13.32 -7.12 33.69
N GLN E 491 -13.00 -7.40 34.95
CA GLN E 491 -11.82 -6.85 35.62
C GLN E 491 -10.55 -7.61 35.34
N ARG E 492 -10.61 -8.68 34.58
CA ARG E 492 -9.51 -9.61 34.43
C ARG E 492 -9.12 -9.81 32.98
N GLY E 493 -9.65 -9.02 32.06
CA GLY E 493 -9.50 -9.25 30.64
C GLY E 493 -10.64 -8.61 29.86
N ASN E 494 -10.80 -9.03 28.62
CA ASN E 494 -11.88 -8.56 27.77
C ASN E 494 -13.25 -9.05 28.25
N GLY E 495 -14.29 -8.30 27.90
CA GLY E 495 -15.65 -8.60 28.29
C GLY E 495 -16.39 -7.47 28.96
N CYS E 496 -17.54 -7.08 28.42
CA CYS E 496 -18.40 -6.09 29.04
C CYS E 496 -19.83 -6.22 28.52
N TYR E 497 -20.76 -5.63 29.25
CA TYR E 497 -22.18 -5.64 28.92
C TYR E 497 -22.82 -4.38 29.49
N LYS E 498 -23.51 -3.61 28.65
CA LYS E 498 -24.20 -2.43 29.12
C LYS E 498 -25.43 -2.80 29.93
N GLY E 499 -25.55 -2.24 31.10
CA GLY E 499 -26.68 -2.55 31.95
C GLY E 499 -28.01 -2.20 31.32
N GLN E 500 -29.00 -3.02 31.62
CA GLN E 500 -30.39 -2.83 31.27
C GLN E 500 -31.16 -1.91 32.21
N LEU E 501 -30.55 -1.35 33.26
CA LEU E 501 -31.26 -0.46 34.18
C LEU E 501 -30.54 0.87 34.27
N ARG E 502 -31.24 1.94 33.93
CA ARG E 502 -30.73 3.31 33.87
C ARG E 502 -31.50 4.22 34.80
N ILE E 503 -30.79 4.94 35.67
CA ILE E 503 -31.37 5.87 36.62
C ILE E 503 -31.10 7.30 36.16
N HIS E 504 -32.15 8.12 36.14
CA HIS E 504 -32.02 9.44 35.54
C HIS E 504 -33.06 10.38 36.11
N SER E 505 -32.90 11.67 35.79
CA SER E 505 -33.87 12.70 36.12
C SER E 505 -34.14 12.80 37.61
N VAL E 506 -33.10 12.68 38.43
CA VAL E 506 -33.23 12.87 39.87
C VAL E 506 -33.46 14.36 40.15
N THR E 507 -34.55 14.67 40.85
CA THR E 507 -34.84 16.06 41.22
C THR E 507 -35.31 16.12 42.66
N CYS E 508 -34.77 17.04 43.44
CA CYS E 508 -35.33 17.33 44.75
C CYS E 508 -36.60 18.16 44.62
N GLN E 509 -37.66 17.73 45.31
CA GLN E 509 -38.93 18.46 45.27
C GLN E 509 -39.00 19.61 46.27
N HIS E 510 -38.46 19.43 47.46
CA HIS E 510 -38.37 20.51 48.44
C HIS E 510 -37.33 21.53 48.02
N ASP E 511 -37.56 22.79 48.40
CA ASP E 511 -36.60 23.84 48.11
C ASP E 511 -35.62 24.11 49.25
N ASP E 512 -36.13 24.29 50.47
CA ASP E 512 -35.28 24.54 51.64
C ASP E 512 -34.80 23.25 52.31
N ALA E 513 -34.34 22.29 51.50
CA ALA E 513 -34.14 20.93 51.96
C ALA E 513 -32.89 20.72 52.79
N ILE E 514 -31.87 21.54 52.63
CA ILE E 514 -30.62 21.34 53.36
C ILE E 514 -30.71 21.97 54.74
N ASP E 515 -30.24 21.23 55.73
CA ASP E 515 -30.14 21.71 57.11
C ASP E 515 -28.91 22.56 57.29
N ASP E 516 -29.09 23.86 57.20
CA ASP E 516 -28.15 24.83 57.73
C ASP E 516 -28.22 24.74 59.24
N PHE E 517 -27.15 24.27 59.89
CA PHE E 517 -27.24 24.05 61.33
C PHE E 517 -27.43 25.33 62.13
N GLY E 518 -27.27 26.50 61.54
CA GLY E 518 -27.62 27.73 62.22
C GLY E 518 -26.88 28.91 61.64
N ASN E 519 -25.66 28.65 61.19
CA ASN E 519 -24.88 29.59 60.42
C ASN E 519 -24.12 28.83 59.37
N GLN E 520 -23.82 29.50 58.27
CA GLN E 520 -23.14 28.81 57.18
C GLN E 520 -21.82 28.19 57.60
N ASN E 521 -21.19 28.71 58.64
CA ASN E 521 -19.90 28.21 59.11
C ASN E 521 -19.96 27.12 60.19
N PHE E 522 -21.13 26.74 60.69
CA PHE E 522 -21.21 25.61 61.62
C PHE E 522 -20.86 24.30 60.94
N SER E 523 -20.42 23.33 61.75
CA SER E 523 -20.14 21.98 61.24
C SER E 523 -20.14 21.01 62.41
N VAL E 524 -20.97 19.98 62.33
CA VAL E 524 -20.95 18.93 63.36
C VAL E 524 -19.76 18.00 63.08
N PRO E 525 -18.90 17.72 64.06
CA PRO E 525 -17.83 16.74 63.85
C PRO E 525 -18.36 15.31 63.99
N LEU E 526 -17.99 14.47 63.04
CA LEU E 526 -18.81 13.33 62.64
C LEU E 526 -18.24 11.99 63.11
N ALA E 527 -18.28 11.77 64.43
CA ALA E 527 -17.81 10.54 65.03
C ALA E 527 -16.46 10.10 64.49
N ILE E 528 -16.24 8.80 64.35
CA ILE E 528 -15.13 8.24 63.56
C ILE E 528 -15.67 7.17 62.64
N LEU E 529 -15.59 7.40 61.34
CA LEU E 529 -15.81 6.34 60.36
C LEU E 529 -14.49 5.60 60.12
N GLY E 530 -14.25 4.56 60.88
CA GLY E 530 -13.05 3.77 60.72
C GLY E 530 -13.12 2.88 59.49
N GLN E 531 -11.99 2.41 59.09
CA GLN E 531 -11.86 1.46 57.98
C GLN E 531 -12.29 0.05 58.38
N PRO E 532 -12.97 -0.67 57.49
CA PRO E 532 -13.24 -2.09 57.73
C PRO E 532 -11.97 -2.91 57.86
N LYS E 533 -11.95 -3.82 58.83
CA LYS E 533 -10.77 -4.62 59.12
C LYS E 533 -11.12 -6.10 59.16
N PRO E 534 -11.15 -6.74 57.99
CA PRO E 534 -11.54 -8.15 57.92
C PRO E 534 -10.62 -9.14 58.63
N GLU E 535 -9.47 -8.72 59.14
CA GLU E 535 -8.69 -9.57 60.05
C GLU E 535 -9.49 -10.08 61.22
N GLN E 536 -10.57 -9.39 61.59
CA GLN E 536 -11.46 -9.78 62.69
C GLN E 536 -12.35 -10.92 62.22
N ALA E 537 -11.78 -12.11 62.12
CA ALA E 537 -12.49 -13.25 61.55
C ALA E 537 -13.81 -13.55 62.24
N ARG E 538 -13.93 -13.29 63.53
CA ARG E 538 -15.19 -13.56 64.19
C ARG E 538 -16.33 -12.69 63.72
N PHE E 539 -16.04 -11.62 62.99
CA PHE E 539 -17.05 -10.76 62.41
C PHE E 539 -17.22 -11.00 60.93
N TYR E 540 -16.16 -11.33 60.23
CA TYR E 540 -16.16 -11.41 58.79
C TYR E 540 -16.17 -12.82 58.24
N CYS E 541 -15.92 -13.85 59.05
CA CYS E 541 -15.81 -15.21 58.56
C CYS E 541 -16.99 -16.04 59.04
N ALA E 542 -17.27 -17.11 58.29
CA ALA E 542 -18.45 -17.95 58.49
C ALA E 542 -18.07 -19.41 58.52
N ASP E 543 -18.71 -20.18 59.39
CA ASP E 543 -18.32 -21.57 59.57
C ASP E 543 -18.73 -22.48 58.43
N ASP E 544 -19.64 -22.04 57.55
CA ASP E 544 -20.09 -22.82 56.41
C ASP E 544 -20.43 -21.88 55.27
N ARG E 545 -20.33 -22.37 54.05
CA ARG E 545 -20.59 -21.48 52.94
C ARG E 545 -22.04 -21.05 52.81
N LYS E 546 -22.92 -21.53 53.67
CA LYS E 546 -24.22 -20.90 53.87
C LYS E 546 -24.14 -19.62 54.70
N GLY E 547 -22.95 -19.19 55.11
CA GLY E 547 -22.81 -17.95 55.84
C GLY E 547 -23.11 -18.04 57.32
N ILE E 548 -22.96 -19.21 57.91
CA ILE E 548 -23.15 -19.43 59.35
C ILE E 548 -22.06 -18.71 60.13
N PRO E 549 -22.38 -17.91 61.13
CA PRO E 549 -21.33 -17.30 61.92
C PRO E 549 -20.46 -18.35 62.60
N LEU E 550 -19.20 -18.00 62.85
CA LEU E 550 -18.31 -18.86 63.61
C LEU E 550 -18.87 -19.16 64.98
N GLU E 551 -18.39 -20.25 65.56
CA GLU E 551 -18.75 -20.61 66.92
C GLU E 551 -18.11 -19.67 67.93
N ASP E 552 -18.83 -19.42 69.02
CA ASP E 552 -18.26 -18.71 70.16
C ASP E 552 -17.21 -19.56 70.87
N GLY E 553 -16.26 -18.90 71.50
CA GLY E 553 -15.32 -19.56 72.37
C GLY E 553 -14.06 -20.08 71.72
N TYR E 554 -14.06 -20.29 70.42
CA TYR E 554 -12.87 -20.78 69.73
C TYR E 554 -11.82 -19.70 69.58
N ASP E 555 -10.56 -20.11 69.64
CA ASP E 555 -9.44 -19.17 69.50
C ASP E 555 -9.28 -18.72 68.05
N ARG E 556 -8.59 -17.58 67.90
CA ARG E 556 -8.47 -16.93 66.61
C ARG E 556 -7.83 -17.81 65.56
N ASP E 557 -6.97 -18.74 65.95
CA ASP E 557 -6.41 -19.66 64.97
C ASP E 557 -7.49 -20.39 64.20
N ASP E 558 -8.71 -20.45 64.74
CA ASP E 558 -9.85 -21.04 64.05
C ASP E 558 -10.39 -20.21 62.90
N GLY E 559 -10.09 -18.92 62.86
CA GLY E 559 -10.85 -18.02 62.03
C GLY E 559 -11.00 -18.42 60.57
N TYR E 560 -9.99 -18.16 59.75
CA TYR E 560 -10.01 -18.47 58.33
C TYR E 560 -9.38 -19.82 58.03
N SER E 561 -9.78 -20.86 58.74
CA SER E 561 -8.99 -22.10 58.83
C SER E 561 -9.25 -23.10 57.71
N ASP E 562 -10.42 -23.74 57.72
CA ASP E 562 -10.69 -24.78 56.72
C ASP E 562 -11.11 -24.17 55.40
N SER E 563 -10.83 -24.91 54.32
CA SER E 563 -11.34 -24.53 53.02
C SER E 563 -12.85 -24.59 52.95
N GLU E 564 -13.47 -25.48 53.71
CA GLU E 564 -14.92 -25.50 53.86
C GLU E 564 -15.45 -24.41 54.78
N GLN E 565 -14.62 -23.52 55.30
CA GLN E 565 -15.11 -22.26 55.84
C GLN E 565 -15.75 -21.43 54.74
N GLY E 566 -16.43 -20.35 55.13
CA GLY E 566 -16.98 -19.41 54.16
C GLY E 566 -16.80 -17.99 54.62
N LEU E 567 -17.11 -17.05 53.73
CA LEU E 567 -17.24 -15.64 54.09
C LEU E 567 -18.65 -15.36 54.59
N ARG E 568 -18.79 -14.29 55.38
CA ARG E 568 -20.10 -13.97 55.90
C ARG E 568 -21.06 -13.48 54.83
N GLY E 569 -20.57 -13.08 53.66
CA GLY E 569 -21.42 -12.60 52.59
C GLY E 569 -21.46 -11.10 52.46
N ARG E 570 -22.58 -10.55 51.97
CA ARG E 570 -22.69 -9.14 51.64
C ARG E 570 -23.01 -8.29 52.87
N LYS E 571 -22.12 -7.37 53.20
CA LYS E 571 -22.27 -6.51 54.37
C LYS E 571 -23.34 -5.44 54.18
N VAL E 572 -24.15 -5.23 55.23
CA VAL E 572 -25.26 -4.31 55.15
C VAL E 572 -25.34 -3.57 56.48
N TYR E 573 -25.86 -2.37 56.46
CA TYR E 573 -25.92 -1.56 57.66
C TYR E 573 -27.36 -1.45 58.10
N PRO E 574 -27.81 -2.22 59.08
CA PRO E 574 -29.23 -2.23 59.42
C PRO E 574 -29.77 -0.85 59.75
N HIS E 575 -31.01 -0.62 59.37
CA HIS E 575 -31.68 0.63 59.69
C HIS E 575 -31.70 0.85 61.19
N HIS E 576 -31.37 2.07 61.61
CA HIS E 576 -31.39 2.45 63.02
C HIS E 576 -32.82 2.70 63.48
N LYS E 577 -33.54 1.62 63.68
CA LYS E 577 -34.93 1.70 64.14
C LYS E 577 -35.04 2.39 65.50
N GLY E 578 -36.06 3.23 65.63
CA GLY E 578 -36.45 3.71 66.94
C GLY E 578 -35.57 4.77 67.56
N LEU E 579 -34.79 5.50 66.78
CA LEU E 579 -34.12 6.66 67.30
C LEU E 579 -35.13 7.67 67.83
N PRO E 580 -34.85 8.32 68.96
CA PRO E 580 -35.88 9.10 69.65
C PRO E 580 -36.12 10.45 68.98
N ASN E 581 -37.23 11.07 69.38
CA ASN E 581 -37.57 12.41 68.94
C ASN E 581 -36.46 13.40 69.26
N GLY E 582 -36.12 14.24 68.28
CA GLY E 582 -35.08 15.23 68.40
C GLY E 582 -33.67 14.71 68.28
N TYR E 583 -33.50 13.43 68.00
CA TYR E 583 -32.16 12.85 67.94
C TYR E 583 -31.29 13.56 66.93
N TRP E 584 -31.84 13.88 65.77
CA TRP E 584 -31.13 14.61 64.73
C TRP E 584 -31.26 16.12 64.88
N SER E 585 -32.16 16.57 65.75
CA SER E 585 -32.35 17.99 65.99
C SER E 585 -31.19 18.59 66.78
N ASN E 586 -31.02 19.89 66.64
CA ASN E 586 -30.02 20.64 67.39
C ASN E 586 -28.65 19.94 67.39
N PRO E 587 -28.13 19.59 66.22
CA PRO E 587 -27.06 18.59 66.18
C PRO E 587 -25.72 19.10 66.67
N THR E 588 -25.52 20.41 66.79
CA THR E 588 -24.29 20.92 67.35
C THR E 588 -24.17 20.70 68.85
N GLU E 589 -25.27 20.49 69.56
CA GLU E 589 -25.17 20.19 70.98
C GLU E 589 -24.53 18.83 71.25
N ASP E 590 -23.54 18.79 72.13
CA ASP E 590 -22.82 17.58 72.50
C ASP E 590 -23.60 16.72 73.50
N ARG E 591 -24.76 16.24 73.07
CA ARG E 591 -25.57 15.36 73.90
C ARG E 591 -24.99 13.96 74.06
N SER E 592 -23.85 13.64 73.44
CA SER E 592 -23.36 12.27 73.44
C SER E 592 -23.16 11.65 74.82
N GLN E 593 -22.96 12.44 75.86
CA GLN E 593 -22.77 11.91 77.20
C GLN E 593 -24.06 11.68 77.98
N GLN E 594 -25.23 11.84 77.36
CA GLN E 594 -26.49 11.69 78.05
C GLN E 594 -27.43 10.78 77.28
N ALA E 595 -28.15 9.91 77.98
CA ALA E 595 -29.02 8.93 77.33
C ALA E 595 -30.45 9.47 77.21
N ILE E 596 -30.66 10.32 76.23
CA ILE E 596 -32.02 10.76 75.91
C ILE E 596 -32.86 9.59 75.41
N GLN E 597 -33.88 9.22 76.15
CA GLN E 597 -34.70 8.04 75.90
C GLN E 597 -33.86 6.76 75.74
N GLY E 598 -32.65 6.72 76.26
CA GLY E 598 -31.81 5.56 76.11
C GLY E 598 -30.87 5.54 74.92
N HIS E 599 -30.88 6.56 74.07
CA HIS E 599 -29.94 6.67 72.98
C HIS E 599 -28.96 7.80 73.23
N TYR E 600 -27.68 7.50 73.12
CA TYR E 600 -26.65 8.52 73.06
C TYR E 600 -26.58 9.11 71.66
N GLN E 601 -26.18 10.38 71.58
CA GLN E 601 -26.05 11.03 70.29
C GLN E 601 -24.85 10.41 69.60
N GLU E 602 -25.09 9.27 68.98
CA GLU E 602 -24.03 8.38 68.57
C GLU E 602 -23.33 8.86 67.31
N TYR E 603 -23.94 9.75 66.54
CA TYR E 603 -23.32 10.26 65.33
C TYR E 603 -22.31 11.37 65.59
N ARG E 604 -22.34 12.02 66.75
CA ARG E 604 -21.46 13.13 67.07
C ARG E 604 -20.18 12.63 67.72
N ARG E 605 -19.06 13.18 67.29
CA ARG E 605 -17.80 13.03 67.98
C ARG E 605 -17.86 13.78 69.30
N PRO E 606 -17.59 13.15 70.43
CA PRO E 606 -17.68 13.86 71.69
C PRO E 606 -16.70 15.01 71.77
N LYS E 607 -17.09 16.06 72.50
CA LYS E 607 -16.14 17.06 72.91
C LYS E 607 -15.20 16.47 73.95
N LYS E 608 -13.96 16.91 73.93
CA LYS E 608 -13.01 16.61 74.99
C LYS E 608 -12.67 17.90 75.73
N ASP E 609 -12.76 17.85 77.06
CA ASP E 609 -12.48 19.02 77.88
C ASP E 609 -13.32 20.22 77.45
N GLY E 610 -14.47 19.96 76.82
CA GLY E 610 -15.31 21.01 76.30
C GLY E 610 -14.90 21.64 74.99
N LEU E 611 -13.99 21.05 74.23
CA LEU E 611 -13.66 21.60 72.93
C LEU E 611 -13.81 20.51 71.88
N GLU E 612 -14.05 20.92 70.64
CA GLU E 612 -14.45 19.99 69.60
C GLU E 612 -13.29 19.15 69.12
N GLN E 613 -13.51 17.85 69.04
CA GLN E 613 -12.50 16.89 68.58
C GLN E 613 -12.50 16.80 67.06
N ARG E 614 -12.04 17.89 66.45
CA ARG E 614 -11.76 17.88 65.02
C ARG E 614 -10.42 17.22 64.75
N ASP E 615 -10.24 16.00 65.22
CA ASP E 615 -9.02 15.26 64.93
C ASP E 615 -8.99 14.85 63.46
N ASP E 616 -7.83 14.43 62.99
CA ASP E 616 -7.70 13.98 61.62
C ASP E 616 -8.14 12.54 61.39
N GLN E 617 -8.85 11.93 62.33
CA GLN E 617 -9.46 10.63 62.10
C GLN E 617 -10.90 10.74 61.64
N ASN E 618 -11.50 11.90 61.72
CA ASN E 618 -12.88 12.09 61.30
C ASN E 618 -13.02 13.28 60.38
N ARG E 619 -14.17 13.33 59.71
CA ARG E 619 -14.65 14.47 58.93
C ARG E 619 -15.71 15.23 59.69
N SER E 620 -16.00 16.42 59.20
CA SER E 620 -17.12 17.21 59.67
C SER E 620 -17.94 17.66 58.47
N VAL E 621 -19.25 17.71 58.64
CA VAL E 621 -20.17 18.10 57.58
C VAL E 621 -20.77 19.45 57.93
N LYS E 622 -20.81 20.37 56.95
CA LYS E 622 -21.41 21.66 57.18
C LYS E 622 -22.94 21.63 57.17
N GLY E 623 -23.54 20.61 56.60
CA GLY E 623 -24.99 20.56 56.57
C GLY E 623 -25.39 19.20 56.05
N TRP E 624 -26.68 18.91 56.16
CA TRP E 624 -27.16 17.66 55.61
C TRP E 624 -28.57 17.86 55.10
N VAL E 625 -28.98 16.94 54.23
CA VAL E 625 -30.34 16.95 53.73
C VAL E 625 -31.29 16.52 54.83
N LYS E 626 -32.23 17.40 55.17
CA LYS E 626 -33.11 17.18 56.28
C LYS E 626 -33.85 15.85 56.14
N PRO E 627 -34.22 15.22 57.24
CA PRO E 627 -35.16 14.12 57.15
C PRO E 627 -36.50 14.60 56.60
N LEU E 628 -37.24 13.67 56.02
CA LEU E 628 -38.50 13.91 55.31
C LEU E 628 -38.37 14.79 54.07
N THR E 629 -37.17 15.15 53.64
CA THR E 629 -37.11 15.74 52.31
C THR E 629 -37.41 14.65 51.31
N GLU E 630 -37.68 15.05 50.07
CA GLU E 630 -38.17 14.08 49.12
C GLU E 630 -37.57 14.34 47.75
N PHE E 631 -37.20 13.26 47.07
CA PHE E 631 -36.67 13.30 45.72
C PHE E 631 -37.53 12.45 44.83
N THR E 632 -37.62 12.82 43.56
CA THR E 632 -38.11 11.95 42.52
C THR E 632 -36.96 11.56 41.61
N PHE E 633 -36.98 10.32 41.13
CA PHE E 633 -36.09 9.92 40.05
C PHE E 633 -36.81 8.91 39.20
N GLU E 634 -36.29 8.67 38.00
CA GLU E 634 -36.87 7.70 37.09
C GLU E 634 -35.89 6.60 36.77
N ILE E 635 -36.39 5.38 36.65
CA ILE E 635 -35.62 4.23 36.21
C ILE E 635 -36.13 3.81 34.84
N ASP E 636 -35.25 3.76 33.87
CA ASP E 636 -35.56 3.33 32.51
C ASP E 636 -34.94 1.96 32.31
N VAL E 637 -35.76 0.97 31.96
CA VAL E 637 -35.34 -0.43 31.95
C VAL E 637 -35.58 -1.03 30.57
N THR E 638 -34.72 -1.97 30.20
CA THR E 638 -34.77 -2.60 28.89
C THR E 638 -34.76 -4.11 29.04
N ASN E 639 -35.70 -4.78 28.38
CA ASN E 639 -35.72 -6.24 28.24
C ASN E 639 -35.56 -7.00 29.55
N LEU E 640 -36.14 -6.49 30.63
CA LEU E 640 -36.13 -7.27 31.87
C LEU E 640 -37.19 -8.36 31.81
N SER E 641 -36.78 -9.61 32.04
CA SER E 641 -37.73 -10.70 32.23
C SER E 641 -38.57 -10.48 33.48
N GLU E 642 -39.67 -11.20 33.56
CA GLU E 642 -40.56 -11.08 34.71
C GLU E 642 -39.88 -11.41 36.03
N VAL E 643 -38.87 -12.28 36.02
CA VAL E 643 -38.11 -12.54 37.24
C VAL E 643 -37.20 -11.38 37.58
N GLU E 644 -36.46 -10.87 36.61
CA GLU E 644 -35.57 -9.75 36.86
C GLU E 644 -36.34 -8.47 37.16
N LEU E 645 -37.47 -8.28 36.50
CA LEU E 645 -38.34 -7.15 36.79
C LEU E 645 -39.11 -7.35 38.08
N GLY E 646 -39.52 -8.57 38.37
CA GLY E 646 -40.19 -8.83 39.63
C GLY E 646 -39.32 -8.51 40.83
N ALA E 647 -38.05 -8.90 40.78
CA ALA E 647 -37.13 -8.58 41.86
C ALA E 647 -37.01 -7.08 42.07
N LEU E 648 -36.87 -6.34 40.99
CA LEU E 648 -36.75 -4.89 41.08
C LEU E 648 -37.98 -4.25 41.72
N LEU E 649 -39.18 -4.57 41.24
CA LEU E 649 -40.37 -3.94 41.80
C LEU E 649 -40.65 -4.36 43.23
N TRP E 650 -40.18 -5.51 43.66
CA TRP E 650 -40.28 -5.84 45.07
C TRP E 650 -39.52 -4.84 45.92
N LEU E 651 -38.28 -4.54 45.52
CA LEU E 651 -37.49 -3.54 46.22
C LEU E 651 -38.12 -2.17 46.23
N LEU E 652 -38.84 -1.81 45.18
CA LEU E 652 -39.52 -0.53 45.14
C LEU E 652 -40.89 -0.55 45.79
N THR E 653 -41.36 -1.70 46.26
CA THR E 653 -42.68 -1.78 46.89
C THR E 653 -42.63 -2.59 48.17
N LEU E 654 -41.50 -2.56 48.87
CA LEU E 654 -41.40 -3.19 50.16
C LEU E 654 -42.48 -2.64 51.09
N PRO E 655 -43.00 -3.47 51.97
CA PRO E 655 -44.05 -3.00 52.88
C PRO E 655 -43.56 -1.86 53.76
N ASP E 656 -44.49 -1.27 54.49
CA ASP E 656 -44.16 -0.16 55.36
C ASP E 656 -43.05 -0.50 56.33
N LEU E 657 -42.30 0.53 56.72
CA LEU E 657 -41.20 0.44 57.66
C LEU E 657 -40.03 -0.38 57.16
N HIS E 658 -39.95 -0.67 55.87
CA HIS E 658 -38.71 -1.11 55.27
C HIS E 658 -38.03 0.09 54.63
N PHE E 659 -36.74 0.25 54.89
CA PHE E 659 -36.00 1.41 54.41
C PHE E 659 -34.67 0.95 53.82
N HIS E 660 -34.32 1.55 52.70
CA HIS E 660 -33.04 1.40 52.06
C HIS E 660 -32.03 2.33 52.70
N ARG E 661 -30.75 2.02 52.53
CA ARG E 661 -29.69 2.82 53.11
C ARG E 661 -28.86 3.44 52.01
N LEU E 662 -28.66 4.74 52.07
CA LEU E 662 -28.12 5.51 50.96
C LEU E 662 -27.04 6.45 51.43
N GLY E 663 -25.98 6.55 50.64
CA GLY E 663 -24.96 7.53 50.87
C GLY E 663 -24.05 7.19 52.02
N GLY E 664 -23.46 8.22 52.60
CA GLY E 664 -22.42 8.05 53.60
C GLY E 664 -22.92 8.16 55.02
N GLY E 665 -22.06 7.73 55.93
CA GLY E 665 -22.38 7.74 57.33
C GLY E 665 -23.33 6.67 57.76
N LYS E 666 -23.54 5.65 56.94
CA LYS E 666 -24.54 4.63 57.29
C LYS E 666 -24.29 3.95 58.63
N PRO E 667 -23.08 3.68 59.07
CA PRO E 667 -22.89 3.13 60.41
C PRO E 667 -23.42 4.01 61.51
N LEU E 668 -23.54 5.32 61.30
CA LEU E 668 -23.93 6.26 62.32
C LEU E 668 -25.42 6.56 62.32
N GLY E 669 -26.16 5.96 61.40
CA GLY E 669 -27.59 6.11 61.30
C GLY E 669 -28.07 6.98 60.16
N PHE E 670 -27.17 7.66 59.47
CA PHE E 670 -27.53 8.51 58.34
C PHE E 670 -28.04 7.68 57.17
N GLY E 671 -28.77 8.35 56.29
CA GLY E 671 -29.06 7.87 54.95
C GLY E 671 -30.12 6.80 54.77
N SER E 672 -31.05 6.67 55.70
CA SER E 672 -32.17 5.76 55.52
C SER E 672 -33.24 6.40 54.64
N VAL E 673 -33.68 5.69 53.60
CA VAL E 673 -34.59 6.27 52.62
C VAL E 673 -35.74 5.30 52.37
N ARG E 674 -36.92 5.84 52.15
CA ARG E 674 -38.10 5.07 51.78
C ARG E 674 -38.35 5.20 50.28
N LEU E 675 -38.42 4.07 49.59
CA LEU E 675 -38.72 4.03 48.16
C LEU E 675 -40.13 3.50 47.91
N ASP E 676 -40.87 4.19 47.05
CA ASP E 676 -42.15 3.72 46.56
C ASP E 676 -42.36 4.24 45.16
N ILE E 677 -43.25 3.58 44.42
CA ILE E 677 -43.47 3.87 43.02
C ILE E 677 -44.54 4.94 42.87
N ASP E 678 -44.40 5.81 41.88
CA ASP E 678 -45.47 6.64 41.32
C ASP E 678 -46.12 5.92 40.15
N PRO E 679 -47.19 5.16 40.38
CA PRO E 679 -47.77 4.37 39.27
C PRO E 679 -48.41 5.21 38.18
N ASP E 680 -48.90 6.39 38.50
CA ASP E 680 -49.42 7.34 37.54
C ASP E 680 -48.37 7.96 36.60
N LYS E 681 -47.08 7.65 36.75
CA LYS E 681 -46.06 8.09 35.79
C LYS E 681 -45.21 6.96 35.23
N THR E 682 -45.61 5.71 35.41
CA THR E 682 -44.86 4.54 35.01
C THR E 682 -45.46 3.94 33.75
N ASP E 683 -44.61 3.49 32.83
CA ASP E 683 -45.16 3.01 31.56
C ASP E 683 -44.28 1.87 31.06
N LEU E 684 -44.61 0.66 31.51
CA LEU E 684 -43.92 -0.57 31.13
C LEU E 684 -44.76 -1.40 30.18
N ARG E 685 -44.14 -1.87 29.09
CA ARG E 685 -44.78 -2.73 28.12
C ARG E 685 -43.77 -3.74 27.64
N ASN E 686 -44.23 -4.94 27.32
CA ASN E 686 -43.37 -5.91 26.69
C ASN E 686 -43.16 -5.58 25.23
N GLY E 687 -42.21 -6.27 24.61
CA GLY E 687 -41.86 -5.96 23.24
C GLY E 687 -43.01 -6.06 22.27
N ALA E 688 -43.99 -6.90 22.55
CA ALA E 688 -45.20 -6.94 21.74
C ALA E 688 -46.06 -5.69 21.92
N GLY E 689 -46.02 -5.06 23.08
CA GLY E 689 -46.64 -3.77 23.25
C GLY E 689 -45.93 -2.64 22.54
N TRP E 690 -44.60 -2.71 22.44
CA TRP E 690 -43.84 -1.72 21.68
C TRP E 690 -43.99 -1.90 20.18
N ARG E 691 -44.18 -3.11 19.68
CA ARG E 691 -44.56 -3.24 18.28
C ARG E 691 -45.83 -2.49 17.95
N ASP E 692 -46.76 -2.37 18.88
CA ASP E 692 -47.93 -1.54 18.64
C ASP E 692 -47.59 -0.06 18.69
N TYR E 693 -46.88 0.36 19.72
CA TYR E 693 -46.51 1.75 19.89
C TYR E 693 -45.71 2.28 18.70
N TYR E 694 -44.67 1.57 18.30
CA TYR E 694 -43.94 1.99 17.11
C TYR E 694 -44.67 1.69 15.83
N GLY E 695 -45.85 1.07 15.88
CA GLY E 695 -46.62 0.82 14.68
C GLY E 695 -47.31 2.03 14.10
N SER E 696 -47.46 3.10 14.87
CA SER E 696 -48.29 4.21 14.42
C SER E 696 -47.73 5.50 14.98
N LEU E 697 -47.87 6.58 14.21
CA LEU E 697 -47.54 7.93 14.66
C LEU E 697 -48.68 8.64 15.40
N LEU E 698 -49.87 8.05 15.44
CA LEU E 698 -50.94 8.52 16.29
C LEU E 698 -50.76 8.01 17.70
N GLU E 699 -51.39 8.68 18.66
CA GLU E 699 -51.37 8.18 20.03
C GLU E 699 -52.15 6.88 20.12
N THR E 700 -51.56 5.92 20.81
CA THR E 700 -52.13 4.60 21.00
C THR E 700 -51.93 4.21 22.45
N SER E 701 -52.98 3.63 23.06
CA SER E 701 -53.03 3.54 24.51
C SER E 701 -52.02 2.55 25.06
N GLN E 702 -51.45 2.89 26.21
CA GLN E 702 -50.59 2.03 27.00
C GLN E 702 -51.39 1.02 27.81
N PRO E 703 -50.82 -0.16 28.07
CA PRO E 703 -51.42 -1.06 29.05
C PRO E 703 -51.34 -0.54 30.47
N ASP E 704 -52.38 -0.83 31.25
CA ASP E 704 -52.38 -0.56 32.68
C ASP E 704 -51.60 -1.67 33.38
N PHE E 705 -50.28 -1.49 33.43
CA PHE E 705 -49.38 -2.44 34.08
C PHE E 705 -49.69 -2.71 35.54
N THR E 706 -50.42 -1.84 36.24
CA THR E 706 -50.68 -2.07 37.66
C THR E 706 -51.49 -3.32 37.93
N THR E 707 -52.16 -3.87 36.93
CA THR E 707 -52.78 -5.18 37.09
C THR E 707 -51.76 -6.30 37.16
N LEU E 708 -50.61 -6.13 36.51
CA LEU E 708 -49.59 -7.15 36.40
C LEU E 708 -48.57 -7.09 37.53
N ILE E 709 -48.44 -5.94 38.17
CA ILE E 709 -47.34 -5.70 39.10
C ILE E 709 -47.25 -6.82 40.14
N SER E 710 -48.40 -7.26 40.64
CA SER E 710 -48.42 -8.35 41.60
C SER E 710 -48.01 -9.67 40.97
N GLN E 711 -48.32 -9.87 39.69
CA GLN E 711 -47.90 -11.09 39.02
C GLN E 711 -46.39 -11.18 38.91
N TRP E 712 -45.74 -10.08 38.55
CA TRP E 712 -44.29 -10.06 38.43
C TRP E 712 -43.58 -10.35 39.74
N ILE E 713 -44.00 -9.71 40.82
CA ILE E 713 -43.36 -9.99 42.10
C ILE E 713 -43.44 -11.47 42.45
N ASN E 714 -44.58 -12.10 42.23
CA ASN E 714 -44.70 -13.52 42.50
C ASN E 714 -43.84 -14.38 41.59
N ALA E 715 -43.61 -13.97 40.35
CA ALA E 715 -42.67 -14.73 39.54
C ALA E 715 -41.30 -14.76 40.19
N PHE E 716 -40.86 -13.62 40.71
CA PHE E 716 -39.63 -13.54 41.49
C PHE E 716 -39.69 -14.40 42.73
N GLN E 717 -40.70 -14.19 43.56
CA GLN E 717 -40.79 -14.89 44.83
C GLN E 717 -40.82 -16.41 44.65
N THR E 718 -41.55 -16.90 43.65
CA THR E 718 -41.55 -18.35 43.40
C THR E 718 -40.23 -18.86 42.84
N ALA E 719 -39.53 -18.08 42.03
CA ALA E 719 -38.21 -18.52 41.56
C ALA E 719 -37.20 -18.60 42.71
N VAL E 720 -37.23 -17.66 43.64
CA VAL E 720 -36.34 -17.74 44.80
C VAL E 720 -36.70 -18.92 45.68
N LYS E 721 -38.00 -19.12 45.95
CA LYS E 721 -38.44 -20.31 46.67
C LYS E 721 -38.00 -21.58 45.98
N GLU E 722 -38.07 -21.61 44.66
CA GLU E 722 -37.83 -22.83 43.92
C GLU E 722 -36.35 -23.17 43.83
N GLU E 723 -35.50 -22.21 43.46
CA GLU E 723 -34.08 -22.50 43.28
C GLU E 723 -33.36 -22.65 44.61
N TYR E 724 -33.56 -21.71 45.52
CA TYR E 724 -32.97 -21.79 46.86
C TYR E 724 -33.93 -22.51 47.79
N GLY E 725 -34.18 -23.76 47.41
CA GLY E 725 -35.31 -24.58 47.81
C GLY E 725 -35.82 -24.38 49.21
N SER E 726 -37.00 -23.77 49.34
CA SER E 726 -37.50 -23.39 50.64
C SER E 726 -39.01 -23.51 50.65
N SER E 727 -39.55 -23.74 51.85
CA SER E 727 -40.99 -23.86 52.05
C SER E 727 -41.68 -22.51 52.09
N SER E 728 -40.93 -21.42 52.06
CA SER E 728 -41.50 -20.08 52.03
C SER E 728 -40.48 -19.17 51.38
N PHE E 729 -40.97 -18.07 50.82
CA PHE E 729 -40.05 -17.07 50.29
C PHE E 729 -39.29 -16.38 51.42
N ASP E 730 -40.00 -15.94 52.45
CA ASP E 730 -39.40 -15.23 53.57
C ASP E 730 -38.47 -16.09 54.40
N GLN E 731 -38.48 -17.39 54.22
CA GLN E 731 -37.55 -18.26 54.92
C GLN E 731 -36.24 -18.45 54.18
N VAL E 732 -36.13 -17.95 52.95
CA VAL E 732 -34.86 -18.01 52.23
C VAL E 732 -33.86 -17.11 52.94
N THR E 733 -32.66 -17.64 53.19
CA THR E 733 -31.79 -17.03 54.19
C THR E 733 -31.39 -15.61 53.80
N PHE E 734 -30.99 -15.39 52.54
CA PHE E 734 -30.69 -14.03 52.13
C PHE E 734 -31.93 -13.13 52.08
N ILE E 735 -33.12 -13.71 51.91
CA ILE E 735 -34.33 -12.91 52.01
C ILE E 735 -34.65 -12.55 53.45
N LYS E 736 -34.59 -13.54 54.36
CA LYS E 736 -34.85 -13.24 55.75
C LYS E 736 -33.84 -12.23 56.31
N ALA E 737 -32.56 -12.44 56.00
CA ALA E 737 -31.51 -11.52 56.42
C ALA E 737 -31.70 -10.14 55.83
N SER E 738 -31.94 -10.05 54.53
CA SER E 738 -32.18 -8.76 53.89
C SER E 738 -33.37 -8.03 54.49
N GLY E 739 -34.44 -8.74 54.84
CA GLY E 739 -35.55 -8.10 55.52
C GLY E 739 -35.14 -7.39 56.80
N GLN E 740 -34.36 -8.07 57.65
CA GLN E 740 -33.93 -7.45 58.90
C GLN E 740 -32.98 -6.28 58.70
N SER E 741 -32.17 -6.30 57.65
CA SER E 741 -31.40 -5.11 57.30
C SER E 741 -32.29 -3.93 56.98
N LEU E 742 -33.25 -4.12 56.09
CA LEU E 742 -34.12 -3.02 55.65
C LEU E 742 -35.01 -2.55 56.78
N GLN E 743 -35.46 -3.47 57.60
CA GLN E 743 -36.42 -3.17 58.64
C GLN E 743 -35.75 -2.64 59.90
N GLY E 744 -34.50 -3.00 60.12
CA GLY E 744 -33.83 -2.73 61.38
C GLY E 744 -34.16 -3.75 62.42
N PHE E 745 -33.50 -3.62 63.56
CA PHE E 745 -33.69 -4.56 64.65
C PHE E 745 -34.89 -4.17 65.50
N HIS E 746 -35.51 -5.17 66.12
CA HIS E 746 -36.74 -4.94 66.86
C HIS E 746 -36.59 -5.06 68.37
N ASP E 747 -35.44 -5.52 68.86
CA ASP E 747 -35.19 -5.73 70.29
C ASP E 747 -34.87 -4.45 71.05
N ASN E 748 -35.03 -3.29 70.44
CA ASN E 748 -34.81 -1.95 71.00
C ASN E 748 -33.40 -1.71 71.55
N ALA E 749 -32.43 -2.60 71.34
CA ALA E 749 -31.06 -2.27 71.69
C ALA E 749 -30.47 -1.26 70.72
N SER E 750 -29.60 -0.39 71.24
CA SER E 750 -28.95 0.60 70.40
C SER E 750 -27.97 -0.02 69.42
N ILE E 751 -27.73 0.69 68.34
CA ILE E 751 -26.71 0.33 67.35
C ILE E 751 -25.55 1.28 67.51
N HIS E 752 -24.38 0.74 67.84
CA HIS E 752 -23.16 1.52 67.95
C HIS E 752 -21.99 0.55 67.82
N TYR E 753 -20.83 1.09 67.50
CA TYR E 753 -19.65 0.25 67.44
C TYR E 753 -19.38 -0.41 68.79
N PRO E 754 -18.76 -1.58 68.79
CA PRO E 754 -18.48 -2.25 70.05
C PRO E 754 -17.62 -1.36 70.93
N ARG E 755 -18.05 -1.19 72.17
CA ARG E 755 -17.24 -0.44 73.12
C ARG E 755 -17.51 -1.00 74.50
N SER E 756 -16.54 -0.86 75.38
CA SER E 756 -16.64 -1.41 76.73
C SER E 756 -17.19 -0.40 77.73
N THR E 757 -18.06 0.51 77.28
CA THR E 757 -18.67 1.48 78.14
C THR E 757 -19.96 1.93 77.48
N PRO E 758 -21.04 2.14 78.24
CA PRO E 758 -22.30 2.52 77.58
C PRO E 758 -22.22 3.85 76.88
N GLU E 759 -21.73 4.87 77.58
CA GLU E 759 -21.47 6.15 76.96
C GLU E 759 -20.42 6.01 75.87
N PRO E 760 -20.54 6.74 74.79
CA PRO E 760 -19.35 7.05 74.01
C PRO E 760 -18.43 8.00 74.75
N LYS E 761 -17.45 7.48 75.46
CA LYS E 761 -16.49 8.36 76.11
C LYS E 761 -15.58 9.02 75.08
N PRO E 762 -15.10 10.24 75.37
CA PRO E 762 -14.46 11.04 74.32
C PRO E 762 -13.22 10.43 73.70
N ASP E 763 -12.49 9.61 74.45
CA ASP E 763 -11.29 8.96 73.92
C ASP E 763 -11.56 7.81 72.95
N GLY E 764 -12.77 7.29 72.89
CA GLY E 764 -13.10 6.35 71.82
C GLY E 764 -12.40 5.02 71.81
N GLU E 765 -12.12 4.45 72.98
CA GLU E 765 -11.37 3.20 73.07
C GLU E 765 -12.25 1.99 72.72
N ALA E 766 -12.71 1.94 71.47
CA ALA E 766 -13.56 0.83 71.06
C ALA E 766 -12.82 -0.50 71.08
N PHE E 767 -11.52 -0.49 70.81
CA PHE E 767 -10.74 -1.72 70.75
C PHE E 767 -10.83 -2.54 72.03
N LYS E 768 -10.99 -1.91 73.17
CA LYS E 768 -10.97 -2.69 74.39
C LYS E 768 -12.24 -3.49 74.64
N TRP E 769 -13.31 -3.28 73.89
CA TRP E 769 -14.36 -4.30 73.90
C TRP E 769 -13.87 -5.58 73.25
N PHE E 770 -13.11 -5.47 72.17
CA PHE E 770 -12.60 -6.67 71.53
C PHE E 770 -11.59 -7.41 72.39
N VAL E 771 -10.72 -6.70 73.11
CA VAL E 771 -9.81 -7.39 74.02
C VAL E 771 -10.56 -8.01 75.18
N ALA E 772 -11.59 -7.36 75.69
CA ALA E 772 -12.41 -8.00 76.71
C ALA E 772 -13.13 -9.22 76.17
N ASN E 773 -13.63 -9.11 74.96
CA ASN E 773 -14.20 -10.25 74.25
C ASN E 773 -13.18 -11.35 74.04
N GLU E 774 -12.00 -10.99 73.58
CA GLU E 774 -10.97 -11.98 73.25
C GLU E 774 -10.51 -12.77 74.46
N LYS E 775 -10.21 -12.10 75.57
CA LYS E 775 -9.86 -12.88 76.75
C LYS E 775 -11.07 -13.59 77.33
N GLY E 776 -12.26 -13.04 77.11
CA GLY E 776 -13.48 -13.51 77.72
C GLY E 776 -14.23 -14.53 76.90
N ARG E 777 -15.47 -14.20 76.54
CA ARG E 777 -16.42 -15.17 75.99
C ARG E 777 -16.33 -15.32 74.48
N ARG E 778 -15.51 -14.50 73.81
CA ARG E 778 -15.19 -14.67 72.41
C ARG E 778 -16.42 -14.78 71.51
N LEU E 779 -17.36 -13.87 71.67
CA LEU E 779 -18.55 -13.90 70.82
C LEU E 779 -18.19 -13.66 69.37
N ALA E 780 -18.85 -14.39 68.48
CA ALA E 780 -18.94 -14.05 67.07
C ALA E 780 -20.11 -13.09 66.84
N LEU E 781 -20.04 -12.35 65.74
CA LEU E 781 -21.09 -11.44 65.35
C LEU E 781 -22.36 -12.22 65.07
N PRO E 782 -23.46 -11.98 65.77
CA PRO E 782 -24.63 -12.82 65.61
C PRO E 782 -25.12 -12.85 64.17
N ALA E 783 -25.92 -13.86 63.87
CA ALA E 783 -26.57 -13.93 62.56
C ALA E 783 -27.56 -12.80 62.42
N LEU E 784 -27.62 -12.21 61.22
CA LEU E 784 -28.39 -10.99 61.05
C LEU E 784 -29.85 -11.22 61.37
N GLU E 785 -30.43 -12.31 60.87
CA GLU E 785 -31.82 -12.65 61.14
C GLU E 785 -32.13 -12.97 62.60
N LYS E 786 -31.13 -13.26 63.42
CA LYS E 786 -31.40 -13.63 64.80
C LYS E 786 -31.68 -12.43 65.70
N SER E 787 -31.34 -11.23 65.27
CA SER E 787 -31.53 -10.03 66.07
C SER E 787 -30.90 -10.13 67.46
N GLN E 788 -29.82 -10.90 67.60
CA GLN E 788 -29.14 -11.02 68.89
C GLN E 788 -28.18 -9.85 69.08
N SER E 789 -28.36 -9.11 70.18
CA SER E 789 -27.44 -8.05 70.54
C SER E 789 -26.20 -8.59 71.22
N PHE E 790 -25.09 -7.86 71.05
CA PHE E 790 -23.90 -8.11 71.84
C PHE E 790 -24.07 -7.61 73.27
N PRO E 791 -23.42 -8.25 74.23
CA PRO E 791 -23.34 -7.68 75.57
C PRO E 791 -22.27 -6.61 75.61
N ILE E 792 -22.49 -5.61 76.46
CA ILE E 792 -21.45 -4.61 76.64
C ILE E 792 -20.25 -5.15 77.40
N LYS E 793 -20.42 -6.24 78.14
CA LYS E 793 -19.33 -6.94 78.81
C LYS E 793 -19.18 -8.32 78.20
N PRO E 794 -18.34 -8.51 77.21
CA PRO E 794 -18.35 -9.79 76.51
C PRO E 794 -17.59 -10.87 77.26
N SER E 795 -17.65 -10.80 78.58
CA SER E 795 -16.80 -11.60 79.42
C SER E 795 -17.61 -12.33 80.47
MG MG H . -10.81 -3.82 -10.94
MG MG I . -3.80 1.51 -8.68
MG MG J . -3.67 2.53 11.33
MG MG K . -8.44 8.46 40.26
MG MG L . -5.02 11.59 40.40
#